data_5Q05
#
_entry.id   5Q05
#
_cell.length_a   66.728
_cell.length_b   285.434
_cell.length_c   83.912
_cell.angle_alpha   90.000
_cell.angle_beta   97.470
_cell.angle_gamma   90.000
#
_symmetry.space_group_name_H-M   'P 1 21 1'
#
loop_
_entity.id
_entity.type
_entity.pdbx_description
1 polymer 'Fructose-1,6-bisphosphatase 1'
2 non-polymer N-[(5-bromo-1,3-thiazol-2-yl)carbamoyl]-5-(2-methoxyethyl)-4-methylthiophene-2-sulfonamide
3 water water
#
_entity_poly.entity_id   1
_entity_poly.type   'polypeptide(L)'
_entity_poly.pdbx_seq_one_letter_code
;MADQAPFDTDVNTLTRFVMEEGRKARGTGELTQLLNSLCTAVKAISSAVRKAGIAHLYGIAGSTNVTGDQVKKLDVLSND
LVMNMLKSSFATCVLVSEEDKHAIIVEPEKRGKYVVCFDPLDGSSNIDCLVSVGTIFGIYRKKSTDEPSEKDALQPGRNL
VAAGYALYGSATMLVLAMDCGVNCFMLDPAIGEFILVDKDVKIKKKGKIYSLNEGYAKDFDPAVTEYIQRKKFPPDNSAP
YGARYVGSMVADVHRTLVYGGIFLYPANKKSPNGKLRLLYECNPMAYVMEKAGGMATTGKEAVLDVIPTDIHQRAPVILG
SPDDVLEFLKVYEKHSAQ
;
_entity_poly.pdbx_strand_id   A,B,C,D,E,F,G,H
#
loop_
_chem_comp.id
_chem_comp.type
_chem_comp.name
_chem_comp.formula
95S non-polymer N-[(5-bromo-1,3-thiazol-2-yl)carbamoyl]-5-(2-methoxyethyl)-4-methylthiophene-2-sulfonamide 'C12 H14 Br N3 O4 S3'
#
# COMPACT_ATOMS: atom_id res chain seq x y z
N ASP A 10 -0.12 53.02 -4.63
CA ASP A 10 0.20 52.89 -6.06
C ASP A 10 0.52 51.45 -6.41
N VAL A 11 -0.04 50.99 -7.53
CA VAL A 11 0.19 49.62 -7.97
C VAL A 11 1.65 49.42 -8.30
N ASN A 12 2.11 48.19 -8.10
CA ASN A 12 3.47 47.81 -8.43
C ASN A 12 3.49 46.42 -9.03
N THR A 13 4.39 46.22 -9.97
CA THR A 13 4.64 44.93 -10.59
C THR A 13 6.07 44.50 -10.28
N LEU A 14 6.34 43.23 -10.56
CA LEU A 14 7.68 42.68 -10.35
C LEU A 14 8.71 43.43 -11.18
N THR A 15 8.44 43.59 -12.47
CA THR A 15 9.40 44.25 -13.34
C THR A 15 9.62 45.69 -12.91
N ARG A 16 8.52 46.37 -12.58
CA ARG A 16 8.65 47.73 -12.08
C ARG A 16 9.36 47.74 -10.74
N PHE A 17 9.07 46.75 -9.88
CA PHE A 17 9.76 46.62 -8.61
C PHE A 17 11.26 46.41 -8.82
N VAL A 18 11.64 45.49 -9.71
CA VAL A 18 13.05 45.16 -9.87
C VAL A 18 13.83 46.33 -10.47
N MET A 19 13.25 47.01 -11.47
CA MET A 19 13.94 48.13 -12.12
C MET A 19 14.25 49.24 -11.11
N GLU A 20 13.27 49.59 -10.27
CA GLU A 20 13.48 50.68 -9.33
C GLU A 20 14.53 50.31 -8.28
N GLU A 21 14.51 49.07 -7.80
CA GLU A 21 15.57 48.66 -6.88
C GLU A 21 16.91 48.65 -7.58
N GLY A 22 16.92 48.25 -8.85
CA GLY A 22 18.16 48.28 -9.61
C GLY A 22 18.69 49.70 -9.76
N ARG A 23 17.79 50.65 -10.05
CA ARG A 23 18.22 52.05 -10.19
C ARG A 23 18.73 52.62 -8.86
N LYS A 24 18.08 52.29 -7.74
CA LYS A 24 18.58 52.70 -6.43
C LYS A 24 20.03 52.28 -6.24
N ALA A 25 20.31 51.01 -6.54
CA ALA A 25 21.64 50.42 -6.36
C ALA A 25 22.65 50.86 -7.40
N ARG A 26 22.19 51.50 -8.47
CA ARG A 26 23.05 52.01 -9.53
C ARG A 26 23.80 50.87 -10.24
N GLY A 27 23.13 49.70 -10.40
CA GLY A 27 23.75 48.57 -11.10
C GLY A 27 23.66 48.71 -12.61
N THR A 28 24.34 47.81 -13.32
CA THR A 28 24.37 47.88 -14.78
C THR A 28 23.04 47.47 -15.42
N GLY A 29 22.20 46.70 -14.72
CA GLY A 29 20.98 46.19 -15.32
C GLY A 29 21.00 44.71 -15.59
N GLU A 30 22.16 44.06 -15.44
CA GLU A 30 22.27 42.64 -15.77
C GLU A 30 21.36 41.79 -14.89
N LEU A 31 21.33 42.10 -13.59
CA LEU A 31 20.45 41.35 -12.69
C LEU A 31 18.98 41.58 -13.02
N THR A 32 18.63 42.81 -13.41
CA THR A 32 17.24 43.05 -13.77
C THR A 32 16.87 42.26 -15.00
N GLN A 33 17.74 42.25 -16.01
CA GLN A 33 17.50 41.45 -17.20
C GLN A 33 17.39 39.98 -16.84
N LEU A 34 18.21 39.54 -15.88
CA LEU A 34 18.12 38.17 -15.36
C LEU A 34 16.74 37.88 -14.79
N LEU A 35 16.29 38.71 -13.84
CA LEU A 35 15.04 38.42 -13.15
C LEU A 35 13.84 38.51 -14.09
N ASN A 36 13.88 39.44 -15.04
CA ASN A 36 12.80 39.56 -16.01
C ASN A 36 12.72 38.32 -16.89
N SER A 37 13.87 37.75 -17.26
CA SER A 37 13.85 36.50 -18.01
C SER A 37 13.33 35.34 -17.18
N LEU A 38 13.74 35.25 -15.91
CA LEU A 38 13.20 34.20 -15.05
C LEU A 38 11.70 34.37 -14.90
N CYS A 39 11.26 35.62 -14.74
CA CYS A 39 9.84 35.91 -14.61
C CYS A 39 9.05 35.40 -15.80
N THR A 40 9.59 35.60 -17.00
CA THR A 40 8.93 35.13 -18.22
C THR A 40 8.84 33.62 -18.25
N ALA A 41 9.91 32.93 -17.85
CA ALA A 41 9.87 31.47 -17.79
C ALA A 41 8.83 31.00 -16.76
N VAL A 42 8.71 31.71 -15.64
CA VAL A 42 7.73 31.33 -14.63
C VAL A 42 6.31 31.43 -15.18
N LYS A 43 6.02 32.47 -15.98
CA LYS A 43 4.67 32.55 -16.55
C LYS A 43 4.40 31.44 -17.54
N ALA A 44 5.41 31.03 -18.33
CA ALA A 44 5.23 29.93 -19.26
C ALA A 44 5.09 28.60 -18.53
N ILE A 45 5.84 28.43 -17.43
CA ILE A 45 5.63 27.23 -16.62
C ILE A 45 4.22 27.23 -16.03
N SER A 46 3.80 28.36 -15.45
CA SER A 46 2.47 28.40 -14.89
C SER A 46 1.42 28.04 -15.93
N SER A 47 1.55 28.60 -17.13
CA SER A 47 0.59 28.33 -18.18
C SER A 47 0.54 26.84 -18.51
N ALA A 48 1.71 26.20 -18.63
CA ALA A 48 1.72 24.76 -18.89
C ALA A 48 1.23 23.96 -17.69
N VAL A 49 1.58 24.38 -16.47
CA VAL A 49 1.13 23.62 -15.30
C VAL A 49 -0.40 23.63 -15.20
N ARG A 50 -1.04 24.78 -15.52
CA ARG A 50 -2.50 24.79 -15.50
C ARG A 50 -3.12 24.06 -16.68
N LYS A 51 -2.29 23.49 -17.56
CA LYS A 51 -2.75 22.61 -18.65
C LYS A 51 -3.45 23.41 -19.75
N ALA A 52 -3.00 24.63 -19.99
CA ALA A 52 -3.48 25.36 -21.16
C ALA A 52 -3.11 24.59 -22.43
N GLY A 53 -4.10 24.34 -23.28
CA GLY A 53 -3.87 23.62 -24.50
C GLY A 53 -3.89 22.10 -24.42
N ILE A 54 -4.24 21.50 -23.27
CA ILE A 54 -4.28 20.05 -23.14
C ILE A 54 -5.30 19.41 -24.08
N ALA A 55 -6.35 20.14 -24.45
CA ALA A 55 -7.33 19.60 -25.37
C ALA A 55 -6.67 19.17 -26.67
N HIS A 56 -5.57 19.80 -27.05
CA HIS A 56 -4.92 19.39 -28.28
C HIS A 56 -4.20 18.05 -28.12
N LEU A 57 -3.68 17.76 -26.93
CA LEU A 57 -3.09 16.45 -26.67
C LEU A 57 -4.13 15.35 -26.65
N TYR A 58 -5.40 15.70 -26.43
CA TYR A 58 -6.47 14.71 -26.41
C TYR A 58 -7.29 14.73 -27.68
N GLY A 59 -6.73 15.27 -28.76
CA GLY A 59 -7.28 15.08 -30.09
C GLY A 59 -8.38 16.03 -30.52
N ILE A 60 -8.42 17.24 -29.97
CA ILE A 60 -9.48 18.18 -30.32
C ILE A 60 -9.44 18.52 -31.79
N ALA A 61 -8.25 18.48 -32.39
CA ALA A 61 -8.07 18.71 -33.81
C ALA A 61 -7.81 17.42 -34.56
N GLY A 62 -8.09 16.28 -33.93
CA GLY A 62 -7.84 14.98 -34.53
C GLY A 62 -6.54 14.38 -34.00
N VAL A 71 3.49 17.70 -26.53
CA VAL A 71 3.50 16.25 -26.34
C VAL A 71 4.66 15.89 -25.40
N LYS A 72 5.36 16.92 -24.93
CA LYS A 72 6.53 16.78 -24.08
C LYS A 72 6.12 16.70 -22.60
N LYS A 73 7.05 16.30 -21.75
CA LYS A 73 6.81 16.19 -20.32
C LYS A 73 7.03 17.53 -19.63
N LEU A 74 6.29 17.73 -18.54
CA LEU A 74 6.21 19.05 -17.90
C LEU A 74 7.53 19.46 -17.27
N ASP A 75 8.22 18.54 -16.60
CA ASP A 75 9.48 18.94 -15.97
C ASP A 75 10.60 19.11 -16.99
N VAL A 76 10.54 18.39 -18.12
CA VAL A 76 11.51 18.62 -19.20
C VAL A 76 11.22 19.97 -19.87
N LEU A 77 9.94 20.25 -20.16
CA LEU A 77 9.59 21.57 -20.71
C LEU A 77 9.98 22.69 -19.77
N SER A 78 9.70 22.53 -18.47
CA SER A 78 10.04 23.55 -17.47
C SER A 78 11.53 23.83 -17.44
N ASN A 79 12.36 22.77 -17.45
CA ASN A 79 13.80 22.96 -17.47
C ASN A 79 14.25 23.68 -18.73
N ASP A 80 13.68 23.32 -19.88
CA ASP A 80 14.03 24.00 -21.14
C ASP A 80 13.61 25.47 -21.12
N LEU A 81 12.47 25.77 -20.51
CA LEU A 81 12.05 27.17 -20.42
C LEU A 81 13.04 28.03 -19.62
N VAL A 82 13.40 27.57 -18.42
CA VAL A 82 14.30 28.36 -17.59
C VAL A 82 15.69 28.44 -18.23
N MET A 83 16.18 27.31 -18.74
CA MET A 83 17.50 27.29 -19.37
C MET A 83 17.57 28.28 -20.53
N ASN A 84 16.60 28.25 -21.43
CA ASN A 84 16.69 29.07 -22.62
C ASN A 84 16.51 30.54 -22.31
N MET A 85 15.63 30.88 -21.35
CA MET A 85 15.44 32.29 -21.00
C MET A 85 16.68 32.84 -20.30
N LEU A 86 17.31 32.04 -19.44
CA LEU A 86 18.49 32.50 -18.72
C LEU A 86 19.69 32.62 -19.65
N LYS A 87 19.93 31.62 -20.50
CA LYS A 87 21.00 31.76 -21.49
C LYS A 87 20.78 33.01 -22.31
N SER A 88 19.60 33.16 -22.90
CA SER A 88 19.29 34.29 -23.77
C SER A 88 19.22 35.63 -23.05
N SER A 89 19.33 35.69 -21.72
CA SER A 89 19.33 36.98 -21.04
C SER A 89 20.67 37.71 -21.13
N PHE A 90 21.74 37.01 -21.50
CA PHE A 90 23.10 37.54 -21.54
C PHE A 90 23.61 37.94 -20.16
N ALA A 91 22.99 37.43 -19.10
CA ALA A 91 23.34 37.79 -17.72
C ALA A 91 23.99 36.66 -16.94
N THR A 92 24.11 35.46 -17.50
CA THR A 92 24.55 34.27 -16.80
C THR A 92 25.77 33.62 -17.45
N CYS A 93 26.51 32.81 -16.67
CA CYS A 93 27.63 32.06 -17.23
C CYS A 93 27.67 30.58 -16.82
N VAL A 94 27.13 30.27 -15.65
CA VAL A 94 27.06 28.91 -15.10
C VAL A 94 25.65 28.69 -14.61
N LEU A 95 25.03 27.58 -15.06
CA LEU A 95 23.66 27.24 -14.69
C LEU A 95 23.62 25.82 -14.14
N VAL A 96 23.11 25.67 -12.93
CA VAL A 96 22.92 24.40 -12.28
C VAL A 96 21.42 24.14 -12.18
N SER A 97 21.00 22.98 -12.66
CA SER A 97 19.62 22.56 -12.65
C SER A 97 19.53 21.16 -12.09
N GLU A 98 18.47 20.92 -11.32
CA GLU A 98 18.14 19.59 -10.82
C GLU A 98 18.15 18.57 -11.94
N GLU A 99 17.85 19.00 -13.17
CA GLU A 99 17.66 18.11 -14.31
C GLU A 99 18.94 17.70 -15.02
N ASP A 100 20.06 18.39 -14.78
CA ASP A 100 21.28 18.18 -15.54
C ASP A 100 22.39 17.71 -14.61
N LYS A 101 23.03 16.58 -14.94
CA LYS A 101 24.08 16.04 -14.07
C LYS A 101 25.21 17.05 -13.88
N HIS A 102 25.61 17.73 -14.94
CA HIS A 102 26.71 18.67 -14.89
C HIS A 102 26.16 20.08 -15.03
N ALA A 103 26.93 21.05 -14.53
CA ALA A 103 26.62 22.45 -14.75
C ALA A 103 26.71 22.78 -16.23
N ILE A 104 25.83 23.68 -16.69
CA ILE A 104 25.90 24.18 -18.06
C ILE A 104 26.71 25.48 -18.03
N ILE A 105 27.70 25.58 -18.93
CA ILE A 105 28.50 26.78 -19.07
C ILE A 105 28.01 27.52 -20.31
N VAL A 106 27.48 28.73 -20.11
CA VAL A 106 26.92 29.49 -21.22
C VAL A 106 28.00 29.79 -22.25
N GLU A 107 27.63 29.66 -23.53
CA GLU A 107 28.55 29.92 -24.62
C GLU A 107 29.05 31.36 -24.59
N PRO A 108 30.27 31.61 -25.08
CA PRO A 108 30.94 32.91 -24.80
C PRO A 108 30.16 34.14 -25.22
N GLU A 109 29.49 34.14 -26.38
CA GLU A 109 28.85 35.37 -26.82
C GLU A 109 27.63 35.72 -25.98
N LYS A 110 27.13 34.82 -25.15
CA LYS A 110 25.96 35.08 -24.33
C LYS A 110 26.28 35.17 -22.84
N ARG A 111 27.57 35.13 -22.46
CA ARG A 111 27.95 35.06 -21.06
C ARG A 111 27.76 36.39 -20.34
N GLY A 112 27.20 36.31 -19.13
CA GLY A 112 27.19 37.41 -18.20
C GLY A 112 27.84 36.98 -16.88
N LYS A 113 27.63 37.74 -15.81
CA LYS A 113 28.40 37.55 -14.58
C LYS A 113 27.70 36.71 -13.50
N TYR A 114 26.53 36.14 -13.77
CA TYR A 114 25.77 35.48 -12.71
C TYR A 114 25.73 33.96 -12.86
N VAL A 115 25.60 33.31 -11.70
CA VAL A 115 25.42 31.87 -11.54
C VAL A 115 24.03 31.67 -10.95
N VAL A 116 23.25 30.79 -11.56
CA VAL A 116 21.88 30.51 -11.11
C VAL A 116 21.73 29.03 -10.87
N CYS A 117 21.29 28.67 -9.67
CA CYS A 117 20.90 27.31 -9.33
C CYS A 117 19.39 27.24 -9.22
N PHE A 118 18.78 26.26 -9.88
CA PHE A 118 17.32 26.24 -9.86
C PHE A 118 16.82 24.81 -9.97
N ASP A 119 15.61 24.62 -9.42
CA ASP A 119 14.81 23.42 -9.56
C ASP A 119 13.61 23.85 -10.41
N PRO A 120 13.57 23.49 -11.69
CA PRO A 120 12.55 24.09 -12.58
C PRO A 120 11.11 23.72 -12.23
N LEU A 121 10.87 22.52 -11.71
CA LEU A 121 9.50 22.15 -11.32
C LEU A 121 9.57 21.17 -10.15
N ASP A 122 9.68 21.73 -8.95
CA ASP A 122 9.78 20.90 -7.76
C ASP A 122 8.42 20.36 -7.37
N GLY A 123 8.39 19.07 -7.01
CA GLY A 123 7.18 18.39 -6.61
C GLY A 123 6.43 17.72 -7.71
N SER A 124 6.94 17.81 -8.95
CA SER A 124 6.23 17.28 -10.11
C SER A 124 6.13 15.76 -10.07
N SER A 125 6.84 15.11 -9.15
CA SER A 125 6.70 13.66 -9.00
C SER A 125 5.25 13.28 -8.75
N ASN A 126 4.52 14.10 -7.98
CA ASN A 126 3.14 13.81 -7.64
C ASN A 126 2.14 14.68 -8.41
N ILE A 127 2.56 15.26 -9.55
CA ILE A 127 1.67 16.13 -10.30
C ILE A 127 0.49 15.35 -10.89
N ASP A 128 0.53 14.02 -10.85
CA ASP A 128 -0.63 13.20 -11.24
C ASP A 128 -1.85 13.50 -10.37
N CYS A 129 -1.65 13.92 -9.13
CA CYS A 129 -2.77 14.25 -8.24
C CYS A 129 -3.01 15.75 -8.09
N LEU A 130 -2.42 16.57 -8.96
CA LEU A 130 -2.64 18.03 -8.98
C LEU A 130 -2.20 18.70 -7.70
N VAL A 131 -1.21 18.09 -7.01
CA VAL A 131 -0.58 18.73 -5.87
C VAL A 131 0.04 20.03 -6.34
N SER A 132 0.04 21.03 -5.45
CA SER A 132 0.81 22.24 -5.66
C SER A 132 2.25 21.90 -6.03
N VAL A 133 2.79 22.60 -7.03
CA VAL A 133 4.19 22.47 -7.42
C VAL A 133 4.79 23.87 -7.48
N GLY A 134 6.11 23.93 -7.73
CA GLY A 134 6.80 25.21 -7.74
C GLY A 134 8.16 25.21 -8.43
N THR A 135 8.68 26.42 -8.67
CA THR A 135 10.03 26.65 -9.20
C THR A 135 10.90 27.28 -8.11
N ILE A 136 12.11 26.78 -7.93
CA ILE A 136 13.01 27.35 -6.93
C ILE A 136 14.26 27.82 -7.63
N PHE A 137 14.77 28.99 -7.21
CA PHE A 137 15.96 29.53 -7.84
C PHE A 137 16.83 30.23 -6.81
N GLY A 138 18.14 30.20 -7.05
CA GLY A 138 19.11 30.94 -6.26
C GLY A 138 20.15 31.55 -7.18
N ILE A 139 20.56 32.79 -6.91
CA ILE A 139 21.38 33.57 -7.85
C ILE A 139 22.65 34.02 -7.15
N TYR A 140 23.81 33.68 -7.72
CA TYR A 140 25.10 34.07 -7.19
C TYR A 140 25.81 34.97 -8.19
N ARG A 141 26.69 35.81 -7.66
CA ARG A 141 27.67 36.51 -8.47
C ARG A 141 28.87 35.60 -8.68
N LYS A 142 29.29 35.43 -9.93
CA LYS A 142 30.57 34.73 -10.17
C LYS A 142 31.71 35.49 -9.50
N LYS A 143 32.53 34.79 -8.72
CA LYS A 143 33.51 35.47 -7.89
C LYS A 143 34.91 35.52 -8.46
N SER A 144 35.31 34.54 -9.25
CA SER A 144 36.67 34.48 -9.77
C SER A 144 36.75 35.05 -11.19
N THR A 145 37.98 35.34 -11.61
CA THR A 145 38.24 35.75 -12.98
C THR A 145 38.60 34.56 -13.88
N ASP A 146 38.64 33.35 -13.33
CA ASP A 146 38.93 32.17 -14.13
C ASP A 146 37.84 31.95 -15.18
N GLU A 147 38.09 30.98 -16.05
CA GLU A 147 37.05 30.53 -16.95
C GLU A 147 35.90 29.93 -16.15
N PRO A 148 34.65 30.21 -16.52
CA PRO A 148 33.53 29.64 -15.77
C PRO A 148 33.53 28.12 -15.85
N SER A 149 33.22 27.51 -14.73
CA SER A 149 33.21 26.07 -14.60
C SER A 149 32.22 25.71 -13.51
N GLU A 150 32.01 24.40 -13.34
CA GLU A 150 31.08 23.93 -12.33
C GLU A 150 31.46 24.44 -10.94
N LYS A 151 32.76 24.66 -10.72
CA LYS A 151 33.26 25.10 -9.42
C LYS A 151 32.67 26.44 -8.98
N ASP A 152 32.29 27.30 -9.94
CA ASP A 152 31.72 28.60 -9.57
C ASP A 152 30.35 28.48 -8.89
N ALA A 153 29.71 27.32 -8.95
CA ALA A 153 28.42 27.10 -8.30
C ALA A 153 28.53 26.59 -6.87
N LEU A 154 29.74 26.29 -6.41
CA LEU A 154 29.96 25.70 -5.09
C LEU A 154 30.18 26.75 -4.01
N GLN A 155 29.34 27.79 -4.01
CA GLN A 155 29.39 28.82 -2.98
C GLN A 155 28.38 28.53 -1.88
N PRO A 156 28.68 28.87 -0.63
CA PRO A 156 27.68 28.79 0.43
C PRO A 156 26.55 29.79 0.17
N GLY A 157 25.39 29.49 0.77
CA GLY A 157 24.21 30.34 0.59
C GLY A 157 24.38 31.77 1.06
N ARG A 158 25.32 32.03 1.98
CA ARG A 158 25.64 33.40 2.40
C ARG A 158 25.97 34.30 1.22
N ASN A 159 26.50 33.73 0.14
CA ASN A 159 26.88 34.50 -1.04
C ASN A 159 25.71 34.77 -1.99
N LEU A 160 24.49 34.35 -1.65
CA LEU A 160 23.34 34.56 -2.54
C LEU A 160 23.07 36.05 -2.73
N VAL A 161 22.85 36.45 -3.98
CA VAL A 161 22.44 37.80 -4.30
C VAL A 161 20.92 37.94 -4.24
N ALA A 162 20.21 36.92 -4.71
CA ALA A 162 18.76 36.86 -4.67
C ALA A 162 18.33 35.41 -4.74
N ALA A 163 17.16 35.13 -4.19
CA ALA A 163 16.61 33.79 -4.29
C ALA A 163 15.10 33.87 -4.08
N GLY A 164 14.42 32.79 -4.40
CA GLY A 164 13.00 32.71 -4.14
C GLY A 164 12.38 31.53 -4.88
N TYR A 165 11.06 31.64 -5.09
CA TYR A 165 10.36 30.54 -5.69
C TYR A 165 9.07 31.06 -6.30
N ALA A 166 8.60 30.33 -7.31
CA ALA A 166 7.23 30.44 -7.80
C ALA A 166 6.48 29.24 -7.26
N LEU A 167 5.32 29.47 -6.69
CA LEU A 167 4.43 28.44 -6.23
C LEU A 167 3.24 28.42 -7.18
N TYR A 168 2.98 27.27 -7.82
CA TYR A 168 1.81 27.09 -8.67
C TYR A 168 0.75 26.34 -7.86
N GLY A 169 0.05 27.10 -7.01
CA GLY A 169 -0.95 26.54 -6.13
C GLY A 169 -2.35 26.86 -6.59
N SER A 170 -3.24 27.19 -5.65
CA SER A 170 -4.56 27.67 -6.05
C SER A 170 -4.40 28.93 -6.90
N ALA A 171 -3.39 29.74 -6.62
CA ALA A 171 -2.97 30.78 -7.54
C ALA A 171 -1.46 30.69 -7.71
N THR A 172 -0.92 31.42 -8.69
CA THR A 172 0.52 31.41 -8.93
C THR A 172 1.11 32.63 -8.23
N MET A 173 2.13 32.42 -7.42
CA MET A 173 2.76 33.51 -6.68
C MET A 173 4.27 33.38 -6.80
N LEU A 174 4.93 34.51 -6.99
CA LEU A 174 6.38 34.57 -7.00
C LEU A 174 6.84 35.25 -5.72
N VAL A 175 7.70 34.57 -4.98
CA VAL A 175 8.26 35.08 -3.73
C VAL A 175 9.73 35.40 -4.02
N LEU A 176 10.11 36.67 -3.88
CA LEU A 176 11.44 37.12 -4.22
C LEU A 176 12.10 37.65 -2.97
N ALA A 177 13.27 37.12 -2.64
CA ALA A 177 14.01 37.53 -1.47
C ALA A 177 15.32 38.17 -1.91
N MET A 178 15.59 39.37 -1.41
CA MET A 178 16.86 40.07 -1.60
C MET A 178 17.22 40.71 -0.28
N ASP A 179 18.29 41.51 -0.29
CA ASP A 179 18.71 42.17 0.95
C ASP A 179 17.63 43.10 1.47
N CYS A 180 16.84 43.71 0.58
CA CYS A 180 15.78 44.60 1.02
C CYS A 180 14.61 43.87 1.68
N GLY A 181 14.63 42.54 1.77
CA GLY A 181 13.57 41.77 2.40
C GLY A 181 12.89 40.86 1.40
N VAL A 182 11.75 40.33 1.82
CA VAL A 182 11.00 39.34 1.05
C VAL A 182 9.73 40.00 0.52
N ASN A 183 9.43 39.81 -0.77
CA ASN A 183 8.22 40.37 -1.36
C ASN A 183 7.46 39.34 -2.19
N CYS A 184 6.13 39.41 -2.12
CA CYS A 184 5.25 38.40 -2.72
C CYS A 184 4.43 39.04 -3.83
N PHE A 185 4.42 38.40 -4.99
CA PHE A 185 3.78 38.91 -6.19
C PHE A 185 2.79 37.86 -6.69
N MET A 186 1.55 38.28 -6.93
CA MET A 186 0.52 37.38 -7.42
C MET A 186 0.43 37.45 -8.94
N LEU A 187 0.47 36.31 -9.61
CA LEU A 187 0.31 36.31 -11.06
C LEU A 187 -1.17 36.57 -11.39
N ASP A 188 -1.43 37.64 -12.12
CA ASP A 188 -2.76 37.89 -12.68
C ASP A 188 -2.78 37.27 -14.07
N PRO A 189 -3.47 36.15 -14.28
CA PRO A 189 -3.41 35.50 -15.60
C PRO A 189 -4.09 36.28 -16.72
N ALA A 190 -5.01 37.19 -16.40
CA ALA A 190 -5.68 37.95 -17.45
C ALA A 190 -4.72 38.89 -18.18
N ILE A 191 -3.63 39.32 -17.54
CA ILE A 191 -2.76 40.28 -18.21
C ILE A 191 -1.33 39.79 -18.18
N GLY A 192 -1.07 38.68 -17.50
CA GLY A 192 0.29 38.17 -17.39
C GLY A 192 1.24 39.10 -16.67
N GLU A 193 0.85 39.61 -15.50
CA GLU A 193 1.73 40.47 -14.72
C GLU A 193 1.75 39.99 -13.28
N PHE A 194 2.92 40.06 -12.67
CA PHE A 194 3.09 39.77 -11.26
C PHE A 194 2.84 41.05 -10.45
N ILE A 195 1.78 41.06 -9.68
CA ILE A 195 1.36 42.22 -8.91
C ILE A 195 1.86 42.06 -7.49
N LEU A 196 2.51 43.11 -6.98
CA LEU A 196 3.00 43.10 -5.60
C LEU A 196 1.80 43.13 -4.66
N VAL A 197 1.62 42.05 -3.90
CA VAL A 197 0.48 41.97 -2.99
C VAL A 197 0.90 41.92 -1.53
N ASP A 198 2.14 41.54 -1.21
CA ASP A 198 2.62 41.51 0.17
C ASP A 198 4.07 42.01 0.21
N LYS A 199 4.30 43.07 0.95
CA LYS A 199 5.59 43.75 0.99
C LYS A 199 6.31 43.41 2.29
N ASP A 200 7.60 43.10 2.18
CA ASP A 200 8.47 42.93 3.35
C ASP A 200 7.87 41.99 4.39
N VAL A 201 7.50 40.78 3.95
CA VAL A 201 6.76 39.87 4.81
C VAL A 201 7.68 39.32 5.90
N LYS A 202 7.12 39.09 7.08
CA LYS A 202 7.83 38.53 8.22
C LYS A 202 7.07 37.33 8.78
N ILE A 203 7.83 36.29 9.15
CA ILE A 203 7.24 35.09 9.72
C ILE A 203 6.96 35.34 11.20
N LYS A 204 5.91 34.68 11.72
CA LYS A 204 5.61 34.74 13.14
C LYS A 204 6.80 34.23 13.95
N LYS A 205 6.94 34.76 15.16
CA LYS A 205 7.98 34.31 16.06
C LYS A 205 7.77 32.83 16.43
N LYS A 206 6.52 32.42 16.62
CA LYS A 206 6.24 31.05 16.98
C LYS A 206 4.90 30.64 16.36
N GLY A 207 4.87 29.43 15.79
CA GLY A 207 3.71 28.93 15.10
C GLY A 207 3.02 27.80 15.84
N LYS A 208 2.05 27.19 15.14
CA LYS A 208 1.24 26.10 15.70
C LYS A 208 1.15 24.90 14.76
N ILE A 209 2.06 24.83 13.79
CA ILE A 209 2.07 23.77 12.77
C ILE A 209 3.46 23.18 12.68
N TYR A 210 3.54 21.85 12.62
CA TYR A 210 4.77 21.17 12.26
C TYR A 210 4.54 20.38 10.99
N SER A 211 5.60 20.21 10.20
CA SER A 211 5.47 19.66 8.86
C SER A 211 6.64 18.73 8.57
N LEU A 212 6.34 17.44 8.44
CA LEU A 212 7.29 16.41 8.03
C LEU A 212 6.51 15.14 7.72
N ASN A 213 7.18 14.18 7.10
CA ASN A 213 6.57 12.89 6.74
C ASN A 213 6.62 11.95 7.94
N GLU A 214 5.56 11.94 8.76
CA GLU A 214 5.55 11.08 9.94
C GLU A 214 5.40 9.61 9.61
N GLY A 215 5.12 9.28 8.35
CA GLY A 215 5.08 7.87 8.00
C GLY A 215 6.39 7.16 8.16
N TYR A 216 7.51 7.88 8.13
CA TYR A 216 8.84 7.27 8.25
C TYR A 216 9.41 7.38 9.66
N ALA A 217 8.53 7.42 10.67
CA ALA A 217 8.93 7.60 12.06
C ALA A 217 9.83 6.48 12.57
N LYS A 218 9.65 5.26 12.08
CA LYS A 218 10.49 4.16 12.53
C LYS A 218 11.96 4.44 12.25
N ASP A 219 12.24 5.33 11.30
CA ASP A 219 13.60 5.68 10.90
C ASP A 219 14.07 7.03 11.45
N PHE A 220 13.27 7.71 12.27
CA PHE A 220 13.59 9.03 12.79
C PHE A 220 14.86 9.01 13.65
N ASP A 221 15.61 10.11 13.58
CA ASP A 221 16.59 10.40 14.61
C ASP A 221 15.88 10.52 15.96
N PRO A 222 16.51 10.06 17.05
CA PRO A 222 15.85 10.18 18.37
C PRO A 222 15.41 11.61 18.71
N ALA A 223 16.19 12.61 18.30
CA ALA A 223 15.83 13.99 18.54
C ALA A 223 14.53 14.37 17.81
N VAL A 224 14.37 13.91 16.57
CA VAL A 224 13.13 14.15 15.83
C VAL A 224 11.94 13.50 16.54
N THR A 225 12.12 12.24 16.97
CA THR A 225 11.07 11.53 17.68
C THR A 225 10.65 12.28 18.94
N GLU A 226 11.62 12.76 19.72
CA GLU A 226 11.27 13.48 20.94
C GLU A 226 10.55 14.79 20.63
N TYR A 227 11.05 15.55 19.66
CA TYR A 227 10.44 16.84 19.34
C TYR A 227 9.00 16.66 18.88
N ILE A 228 8.75 15.68 17.99
CA ILE A 228 7.38 15.42 17.55
C ILE A 228 6.52 15.02 18.74
N GLN A 229 7.09 14.23 19.65
CA GLN A 229 6.42 13.88 20.91
C GLN A 229 6.00 15.13 21.69
N ARG A 230 6.87 16.13 21.74
CA ARG A 230 6.53 17.35 22.47
C ARG A 230 5.46 18.18 21.74
N LYS A 231 5.37 18.06 20.42
CA LYS A 231 4.34 18.79 19.70
C LYS A 231 2.96 18.18 19.91
N LYS A 232 2.87 16.84 19.96
CA LYS A 232 1.59 16.16 20.13
C LYS A 232 1.18 16.05 21.58
N PHE A 233 2.14 15.85 22.49
CA PHE A 233 1.89 15.71 23.92
C PHE A 233 2.76 16.72 24.65
N PRO A 234 2.36 17.98 24.66
CA PRO A 234 3.22 19.02 25.24
C PRO A 234 3.45 18.76 26.72
N PRO A 235 4.68 18.93 27.19
CA PRO A 235 4.92 18.75 28.64
C PRO A 235 4.29 19.85 29.47
N ASP A 236 4.10 21.03 28.89
CA ASP A 236 3.62 22.20 29.62
C ASP A 236 2.12 22.35 29.48
N ASN A 237 1.46 21.35 28.91
CA ASN A 237 0.01 21.21 28.80
C ASN A 237 -0.62 22.13 27.78
N SER A 238 0.15 23.00 27.12
CA SER A 238 -0.43 23.88 26.12
C SER A 238 -1.10 23.06 25.03
N ALA A 239 -1.78 23.76 24.12
CA ALA A 239 -2.51 23.07 23.07
C ALA A 239 -1.53 22.34 22.14
N PRO A 240 -1.88 21.14 21.70
CA PRO A 240 -1.06 20.45 20.69
C PRO A 240 -0.99 21.25 19.39
N TYR A 241 0.16 21.17 18.73
CA TYR A 241 0.31 21.74 17.39
C TYR A 241 -0.54 20.96 16.40
N GLY A 242 -1.01 21.65 15.35
CA GLY A 242 -1.53 20.94 14.20
C GLY A 242 -0.43 20.44 13.29
N ALA A 243 -0.77 19.45 12.45
CA ALA A 243 0.18 18.87 11.48
C ALA A 243 -0.32 19.07 10.04
N ARG A 244 0.60 19.46 9.16
CA ARG A 244 0.36 19.61 7.73
C ARG A 244 1.59 19.15 6.98
N TYR A 245 1.38 18.38 5.92
CA TYR A 245 2.49 17.95 5.08
C TYR A 245 1.94 17.69 3.69
N VAL A 246 2.23 18.60 2.77
CA VAL A 246 1.76 18.46 1.39
C VAL A 246 2.60 17.43 0.65
N GLY A 247 3.88 17.30 0.97
CA GLY A 247 4.78 16.47 0.20
C GLY A 247 5.41 17.17 -0.98
N SER A 248 5.14 18.45 -1.15
CA SER A 248 5.79 19.29 -2.15
C SER A 248 6.46 20.44 -1.39
N MET A 249 7.78 20.54 -1.52
CA MET A 249 8.52 21.40 -0.61
C MET A 249 8.06 22.86 -0.68
N VAL A 250 7.83 23.37 -1.89
CA VAL A 250 7.47 24.78 -2.06
C VAL A 250 6.16 25.09 -1.35
N ALA A 251 5.18 24.17 -1.43
CA ALA A 251 3.90 24.43 -0.79
C ALA A 251 4.02 24.44 0.73
N ASP A 252 4.77 23.48 1.28
CA ASP A 252 4.95 23.40 2.73
C ASP A 252 5.76 24.57 3.26
N VAL A 253 6.82 24.98 2.56
CA VAL A 253 7.60 26.13 3.02
C VAL A 253 6.80 27.44 2.93
N HIS A 254 6.01 27.59 1.86
CA HIS A 254 5.22 28.81 1.74
C HIS A 254 4.18 28.92 2.85
N ARG A 255 3.50 27.80 3.16
CA ARG A 255 2.58 27.77 4.29
C ARG A 255 3.30 28.11 5.58
N THR A 256 4.53 27.57 5.75
CA THR A 256 5.35 27.92 6.91
C THR A 256 5.63 29.43 6.94
N LEU A 257 5.98 30.01 5.80
CA LEU A 257 6.24 31.44 5.77
C LEU A 257 4.99 32.25 6.09
N VAL A 258 3.83 31.85 5.56
CA VAL A 258 2.60 32.62 5.70
C VAL A 258 1.99 32.42 7.09
N TYR A 259 1.96 31.17 7.58
CA TYR A 259 1.29 30.87 8.84
C TYR A 259 2.23 30.63 10.00
N GLY A 260 3.52 30.45 9.74
CA GLY A 260 4.46 30.17 10.80
C GLY A 260 4.47 28.72 11.21
N GLY A 261 5.38 28.40 12.12
CA GLY A 261 5.54 27.01 12.50
C GLY A 261 6.87 26.48 12.05
N ILE A 262 6.95 25.18 11.79
CA ILE A 262 8.23 24.54 11.49
C ILE A 262 8.05 23.51 10.40
N PHE A 263 9.05 23.43 9.52
CA PHE A 263 9.14 22.43 8.46
C PHE A 263 10.43 21.65 8.69
N LEU A 264 10.35 20.30 8.69
CA LEU A 264 11.51 19.45 8.93
C LEU A 264 11.68 18.44 7.81
N TYR A 265 12.88 18.37 7.25
CA TYR A 265 13.30 17.25 6.42
C TYR A 265 14.67 16.82 6.94
N PRO A 266 14.71 16.15 8.09
CA PRO A 266 15.97 15.97 8.81
C PRO A 266 16.77 14.75 8.36
N ALA A 267 18.01 14.72 8.83
CA ALA A 267 18.90 13.58 8.64
C ALA A 267 18.50 12.45 9.59
N ASN A 268 18.77 11.22 9.15
CA ASN A 268 18.69 10.01 10.00
C ASN A 268 19.85 9.10 9.61
N LYS A 269 19.85 7.84 10.10
CA LYS A 269 20.97 6.95 9.81
C LYS A 269 20.94 6.45 8.36
N LYS A 270 19.75 6.21 7.80
CA LYS A 270 19.70 5.83 6.38
C LYS A 270 20.06 7.00 5.48
N SER A 271 19.80 8.23 5.93
CA SER A 271 20.08 9.44 5.15
C SER A 271 20.74 10.46 6.06
N PRO A 272 22.04 10.29 6.31
CA PRO A 272 22.72 11.20 7.26
C PRO A 272 22.86 12.62 6.74
N ASN A 273 22.71 12.84 5.44
CA ASN A 273 22.76 14.18 4.86
C ASN A 273 21.41 14.67 4.37
N GLY A 274 20.30 14.09 4.83
CA GLY A 274 19.00 14.52 4.36
C GLY A 274 18.68 13.99 2.98
N LYS A 275 17.56 14.44 2.43
CA LYS A 275 17.25 14.06 1.05
C LYS A 275 17.19 15.25 0.11
N LEU A 276 16.76 16.42 0.58
CA LEU A 276 16.64 17.60 -0.28
C LEU A 276 18.02 18.13 -0.69
N ARG A 277 18.09 18.71 -1.88
CA ARG A 277 19.35 19.16 -2.45
C ARG A 277 19.73 20.55 -1.95
N LEU A 278 21.00 20.72 -1.62
CA LEU A 278 21.48 21.94 -1.00
C LEU A 278 21.41 23.14 -1.94
N LEU A 279 21.86 22.99 -3.19
CA LEU A 279 22.08 24.17 -4.02
C LEU A 279 20.76 24.78 -4.50
N TYR A 280 19.80 23.97 -4.93
CA TYR A 280 18.62 24.54 -5.57
C TYR A 280 17.33 24.22 -4.82
N GLU A 281 17.42 23.71 -3.60
CA GLU A 281 16.24 23.58 -2.76
C GLU A 281 16.50 24.20 -1.40
N CYS A 282 17.54 23.74 -0.70
CA CYS A 282 17.75 24.16 0.69
C CYS A 282 18.22 25.61 0.77
N ASN A 283 19.26 25.97 0.02
CA ASN A 283 19.82 27.32 0.15
C ASN A 283 18.80 28.39 -0.22
N PRO A 284 18.11 28.33 -1.37
CA PRO A 284 17.11 29.37 -1.66
C PRO A 284 16.03 29.48 -0.60
N MET A 285 15.49 28.36 -0.12
CA MET A 285 14.48 28.41 0.94
C MET A 285 15.06 28.92 2.25
N ALA A 286 16.30 28.50 2.57
CA ALA A 286 16.93 29.02 3.79
C ALA A 286 17.10 30.51 3.71
N TYR A 287 17.47 31.01 2.52
CA TYR A 287 17.68 32.44 2.31
C TYR A 287 16.38 33.23 2.45
N VAL A 288 15.30 32.78 1.78
CA VAL A 288 14.00 33.42 1.96
C VAL A 288 13.62 33.48 3.43
N MET A 289 13.77 32.35 4.15
CA MET A 289 13.39 32.30 5.57
C MET A 289 14.15 33.30 6.41
N GLU A 290 15.46 33.42 6.20
CA GLU A 290 16.25 34.36 7.00
C GLU A 290 15.88 35.80 6.70
N LYS A 291 15.68 36.13 5.42
CA LYS A 291 15.26 37.48 5.08
C LYS A 291 13.87 37.79 5.62
N ALA A 292 13.06 36.76 5.93
CA ALA A 292 11.78 36.98 6.59
C ALA A 292 11.89 36.92 8.11
N GLY A 293 13.10 36.85 8.65
CA GLY A 293 13.24 36.76 10.10
C GLY A 293 13.06 35.38 10.68
N GLY A 294 13.14 34.32 9.87
CA GLY A 294 13.08 32.96 10.36
C GLY A 294 14.46 32.35 10.50
N MET A 295 14.48 31.03 10.69
CA MET A 295 15.72 30.28 10.84
C MET A 295 15.69 29.03 9.97
N ALA A 296 16.89 28.55 9.64
CA ALA A 296 17.06 27.35 8.85
C ALA A 296 18.39 26.73 9.26
N THR A 297 18.33 25.52 9.84
CA THR A 297 19.48 24.78 10.33
C THR A 297 19.45 23.35 9.78
N THR A 298 20.64 22.73 9.69
CA THR A 298 20.72 21.29 9.46
C THR A 298 20.69 20.49 10.74
N GLY A 299 20.64 21.17 11.89
CA GLY A 299 20.88 20.55 13.18
C GLY A 299 22.27 20.90 13.68
N LYS A 300 23.29 20.75 12.83
CA LYS A 300 24.68 21.06 13.16
C LYS A 300 25.10 22.48 12.83
N GLU A 301 24.55 23.09 11.78
CA GLU A 301 24.98 24.42 11.39
C GLU A 301 23.90 25.08 10.56
N ALA A 302 24.09 26.39 10.34
CA ALA A 302 23.22 27.13 9.44
C ALA A 302 23.29 26.55 8.03
N VAL A 303 22.12 26.38 7.41
CA VAL A 303 22.07 25.87 6.04
C VAL A 303 22.93 26.71 5.11
N LEU A 304 22.83 28.03 5.25
CA LEU A 304 23.51 28.98 4.38
C LEU A 304 25.03 28.97 4.53
N ASP A 305 25.57 28.36 5.60
CA ASP A 305 27.01 28.32 5.81
C ASP A 305 27.67 27.05 5.32
N VAL A 306 26.89 26.02 4.97
CA VAL A 306 27.47 24.79 4.44
C VAL A 306 28.21 25.10 3.15
N ILE A 307 29.49 24.73 3.10
CA ILE A 307 30.29 24.91 1.90
C ILE A 307 30.14 23.66 1.06
N PRO A 308 29.46 23.71 -0.08
CA PRO A 308 29.24 22.50 -0.87
C PRO A 308 30.48 22.06 -1.61
N THR A 309 30.58 20.75 -1.83
CA THR A 309 31.63 20.19 -2.66
C THR A 309 31.09 19.55 -3.92
N ASP A 310 29.77 19.35 -3.99
CA ASP A 310 29.13 18.72 -5.13
C ASP A 310 27.82 19.44 -5.39
N ILE A 311 27.52 19.76 -6.65
CA ILE A 311 26.37 20.62 -6.95
C ILE A 311 25.04 19.91 -6.67
N HIS A 312 25.03 18.58 -6.58
CA HIS A 312 23.81 17.84 -6.31
C HIS A 312 23.78 17.26 -4.91
N GLN A 313 24.63 17.75 -4.02
CA GLN A 313 24.71 17.15 -2.71
C GLN A 313 23.46 17.50 -1.90
N ARG A 314 23.16 16.63 -0.94
CA ARG A 314 21.97 16.78 -0.12
C ARG A 314 22.32 17.51 1.18
N ALA A 315 21.29 17.97 1.85
CA ALA A 315 21.46 18.58 3.15
C ALA A 315 20.18 18.35 3.93
N PRO A 316 20.27 18.05 5.21
CA PRO A 316 19.07 18.12 6.06
C PRO A 316 18.67 19.57 6.28
N VAL A 317 17.37 19.78 6.44
CA VAL A 317 16.86 21.14 6.60
C VAL A 317 15.72 21.12 7.61
N ILE A 318 15.79 22.01 8.58
CA ILE A 318 14.73 22.33 9.52
C ILE A 318 14.60 23.84 9.51
N LEU A 319 13.40 24.34 9.24
CA LEU A 319 13.25 25.79 9.05
C LEU A 319 11.88 26.29 9.50
N GLY A 320 11.79 27.60 9.64
CA GLY A 320 10.53 28.22 10.00
C GLY A 320 10.66 29.26 11.10
N SER A 321 9.63 29.33 11.95
CA SER A 321 9.60 30.29 13.03
C SER A 321 10.80 30.12 13.96
N PRO A 322 11.43 31.21 14.41
CA PRO A 322 12.66 31.06 15.19
C PRO A 322 12.45 30.31 16.50
N ASP A 323 11.36 30.59 17.23
CA ASP A 323 11.09 29.88 18.47
C ASP A 323 10.87 28.39 18.26
N ASP A 324 10.26 28.00 17.14
CA ASP A 324 10.02 26.58 16.95
C ASP A 324 11.31 25.85 16.58
N VAL A 325 12.13 26.47 15.73
CA VAL A 325 13.40 25.86 15.35
C VAL A 325 14.34 25.83 16.55
N LEU A 326 14.34 26.89 17.37
CA LEU A 326 15.14 26.86 18.60
C LEU A 326 14.72 25.71 19.51
N GLU A 327 13.41 25.44 19.61
CA GLU A 327 12.95 24.32 20.43
C GLU A 327 13.40 22.99 19.85
N PHE A 328 13.47 22.88 18.52
CA PHE A 328 14.04 21.67 17.92
C PHE A 328 15.52 21.53 18.27
N LEU A 329 16.26 22.65 18.22
CA LEU A 329 17.69 22.59 18.50
C LEU A 329 17.96 22.20 19.96
N LYS A 330 17.12 22.67 20.88
CA LYS A 330 17.27 22.26 22.27
C LYS A 330 17.10 20.76 22.43
N VAL A 331 16.05 20.19 21.83
CA VAL A 331 15.88 18.74 21.92
C VAL A 331 17.00 18.02 21.19
N TYR A 332 17.42 18.54 20.02
CA TYR A 332 18.48 17.90 19.25
C TYR A 332 19.76 17.86 20.05
N GLU A 333 20.02 18.95 20.79
CA GLU A 333 21.18 19.04 21.67
C GLU A 333 21.11 18.07 22.85
N LYS A 334 19.92 17.85 23.40
CA LYS A 334 19.77 16.88 24.49
C LYS A 334 20.24 15.50 24.03
N HIS A 335 20.08 15.21 22.74
CA HIS A 335 20.57 13.96 22.16
C HIS A 335 21.99 14.10 21.61
N SER A 336 22.78 15.03 22.15
CA SER A 336 24.17 15.30 21.72
C SER A 336 24.28 15.61 20.24
N ASP B 10 -11.25 9.32 -29.58
CA ASP B 10 -12.07 10.52 -29.78
C ASP B 10 -12.05 11.48 -28.58
N VAL B 11 -11.85 12.77 -28.85
CA VAL B 11 -11.94 13.74 -27.78
C VAL B 11 -13.38 13.74 -27.25
N ASN B 12 -13.52 14.00 -25.97
CA ASN B 12 -14.81 14.16 -25.32
C ASN B 12 -14.68 15.30 -24.33
N THR B 13 -15.78 16.02 -24.15
CA THR B 13 -15.90 17.09 -23.17
C THR B 13 -16.93 16.72 -22.11
N LEU B 14 -16.94 17.52 -21.04
CA LEU B 14 -17.91 17.30 -19.98
C LEU B 14 -19.33 17.39 -20.51
N THR B 15 -19.64 18.46 -21.23
CA THR B 15 -21.00 18.68 -21.73
C THR B 15 -21.43 17.60 -22.72
N ARG B 16 -20.57 17.22 -23.66
CA ARG B 16 -20.93 16.17 -24.59
C ARG B 16 -21.09 14.83 -23.88
N PHE B 17 -20.17 14.51 -22.96
CA PHE B 17 -20.27 13.27 -22.18
C PHE B 17 -21.60 13.22 -21.45
N VAL B 18 -22.00 14.33 -20.80
CA VAL B 18 -23.23 14.31 -20.03
C VAL B 18 -24.43 14.16 -20.96
N MET B 19 -24.45 14.89 -22.07
CA MET B 19 -25.52 14.76 -23.03
C MET B 19 -25.64 13.34 -23.57
N GLU B 20 -24.51 12.70 -23.88
CA GLU B 20 -24.60 11.35 -24.41
C GLU B 20 -25.16 10.38 -23.38
N GLU B 21 -24.73 10.49 -22.12
CA GLU B 21 -25.28 9.64 -21.06
C GLU B 21 -26.74 9.97 -20.80
N GLY B 22 -27.10 11.25 -20.88
CA GLY B 22 -28.49 11.62 -20.71
C GLY B 22 -29.35 11.05 -21.81
N ARG B 23 -28.88 11.14 -23.06
CA ARG B 23 -29.65 10.59 -24.17
C ARG B 23 -29.80 9.08 -24.09
N LYS B 24 -28.73 8.38 -23.70
CA LYS B 24 -28.84 6.92 -23.50
C LYS B 24 -29.97 6.58 -22.55
N ALA B 25 -30.05 7.30 -21.43
CA ALA B 25 -31.04 7.07 -20.39
C ALA B 25 -32.44 7.54 -20.76
N ARG B 26 -32.57 8.23 -21.88
CA ARG B 26 -33.86 8.73 -22.35
C ARG B 26 -34.46 9.67 -21.32
N GLY B 27 -33.60 10.46 -20.66
CA GLY B 27 -34.10 11.41 -19.68
C GLY B 27 -34.61 12.67 -20.34
N THR B 28 -35.22 13.52 -19.50
CA THR B 28 -35.85 14.75 -19.97
C THR B 28 -34.84 15.86 -20.28
N GLY B 29 -33.65 15.81 -19.71
CA GLY B 29 -32.67 16.86 -19.86
C GLY B 29 -32.48 17.73 -18.65
N GLU B 30 -33.32 17.59 -17.63
CA GLU B 30 -33.20 18.43 -16.44
C GLU B 30 -31.85 18.24 -15.76
N LEU B 31 -31.41 17.00 -15.61
CA LEU B 31 -30.13 16.78 -14.96
C LEU B 31 -28.98 17.32 -15.79
N THR B 32 -29.09 17.21 -17.12
CA THR B 32 -28.04 17.76 -17.98
C THR B 32 -27.93 19.27 -17.84
N GLN B 33 -29.08 19.96 -17.83
CA GLN B 33 -29.10 21.39 -17.61
C GLN B 33 -28.51 21.73 -16.24
N LEU B 34 -28.77 20.88 -15.25
CA LEU B 34 -28.20 21.06 -13.92
C LEU B 34 -26.67 21.06 -13.99
N LEU B 35 -26.13 20.01 -14.59
CA LEU B 35 -24.68 19.83 -14.58
C LEU B 35 -23.99 20.88 -15.46
N ASN B 36 -24.63 21.26 -16.57
CA ASN B 36 -24.03 22.27 -17.44
C ASN B 36 -23.92 23.62 -16.72
N SER B 37 -24.93 23.98 -15.94
CA SER B 37 -24.87 25.20 -15.17
C SER B 37 -23.80 25.12 -14.09
N LEU B 38 -23.73 23.98 -13.41
CA LEU B 38 -22.73 23.80 -12.37
C LEU B 38 -21.32 23.88 -12.95
N CYS B 39 -21.12 23.28 -14.13
CA CYS B 39 -19.82 23.36 -14.80
C CYS B 39 -19.42 24.81 -15.09
N THR B 40 -20.39 25.64 -15.48
CA THR B 40 -20.10 27.06 -15.71
C THR B 40 -19.71 27.75 -14.42
N ALA B 41 -20.42 27.47 -13.32
CA ALA B 41 -20.07 28.09 -12.05
C ALA B 41 -18.66 27.67 -11.62
N VAL B 42 -18.29 26.40 -11.85
CA VAL B 42 -16.96 25.91 -11.52
C VAL B 42 -15.89 26.65 -12.33
N LYS B 43 -16.18 26.92 -13.61
CA LYS B 43 -15.20 27.68 -14.38
C LYS B 43 -15.06 29.13 -13.87
N ALA B 44 -16.14 29.74 -13.39
CA ALA B 44 -16.03 31.09 -12.84
C ALA B 44 -15.32 31.07 -11.50
N ILE B 45 -15.56 30.05 -10.68
CA ILE B 45 -14.84 29.92 -9.42
C ILE B 45 -13.35 29.75 -9.72
N SER B 46 -13.03 28.87 -10.67
CA SER B 46 -11.64 28.60 -11.01
C SER B 46 -10.92 29.88 -11.41
N SER B 47 -11.56 30.70 -12.25
CA SER B 47 -10.95 31.95 -12.70
C SER B 47 -10.66 32.89 -11.55
N ALA B 48 -11.60 33.05 -10.63
CA ALA B 48 -11.37 33.90 -9.47
C ALA B 48 -10.32 33.30 -8.55
N VAL B 49 -10.34 31.97 -8.36
CA VAL B 49 -9.35 31.36 -7.49
C VAL B 49 -7.93 31.60 -8.01
N ARG B 50 -7.73 31.50 -9.32
CA ARG B 50 -6.41 31.77 -9.92
C ARG B 50 -6.08 33.26 -9.98
N LYS B 51 -6.96 34.12 -9.46
CA LYS B 51 -6.72 35.55 -9.27
C LYS B 51 -6.68 36.34 -10.57
N ALA B 52 -7.41 35.90 -11.59
CA ALA B 52 -7.61 36.73 -12.78
C ALA B 52 -8.29 38.04 -12.40
N GLY B 53 -7.72 39.16 -12.86
CA GLY B 53 -8.25 40.47 -12.55
C GLY B 53 -7.79 41.07 -11.23
N ILE B 54 -6.91 40.41 -10.48
CA ILE B 54 -6.47 40.96 -9.20
C ILE B 54 -5.71 42.28 -9.38
N ALA B 55 -5.12 42.51 -10.54
CA ALA B 55 -4.45 43.78 -10.79
C ALA B 55 -5.40 44.96 -10.57
N HIS B 56 -6.69 44.80 -10.87
CA HIS B 56 -7.65 45.88 -10.67
C HIS B 56 -7.95 46.09 -9.19
N LEU B 57 -7.86 45.03 -8.38
CA LEU B 57 -8.02 45.18 -6.94
C LEU B 57 -6.88 45.98 -6.31
N TYR B 58 -5.70 45.96 -6.91
CA TYR B 58 -4.55 46.66 -6.37
C TYR B 58 -4.26 47.94 -7.15
N GLY B 59 -5.28 48.46 -7.85
CA GLY B 59 -5.25 49.81 -8.39
C GLY B 59 -4.61 50.03 -9.74
N ILE B 60 -4.59 49.01 -10.62
CA ILE B 60 -3.93 49.19 -11.91
C ILE B 60 -4.59 50.29 -12.74
N ALA B 61 -5.89 50.52 -12.53
CA ALA B 61 -6.62 51.59 -13.19
C ALA B 61 -6.88 52.76 -12.25
N GLY B 62 -6.16 52.81 -11.13
CA GLY B 62 -6.29 53.85 -10.12
C GLY B 62 -7.10 53.46 -8.91
N LYS B 73 -14.09 36.93 0.81
CA LYS B 73 -14.81 37.35 -0.39
C LYS B 73 -15.00 36.19 -1.34
N LEU B 74 -13.92 35.43 -1.53
CA LEU B 74 -13.89 34.37 -2.53
C LEU B 74 -14.93 33.29 -2.22
N ASP B 75 -15.06 32.93 -0.95
CA ASP B 75 -16.04 31.90 -0.61
C ASP B 75 -17.45 32.43 -0.69
N VAL B 76 -17.67 33.74 -0.54
CA VAL B 76 -19.01 34.28 -0.78
C VAL B 76 -19.33 34.33 -2.27
N LEU B 77 -18.38 34.78 -3.09
CA LEU B 77 -18.59 34.78 -4.54
C LEU B 77 -18.86 33.37 -5.04
N SER B 78 -18.06 32.40 -4.58
CA SER B 78 -18.27 31.02 -5.00
C SER B 78 -19.67 30.54 -4.67
N ASN B 79 -20.14 30.85 -3.46
CA ASN B 79 -21.49 30.47 -3.12
C ASN B 79 -22.50 31.15 -4.05
N ASP B 80 -22.28 32.45 -4.34
CA ASP B 80 -23.19 33.18 -5.22
C ASP B 80 -23.16 32.64 -6.64
N LEU B 81 -21.98 32.26 -7.13
CA LEU B 81 -21.88 31.68 -8.46
C LEU B 81 -22.65 30.38 -8.54
N VAL B 82 -22.47 29.48 -7.57
CA VAL B 82 -23.20 28.21 -7.59
C VAL B 82 -24.69 28.45 -7.39
N MET B 83 -25.06 29.27 -6.39
CA MET B 83 -26.48 29.52 -6.13
C MET B 83 -27.20 30.04 -7.38
N ASN B 84 -26.61 31.04 -8.03
CA ASN B 84 -27.29 31.67 -9.16
C ASN B 84 -27.32 30.76 -10.38
N MET B 85 -26.23 30.05 -10.66
CA MET B 85 -26.24 29.18 -11.83
C MET B 85 -27.20 28.02 -11.65
N LEU B 86 -27.33 27.51 -10.43
CA LEU B 86 -28.28 26.42 -10.17
C LEU B 86 -29.72 26.93 -10.19
N LYS B 87 -29.99 28.07 -9.53
CA LYS B 87 -31.32 28.68 -9.59
C LYS B 87 -31.76 28.90 -11.02
N SER B 88 -30.93 29.58 -11.80
CA SER B 88 -31.32 29.89 -13.17
C SER B 88 -31.35 28.66 -14.07
N SER B 89 -30.96 27.49 -13.57
CA SER B 89 -30.98 26.32 -14.42
C SER B 89 -32.38 25.75 -14.58
N PHE B 90 -33.30 26.11 -13.70
CA PHE B 90 -34.66 25.58 -13.69
C PHE B 90 -34.69 24.07 -13.41
N ALA B 91 -33.62 23.52 -12.81
CA ALA B 91 -33.57 22.11 -12.49
C ALA B 91 -33.54 21.84 -10.98
N THR B 92 -33.52 22.89 -10.16
CA THR B 92 -33.40 22.65 -8.72
C THR B 92 -34.59 23.26 -8.00
N CYS B 93 -34.84 22.75 -6.78
CA CYS B 93 -35.83 23.36 -5.91
C CYS B 93 -35.28 23.61 -4.51
N VAL B 94 -34.33 22.81 -4.04
CA VAL B 94 -33.76 23.00 -2.71
C VAL B 94 -32.25 23.00 -2.82
N LEU B 95 -31.61 24.00 -2.23
CA LEU B 95 -30.17 24.16 -2.28
C LEU B 95 -29.65 24.24 -0.85
N VAL B 96 -28.72 23.35 -0.50
CA VAL B 96 -28.05 23.37 0.81
C VAL B 96 -26.59 23.71 0.59
N SER B 97 -26.09 24.69 1.32
CA SER B 97 -24.73 25.17 1.18
C SER B 97 -24.06 25.30 2.53
N GLU B 98 -22.76 24.99 2.57
CA GLU B 98 -21.97 25.24 3.77
C GLU B 98 -22.12 26.68 4.22
N GLU B 99 -22.37 27.60 3.28
CA GLU B 99 -22.38 29.04 3.54
C GLU B 99 -23.70 29.56 4.10
N ASP B 100 -24.78 28.77 4.07
CA ASP B 100 -26.12 29.25 4.40
C ASP B 100 -26.69 28.45 5.57
N LYS B 101 -27.17 29.17 6.61
CA LYS B 101 -27.68 28.49 7.80
C LYS B 101 -28.87 27.60 7.47
N HIS B 102 -29.78 28.08 6.63
CA HIS B 102 -30.95 27.32 6.24
C HIS B 102 -30.85 26.92 4.78
N ALA B 103 -31.58 25.87 4.42
CA ALA B 103 -31.67 25.50 3.02
C ALA B 103 -32.34 26.63 2.23
N ILE B 104 -31.91 26.81 0.99
CA ILE B 104 -32.53 27.79 0.10
C ILE B 104 -33.62 27.07 -0.68
N ILE B 105 -34.79 27.69 -0.76
CA ILE B 105 -35.89 27.18 -1.55
C ILE B 105 -35.96 28.00 -2.84
N VAL B 106 -35.80 27.34 -3.99
CA VAL B 106 -35.86 28.05 -5.26
C VAL B 106 -37.26 28.61 -5.46
N GLU B 107 -37.34 29.84 -5.98
CA GLU B 107 -38.65 30.45 -6.18
C GLU B 107 -39.49 29.66 -7.18
N PRO B 108 -40.83 29.64 -7.00
CA PRO B 108 -41.67 28.65 -7.70
C PRO B 108 -41.52 28.60 -9.21
N GLU B 109 -41.39 29.75 -9.87
CA GLU B 109 -41.32 29.78 -11.32
C GLU B 109 -40.01 29.23 -11.85
N LYS B 110 -39.02 29.00 -10.98
CA LYS B 110 -37.72 28.48 -11.35
C LYS B 110 -37.50 27.06 -10.87
N ARG B 111 -38.52 26.42 -10.29
CA ARG B 111 -38.33 25.15 -9.61
C ARG B 111 -38.14 23.99 -10.56
N GLY B 112 -37.16 23.14 -10.24
CA GLY B 112 -37.01 21.87 -10.90
C GLY B 112 -37.06 20.77 -9.86
N LYS B 113 -36.69 19.55 -10.25
CA LYS B 113 -36.95 18.41 -9.37
C LYS B 113 -35.74 17.97 -8.55
N TYR B 114 -34.60 18.67 -8.61
CA TYR B 114 -33.38 18.18 -7.96
C TYR B 114 -32.98 19.02 -6.75
N VAL B 115 -32.33 18.35 -5.81
CA VAL B 115 -31.78 18.98 -4.62
C VAL B 115 -30.27 18.88 -4.74
N VAL B 116 -29.58 19.99 -4.49
CA VAL B 116 -28.13 20.05 -4.58
C VAL B 116 -27.59 20.53 -3.24
N CYS B 117 -26.71 19.73 -2.65
CA CYS B 117 -25.94 20.11 -1.48
C CYS B 117 -24.52 20.36 -1.93
N PHE B 118 -23.92 21.47 -1.50
CA PHE B 118 -22.60 21.79 -2.02
C PHE B 118 -21.79 22.59 -1.00
N ASP B 119 -20.47 22.49 -1.13
CA ASP B 119 -19.52 23.34 -0.42
C ASP B 119 -18.87 24.19 -1.50
N PRO B 120 -19.18 25.49 -1.60
CA PRO B 120 -18.74 26.22 -2.79
C PRO B 120 -17.24 26.35 -2.87
N LEU B 121 -16.56 26.53 -1.73
CA LEU B 121 -15.10 26.68 -1.78
C LEU B 121 -14.49 26.06 -0.52
N ASP B 122 -14.32 24.74 -0.55
CA ASP B 122 -13.79 24.04 0.60
C ASP B 122 -12.29 24.23 0.73
N GLY B 123 -11.85 24.45 1.97
CA GLY B 123 -10.47 24.72 2.31
C GLY B 123 -10.11 26.20 2.32
N SER B 124 -11.07 27.08 2.04
CA SER B 124 -10.78 28.49 1.85
C SER B 124 -10.32 29.20 3.12
N SER B 125 -10.47 28.59 4.30
CA SER B 125 -9.94 29.21 5.52
C SER B 125 -8.43 29.44 5.42
N ASN B 126 -7.72 28.51 4.75
CA ASN B 126 -6.28 28.56 4.58
C ASN B 126 -5.85 29.00 3.19
N ILE B 127 -6.72 29.65 2.41
CA ILE B 127 -6.36 30.07 1.06
C ILE B 127 -5.26 31.13 1.04
N ASP B 128 -4.91 31.72 2.19
CA ASP B 128 -3.80 32.67 2.27
C ASP B 128 -2.47 32.06 1.85
N CYS B 129 -2.30 30.75 2.03
CA CYS B 129 -1.06 30.08 1.63
C CYS B 129 -1.21 29.35 0.29
N LEU B 130 -2.26 29.68 -0.48
CA LEU B 130 -2.48 29.12 -1.81
C LEU B 130 -2.61 27.60 -1.79
N VAL B 131 -3.14 27.06 -0.68
CA VAL B 131 -3.43 25.65 -0.62
C VAL B 131 -4.46 25.32 -1.70
N SER B 132 -4.38 24.10 -2.23
CA SER B 132 -5.42 23.58 -3.08
C SER B 132 -6.78 23.75 -2.42
N VAL B 133 -7.77 24.16 -3.20
CA VAL B 133 -9.13 24.31 -2.72
C VAL B 133 -10.05 23.60 -3.70
N GLY B 134 -11.34 23.54 -3.35
CA GLY B 134 -12.23 22.80 -4.24
C GLY B 134 -13.69 23.09 -3.97
N THR B 135 -14.51 22.67 -4.93
CA THR B 135 -15.96 22.72 -4.81
C THR B 135 -16.47 21.28 -4.74
N ILE B 136 -17.35 21.00 -3.79
CA ILE B 136 -17.92 19.67 -3.61
C ILE B 136 -19.42 19.79 -3.80
N PHE B 137 -20.03 18.79 -4.46
CA PHE B 137 -21.46 18.86 -4.70
C PHE B 137 -22.05 17.45 -4.67
N GLY B 138 -23.30 17.38 -4.23
CA GLY B 138 -24.07 16.17 -4.28
C GLY B 138 -25.48 16.48 -4.73
N ILE B 139 -26.06 15.63 -5.58
CA ILE B 139 -27.33 15.91 -6.24
C ILE B 139 -28.30 14.76 -5.96
N TYR B 140 -29.45 15.08 -5.34
CA TYR B 140 -30.51 14.12 -5.00
C TYR B 140 -31.78 14.50 -5.74
N ARG B 141 -32.63 13.52 -6.03
CA ARG B 141 -33.95 13.87 -6.53
C ARG B 141 -34.89 14.21 -5.38
N LYS B 142 -35.77 15.18 -5.63
CA LYS B 142 -36.79 15.58 -4.67
C LYS B 142 -37.71 14.42 -4.28
N LYS B 143 -38.01 14.33 -2.99
CA LYS B 143 -38.75 13.21 -2.46
C LYS B 143 -40.25 13.47 -2.40
N SER B 144 -40.67 14.70 -2.19
CA SER B 144 -42.09 14.96 -2.08
C SER B 144 -42.67 15.48 -3.38
N THR B 145 -43.99 15.33 -3.52
CA THR B 145 -44.72 16.00 -4.60
C THR B 145 -45.34 17.29 -4.10
N ASP B 146 -45.31 17.50 -2.79
CA ASP B 146 -45.78 18.70 -2.12
C ASP B 146 -44.85 19.87 -2.42
N GLU B 147 -45.08 20.96 -1.71
CA GLU B 147 -44.17 22.09 -1.70
C GLU B 147 -42.79 21.66 -1.20
N PRO B 148 -41.71 22.13 -1.83
CA PRO B 148 -40.36 21.76 -1.38
C PRO B 148 -40.04 22.28 0.00
N SER B 149 -39.23 21.52 0.72
CA SER B 149 -38.83 21.88 2.08
C SER B 149 -37.43 21.35 2.35
N GLU B 150 -36.88 21.74 3.50
CA GLU B 150 -35.57 21.25 3.90
C GLU B 150 -35.53 19.73 3.97
N LYS B 151 -36.67 19.09 4.25
CA LYS B 151 -36.70 17.64 4.37
C LYS B 151 -36.17 16.95 3.11
N ASP B 152 -36.30 17.62 1.96
CA ASP B 152 -35.84 17.00 0.73
C ASP B 152 -34.34 16.86 0.70
N ALA B 153 -33.62 17.62 1.54
CA ALA B 153 -32.18 17.53 1.64
C ALA B 153 -31.73 16.54 2.70
N LEU B 154 -32.64 16.05 3.53
CA LEU B 154 -32.30 15.13 4.61
C LEU B 154 -32.38 13.68 4.15
N GLN B 155 -31.78 13.37 2.96
CA GLN B 155 -31.70 12.01 2.46
C GLN B 155 -30.35 11.36 2.77
N PRO B 156 -30.33 10.04 2.94
CA PRO B 156 -29.04 9.34 2.98
C PRO B 156 -28.37 9.42 1.62
N GLY B 157 -27.04 9.31 1.65
CA GLY B 157 -26.25 9.37 0.43
C GLY B 157 -26.55 8.29 -0.57
N ARG B 158 -27.09 7.15 -0.12
CA ARG B 158 -27.48 6.09 -1.04
C ARG B 158 -28.37 6.62 -2.16
N ASN B 159 -29.16 7.65 -1.87
CA ASN B 159 -30.10 8.16 -2.87
C ASN B 159 -29.45 9.11 -3.86
N LEU B 160 -28.14 9.33 -3.77
CA LEU B 160 -27.48 10.27 -4.67
C LEU B 160 -27.62 9.81 -6.11
N VAL B 161 -28.00 10.75 -6.97
CA VAL B 161 -28.07 10.54 -8.41
C VAL B 161 -26.73 10.84 -9.07
N ALA B 162 -26.02 11.85 -8.58
CA ALA B 162 -24.68 12.20 -9.05
C ALA B 162 -23.97 12.99 -7.96
N ALA B 163 -22.64 12.93 -7.96
CA ALA B 163 -21.87 13.67 -6.98
C ALA B 163 -20.47 13.88 -7.49
N GLY B 164 -19.76 14.81 -6.88
CA GLY B 164 -18.37 14.97 -7.26
C GLY B 164 -17.80 16.27 -6.74
N TYR B 165 -16.74 16.69 -7.40
CA TYR B 165 -16.01 17.83 -6.90
C TYR B 165 -15.18 18.39 -8.03
N ALA B 166 -14.87 19.68 -7.92
CA ALA B 166 -13.85 20.36 -8.72
C ALA B 166 -12.63 20.59 -7.83
N LEU B 167 -11.46 20.26 -8.31
CA LEU B 167 -10.24 20.52 -7.55
C LEU B 167 -9.50 21.67 -8.22
N TYR B 168 -9.28 22.76 -7.47
CA TYR B 168 -8.49 23.89 -7.97
C TYR B 168 -7.08 23.73 -7.42
N GLY B 169 -6.32 22.85 -8.07
CA GLY B 169 -4.97 22.51 -7.65
C GLY B 169 -3.93 23.10 -8.58
N SER B 170 -2.86 22.37 -8.89
CA SER B 170 -1.92 22.90 -9.86
C SER B 170 -2.59 23.12 -11.21
N ALA B 171 -3.59 22.31 -11.53
CA ALA B 171 -4.53 22.53 -12.59
C ALA B 171 -5.92 22.30 -12.02
N THR B 172 -6.95 22.64 -12.80
CA THR B 172 -8.34 22.48 -12.38
C THR B 172 -8.92 21.23 -13.01
N MET B 173 -9.49 20.38 -12.18
CA MET B 173 -10.09 19.13 -12.59
C MET B 173 -11.42 19.00 -11.89
N LEU B 174 -12.40 18.53 -12.65
CA LEU B 174 -13.73 18.18 -12.13
C LEU B 174 -13.84 16.66 -12.16
N VAL B 175 -14.22 16.07 -11.03
CA VAL B 175 -14.46 14.63 -10.90
C VAL B 175 -15.97 14.43 -10.74
N LEU B 176 -16.57 13.67 -11.67
CA LEU B 176 -18.02 13.43 -11.72
C LEU B 176 -18.29 11.94 -11.59
N ALA B 177 -19.10 11.57 -10.57
CA ALA B 177 -19.49 10.19 -10.28
C ALA B 177 -21.00 10.05 -10.49
N MET B 178 -21.39 9.03 -11.24
CA MET B 178 -22.79 8.67 -11.47
C MET B 178 -22.88 7.14 -11.47
N ASP B 179 -24.05 6.60 -11.86
CA ASP B 179 -24.18 5.15 -11.96
C ASP B 179 -23.21 4.54 -12.95
N CYS B 180 -22.93 5.26 -14.05
CA CYS B 180 -22.00 4.72 -15.02
C CYS B 180 -20.55 4.72 -14.51
N GLY B 181 -20.29 5.26 -13.32
CA GLY B 181 -18.94 5.29 -12.78
C GLY B 181 -18.37 6.69 -12.57
N VAL B 182 -17.07 6.77 -12.39
CA VAL B 182 -16.39 8.02 -12.08
C VAL B 182 -15.57 8.44 -13.28
N ASN B 183 -15.71 9.71 -13.68
CA ASN B 183 -14.93 10.25 -14.79
C ASN B 183 -14.29 11.57 -14.38
N CYS B 184 -13.09 11.83 -14.89
CA CYS B 184 -12.28 12.97 -14.50
C CYS B 184 -12.04 13.88 -15.70
N PHE B 185 -12.33 15.15 -15.53
CA PHE B 185 -12.27 16.13 -16.61
C PHE B 185 -11.31 17.25 -16.24
N MET B 186 -10.35 17.52 -17.13
CA MET B 186 -9.36 18.58 -16.96
C MET B 186 -9.81 19.87 -17.65
N LEU B 187 -9.83 20.98 -16.91
CA LEU B 187 -10.18 22.28 -17.49
C LEU B 187 -9.03 22.81 -18.35
N ASP B 188 -9.30 22.99 -19.62
CA ASP B 188 -8.32 23.66 -20.45
C ASP B 188 -8.60 25.17 -20.42
N PRO B 189 -7.83 25.97 -19.68
CA PRO B 189 -8.14 27.41 -19.57
C PRO B 189 -8.02 28.17 -20.87
N ALA B 190 -7.33 27.61 -21.87
CA ALA B 190 -7.21 28.29 -23.15
C ALA B 190 -8.54 28.36 -23.89
N ILE B 191 -9.45 27.44 -23.61
CA ILE B 191 -10.74 27.40 -24.30
C ILE B 191 -11.92 27.26 -23.37
N GLY B 192 -11.70 27.14 -22.06
CA GLY B 192 -12.81 27.01 -21.14
C GLY B 192 -13.65 25.77 -21.39
N GLU B 193 -13.00 24.62 -21.55
CA GLU B 193 -13.71 23.36 -21.72
C GLU B 193 -13.05 22.29 -20.85
N PHE B 194 -13.87 21.49 -20.17
CA PHE B 194 -13.40 20.37 -19.37
C PHE B 194 -13.23 19.14 -20.27
N ILE B 195 -12.00 18.65 -20.36
CA ILE B 195 -11.64 17.59 -21.29
C ILE B 195 -11.61 16.26 -20.52
N LEU B 196 -12.30 15.25 -21.05
CA LEU B 196 -12.29 13.93 -20.40
C LEU B 196 -10.88 13.33 -20.52
N VAL B 197 -10.20 13.15 -19.38
CA VAL B 197 -8.85 12.62 -19.39
C VAL B 197 -8.72 11.26 -18.71
N ASP B 198 -9.64 10.89 -17.82
CA ASP B 198 -9.60 9.59 -17.14
C ASP B 198 -11.00 9.00 -17.09
N LYS B 199 -11.18 7.84 -17.73
CA LYS B 199 -12.50 7.23 -17.90
C LYS B 199 -12.68 6.07 -16.94
N ASP B 200 -13.85 6.03 -16.30
CA ASP B 200 -14.28 4.91 -15.48
C ASP B 200 -13.19 4.49 -14.50
N VAL B 201 -12.72 5.48 -13.72
CA VAL B 201 -11.55 5.28 -12.88
C VAL B 201 -11.90 4.37 -11.71
N LYS B 202 -10.94 3.56 -11.28
CA LYS B 202 -11.05 2.69 -10.13
C LYS B 202 -9.85 2.94 -9.22
N ILE B 203 -10.10 2.97 -7.92
CA ILE B 203 -9.03 3.20 -6.96
C ILE B 203 -8.26 1.89 -6.78
N LYS B 204 -6.96 1.97 -6.48
CA LYS B 204 -6.20 0.76 -6.21
C LYS B 204 -6.83 0.02 -5.04
N LYS B 205 -6.71 -1.31 -5.08
CA LYS B 205 -7.28 -2.14 -4.02
C LYS B 205 -6.64 -1.85 -2.68
N LYS B 206 -5.36 -1.48 -2.69
CA LYS B 206 -4.58 -1.17 -1.50
C LYS B 206 -3.58 -0.09 -1.86
N GLY B 207 -3.46 0.92 -0.99
CA GLY B 207 -2.56 2.02 -1.19
C GLY B 207 -1.38 1.94 -0.25
N LYS B 208 -0.59 3.02 -0.25
CA LYS B 208 0.63 3.08 0.58
C LYS B 208 0.72 4.40 1.32
N ILE B 209 -0.38 5.13 1.43
CA ILE B 209 -0.41 6.45 2.04
C ILE B 209 -1.57 6.52 3.02
N TYR B 210 -1.33 7.09 4.19
CA TYR B 210 -2.40 7.49 5.08
C TYR B 210 -2.40 9.00 5.25
N SER B 211 -3.58 9.55 5.49
CA SER B 211 -3.77 10.99 5.49
C SER B 211 -4.68 11.38 6.65
N LEU B 212 -4.12 12.03 7.68
CA LEU B 212 -4.95 12.58 8.75
C LEU B 212 -4.08 13.54 9.56
N ASN B 213 -4.73 14.35 10.38
CA ASN B 213 -4.04 15.34 11.20
C ASN B 213 -3.51 14.63 12.44
N GLU B 214 -2.25 14.21 12.39
CA GLU B 214 -1.63 13.51 13.51
C GLU B 214 -1.31 14.43 14.67
N GLY B 215 -1.40 15.75 14.49
CA GLY B 215 -1.19 16.66 15.58
C GLY B 215 -2.20 16.53 16.71
N TYR B 216 -3.39 15.98 16.43
CA TYR B 216 -4.40 15.76 17.46
C TYR B 216 -4.38 14.32 18.00
N ALA B 217 -3.21 13.68 17.99
CA ALA B 217 -3.09 12.29 18.45
C ALA B 217 -3.56 12.12 19.88
N LYS B 218 -3.40 13.15 20.72
CA LYS B 218 -3.84 13.08 22.12
C LYS B 218 -5.32 12.73 22.25
N ASP B 219 -6.12 13.01 21.23
CA ASP B 219 -7.57 12.80 21.29
C ASP B 219 -8.02 11.55 20.55
N PHE B 220 -7.10 10.81 19.95
CA PHE B 220 -7.52 9.70 19.10
C PHE B 220 -8.34 8.69 19.88
N ASP B 221 -9.33 8.13 19.17
CA ASP B 221 -9.96 6.90 19.58
C ASP B 221 -8.90 5.80 19.68
N PRO B 222 -9.05 4.85 20.60
CA PRO B 222 -8.04 3.78 20.70
C PRO B 222 -7.78 3.05 19.40
N ALA B 223 -8.85 2.82 18.62
CA ALA B 223 -8.74 2.10 17.36
C ALA B 223 -7.90 2.89 16.34
N VAL B 224 -8.12 4.21 16.25
CA VAL B 224 -7.32 5.03 15.35
C VAL B 224 -5.85 5.02 15.78
N THR B 225 -5.58 5.18 17.08
CA THR B 225 -4.20 5.12 17.57
C THR B 225 -3.54 3.81 17.14
N GLU B 226 -4.25 2.68 17.29
CA GLU B 226 -3.68 1.39 16.92
C GLU B 226 -3.49 1.28 15.41
N TYR B 227 -4.49 1.71 14.62
CA TYR B 227 -4.38 1.61 13.18
C TYR B 227 -3.19 2.41 12.66
N ILE B 228 -3.03 3.63 13.14
CA ILE B 228 -1.91 4.47 12.71
C ILE B 228 -0.58 3.84 13.12
N GLN B 229 -0.51 3.31 14.35
CA GLN B 229 0.69 2.65 14.83
C GLN B 229 1.15 1.56 13.86
N ARG B 230 0.19 0.82 13.29
CA ARG B 230 0.50 -0.23 12.31
C ARG B 230 0.99 0.30 10.97
N LYS B 231 0.65 1.53 10.60
CA LYS B 231 1.14 2.06 9.33
C LYS B 231 2.62 2.38 9.40
N LYS B 232 3.08 2.88 10.54
CA LYS B 232 4.47 3.29 10.73
C LYS B 232 5.38 2.13 11.12
N PHE B 233 4.88 1.17 11.89
CA PHE B 233 5.64 0.01 12.40
C PHE B 233 4.86 -1.23 11.99
N PRO B 234 4.93 -1.62 10.73
CA PRO B 234 4.09 -2.75 10.28
C PRO B 234 4.48 -4.02 10.99
N PRO B 235 3.49 -4.78 11.46
CA PRO B 235 3.80 -6.02 12.19
C PRO B 235 4.35 -7.12 11.31
N ASP B 236 4.02 -7.15 10.02
CA ASP B 236 4.41 -8.25 9.14
C ASP B 236 5.65 -7.90 8.31
N ASN B 237 6.50 -7.00 8.82
CA ASN B 237 7.78 -6.66 8.19
C ASN B 237 7.63 -5.82 6.92
N SER B 238 6.41 -5.67 6.41
CA SER B 238 6.14 -4.92 5.18
C SER B 238 6.57 -3.45 5.31
N ALA B 239 6.55 -2.76 4.17
CA ALA B 239 7.05 -1.39 4.09
C ALA B 239 6.14 -0.41 4.85
N PRO B 240 6.71 0.54 5.58
CA PRO B 240 5.88 1.60 6.20
C PRO B 240 5.15 2.44 5.16
N TYR B 241 3.94 2.85 5.52
CA TYR B 241 3.18 3.80 4.72
C TYR B 241 3.81 5.19 4.80
N GLY B 242 3.69 5.94 3.70
CA GLY B 242 3.95 7.36 3.75
C GLY B 242 2.76 8.14 4.28
N ALA B 243 3.04 9.36 4.72
CA ALA B 243 2.02 10.24 5.26
C ALA B 243 1.90 11.50 4.42
N ARG B 244 0.65 11.90 4.11
CA ARG B 244 0.37 13.15 3.42
C ARG B 244 -0.89 13.73 4.07
N TYR B 245 -0.88 15.03 4.33
CA TYR B 245 -2.08 15.68 4.83
C TYR B 245 -2.00 17.15 4.40
N VAL B 246 -2.75 17.50 3.35
CA VAL B 246 -2.74 18.87 2.88
C VAL B 246 -3.54 19.76 3.82
N GLY B 247 -4.58 19.23 4.45
CA GLY B 247 -5.49 20.01 5.22
C GLY B 247 -6.62 20.61 4.40
N SER B 248 -6.69 20.27 3.13
CA SER B 248 -7.80 20.66 2.26
C SER B 248 -8.44 19.38 1.75
N MET B 249 -9.70 19.15 2.14
CA MET B 249 -10.29 17.83 1.99
C MET B 249 -10.32 17.37 0.54
N VAL B 250 -10.66 18.26 -0.39
CA VAL B 250 -10.76 17.86 -1.79
C VAL B 250 -9.40 17.40 -2.31
N ALA B 251 -8.33 18.08 -1.89
CA ALA B 251 -6.99 17.73 -2.35
C ALA B 251 -6.54 16.37 -1.82
N ASP B 252 -6.79 16.08 -0.55
CA ASP B 252 -6.44 14.78 0.03
C ASP B 252 -7.34 13.66 -0.51
N VAL B 253 -8.65 13.91 -0.63
CA VAL B 253 -9.51 12.88 -1.17
C VAL B 253 -9.11 12.57 -2.61
N HIS B 254 -8.81 13.61 -3.39
CA HIS B 254 -8.39 13.36 -4.77
C HIS B 254 -7.06 12.62 -4.85
N ARG B 255 -6.09 12.97 -4.00
CA ARG B 255 -4.84 12.20 -3.98
C ARG B 255 -5.13 10.74 -3.63
N THR B 256 -6.03 10.51 -2.68
CA THR B 256 -6.37 9.13 -2.32
C THR B 256 -6.93 8.38 -3.53
N LEU B 257 -7.78 9.03 -4.33
CA LEU B 257 -8.36 8.39 -5.51
C LEU B 257 -7.29 8.04 -6.53
N VAL B 258 -6.34 8.95 -6.74
CA VAL B 258 -5.35 8.82 -7.80
C VAL B 258 -4.24 7.84 -7.41
N TYR B 259 -3.79 7.87 -6.15
CA TYR B 259 -2.65 7.05 -5.72
C TYR B 259 -3.03 5.86 -4.85
N GLY B 260 -4.28 5.77 -4.39
CA GLY B 260 -4.68 4.77 -3.41
C GLY B 260 -4.32 5.20 -2.00
N GLY B 261 -4.77 4.39 -1.04
CA GLY B 261 -4.50 4.73 0.35
C GLY B 261 -5.74 5.03 1.17
N ILE B 262 -5.59 5.82 2.23
CA ILE B 262 -6.66 6.00 3.20
C ILE B 262 -6.66 7.42 3.72
N PHE B 263 -7.86 7.98 3.91
CA PHE B 263 -8.07 9.30 4.46
C PHE B 263 -8.95 9.16 5.70
N LEU B 264 -8.54 9.81 6.79
CA LEU B 264 -9.27 9.71 8.05
C LEU B 264 -9.58 11.09 8.61
N TYR B 265 -10.85 11.31 8.98
CA TYR B 265 -11.27 12.40 9.86
C TYR B 265 -12.22 11.76 10.85
N PRO B 266 -11.69 11.04 11.82
CA PRO B 266 -12.50 10.12 12.61
C PRO B 266 -13.14 10.80 13.81
N ALA B 267 -14.10 10.09 14.41
CA ALA B 267 -14.70 10.54 15.65
C ALA B 267 -13.72 10.34 16.81
N ASN B 268 -13.78 11.26 17.77
CA ASN B 268 -13.03 11.14 19.02
C ASN B 268 -13.95 11.59 20.17
N LYS B 269 -13.39 11.78 21.36
CA LYS B 269 -14.24 12.10 22.50
C LYS B 269 -14.78 13.52 22.43
N LYS B 270 -13.96 14.48 21.98
CA LYS B 270 -14.43 15.86 21.84
C LYS B 270 -15.40 16.01 20.67
N SER B 271 -15.30 15.16 19.66
CA SER B 271 -16.12 15.23 18.46
C SER B 271 -16.62 13.83 18.16
N PRO B 272 -17.64 13.36 18.88
CA PRO B 272 -18.10 11.98 18.67
C PRO B 272 -18.74 11.76 17.32
N ASN B 273 -19.14 12.82 16.63
CA ASN B 273 -19.66 12.73 15.27
C ASN B 273 -18.73 13.34 14.23
N GLY B 274 -17.43 13.48 14.52
CA GLY B 274 -16.51 14.04 13.53
C GLY B 274 -16.60 15.55 13.41
N LYS B 275 -15.85 16.09 12.45
CA LYS B 275 -15.87 17.52 12.13
C LYS B 275 -16.42 17.85 10.75
N LEU B 276 -16.16 17.01 9.76
CA LEU B 276 -16.60 17.26 8.40
C LEU B 276 -18.12 17.08 8.28
N ARG B 277 -18.72 17.83 7.38
CA ARG B 277 -20.17 17.86 7.23
C ARG B 277 -20.67 16.73 6.33
N LEU B 278 -21.75 16.11 6.77
CA LEU B 278 -22.28 14.92 6.11
C LEU B 278 -22.84 15.25 4.72
N LEU B 279 -23.64 16.32 4.61
CA LEU B 279 -24.43 16.51 3.38
C LEU B 279 -23.57 16.96 2.21
N TYR B 280 -22.62 17.87 2.44
CA TYR B 280 -21.88 18.47 1.34
C TYR B 280 -20.37 18.23 1.44
N GLU B 281 -19.93 17.34 2.34
CA GLU B 281 -18.53 16.91 2.31
C GLU B 281 -18.43 15.39 2.35
N CYS B 282 -19.03 14.77 3.36
CA CYS B 282 -18.86 13.33 3.54
C CYS B 282 -19.59 12.54 2.47
N ASN B 283 -20.89 12.80 2.27
CA ASN B 283 -21.69 12.03 1.33
C ASN B 283 -21.19 12.12 -0.11
N PRO B 284 -20.92 13.31 -0.68
CA PRO B 284 -20.41 13.31 -2.07
C PRO B 284 -19.12 12.52 -2.22
N MET B 285 -18.15 12.71 -1.31
CA MET B 285 -16.88 12.00 -1.41
C MET B 285 -17.03 10.50 -1.25
N ALA B 286 -17.92 10.07 -0.35
CA ALA B 286 -18.19 8.65 -0.21
C ALA B 286 -18.72 8.06 -1.52
N TYR B 287 -19.60 8.80 -2.19
CA TYR B 287 -20.20 8.32 -3.44
C TYR B 287 -19.16 8.17 -4.53
N VAL B 288 -18.32 9.19 -4.68
CA VAL B 288 -17.18 9.11 -5.59
C VAL B 288 -16.35 7.88 -5.26
N MET B 289 -16.08 7.67 -3.97
CA MET B 289 -15.26 6.54 -3.55
C MET B 289 -15.90 5.20 -3.88
N GLU B 290 -17.20 5.05 -3.58
CA GLU B 290 -17.85 3.77 -3.83
C GLU B 290 -17.98 3.49 -5.33
N LYS B 291 -18.29 4.52 -6.13
CA LYS B 291 -18.36 4.30 -7.57
C LYS B 291 -16.99 3.98 -8.16
N ALA B 292 -15.91 4.35 -7.49
CA ALA B 292 -14.55 4.03 -7.91
C ALA B 292 -14.04 2.69 -7.33
N GLY B 293 -14.88 1.92 -6.66
CA GLY B 293 -14.44 0.68 -6.06
C GLY B 293 -13.76 0.79 -4.71
N GLY B 294 -13.90 1.93 -4.04
CA GLY B 294 -13.38 2.13 -2.70
C GLY B 294 -14.45 1.97 -1.64
N MET B 295 -14.14 2.46 -0.44
CA MET B 295 -15.04 2.35 0.71
C MET B 295 -15.09 3.66 1.49
N ALA B 296 -16.14 3.83 2.28
CA ALA B 296 -16.25 5.01 3.12
C ALA B 296 -17.09 4.65 4.33
N THR B 297 -16.49 4.67 5.53
CA THR B 297 -17.18 4.26 6.74
C THR B 297 -17.08 5.39 7.75
N THR B 298 -18.06 5.46 8.64
CA THR B 298 -17.96 6.27 9.84
C THR B 298 -17.29 5.49 10.96
N GLY B 299 -16.93 4.23 10.71
CA GLY B 299 -16.49 3.32 11.74
C GLY B 299 -17.63 2.39 12.12
N LYS B 300 -18.80 2.98 12.34
CA LYS B 300 -19.98 2.24 12.72
C LYS B 300 -20.80 1.75 11.54
N GLU B 301 -20.83 2.52 10.45
CA GLU B 301 -21.66 2.20 9.30
C GLU B 301 -21.10 2.91 8.08
N ALA B 302 -21.56 2.49 6.91
CA ALA B 302 -21.21 3.19 5.68
C ALA B 302 -21.76 4.61 5.68
N VAL B 303 -20.93 5.57 5.24
CA VAL B 303 -21.30 6.98 5.24
C VAL B 303 -22.60 7.21 4.50
N LEU B 304 -22.79 6.54 3.36
CA LEU B 304 -23.99 6.73 2.55
C LEU B 304 -25.26 6.24 3.26
N ASP B 305 -25.13 5.52 4.37
CA ASP B 305 -26.29 4.97 5.07
C ASP B 305 -26.76 5.82 6.25
N VAL B 306 -26.00 6.81 6.69
CA VAL B 306 -26.45 7.70 7.75
C VAL B 306 -27.65 8.52 7.26
N ILE B 307 -28.74 8.47 8.02
CA ILE B 307 -29.94 9.25 7.73
C ILE B 307 -29.83 10.58 8.49
N PRO B 308 -29.70 11.70 7.81
CA PRO B 308 -29.53 12.98 8.52
C PRO B 308 -30.83 13.50 9.10
N THR B 309 -30.69 14.23 10.21
CA THR B 309 -31.82 14.96 10.80
C THR B 309 -31.59 16.46 10.85
N ASP B 310 -30.40 16.92 10.48
CA ASP B 310 -30.02 18.33 10.40
C ASP B 310 -29.15 18.51 9.16
N ILE B 311 -29.36 19.60 8.43
CA ILE B 311 -28.65 19.79 7.16
C ILE B 311 -27.15 20.03 7.37
N HIS B 312 -26.75 20.48 8.55
CA HIS B 312 -25.35 20.79 8.85
C HIS B 312 -24.72 19.81 9.83
N GLN B 313 -25.31 18.64 10.01
CA GLN B 313 -24.77 17.71 10.99
C GLN B 313 -23.44 17.12 10.52
N ARG B 314 -22.63 16.71 11.48
CA ARG B 314 -21.31 16.19 11.19
C ARG B 314 -21.33 14.67 11.13
N ALA B 315 -20.25 14.11 10.56
CA ALA B 315 -20.09 12.68 10.53
C ALA B 315 -18.60 12.38 10.52
N PRO B 316 -18.15 11.35 11.23
CA PRO B 316 -16.79 10.85 11.04
C PRO B 316 -16.67 10.17 9.68
N VAL B 317 -15.46 10.18 9.13
CA VAL B 317 -15.27 9.60 7.81
C VAL B 317 -13.88 8.96 7.73
N ILE B 318 -13.85 7.71 7.27
CA ILE B 318 -12.64 7.01 6.85
C ILE B 318 -12.94 6.46 5.47
N LEU B 319 -12.09 6.77 4.50
CA LEU B 319 -12.41 6.40 3.14
C LEU B 319 -11.13 6.09 2.36
N GLY B 320 -11.31 5.42 1.22
CA GLY B 320 -10.21 5.10 0.34
C GLY B 320 -10.18 3.68 -0.17
N SER B 321 -8.96 3.18 -0.42
CA SER B 321 -8.77 1.85 -0.97
C SER B 321 -9.46 0.81 -0.09
N PRO B 322 -10.13 -0.17 -0.69
CA PRO B 322 -10.91 -1.13 0.11
C PRO B 322 -10.06 -1.95 1.07
N ASP B 323 -8.88 -2.42 0.66
CA ASP B 323 -8.05 -3.17 1.60
C ASP B 323 -7.63 -2.33 2.78
N ASP B 324 -7.47 -1.03 2.59
CA ASP B 324 -7.05 -0.18 3.69
C ASP B 324 -8.22 0.12 4.64
N VAL B 325 -9.41 0.36 4.11
CA VAL B 325 -10.58 0.60 4.96
C VAL B 325 -10.99 -0.69 5.67
N LEU B 326 -10.94 -1.83 4.99
CA LEU B 326 -11.21 -3.11 5.65
C LEU B 326 -10.25 -3.34 6.81
N GLU B 327 -8.97 -3.01 6.63
CA GLU B 327 -8.00 -3.17 7.71
C GLU B 327 -8.30 -2.25 8.88
N PHE B 328 -8.67 -1.00 8.61
CA PHE B 328 -9.04 -0.10 9.71
C PHE B 328 -10.29 -0.61 10.42
N LEU B 329 -11.27 -1.11 9.66
CA LEU B 329 -12.48 -1.62 10.28
C LEU B 329 -12.18 -2.82 11.16
N LYS B 330 -11.24 -3.67 10.75
CA LYS B 330 -10.84 -4.80 11.59
C LYS B 330 -10.32 -4.33 12.94
N VAL B 331 -9.44 -3.32 12.94
CA VAL B 331 -8.93 -2.76 14.19
C VAL B 331 -10.06 -2.08 14.97
N TYR B 332 -10.96 -1.40 14.26
CA TYR B 332 -12.06 -0.70 14.92
C TYR B 332 -12.95 -1.70 15.63
N GLU B 333 -13.21 -2.85 15.00
CA GLU B 333 -14.05 -3.88 15.58
C GLU B 333 -13.36 -4.58 16.75
N LYS B 334 -12.04 -4.72 16.71
CA LYS B 334 -11.32 -5.32 17.84
C LYS B 334 -11.54 -4.53 19.12
N HIS B 335 -11.70 -3.20 19.02
CA HIS B 335 -11.93 -2.36 20.19
C HIS B 335 -13.41 -2.26 20.53
N SER B 336 -14.18 -3.30 20.21
CA SER B 336 -15.62 -3.40 20.44
C SER B 336 -16.38 -2.27 19.75
N ASP C 10 17.39 33.62 -31.39
CA ASP C 10 17.02 33.82 -29.99
C ASP C 10 15.69 34.54 -29.83
N VAL C 11 14.84 34.01 -28.95
CA VAL C 11 13.57 34.66 -28.68
C VAL C 11 13.83 36.01 -28.01
N ASN C 12 12.93 36.95 -28.26
CA ASN C 12 13.01 38.29 -27.68
C ASN C 12 11.61 38.70 -27.28
N THR C 13 11.53 39.48 -26.20
CA THR C 13 10.29 40.06 -25.72
C THR C 13 10.37 41.58 -25.77
N LEU C 14 9.22 42.23 -25.58
CA LEU C 14 9.19 43.70 -25.57
C LEU C 14 10.08 44.26 -24.44
N THR C 15 9.91 43.77 -23.22
CA THR C 15 10.67 44.30 -22.10
C THR C 15 12.17 44.07 -22.28
N ARG C 16 12.55 42.87 -22.75
CA ARG C 16 13.96 42.57 -22.96
C ARG C 16 14.57 43.40 -24.09
N PHE C 17 13.81 43.61 -25.16
CA PHE C 17 14.23 44.46 -26.26
C PHE C 17 14.49 45.89 -25.80
N VAL C 18 13.55 46.44 -25.02
CA VAL C 18 13.72 47.82 -24.58
C VAL C 18 14.90 47.93 -23.62
N MET C 19 15.03 46.98 -22.69
CA MET C 19 16.17 47.04 -21.78
C MET C 19 17.49 46.96 -22.55
N GLU C 20 17.57 46.08 -23.54
CA GLU C 20 18.80 45.95 -24.31
C GLU C 20 19.09 47.19 -25.12
N GLU C 21 18.07 47.79 -25.75
CA GLU C 21 18.35 49.04 -26.45
C GLU C 21 18.69 50.15 -25.46
N GLY C 22 18.07 50.15 -24.28
CA GLY C 22 18.38 51.15 -23.28
C GLY C 22 19.82 51.05 -22.77
N ARG C 23 20.28 49.83 -22.47
CA ARG C 23 21.66 49.66 -22.01
C ARG C 23 22.65 50.09 -23.08
N LYS C 24 22.36 49.76 -24.35
CA LYS C 24 23.19 50.23 -25.46
C LYS C 24 23.38 51.75 -25.41
N ALA C 25 22.29 52.50 -25.22
CA ALA C 25 22.37 53.96 -25.14
C ALA C 25 22.89 54.45 -23.81
N ARG C 26 22.99 53.57 -22.81
CA ARG C 26 23.51 53.91 -21.48
C ARG C 26 22.65 54.97 -20.80
N GLY C 27 21.34 54.95 -21.03
CA GLY C 27 20.45 55.89 -20.41
C GLY C 27 20.14 55.51 -18.98
N THR C 28 19.39 56.39 -18.31
CA THR C 28 19.08 56.25 -16.89
C THR C 28 18.08 55.15 -16.58
N GLY C 29 17.24 54.77 -17.54
CA GLY C 29 16.17 53.82 -17.30
C GLY C 29 14.78 54.44 -17.29
N GLU C 30 14.66 55.76 -17.27
CA GLU C 30 13.35 56.38 -17.17
C GLU C 30 12.45 56.01 -18.36
N LEU C 31 12.99 56.04 -19.57
CA LEU C 31 12.19 55.68 -20.74
C LEU C 31 11.79 54.21 -20.70
N THR C 32 12.67 53.35 -20.21
CA THR C 32 12.33 51.94 -20.07
C THR C 32 11.20 51.77 -19.07
N GLN C 33 11.26 52.50 -17.96
CA GLN C 33 10.18 52.41 -16.98
C GLN C 33 8.86 52.86 -17.58
N LEU C 34 8.89 53.92 -18.40
CA LEU C 34 7.69 54.40 -19.07
C LEU C 34 7.14 53.36 -20.05
N LEU C 35 8.00 52.82 -20.93
CA LEU C 35 7.51 51.89 -21.93
C LEU C 35 7.03 50.61 -21.27
N ASN C 36 7.70 50.17 -20.21
CA ASN C 36 7.23 49.01 -19.47
C ASN C 36 5.86 49.26 -18.85
N SER C 37 5.66 50.47 -18.31
CA SER C 37 4.35 50.78 -17.74
C SER C 37 3.27 50.80 -18.82
N LEU C 38 3.61 51.38 -19.97
CA LEU C 38 2.68 51.44 -21.10
C LEU C 38 2.30 50.05 -21.61
N CYS C 39 3.28 49.13 -21.67
CA CYS C 39 3.00 47.76 -22.09
C CYS C 39 2.04 47.06 -21.14
N THR C 40 2.17 47.32 -19.84
CA THR C 40 1.28 46.74 -18.85
C THR C 40 -0.15 47.22 -19.06
N ALA C 41 -0.33 48.51 -19.32
CA ALA C 41 -1.66 49.04 -19.56
C ALA C 41 -2.27 48.43 -20.84
N VAL C 42 -1.44 48.24 -21.87
CA VAL C 42 -1.92 47.71 -23.14
C VAL C 42 -2.44 46.28 -22.97
N LYS C 43 -1.77 45.47 -22.15
CA LYS C 43 -2.25 44.12 -21.90
C LYS C 43 -3.57 44.16 -21.15
N ALA C 44 -3.73 45.10 -20.23
CA ALA C 44 -5.00 45.22 -19.52
C ALA C 44 -6.08 45.71 -20.46
N ILE C 45 -5.75 46.67 -21.33
CA ILE C 45 -6.72 47.13 -22.31
C ILE C 45 -7.12 45.96 -23.21
N SER C 46 -6.13 45.19 -23.68
CA SER C 46 -6.40 44.05 -24.55
C SER C 46 -7.36 43.06 -23.90
N SER C 47 -7.11 42.74 -22.63
CA SER C 47 -8.00 41.82 -21.91
C SER C 47 -9.41 42.38 -21.79
N ALA C 48 -9.55 43.69 -21.53
CA ALA C 48 -10.88 44.28 -21.44
C ALA C 48 -11.58 44.31 -22.79
N VAL C 49 -10.85 44.64 -23.86
CA VAL C 49 -11.43 44.69 -25.20
C VAL C 49 -11.93 43.31 -25.61
N ARG C 50 -11.22 42.26 -25.23
CA ARG C 50 -11.62 40.90 -25.53
C ARG C 50 -12.75 40.38 -24.63
N LYS C 51 -13.24 41.21 -23.69
CA LYS C 51 -14.44 40.94 -22.89
C LYS C 51 -14.22 39.91 -21.80
N ALA C 52 -12.99 39.83 -21.28
CA ALA C 52 -12.75 39.01 -20.10
C ALA C 52 -13.63 39.47 -18.96
N GLY C 53 -14.34 38.53 -18.34
CA GLY C 53 -15.20 38.88 -17.22
C GLY C 53 -16.56 39.43 -17.57
N ILE C 54 -16.93 39.47 -18.87
CA ILE C 54 -18.24 40.01 -19.25
C ILE C 54 -19.37 39.19 -18.63
N ALA C 55 -19.12 37.91 -18.34
CA ALA C 55 -20.14 37.07 -17.68
C ALA C 55 -20.62 37.67 -16.36
N HIS C 56 -19.73 38.38 -15.63
CA HIS C 56 -20.15 39.00 -14.38
C HIS C 56 -21.04 40.22 -14.62
N LEU C 57 -20.83 40.93 -15.73
CA LEU C 57 -21.72 42.05 -16.04
C LEU C 57 -23.13 41.61 -16.40
N TYR C 58 -23.31 40.35 -16.81
CA TYR C 58 -24.61 39.84 -17.21
C TYR C 58 -25.22 38.90 -16.16
N GLY C 59 -24.76 38.96 -14.92
CA GLY C 59 -25.44 38.26 -13.86
C GLY C 59 -25.06 36.81 -13.61
N ILE C 60 -23.82 36.41 -13.92
CA ILE C 60 -23.44 35.02 -13.66
C ILE C 60 -23.43 34.72 -12.16
N ALA C 61 -23.18 35.74 -11.33
CA ALA C 61 -23.17 35.63 -9.87
C ALA C 61 -24.37 36.33 -9.23
N GLY C 62 -25.43 36.58 -10.00
CA GLY C 62 -26.61 37.25 -9.48
C GLY C 62 -26.72 38.73 -9.81
N LYS C 73 -17.36 51.11 -18.98
CA LYS C 73 -17.09 52.02 -20.09
C LYS C 73 -15.65 51.87 -20.57
N LEU C 74 -15.49 51.24 -21.73
CA LEU C 74 -14.18 50.79 -22.18
C LEU C 74 -13.21 51.92 -22.43
N ASP C 75 -13.64 52.98 -23.14
CA ASP C 75 -12.65 54.00 -23.44
C ASP C 75 -12.29 54.78 -22.17
N VAL C 76 -13.20 54.86 -21.22
CA VAL C 76 -12.86 55.48 -19.94
C VAL C 76 -11.90 54.60 -19.14
N LEU C 77 -12.18 53.30 -19.07
CA LEU C 77 -11.26 52.37 -18.41
C LEU C 77 -9.90 52.38 -19.08
N SER C 78 -9.87 52.34 -20.42
CA SER C 78 -8.62 52.36 -21.15
C SER C 78 -7.81 53.62 -20.82
N ASN C 79 -8.47 54.80 -20.81
CA ASN C 79 -7.77 56.03 -20.46
C ASN C 79 -7.26 55.96 -19.03
N ASP C 80 -8.05 55.40 -18.10
CA ASP C 80 -7.60 55.31 -16.72
C ASP C 80 -6.39 54.41 -16.57
N LEU C 81 -6.34 53.31 -17.33
CA LEU C 81 -5.21 52.40 -17.27
C LEU C 81 -3.93 53.09 -17.72
N VAL C 82 -3.99 53.77 -18.87
CA VAL C 82 -2.80 54.45 -19.38
C VAL C 82 -2.40 55.58 -18.44
N MET C 83 -3.37 56.42 -18.03
CA MET C 83 -3.08 57.53 -17.11
C MET C 83 -2.46 57.04 -15.82
N ASN C 84 -3.06 56.01 -15.19
CA ASN C 84 -2.50 55.60 -13.91
C ASN C 84 -1.16 54.91 -14.09
N MET C 85 -0.99 54.12 -15.15
CA MET C 85 0.28 53.45 -15.34
C MET C 85 1.39 54.43 -15.69
N LEU C 86 1.08 55.48 -16.47
CA LEU C 86 2.12 56.46 -16.84
C LEU C 86 2.47 57.38 -15.66
N LYS C 87 1.46 57.89 -14.94
CA LYS C 87 1.72 58.71 -13.75
C LYS C 87 2.62 57.99 -12.76
N SER C 88 2.24 56.76 -12.40
CA SER C 88 2.95 55.94 -11.42
C SER C 88 4.31 55.46 -11.89
N SER C 89 4.67 55.69 -13.16
CA SER C 89 5.98 55.26 -13.64
C SER C 89 7.11 56.21 -13.23
N PHE C 90 6.76 57.43 -12.79
CA PHE C 90 7.72 58.49 -12.47
C PHE C 90 8.51 58.94 -13.68
N ALA C 91 8.03 58.65 -14.88
CA ALA C 91 8.77 59.00 -16.08
C ALA C 91 8.09 60.07 -16.91
N THR C 92 6.92 60.56 -16.51
CA THR C 92 6.20 61.55 -17.30
C THR C 92 5.94 62.84 -16.51
N CYS C 93 5.72 63.94 -17.23
CA CYS C 93 5.33 65.17 -16.53
C CYS C 93 4.08 65.80 -17.14
N VAL C 94 3.85 65.61 -18.42
CA VAL C 94 2.66 66.14 -19.09
C VAL C 94 2.01 65.02 -19.90
N LEU C 95 0.69 64.85 -19.75
CA LEU C 95 -0.03 63.80 -20.46
C LEU C 95 -1.20 64.40 -21.23
N VAL C 96 -1.24 64.16 -22.53
CA VAL C 96 -2.34 64.56 -23.40
C VAL C 96 -3.06 63.31 -23.88
N SER C 97 -4.39 63.28 -23.71
CA SER C 97 -5.21 62.14 -24.08
C SER C 97 -6.42 62.58 -24.89
N GLU C 98 -6.79 61.76 -25.88
CA GLU C 98 -8.03 61.99 -26.61
C GLU C 98 -9.23 62.10 -25.69
N GLU C 99 -9.21 61.46 -24.52
CA GLU C 99 -10.35 61.50 -23.60
C GLU C 99 -10.40 62.75 -22.75
N ASP C 100 -9.34 63.57 -22.72
CA ASP C 100 -9.22 64.68 -21.77
C ASP C 100 -9.16 66.03 -22.46
N LYS C 101 -10.03 66.95 -22.03
CA LYS C 101 -10.12 68.26 -22.67
C LYS C 101 -8.79 69.02 -22.55
N HIS C 102 -8.18 69.02 -21.37
CA HIS C 102 -6.92 69.70 -21.15
C HIS C 102 -5.80 68.70 -20.88
N ALA C 103 -4.56 69.12 -21.17
CA ALA C 103 -3.41 68.30 -20.83
C ALA C 103 -3.40 68.06 -19.34
N ILE C 104 -3.00 66.88 -18.95
CA ILE C 104 -2.91 66.53 -17.53
C ILE C 104 -1.47 66.81 -17.09
N ILE C 105 -1.33 67.54 -15.98
CA ILE C 105 -0.02 67.83 -15.41
C ILE C 105 0.21 66.85 -14.27
N VAL C 106 1.25 66.02 -14.41
CA VAL C 106 1.57 65.05 -13.38
C VAL C 106 1.95 65.78 -12.09
N GLU C 107 1.48 65.25 -10.96
CA GLU C 107 1.75 65.87 -9.67
C GLU C 107 3.25 65.89 -9.36
N PRO C 108 3.72 66.88 -8.59
CA PRO C 108 5.17 67.11 -8.49
C PRO C 108 6.00 65.89 -8.08
N GLU C 109 5.56 65.08 -7.12
CA GLU C 109 6.42 63.99 -6.67
C GLU C 109 6.53 62.84 -7.66
N LYS C 110 5.72 62.82 -8.71
CA LYS C 110 5.78 61.73 -9.68
C LYS C 110 6.33 62.18 -11.03
N ARG C 111 6.76 63.43 -11.13
CA ARG C 111 7.12 63.98 -12.42
C ARG C 111 8.42 63.37 -12.92
N GLY C 112 8.44 63.06 -14.21
CA GLY C 112 9.65 62.68 -14.92
C GLY C 112 9.86 63.62 -16.10
N LYS C 113 10.71 63.23 -17.06
CA LYS C 113 11.14 64.12 -18.12
C LYS C 113 10.39 63.92 -19.45
N TYR C 114 9.38 63.06 -19.50
CA TYR C 114 8.75 62.74 -20.77
C TYR C 114 7.31 63.26 -20.83
N VAL C 115 6.88 63.55 -22.05
CA VAL C 115 5.52 63.96 -22.36
C VAL C 115 4.95 62.87 -23.27
N VAL C 116 3.73 62.41 -22.96
CA VAL C 116 3.11 61.34 -23.74
C VAL C 116 1.77 61.85 -24.29
N CYS C 117 1.63 61.82 -25.60
CA CYS C 117 0.33 62.04 -26.23
C CYS C 117 -0.20 60.68 -26.65
N PHE C 118 -1.45 60.41 -26.31
CA PHE C 118 -1.98 59.09 -26.61
C PHE C 118 -3.48 59.13 -26.84
N ASP C 119 -3.93 58.16 -27.63
CA ASP C 119 -5.33 57.82 -27.81
C ASP C 119 -5.54 56.46 -27.18
N PRO C 120 -6.18 56.38 -26.01
CA PRO C 120 -6.20 55.13 -25.27
C PRO C 120 -6.98 54.01 -25.97
N LEU C 121 -8.04 54.35 -26.74
CA LEU C 121 -8.83 53.33 -27.44
C LEU C 121 -9.39 53.92 -28.75
N ASP C 122 -8.56 53.94 -29.78
CA ASP C 122 -8.95 54.55 -31.05
C ASP C 122 -9.86 53.64 -31.85
N GLY C 123 -10.93 54.21 -32.39
CA GLY C 123 -11.93 53.49 -33.15
C GLY C 123 -13.07 52.93 -32.32
N SER C 124 -13.05 53.11 -31.00
CA SER C 124 -14.04 52.49 -30.12
C SER C 124 -15.44 52.99 -30.36
N SER C 125 -15.59 54.07 -31.14
CA SER C 125 -16.92 54.55 -31.50
C SER C 125 -17.70 53.47 -32.21
N ASN C 126 -17.05 52.67 -33.05
CA ASN C 126 -17.70 51.62 -33.81
C ASN C 126 -17.46 50.23 -33.21
N ILE C 127 -17.02 50.16 -31.95
CA ILE C 127 -16.75 48.88 -31.30
C ILE C 127 -18.03 48.08 -31.06
N ASP C 128 -19.20 48.70 -31.29
CA ASP C 128 -20.47 47.99 -31.24
C ASP C 128 -20.50 46.86 -32.26
N CYS C 129 -19.73 46.98 -33.34
CA CYS C 129 -19.63 45.94 -34.37
C CYS C 129 -18.35 45.11 -34.23
N LEU C 130 -17.64 45.23 -33.10
CA LEU C 130 -16.44 44.43 -32.82
C LEU C 130 -15.36 44.69 -33.86
N VAL C 131 -15.40 45.89 -34.45
CA VAL C 131 -14.34 46.33 -35.34
C VAL C 131 -13.02 46.35 -34.57
N SER C 132 -11.92 46.13 -35.28
CA SER C 132 -10.59 46.33 -34.72
C SER C 132 -10.52 47.71 -34.06
N VAL C 133 -9.88 47.75 -32.90
CA VAL C 133 -9.57 49.01 -32.22
C VAL C 133 -8.09 48.98 -31.85
N GLY C 134 -7.60 50.11 -31.31
CA GLY C 134 -6.19 50.22 -31.01
C GLY C 134 -5.88 51.34 -30.05
N THR C 135 -4.64 51.29 -29.55
CA THR C 135 -4.08 52.32 -28.68
C THR C 135 -2.95 52.98 -29.47
N ILE C 136 -2.90 54.31 -29.48
CA ILE C 136 -1.87 55.03 -30.21
C ILE C 136 -1.11 55.90 -29.21
N PHE C 137 0.21 56.00 -29.37
CA PHE C 137 0.99 56.83 -28.44
C PHE C 137 2.19 57.47 -29.12
N GLY C 138 2.57 58.65 -28.61
CA GLY C 138 3.80 59.33 -28.99
C GLY C 138 4.49 59.92 -27.77
N ILE C 139 5.81 59.80 -27.70
CA ILE C 139 6.58 60.10 -26.49
C ILE C 139 7.63 61.16 -26.82
N TYR C 140 7.60 62.30 -26.10
CA TYR C 140 8.59 63.38 -26.26
C TYR C 140 9.38 63.60 -24.97
N ARG C 141 10.65 63.95 -25.10
CA ARG C 141 11.36 64.57 -23.98
C ARG C 141 10.91 66.01 -23.85
N LYS C 142 10.60 66.40 -22.61
CA LYS C 142 10.24 67.78 -22.33
C LYS C 142 11.41 68.66 -22.75
N LYS C 143 11.12 69.73 -23.50
CA LYS C 143 12.12 70.57 -24.14
C LYS C 143 12.40 71.89 -23.40
N SER C 144 11.41 72.44 -22.73
CA SER C 144 11.58 73.73 -22.07
C SER C 144 11.97 73.49 -20.62
N THR C 145 12.55 74.51 -20.00
CA THR C 145 12.86 74.41 -18.58
C THR C 145 11.76 75.02 -17.72
N ASP C 146 10.69 75.53 -18.34
CA ASP C 146 9.58 76.08 -17.57
C ASP C 146 8.90 75.00 -16.73
N GLU C 147 8.00 75.45 -15.86
CA GLU C 147 7.15 74.55 -15.11
C GLU C 147 6.31 73.75 -16.11
N PRO C 148 6.06 72.46 -15.88
CA PRO C 148 5.35 71.67 -16.88
C PRO C 148 3.97 72.25 -17.18
N SER C 149 3.64 72.31 -18.47
CA SER C 149 2.36 72.87 -18.86
C SER C 149 1.95 72.28 -20.21
N GLU C 150 0.74 72.62 -20.61
CA GLU C 150 0.17 72.13 -21.85
C GLU C 150 1.07 72.44 -23.05
N LYS C 151 1.81 73.53 -22.99
CA LYS C 151 2.67 73.94 -24.12
C LYS C 151 3.76 72.90 -24.44
N ASP C 152 4.21 72.11 -23.44
CA ASP C 152 5.26 71.12 -23.64
C ASP C 152 4.84 69.98 -24.57
N ALA C 153 3.55 69.88 -24.85
CA ALA C 153 3.03 68.88 -25.76
C ALA C 153 2.96 69.39 -27.18
N LEU C 154 3.27 70.66 -27.42
CA LEU C 154 3.12 71.27 -28.73
C LEU C 154 4.41 71.24 -29.57
N GLN C 155 5.15 70.15 -29.57
CA GLN C 155 6.35 70.01 -30.41
C GLN C 155 5.99 69.32 -31.71
N PRO C 156 6.69 69.62 -32.81
CA PRO C 156 6.44 68.86 -34.03
C PRO C 156 6.81 67.38 -33.88
N GLY C 157 6.19 66.55 -34.72
CA GLY C 157 6.47 65.12 -34.68
C GLY C 157 7.93 64.77 -34.92
N ARG C 158 8.69 65.66 -35.57
CA ARG C 158 10.13 65.43 -35.74
C ARG C 158 10.82 65.13 -34.42
N ASN C 159 10.31 65.69 -33.32
CA ASN C 159 10.98 65.57 -32.03
C ASN C 159 10.65 64.28 -31.29
N LEU C 160 9.87 63.38 -31.86
CA LEU C 160 9.48 62.18 -31.14
C LEU C 160 10.70 61.37 -30.74
N VAL C 161 10.71 60.90 -29.50
CA VAL C 161 11.74 59.96 -29.04
C VAL C 161 11.33 58.51 -29.31
N ALA C 162 10.04 58.22 -29.13
CA ALA C 162 9.44 56.93 -29.44
C ALA C 162 7.95 57.16 -29.69
N ALA C 163 7.36 56.26 -30.46
CA ALA C 163 5.93 56.27 -30.77
C ALA C 163 5.53 54.89 -31.28
N GLY C 164 4.23 54.66 -31.36
CA GLY C 164 3.76 53.43 -31.95
C GLY C 164 2.31 53.18 -31.59
N TYR C 165 1.91 51.91 -31.69
CA TYR C 165 0.52 51.59 -31.42
C TYR C 165 0.38 50.12 -31.02
N ALA C 166 -0.68 49.84 -30.27
CA ALA C 166 -1.18 48.50 -30.05
C ALA C 166 -2.46 48.34 -30.86
N LEU C 167 -2.54 47.25 -31.64
CA LEU C 167 -3.72 46.91 -32.42
C LEU C 167 -4.42 45.71 -31.79
N TYR C 168 -5.70 45.89 -31.44
CA TYR C 168 -6.52 44.81 -30.88
C TYR C 168 -7.38 44.27 -32.02
N GLY C 169 -6.77 43.47 -32.87
CA GLY C 169 -7.44 42.91 -34.03
C GLY C 169 -7.70 41.43 -33.82
N SER C 170 -7.51 40.62 -34.86
CA SER C 170 -7.65 39.19 -34.66
C SER C 170 -6.65 38.66 -33.63
N ALA C 171 -5.50 39.31 -33.53
CA ALA C 171 -4.62 39.15 -32.39
C ALA C 171 -4.21 40.55 -31.95
N THR C 172 -3.56 40.60 -30.80
CA THR C 172 -3.11 41.87 -30.25
C THR C 172 -1.64 42.03 -30.58
N MET C 173 -1.30 43.13 -31.21
CA MET C 173 0.07 43.37 -31.62
C MET C 173 0.49 44.78 -31.22
N LEU C 174 1.71 44.89 -30.73
CA LEU C 174 2.33 46.18 -30.41
C LEU C 174 3.38 46.48 -31.46
N VAL C 175 3.29 47.67 -32.05
CA VAL C 175 4.27 48.16 -33.02
C VAL C 175 5.02 49.34 -32.37
N LEU C 176 6.34 49.23 -32.23
CA LEU C 176 7.18 50.25 -31.58
C LEU C 176 8.22 50.76 -32.56
N ALA C 177 8.23 52.07 -32.79
CA ALA C 177 9.17 52.71 -33.69
C ALA C 177 10.09 53.61 -32.89
N MET C 178 11.40 53.45 -33.08
CA MET C 178 12.38 54.33 -32.46
C MET C 178 13.45 54.61 -33.50
N ASP C 179 14.54 55.26 -33.06
CA ASP C 179 15.64 55.53 -33.98
C ASP C 179 16.22 54.25 -34.56
N CYS C 180 16.24 53.16 -33.79
CA CYS C 180 16.77 51.89 -34.29
C CYS C 180 15.86 51.23 -35.32
N GLY C 181 14.71 51.81 -35.63
CA GLY C 181 13.77 51.28 -36.60
C GLY C 181 12.46 50.89 -35.95
N VAL C 182 11.64 50.17 -36.71
CA VAL C 182 10.29 49.77 -36.31
C VAL C 182 10.33 48.28 -36.00
N ASN C 183 9.76 47.88 -34.86
CA ASN C 183 9.67 46.47 -34.48
C ASN C 183 8.26 46.10 -34.01
N CYS C 184 7.84 44.87 -34.29
CA CYS C 184 6.48 44.39 -34.04
C CYS C 184 6.44 43.22 -33.05
N PHE C 185 5.63 43.35 -32.01
CA PHE C 185 5.59 42.40 -30.91
C PHE C 185 4.18 41.85 -30.82
N MET C 186 4.06 40.53 -30.83
CA MET C 186 2.77 39.85 -30.74
C MET C 186 2.49 39.46 -29.29
N LEU C 187 1.34 39.85 -28.77
CA LEU C 187 0.98 39.49 -27.41
C LEU C 187 0.58 38.01 -27.41
N ASP C 188 1.32 37.20 -26.65
CA ASP C 188 0.92 35.82 -26.40
C ASP C 188 0.01 35.83 -25.18
N PRO C 189 -1.31 35.69 -25.36
CA PRO C 189 -2.21 35.79 -24.20
C PRO C 189 -2.07 34.65 -23.20
N ALA C 190 -1.47 33.52 -23.56
CA ALA C 190 -1.31 32.42 -22.61
C ALA C 190 -0.32 32.77 -21.50
N ILE C 191 0.60 33.72 -21.73
CA ILE C 191 1.61 34.10 -20.76
C ILE C 191 1.68 35.61 -20.54
N GLY C 192 0.93 36.41 -21.27
CA GLY C 192 0.96 37.85 -21.08
C GLY C 192 2.30 38.45 -21.38
N GLU C 193 2.88 38.09 -22.51
CA GLU C 193 4.17 38.64 -22.89
C GLU C 193 4.13 39.03 -24.37
N PHE C 194 4.73 40.17 -24.68
CA PHE C 194 4.88 40.61 -26.06
C PHE C 194 6.12 39.97 -26.69
N ILE C 195 5.89 39.17 -27.71
CA ILE C 195 6.95 38.40 -28.36
C ILE C 195 7.33 39.14 -29.63
N LEU C 196 8.62 39.40 -29.81
CA LEU C 196 9.10 40.04 -31.03
C LEU C 196 8.96 39.09 -32.24
N VAL C 197 8.12 39.46 -33.20
CA VAL C 197 7.94 38.63 -34.38
C VAL C 197 8.36 39.28 -35.69
N ASP C 198 8.52 40.60 -35.78
CA ASP C 198 8.94 41.25 -37.02
C ASP C 198 9.98 42.31 -36.69
N LYS C 199 11.20 42.13 -37.18
CA LYS C 199 12.34 42.98 -36.80
C LYS C 199 12.67 43.98 -37.89
N ASP C 200 12.85 45.22 -37.48
CA ASP C 200 13.35 46.29 -38.36
C ASP C 200 12.57 46.35 -39.68
N VAL C 201 11.26 46.48 -39.54
CA VAL C 201 10.34 46.35 -40.65
C VAL C 201 10.46 47.55 -41.59
N LYS C 202 10.32 47.29 -42.89
CA LYS C 202 10.32 48.30 -43.93
C LYS C 202 9.05 48.12 -44.77
N ILE C 203 8.45 49.24 -45.17
CA ILE C 203 7.24 49.20 -45.97
C ILE C 203 7.61 48.99 -47.43
N LYS C 204 6.73 48.33 -48.19
CA LYS C 204 6.98 48.18 -49.63
C LYS C 204 7.09 49.54 -50.29
N LYS C 205 7.93 49.60 -51.32
CA LYS C 205 8.13 50.85 -52.06
C LYS C 205 6.85 51.30 -52.73
N LYS C 206 6.03 50.36 -53.18
CA LYS C 206 4.77 50.66 -53.83
C LYS C 206 3.81 49.53 -53.53
N GLY C 207 2.58 49.87 -53.15
CA GLY C 207 1.57 48.89 -52.82
C GLY C 207 0.47 48.82 -53.86
N LYS C 208 -0.56 48.05 -53.54
CA LYS C 208 -1.66 47.83 -54.49
C LYS C 208 -3.03 48.05 -53.88
N ILE C 209 -3.09 48.74 -52.74
CA ILE C 209 -4.33 49.01 -52.02
C ILE C 209 -4.36 50.49 -51.69
N TYR C 210 -5.51 51.13 -51.92
CA TYR C 210 -5.73 52.48 -51.42
C TYR C 210 -6.87 52.42 -50.40
N SER C 211 -6.83 53.33 -49.45
CA SER C 211 -7.71 53.27 -48.29
C SER C 211 -8.20 54.67 -47.92
N LEU C 212 -9.50 54.92 -48.13
CA LEU C 212 -10.11 56.15 -47.64
C LEU C 212 -11.62 55.97 -47.69
N ASN C 213 -12.33 56.84 -46.97
CA ASN C 213 -13.80 56.82 -46.92
C ASN C 213 -14.32 57.50 -48.18
N GLU C 214 -14.63 56.72 -49.22
CA GLU C 214 -15.10 57.27 -50.49
C GLU C 214 -16.53 57.82 -50.43
N GLY C 215 -17.25 57.64 -49.32
CA GLY C 215 -18.55 58.26 -49.15
C GLY C 215 -18.50 59.78 -49.13
N TYR C 216 -17.32 60.35 -48.87
CA TYR C 216 -17.12 61.79 -48.91
C TYR C 216 -16.68 62.25 -50.28
N ALA C 217 -16.97 61.49 -51.33
CA ALA C 217 -16.50 61.84 -52.66
C ALA C 217 -17.03 63.19 -53.11
N LYS C 218 -18.26 63.55 -52.71
CA LYS C 218 -18.85 64.83 -53.09
C LYS C 218 -18.06 66.02 -52.57
N ASP C 219 -17.30 65.83 -51.49
CA ASP C 219 -16.56 66.91 -50.86
C ASP C 219 -15.08 66.90 -51.23
N PHE C 220 -14.65 65.94 -52.03
CA PHE C 220 -13.22 65.80 -52.32
C PHE C 220 -12.66 67.00 -53.07
N ASP C 221 -11.45 67.38 -52.69
CA ASP C 221 -10.63 68.29 -53.47
C ASP C 221 -10.30 67.67 -54.83
N PRO C 222 -10.11 68.50 -55.86
CA PRO C 222 -9.77 67.96 -57.19
C PRO C 222 -8.58 66.99 -57.22
N ALA C 223 -7.53 67.26 -56.42
CA ALA C 223 -6.37 66.37 -56.42
C ALA C 223 -6.71 64.98 -55.91
N VAL C 224 -7.49 64.90 -54.83
CA VAL C 224 -7.90 63.59 -54.30
C VAL C 224 -8.74 62.83 -55.31
N THR C 225 -9.73 63.50 -55.92
CA THR C 225 -10.58 62.86 -56.94
C THR C 225 -9.77 62.32 -58.11
N GLU C 226 -8.77 63.08 -58.58
CA GLU C 226 -7.96 62.60 -59.68
C GLU C 226 -7.14 61.38 -59.26
N TYR C 227 -6.51 61.43 -58.08
CA TYR C 227 -5.66 60.33 -57.65
C TYR C 227 -6.47 59.05 -57.51
N ILE C 228 -7.65 59.14 -56.89
CA ILE C 228 -8.50 57.95 -56.75
C ILE C 228 -8.90 57.42 -58.12
N GLN C 229 -9.23 58.34 -59.05
CA GLN C 229 -9.52 57.94 -60.43
C GLN C 229 -8.35 57.17 -61.02
N ARG C 230 -7.12 57.60 -60.76
CA ARG C 230 -5.96 56.90 -61.29
C ARG C 230 -5.81 55.51 -60.67
N LYS C 231 -6.27 55.32 -59.43
CA LYS C 231 -6.16 53.99 -58.84
C LYS C 231 -7.15 53.04 -59.48
N LYS C 232 -8.34 53.54 -59.84
CA LYS C 232 -9.37 52.71 -60.45
C LYS C 232 -9.22 52.58 -61.96
N PHE C 233 -8.77 53.63 -62.64
CA PHE C 233 -8.66 53.63 -64.10
C PHE C 233 -7.24 54.04 -64.46
N PRO C 234 -6.28 53.14 -64.29
CA PRO C 234 -4.87 53.51 -64.48
C PRO C 234 -4.61 53.91 -65.92
N PRO C 235 -3.88 55.02 -66.13
CA PRO C 235 -3.56 55.43 -67.51
C PRO C 235 -2.59 54.49 -68.21
N ASP C 236 -1.74 53.80 -67.45
CA ASP C 236 -0.65 53.01 -68.02
C ASP C 236 -0.97 51.53 -68.15
N ASN C 237 -2.26 51.18 -68.28
CA ASN C 237 -2.69 49.80 -68.55
C ASN C 237 -2.53 48.88 -67.33
N SER C 238 -1.80 49.31 -66.30
CA SER C 238 -1.53 48.47 -65.15
C SER C 238 -2.83 48.08 -64.40
N ALA C 239 -2.68 47.15 -63.47
CA ALA C 239 -3.84 46.67 -62.73
C ALA C 239 -4.36 47.76 -61.79
N PRO C 240 -5.68 47.91 -61.69
CA PRO C 240 -6.25 48.82 -60.69
C PRO C 240 -5.94 48.37 -59.27
N TYR C 241 -5.82 49.32 -58.37
CA TYR C 241 -5.64 49.02 -56.96
C TYR C 241 -6.95 48.48 -56.39
N GLY C 242 -6.83 47.61 -55.39
CA GLY C 242 -7.98 47.25 -54.58
C GLY C 242 -8.23 48.29 -53.49
N ALA C 243 -9.44 48.29 -52.96
CA ALA C 243 -9.82 49.25 -51.93
C ALA C 243 -10.09 48.52 -50.63
N ARG C 244 -9.66 49.11 -49.52
CA ARG C 244 -9.98 48.63 -48.18
C ARG C 244 -10.16 49.82 -47.26
N TYR C 245 -11.19 49.78 -46.41
CA TYR C 245 -11.35 50.85 -45.43
C TYR C 245 -12.14 50.30 -44.25
N VAL C 246 -11.43 50.03 -43.17
CA VAL C 246 -12.04 49.51 -41.96
C VAL C 246 -12.80 50.61 -41.21
N GLY C 247 -12.34 51.86 -41.29
CA GLY C 247 -12.91 52.92 -40.48
C GLY C 247 -12.30 53.01 -39.10
N SER C 248 -11.27 52.24 -38.82
CA SER C 248 -10.51 52.29 -37.58
C SER C 248 -9.07 52.53 -37.97
N MET C 249 -8.51 53.67 -37.55
CA MET C 249 -7.24 54.12 -38.13
C MET C 249 -6.10 53.13 -37.86
N VAL C 250 -6.05 52.54 -36.68
CA VAL C 250 -4.92 51.64 -36.37
C VAL C 250 -4.93 50.45 -37.31
N ALA C 251 -6.13 49.92 -37.60
CA ALA C 251 -6.28 48.78 -38.48
C ALA C 251 -5.92 49.14 -39.90
N ASP C 252 -6.39 50.30 -40.36
CA ASP C 252 -6.08 50.71 -41.73
C ASP C 252 -4.59 51.03 -41.88
N VAL C 253 -4.02 51.72 -40.91
CA VAL C 253 -2.60 52.03 -40.99
C VAL C 253 -1.76 50.76 -40.87
N HIS C 254 -2.13 49.86 -39.96
CA HIS C 254 -1.31 48.67 -39.80
C HIS C 254 -1.28 47.86 -41.07
N ARG C 255 -2.44 47.73 -41.73
CA ARG C 255 -2.49 47.05 -43.01
C ARG C 255 -1.59 47.73 -44.04
N THR C 256 -1.62 49.07 -44.07
CA THR C 256 -0.77 49.81 -44.99
C THR C 256 0.70 49.47 -44.75
N LEU C 257 1.10 49.35 -43.48
CA LEU C 257 2.48 48.98 -43.16
C LEU C 257 2.83 47.56 -43.61
N VAL C 258 1.90 46.62 -43.45
CA VAL C 258 2.21 45.21 -43.68
C VAL C 258 2.19 44.85 -45.16
N TYR C 259 1.20 45.36 -45.91
CA TYR C 259 1.01 45.01 -47.30
C TYR C 259 1.46 46.10 -48.26
N GLY C 260 1.71 47.31 -47.76
CA GLY C 260 1.95 48.45 -48.63
C GLY C 260 0.66 49.08 -49.11
N GLY C 261 0.81 50.17 -49.86
CA GLY C 261 -0.33 50.92 -50.34
C GLY C 261 -0.41 52.32 -49.76
N ILE C 262 -1.59 52.90 -49.67
CA ILE C 262 -1.73 54.29 -49.27
C ILE C 262 -3.02 54.45 -48.45
N PHE C 263 -2.94 55.29 -47.41
CA PHE C 263 -4.06 55.63 -46.55
C PHE C 263 -4.32 57.13 -46.60
N LEU C 264 -5.56 57.51 -46.80
CA LEU C 264 -5.92 58.92 -46.92
C LEU C 264 -7.08 59.24 -45.98
N TYR C 265 -6.94 60.29 -45.19
CA TYR C 265 -8.08 60.92 -44.53
C TYR C 265 -7.96 62.42 -44.78
N PRO C 266 -8.43 62.89 -45.93
CA PRO C 266 -8.26 64.30 -46.28
C PRO C 266 -9.37 65.14 -45.64
N ALA C 267 -9.21 66.46 -45.75
CA ALA C 267 -10.24 67.36 -45.28
C ALA C 267 -11.50 67.28 -46.14
N ASN C 268 -12.64 67.51 -45.51
CA ASN C 268 -13.92 67.60 -46.20
C ASN C 268 -14.69 68.76 -45.57
N LYS C 269 -15.97 68.90 -45.95
CA LYS C 269 -16.75 70.05 -45.51
C LYS C 269 -17.07 70.01 -44.02
N LYS C 270 -17.27 68.81 -43.46
CA LYS C 270 -17.46 68.75 -42.03
C LYS C 270 -16.17 69.05 -41.28
N SER C 271 -15.02 68.78 -41.90
CA SER C 271 -13.71 68.90 -41.26
C SER C 271 -12.72 69.63 -42.17
N PRO C 272 -12.80 70.96 -42.26
CA PRO C 272 -11.91 71.69 -43.18
C PRO C 272 -10.43 71.70 -42.75
N ASN C 273 -10.09 71.34 -41.51
CA ASN C 273 -8.71 71.12 -41.10
C ASN C 273 -8.41 69.62 -40.95
N GLY C 274 -9.19 68.78 -41.64
CA GLY C 274 -9.08 67.33 -41.54
C GLY C 274 -9.83 66.80 -40.33
N LYS C 275 -9.82 65.49 -40.18
CA LYS C 275 -10.56 64.89 -39.07
C LYS C 275 -9.67 64.26 -38.01
N LEU C 276 -8.60 63.59 -38.42
CA LEU C 276 -7.74 62.90 -37.47
C LEU C 276 -6.93 63.91 -36.65
N ARG C 277 -6.66 63.59 -35.39
CA ARG C 277 -5.98 64.51 -34.48
C ARG C 277 -4.48 64.44 -34.69
N LEU C 278 -3.84 65.61 -34.72
CA LEU C 278 -2.42 65.66 -35.06
C LEU C 278 -1.56 65.02 -33.98
N LEU C 279 -1.86 65.29 -32.71
CA LEU C 279 -0.89 65.00 -31.66
C LEU C 279 -0.78 63.51 -31.38
N TYR C 280 -1.91 62.82 -31.30
CA TYR C 280 -1.90 61.43 -30.85
C TYR C 280 -2.50 60.48 -31.90
N GLU C 281 -2.70 60.93 -33.13
CA GLU C 281 -3.07 60.02 -34.21
C GLU C 281 -2.14 60.21 -35.40
N CYS C 282 -2.04 61.44 -35.92
CA CYS C 282 -1.24 61.67 -37.12
C CYS C 282 0.27 61.56 -36.84
N ASN C 283 0.75 62.24 -35.80
CA ASN C 283 2.19 62.19 -35.56
C ASN C 283 2.72 60.78 -35.24
N PRO C 284 2.15 60.02 -34.31
CA PRO C 284 2.72 58.69 -34.04
C PRO C 284 2.72 57.82 -35.27
N MET C 285 1.63 57.82 -36.03
CA MET C 285 1.57 57.02 -37.24
C MET C 285 2.54 57.54 -38.29
N ALA C 286 2.66 58.87 -38.44
CA ALA C 286 3.64 59.41 -39.37
C ALA C 286 5.04 59.00 -38.96
N TYR C 287 5.33 59.02 -37.67
CA TYR C 287 6.65 58.62 -37.19
C TYR C 287 6.94 57.16 -37.51
N VAL C 288 5.97 56.27 -37.22
CA VAL C 288 6.12 54.86 -37.61
C VAL C 288 6.36 54.73 -39.10
N MET C 289 5.58 55.47 -39.91
CA MET C 289 5.74 55.38 -41.36
C MET C 289 7.14 55.81 -41.79
N GLU C 290 7.65 56.93 -41.27
CA GLU C 290 8.97 57.36 -41.75
C GLU C 290 10.06 56.41 -41.28
N LYS C 291 9.98 55.92 -40.04
CA LYS C 291 10.98 54.96 -39.62
C LYS C 291 10.90 53.64 -40.39
N ALA C 292 9.76 53.32 -41.00
CA ALA C 292 9.62 52.13 -41.83
C ALA C 292 9.99 52.40 -43.29
N GLY C 293 10.52 53.59 -43.59
CA GLY C 293 10.85 53.97 -44.96
C GLY C 293 9.65 54.45 -45.76
N GLY C 294 8.55 54.79 -45.10
CA GLY C 294 7.36 55.30 -45.76
C GLY C 294 7.29 56.81 -45.71
N MET C 295 6.11 57.31 -46.02
CA MET C 295 5.89 58.73 -46.08
C MET C 295 4.57 59.11 -45.44
N ALA C 296 4.51 60.36 -44.99
CA ALA C 296 3.29 60.89 -44.38
C ALA C 296 3.24 62.39 -44.64
N THR C 297 2.25 62.84 -45.41
CA THR C 297 2.14 64.24 -45.79
C THR C 297 0.74 64.75 -45.48
N THR C 298 0.65 66.06 -45.24
CA THR C 298 -0.66 66.71 -45.24
C THR C 298 -1.08 67.16 -46.63
N GLY C 299 -0.24 66.96 -47.63
CA GLY C 299 -0.44 67.57 -48.92
C GLY C 299 0.46 68.79 -49.05
N LYS C 300 0.45 69.64 -48.04
CA LYS C 300 1.27 70.85 -48.04
C LYS C 300 2.66 70.63 -47.47
N GLU C 301 2.80 69.74 -46.49
CA GLU C 301 4.08 69.53 -45.82
C GLU C 301 4.05 68.15 -45.17
N ALA C 302 5.23 67.71 -44.74
CA ALA C 302 5.34 66.49 -43.96
C ALA C 302 4.57 66.67 -42.65
N VAL C 303 3.82 65.63 -42.28
CA VAL C 303 3.04 65.67 -41.04
C VAL C 303 3.94 65.99 -39.85
N LEU C 304 5.10 65.32 -39.78
CA LEU C 304 5.96 65.45 -38.61
C LEU C 304 6.57 66.84 -38.46
N ASP C 305 6.48 67.69 -39.49
CA ASP C 305 6.98 69.06 -39.44
C ASP C 305 5.89 70.08 -39.05
N VAL C 306 4.62 69.69 -38.99
CA VAL C 306 3.59 70.63 -38.56
C VAL C 306 3.85 71.03 -37.12
N ILE C 307 3.88 72.34 -36.87
CA ILE C 307 4.06 72.87 -35.53
C ILE C 307 2.66 73.05 -34.92
N PRO C 308 2.28 72.25 -33.93
CA PRO C 308 0.94 72.38 -33.36
C PRO C 308 0.77 73.60 -32.46
N THR C 309 -0.47 74.11 -32.43
CA THR C 309 -0.85 75.18 -31.53
C THR C 309 -1.93 74.79 -30.55
N ASP C 310 -2.61 73.67 -30.75
CA ASP C 310 -3.72 73.22 -29.91
C ASP C 310 -3.62 71.70 -29.75
N ILE C 311 -3.85 71.22 -28.54
CA ILE C 311 -3.55 69.82 -28.30
C ILE C 311 -4.52 68.88 -29.02
N HIS C 312 -5.72 69.33 -29.37
CA HIS C 312 -6.65 68.45 -30.05
C HIS C 312 -6.85 68.84 -31.50
N GLN C 313 -5.91 69.61 -32.07
CA GLN C 313 -6.11 70.13 -33.41
C GLN C 313 -6.04 68.99 -34.43
N ARG C 314 -6.74 69.17 -35.53
CA ARG C 314 -6.84 68.15 -36.55
C ARG C 314 -5.88 68.45 -37.69
N ALA C 315 -5.67 67.46 -38.53
CA ALA C 315 -4.83 67.57 -39.71
C ALA C 315 -5.30 66.59 -40.78
N PRO C 316 -5.26 66.96 -42.04
CA PRO C 316 -5.39 65.95 -43.09
C PRO C 316 -4.13 65.11 -43.14
N VAL C 317 -4.27 63.86 -43.58
CA VAL C 317 -3.11 62.98 -43.60
C VAL C 317 -3.25 62.04 -44.80
N ILE C 318 -2.16 61.91 -45.56
CA ILE C 318 -1.99 60.89 -46.58
C ILE C 318 -0.68 60.19 -46.28
N LEU C 319 -0.72 58.86 -46.14
CA LEU C 319 0.49 58.15 -45.71
C LEU C 319 0.57 56.76 -46.30
N GLY C 320 1.78 56.20 -46.26
CA GLY C 320 2.01 54.85 -46.73
C GLY C 320 3.24 54.67 -47.59
N SER C 321 3.16 53.74 -48.54
CA SER C 321 4.30 53.43 -49.39
C SER C 321 4.81 54.67 -50.11
N PRO C 322 6.13 54.86 -50.18
CA PRO C 322 6.67 56.12 -50.71
C PRO C 322 6.34 56.39 -52.17
N ASP C 323 6.38 55.39 -53.04
CA ASP C 323 6.01 55.63 -54.43
C ASP C 323 4.54 56.03 -54.55
N ASP C 324 3.69 55.53 -53.66
CA ASP C 324 2.28 55.90 -53.74
C ASP C 324 2.03 57.31 -53.22
N VAL C 325 2.69 57.70 -52.13
CA VAL C 325 2.52 59.05 -51.60
C VAL C 325 3.12 60.07 -52.54
N LEU C 326 4.29 59.75 -53.13
CA LEU C 326 4.89 60.61 -54.16
C LEU C 326 3.98 60.74 -55.38
N GLU C 327 3.28 59.67 -55.76
CA GLU C 327 2.35 59.81 -56.89
C GLU C 327 1.21 60.76 -56.54
N PHE C 328 0.69 60.67 -55.31
CA PHE C 328 -0.36 61.60 -54.90
C PHE C 328 0.14 63.04 -54.90
N LEU C 329 1.37 63.27 -54.42
CA LEU C 329 1.91 64.63 -54.38
C LEU C 329 2.06 65.20 -55.78
N LYS C 330 2.42 64.35 -56.76
CA LYS C 330 2.44 64.78 -58.15
C LYS C 330 1.09 65.33 -58.58
N VAL C 331 0.02 64.61 -58.29
CA VAL C 331 -1.31 65.11 -58.64
C VAL C 331 -1.63 66.37 -57.86
N TYR C 332 -1.23 66.41 -56.60
CA TYR C 332 -1.48 67.59 -55.75
C TYR C 332 -0.77 68.83 -56.30
N GLU C 333 0.45 68.68 -56.80
CA GLU C 333 1.16 69.82 -57.37
C GLU C 333 0.53 70.25 -58.69
N LYS C 334 -0.01 69.30 -59.45
CA LYS C 334 -0.69 69.61 -60.70
C LYS C 334 -1.88 70.53 -60.47
N HIS C 335 -2.59 70.35 -59.36
CA HIS C 335 -3.74 71.17 -59.03
C HIS C 335 -3.37 72.35 -58.14
N SER C 336 -2.12 72.82 -58.25
CA SER C 336 -1.58 73.94 -57.48
C SER C 336 -1.63 73.73 -55.99
N ASP D 10 -31.95 37.22 -15.94
CA ASP D 10 -31.18 35.99 -15.69
C ASP D 10 -30.14 35.79 -16.79
N VAL D 11 -28.91 35.49 -16.36
CA VAL D 11 -27.83 35.23 -17.31
C VAL D 11 -28.17 33.99 -18.12
N ASN D 12 -27.69 33.97 -19.37
CA ASN D 12 -27.90 32.83 -20.25
C ASN D 12 -26.61 32.58 -21.03
N THR D 13 -26.36 31.30 -21.33
CA THR D 13 -25.23 30.89 -22.16
C THR D 13 -25.75 30.24 -23.44
N LEU D 14 -24.84 30.10 -24.41
CA LEU D 14 -25.19 29.44 -25.67
C LEU D 14 -25.70 28.02 -25.44
N THR D 15 -24.94 27.22 -24.68
CA THR D 15 -25.34 25.84 -24.46
C THR D 15 -26.68 25.77 -23.72
N ARG D 16 -26.85 26.60 -22.70
CA ARG D 16 -28.10 26.65 -21.95
C ARG D 16 -29.24 27.14 -22.83
N PHE D 17 -28.98 28.15 -23.68
CA PHE D 17 -30.00 28.62 -24.62
C PHE D 17 -30.47 27.52 -25.56
N VAL D 18 -29.52 26.82 -26.18
CA VAL D 18 -29.85 25.80 -27.17
C VAL D 18 -30.58 24.64 -26.52
N MET D 19 -30.13 24.25 -25.33
CA MET D 19 -30.83 23.20 -24.60
C MET D 19 -32.28 23.59 -24.36
N GLU D 20 -32.52 24.84 -23.95
CA GLU D 20 -33.88 25.25 -23.66
C GLU D 20 -34.72 25.27 -24.93
N GLU D 21 -34.17 25.77 -26.04
CA GLU D 21 -34.91 25.71 -27.30
C GLU D 21 -35.15 24.28 -27.74
N GLY D 22 -34.17 23.39 -27.50
CA GLY D 22 -34.35 22.00 -27.86
C GLY D 22 -35.49 21.34 -27.09
N ARG D 23 -35.53 21.56 -25.77
CA ARG D 23 -36.61 21.00 -24.98
C ARG D 23 -37.96 21.59 -25.41
N LYS D 24 -38.01 22.88 -25.71
CA LYS D 24 -39.26 23.45 -26.23
C LYS D 24 -39.76 22.68 -27.45
N ALA D 25 -38.87 22.41 -28.41
CA ALA D 25 -39.22 21.70 -29.62
C ALA D 25 -39.35 20.20 -29.41
N ARG D 26 -38.91 19.68 -28.26
CA ARG D 26 -38.98 18.25 -27.95
C ARG D 26 -38.23 17.39 -28.96
N GLY D 27 -37.10 17.89 -29.43
CA GLY D 27 -36.26 17.14 -30.36
C GLY D 27 -35.41 16.09 -29.63
N THR D 28 -34.69 15.30 -30.42
CA THR D 28 -33.94 14.19 -29.85
C THR D 28 -32.71 14.62 -29.07
N GLY D 29 -32.19 15.82 -29.34
CA GLY D 29 -30.96 16.30 -28.75
C GLY D 29 -29.80 16.38 -29.70
N GLU D 30 -29.93 15.80 -30.91
CA GLU D 30 -28.83 15.78 -31.86
C GLU D 30 -28.38 17.18 -32.28
N LEU D 31 -29.33 18.09 -32.56
CA LEU D 31 -28.91 19.43 -33.00
C LEU D 31 -28.17 20.17 -31.89
N THR D 32 -28.61 20.01 -30.65
CA THR D 32 -27.90 20.55 -29.51
C THR D 32 -26.50 19.96 -29.40
N GLN D 33 -26.38 18.64 -29.63
CA GLN D 33 -25.05 18.02 -29.63
C GLN D 33 -24.14 18.59 -30.71
N LEU D 34 -24.69 18.82 -31.91
CA LEU D 34 -23.93 19.42 -32.99
C LEU D 34 -23.45 20.84 -32.64
N LEU D 35 -24.37 21.70 -32.19
CA LEU D 35 -24.01 23.09 -31.93
C LEU D 35 -23.05 23.21 -30.75
N ASN D 36 -23.21 22.35 -29.74
CA ASN D 36 -22.24 22.37 -28.65
C ASN D 36 -20.86 21.96 -29.15
N SER D 37 -20.81 21.02 -30.09
CA SER D 37 -19.55 20.62 -30.68
C SER D 37 -18.93 21.75 -31.50
N LEU D 38 -19.75 22.45 -32.31
CA LEU D 38 -19.23 23.56 -33.10
C LEU D 38 -18.71 24.66 -32.20
N CYS D 39 -19.44 24.94 -31.11
CA CYS D 39 -19.06 25.95 -30.12
C CYS D 39 -17.70 25.65 -29.48
N THR D 40 -17.43 24.38 -29.15
CA THR D 40 -16.12 24.00 -28.64
C THR D 40 -15.04 24.27 -29.68
N ALA D 41 -15.34 23.95 -30.95
CA ALA D 41 -14.39 24.19 -32.04
C ALA D 41 -14.11 25.68 -32.22
N VAL D 42 -15.15 26.52 -32.16
CA VAL D 42 -14.99 27.97 -32.32
C VAL D 42 -14.14 28.57 -31.20
N LYS D 43 -14.30 28.05 -29.99
CA LYS D 43 -13.46 28.51 -28.90
C LYS D 43 -11.99 28.13 -29.13
N ALA D 44 -11.74 26.98 -29.76
CA ALA D 44 -10.37 26.60 -30.05
C ALA D 44 -9.80 27.46 -31.15
N ILE D 45 -10.62 27.79 -32.14
CA ILE D 45 -10.18 28.67 -33.23
C ILE D 45 -9.83 30.06 -32.67
N SER D 46 -10.72 30.64 -31.85
CA SER D 46 -10.46 31.95 -31.28
C SER D 46 -9.16 31.95 -30.52
N SER D 47 -8.92 30.91 -29.74
CA SER D 47 -7.69 30.82 -28.97
C SER D 47 -6.46 30.84 -29.86
N ALA D 48 -6.48 30.07 -30.96
CA ALA D 48 -5.35 30.09 -31.89
C ALA D 48 -5.24 31.40 -32.67
N VAL D 49 -6.40 31.97 -33.08
CA VAL D 49 -6.41 33.25 -33.83
C VAL D 49 -5.77 34.35 -33.01
N ARG D 50 -6.07 34.40 -31.71
CA ARG D 50 -5.48 35.36 -30.81
C ARG D 50 -4.03 34.99 -30.46
N LYS D 51 -3.48 33.92 -31.04
CA LYS D 51 -2.05 33.61 -30.97
C LYS D 51 -1.63 33.13 -29.59
N ALA D 52 -2.52 32.43 -28.88
CA ALA D 52 -2.12 31.76 -27.65
C ALA D 52 -1.03 30.74 -27.97
N GLY D 53 0.05 30.77 -27.21
CA GLY D 53 1.14 29.85 -27.43
C GLY D 53 2.15 30.27 -28.49
N ILE D 54 2.00 31.46 -29.08
CA ILE D 54 2.94 31.89 -30.13
C ILE D 54 4.37 31.96 -29.60
N ALA D 55 4.54 32.15 -28.28
CA ALA D 55 5.90 32.18 -27.75
C ALA D 55 6.64 30.88 -28.06
N HIS D 56 5.94 29.74 -28.08
CA HIS D 56 6.64 28.49 -28.33
C HIS D 56 7.05 28.38 -29.79
N LEU D 57 6.26 28.93 -30.70
CA LEU D 57 6.68 28.91 -32.09
C LEU D 57 7.92 29.75 -32.31
N TYR D 58 8.23 30.69 -31.39
CA TYR D 58 9.36 31.60 -31.53
C TYR D 58 10.54 31.27 -30.59
N GLY D 59 10.61 30.06 -30.07
CA GLY D 59 11.83 29.57 -29.43
C GLY D 59 11.99 29.88 -27.97
N ILE D 60 10.89 30.14 -27.25
CA ILE D 60 11.00 30.43 -25.83
C ILE D 60 11.54 29.24 -25.05
N ALA D 61 11.31 28.01 -25.54
CA ALA D 61 11.82 26.81 -24.89
C ALA D 61 13.02 26.20 -25.62
N GLY D 62 13.68 26.95 -26.49
CA GLY D 62 14.86 26.47 -27.20
C GLY D 62 14.61 25.99 -28.61
N LYS D 73 -1.05 27.63 -41.74
CA LYS D 73 -1.43 26.69 -40.71
C LYS D 73 -2.76 27.02 -40.04
N LEU D 74 -3.10 28.31 -39.94
CA LEU D 74 -4.28 28.69 -39.16
C LEU D 74 -5.56 28.14 -39.81
N ASP D 75 -5.67 28.24 -41.13
CA ASP D 75 -6.89 27.72 -41.75
C ASP D 75 -6.91 26.19 -41.81
N VAL D 76 -5.73 25.55 -41.85
CA VAL D 76 -5.71 24.09 -41.80
C VAL D 76 -6.11 23.62 -40.42
N LEU D 77 -5.53 24.23 -39.37
CA LEU D 77 -5.95 23.90 -38.02
C LEU D 77 -7.44 24.18 -37.82
N SER D 78 -7.93 25.33 -38.30
CA SER D 78 -9.35 25.68 -38.13
C SER D 78 -10.25 24.62 -38.76
N ASN D 79 -9.88 24.19 -39.97
CA ASN D 79 -10.65 23.15 -40.64
C ASN D 79 -10.64 21.85 -39.84
N ASP D 80 -9.47 21.46 -39.31
CA ASP D 80 -9.38 20.21 -38.54
C ASP D 80 -10.19 20.27 -37.25
N LEU D 81 -10.23 21.45 -36.60
CA LEU D 81 -11.00 21.57 -35.38
C LEU D 81 -12.50 21.35 -35.66
N VAL D 82 -13.05 22.04 -36.68
CA VAL D 82 -14.47 21.90 -36.99
C VAL D 82 -14.79 20.49 -37.51
N MET D 83 -13.98 19.97 -38.45
CA MET D 83 -14.22 18.61 -38.97
C MET D 83 -14.25 17.60 -37.83
N ASN D 84 -13.25 17.64 -36.96
CA ASN D 84 -13.14 16.64 -35.91
C ASN D 84 -14.26 16.79 -34.88
N MET D 85 -14.59 18.02 -34.50
CA MET D 85 -15.65 18.18 -33.52
C MET D 85 -17.01 17.80 -34.09
N LEU D 86 -17.24 18.09 -35.37
CA LEU D 86 -18.50 17.71 -35.98
C LEU D 86 -18.61 16.19 -36.19
N LYS D 87 -17.54 15.56 -36.68
CA LYS D 87 -17.52 14.11 -36.85
C LYS D 87 -17.83 13.40 -35.53
N SER D 88 -17.05 13.70 -34.49
CA SER D 88 -17.18 13.09 -33.19
C SER D 88 -18.49 13.44 -32.50
N SER D 89 -19.32 14.31 -33.10
CA SER D 89 -20.59 14.69 -32.49
C SER D 89 -21.67 13.63 -32.64
N PHE D 90 -21.52 12.71 -33.58
CA PHE D 90 -22.56 11.73 -33.91
C PHE D 90 -23.82 12.43 -34.44
N ALA D 91 -23.69 13.67 -34.92
CA ALA D 91 -24.83 14.44 -35.40
C ALA D 91 -24.77 14.74 -36.90
N THR D 92 -23.71 14.35 -37.59
CA THR D 92 -23.53 14.72 -38.98
C THR D 92 -23.35 13.50 -39.88
N CYS D 93 -23.59 13.69 -41.17
CA CYS D 93 -23.31 12.64 -42.14
C CYS D 93 -22.54 13.17 -43.34
N VAL D 94 -22.75 14.44 -43.71
CA VAL D 94 -22.02 15.03 -44.83
C VAL D 94 -21.51 16.40 -44.40
N LEU D 95 -20.22 16.66 -44.65
CA LEU D 95 -19.58 17.93 -44.24
C LEU D 95 -18.94 18.57 -45.46
N VAL D 96 -19.33 19.81 -45.76
CA VAL D 96 -18.76 20.56 -46.88
C VAL D 96 -17.93 21.71 -46.30
N SER D 97 -16.70 21.83 -46.77
CA SER D 97 -15.82 22.86 -46.26
C SER D 97 -15.17 23.61 -47.42
N GLU D 98 -14.98 24.90 -47.22
CA GLU D 98 -14.17 25.68 -48.15
C GLU D 98 -12.79 25.04 -48.40
N GLU D 99 -12.27 24.33 -47.41
CA GLU D 99 -10.91 23.78 -47.49
C GLU D 99 -10.83 22.45 -48.24
N ASP D 100 -11.95 21.79 -48.50
CA ASP D 100 -11.95 20.42 -49.02
C ASP D 100 -12.61 20.39 -50.39
N LYS D 101 -11.89 19.82 -51.37
CA LYS D 101 -12.40 19.78 -52.73
C LYS D 101 -13.73 19.01 -52.81
N HIS D 102 -13.81 17.89 -52.11
CA HIS D 102 -15.02 17.08 -52.14
C HIS D 102 -15.70 17.13 -50.78
N ALA D 103 -16.99 16.80 -50.78
CA ALA D 103 -17.70 16.70 -49.53
C ALA D 103 -17.07 15.60 -48.69
N ILE D 104 -17.04 15.79 -47.39
CA ILE D 104 -16.56 14.75 -46.49
C ILE D 104 -17.77 13.95 -46.02
N ILE D 105 -17.70 12.63 -46.16
CA ILE D 105 -18.75 11.71 -45.72
C ILE D 105 -18.33 11.11 -44.39
N VAL D 106 -19.12 11.33 -43.35
CA VAL D 106 -18.84 10.79 -42.03
C VAL D 106 -18.95 9.26 -42.05
N GLU D 107 -18.03 8.59 -41.36
CA GLU D 107 -18.01 7.13 -41.31
C GLU D 107 -19.26 6.60 -40.61
N PRO D 108 -19.75 5.42 -41.00
CA PRO D 108 -21.09 4.99 -40.56
C PRO D 108 -21.29 5.01 -39.05
N GLU D 109 -20.28 4.65 -38.26
CA GLU D 109 -20.49 4.55 -36.82
C GLU D 109 -20.70 5.90 -36.16
N LYS D 110 -20.42 7.01 -36.86
CA LYS D 110 -20.60 8.33 -36.31
C LYS D 110 -21.71 9.11 -36.98
N ARG D 111 -22.47 8.50 -37.89
CA ARG D 111 -23.37 9.28 -38.73
C ARG D 111 -24.57 9.77 -37.93
N GLY D 112 -24.90 11.04 -38.13
CA GLY D 112 -26.10 11.63 -37.61
C GLY D 112 -26.92 12.19 -38.75
N LYS D 113 -27.92 13.00 -38.45
CA LYS D 113 -28.93 13.36 -39.44
C LYS D 113 -28.70 14.71 -40.11
N TYR D 114 -27.60 15.41 -39.83
CA TYR D 114 -27.45 16.76 -40.35
C TYR D 114 -26.28 16.87 -41.34
N VAL D 115 -26.43 17.83 -42.26
CA VAL D 115 -25.40 18.18 -43.23
C VAL D 115 -24.92 19.58 -42.86
N VAL D 116 -23.62 19.76 -42.77
CA VAL D 116 -23.06 21.04 -42.34
C VAL D 116 -22.12 21.56 -43.43
N CYS D 117 -22.40 22.77 -43.91
CA CYS D 117 -21.54 23.51 -44.81
C CYS D 117 -20.85 24.63 -44.04
N PHE D 118 -19.53 24.73 -44.16
CA PHE D 118 -18.89 25.73 -43.33
C PHE D 118 -17.61 26.23 -43.98
N ASP D 119 -17.23 27.45 -43.60
CA ASP D 119 -15.95 28.06 -43.91
C ASP D 119 -15.18 28.20 -42.60
N PRO D 120 -14.16 27.39 -42.37
CA PRO D 120 -13.55 27.35 -41.02
C PRO D 120 -12.89 28.65 -40.62
N LEU D 121 -12.30 29.35 -41.57
CA LEU D 121 -11.66 30.61 -41.20
C LEU D 121 -11.79 31.56 -42.40
N ASP D 122 -12.91 32.26 -42.47
CA ASP D 122 -13.10 33.19 -43.57
C ASP D 122 -12.33 34.47 -43.34
N GLY D 123 -11.69 34.96 -44.40
CA GLY D 123 -10.88 36.15 -44.32
C GLY D 123 -9.42 35.91 -43.96
N SER D 124 -9.02 34.65 -43.79
CA SER D 124 -7.67 34.33 -43.30
C SER D 124 -6.56 34.65 -44.29
N SER D 125 -6.88 34.92 -45.56
CA SER D 125 -5.85 35.31 -46.52
C SER D 125 -5.10 36.56 -46.06
N ASN D 126 -5.81 37.51 -45.45
CA ASN D 126 -5.21 38.77 -45.00
C ASN D 126 -4.94 38.79 -43.50
N ILE D 127 -4.86 37.62 -42.85
CA ILE D 127 -4.63 37.57 -41.42
C ILE D 127 -3.25 38.08 -41.01
N ASP D 128 -2.34 38.26 -41.98
CA ASP D 128 -1.03 38.85 -41.72
C ASP D 128 -1.14 40.28 -41.19
N CYS D 129 -2.21 40.99 -41.54
CA CYS D 129 -2.42 42.34 -41.05
C CYS D 129 -3.36 42.37 -39.85
N LEU D 130 -3.70 41.19 -39.32
CA LEU D 130 -4.55 41.00 -38.15
C LEU D 130 -5.96 41.56 -38.34
N VAL D 131 -6.44 41.57 -39.58
CA VAL D 131 -7.84 41.90 -39.86
C VAL D 131 -8.76 40.88 -39.17
N SER D 132 -9.95 41.34 -38.77
CA SER D 132 -10.98 40.42 -38.29
C SER D 132 -11.16 39.26 -39.24
N VAL D 133 -11.30 38.08 -38.67
CA VAL D 133 -11.58 36.86 -39.41
C VAL D 133 -12.78 36.19 -38.76
N GLY D 134 -13.23 35.11 -39.38
CA GLY D 134 -14.44 34.52 -38.85
C GLY D 134 -14.69 33.14 -39.41
N THR D 135 -15.58 32.44 -38.73
CA THR D 135 -16.09 31.11 -39.08
C THR D 135 -17.56 31.24 -39.45
N ILE D 136 -17.94 30.68 -40.59
CA ILE D 136 -19.32 30.69 -41.08
C ILE D 136 -19.78 29.24 -41.17
N PHE D 137 -21.05 28.96 -40.83
CA PHE D 137 -21.61 27.62 -40.91
C PHE D 137 -23.10 27.66 -41.29
N GLY D 138 -23.55 26.61 -41.95
CA GLY D 138 -24.97 26.37 -42.22
C GLY D 138 -25.38 24.92 -42.03
N ILE D 139 -26.53 24.67 -41.42
CA ILE D 139 -26.88 23.32 -41.00
C ILE D 139 -28.19 22.90 -41.67
N TYR D 140 -28.14 21.79 -42.40
CA TYR D 140 -29.29 21.23 -43.10
C TYR D 140 -29.63 19.85 -42.54
N ARG D 141 -30.88 19.47 -42.73
CA ARG D 141 -31.38 18.15 -42.40
C ARG D 141 -31.23 17.28 -43.65
N LYS D 142 -30.63 16.09 -43.50
CA LYS D 142 -30.52 15.19 -44.64
C LYS D 142 -31.94 14.78 -45.06
N LYS D 143 -32.23 14.85 -46.34
CA LYS D 143 -33.61 14.69 -46.80
C LYS D 143 -33.98 13.29 -47.27
N SER D 144 -33.05 12.53 -47.83
CA SER D 144 -33.33 11.16 -48.28
C SER D 144 -32.71 10.13 -47.34
N THR D 145 -33.16 8.88 -47.49
CA THR D 145 -32.57 7.75 -46.81
C THR D 145 -31.48 7.06 -47.62
N ASP D 146 -31.09 7.62 -48.77
CA ASP D 146 -30.02 7.02 -49.54
C ASP D 146 -28.72 7.01 -48.73
N GLU D 147 -27.70 6.35 -49.29
CA GLU D 147 -26.36 6.46 -48.72
C GLU D 147 -25.91 7.92 -48.79
N PRO D 148 -25.32 8.45 -47.73
CA PRO D 148 -24.91 9.86 -47.74
C PRO D 148 -23.90 10.14 -48.84
N SER D 149 -24.08 11.28 -49.50
CA SER D 149 -23.24 11.66 -50.62
C SER D 149 -23.19 13.19 -50.73
N GLU D 150 -22.34 13.65 -51.63
CA GLU D 150 -22.17 15.07 -51.84
C GLU D 150 -23.49 15.77 -52.21
N LYS D 151 -24.38 15.07 -52.92
CA LYS D 151 -25.65 15.66 -53.36
C LYS D 151 -26.53 16.13 -52.20
N ASP D 152 -26.34 15.59 -50.99
CA ASP D 152 -27.09 15.95 -49.78
C ASP D 152 -26.78 17.37 -49.30
N ALA D 153 -25.70 17.98 -49.80
CA ALA D 153 -25.36 19.37 -49.52
C ALA D 153 -25.93 20.35 -50.54
N LEU D 154 -26.51 19.86 -51.64
CA LEU D 154 -26.98 20.73 -52.72
C LEU D 154 -28.43 21.17 -52.54
N GLN D 155 -28.82 21.57 -51.30
CA GLN D 155 -30.13 22.09 -50.96
C GLN D 155 -30.14 23.62 -51.00
N PRO D 156 -31.26 24.21 -51.39
CA PRO D 156 -31.38 25.67 -51.29
C PRO D 156 -31.35 26.12 -49.83
N GLY D 157 -30.89 27.36 -49.62
CA GLY D 157 -30.78 27.90 -48.28
C GLY D 157 -32.10 27.97 -47.54
N ARG D 158 -33.23 27.98 -48.27
CA ARG D 158 -34.53 27.89 -47.62
C ARG D 158 -34.59 26.70 -46.68
N ASN D 159 -33.84 25.64 -47.00
CA ASN D 159 -33.90 24.40 -46.21
C ASN D 159 -33.04 24.45 -44.96
N LEU D 160 -32.40 25.58 -44.68
CA LEU D 160 -31.51 25.66 -43.53
C LEU D 160 -32.29 25.44 -42.24
N VAL D 161 -31.72 24.65 -41.34
CA VAL D 161 -32.28 24.51 -40.00
C VAL D 161 -31.68 25.52 -39.03
N ALA D 162 -30.38 25.79 -39.19
CA ALA D 162 -29.70 26.78 -38.39
C ALA D 162 -28.53 27.28 -39.20
N ALA D 163 -28.10 28.51 -38.92
CA ALA D 163 -26.93 29.06 -39.58
C ALA D 163 -26.36 30.17 -38.71
N GLY D 164 -25.12 30.56 -39.00
CA GLY D 164 -24.54 31.71 -38.32
C GLY D 164 -23.05 31.82 -38.56
N TYR D 165 -22.39 32.55 -37.66
CA TYR D 165 -20.98 32.81 -37.82
C TYR D 165 -20.36 33.14 -36.48
N ALA D 166 -19.06 32.86 -36.39
CA ALA D 166 -18.24 33.39 -35.30
C ALA D 166 -17.40 34.51 -35.88
N LEU D 167 -17.38 35.64 -35.18
CA LEU D 167 -16.51 36.77 -35.58
C LEU D 167 -15.37 36.91 -34.57
N TYR D 168 -14.13 36.75 -35.04
CA TYR D 168 -12.95 36.93 -34.18
C TYR D 168 -12.41 38.33 -34.42
N GLY D 169 -13.07 39.30 -33.80
CA GLY D 169 -12.77 40.72 -33.98
C GLY D 169 -12.11 41.30 -32.74
N SER D 170 -12.48 42.51 -32.33
CA SER D 170 -11.94 43.05 -31.09
C SER D 170 -12.33 42.18 -29.92
N ALA D 171 -13.49 41.53 -30.01
CA ALA D 171 -13.87 40.42 -29.14
C ALA D 171 -14.41 39.28 -30.01
N THR D 172 -14.65 38.12 -29.40
CA THR D 172 -15.17 36.99 -30.14
C THR D 172 -16.67 36.83 -29.89
N MET D 173 -17.43 36.76 -30.98
CA MET D 173 -18.89 36.69 -30.91
C MET D 173 -19.45 35.63 -31.84
N LEU D 174 -20.42 34.88 -31.32
CA LEU D 174 -21.15 33.88 -32.07
C LEU D 174 -22.55 34.38 -32.33
N VAL D 175 -22.91 34.47 -33.61
CA VAL D 175 -24.24 34.89 -34.04
C VAL D 175 -24.94 33.64 -34.56
N LEU D 176 -26.06 33.27 -33.93
CA LEU D 176 -26.79 32.05 -34.24
C LEU D 176 -28.20 32.40 -34.69
N ALA D 177 -28.56 31.97 -35.89
CA ALA D 177 -29.88 32.19 -36.45
C ALA D 177 -30.60 30.84 -36.59
N MET D 178 -31.82 30.77 -36.08
CA MET D 178 -32.72 29.63 -36.22
C MET D 178 -34.11 30.21 -36.44
N ASP D 179 -35.12 29.34 -36.47
CA ASP D 179 -36.51 29.82 -36.67
C ASP D 179 -36.94 30.79 -35.60
N CYS D 180 -36.42 30.63 -34.38
CA CYS D 180 -36.77 31.55 -33.30
C CYS D 180 -36.19 32.94 -33.48
N GLY D 181 -35.35 33.16 -34.50
CA GLY D 181 -34.72 34.46 -34.71
C GLY D 181 -33.21 34.36 -34.58
N VAL D 182 -32.58 35.53 -34.46
CA VAL D 182 -31.13 35.68 -34.41
C VAL D 182 -30.71 36.12 -33.01
N ASN D 183 -29.70 35.45 -32.44
CA ASN D 183 -29.16 35.77 -31.11
C ASN D 183 -27.63 35.85 -31.15
N CYS D 184 -27.08 36.78 -30.37
CA CYS D 184 -25.65 37.08 -30.38
C CYS D 184 -25.03 36.74 -29.03
N PHE D 185 -23.94 35.98 -29.06
CA PHE D 185 -23.28 35.50 -27.84
C PHE D 185 -21.85 35.97 -27.85
N MET D 186 -21.43 36.58 -26.73
CA MET D 186 -20.06 37.07 -26.58
C MET D 186 -19.22 36.03 -25.84
N LEU D 187 -18.07 35.68 -26.43
CA LEU D 187 -17.16 34.75 -25.74
C LEU D 187 -16.49 35.49 -24.59
N ASP D 188 -16.68 35.00 -23.36
CA ASP D 188 -15.90 35.47 -22.24
C ASP D 188 -14.65 34.62 -22.13
N PRO D 189 -13.47 35.14 -22.50
CA PRO D 189 -12.26 34.29 -22.47
C PRO D 189 -11.82 33.89 -21.08
N ALA D 190 -12.24 34.61 -20.03
CA ALA D 190 -11.84 34.22 -18.69
C ALA D 190 -12.46 32.88 -18.27
N ILE D 191 -13.61 32.49 -18.84
CA ILE D 191 -14.28 31.26 -18.45
C ILE D 191 -14.64 30.36 -19.62
N GLY D 192 -14.38 30.79 -20.85
CA GLY D 192 -14.73 29.97 -22.00
C GLY D 192 -16.22 29.69 -22.15
N GLU D 193 -17.05 30.72 -22.02
CA GLU D 193 -18.49 30.60 -22.21
C GLU D 193 -18.98 31.70 -23.12
N PHE D 194 -19.89 31.35 -24.02
CA PHE D 194 -20.57 32.33 -24.86
C PHE D 194 -21.77 32.88 -24.10
N ILE D 195 -21.76 34.18 -23.83
CA ILE D 195 -22.76 34.82 -22.98
C ILE D 195 -23.77 35.53 -23.87
N LEU D 196 -25.05 35.30 -23.61
CA LEU D 196 -26.11 35.93 -24.40
C LEU D 196 -26.14 37.43 -24.11
N VAL D 197 -25.83 38.24 -25.12
CA VAL D 197 -25.77 39.68 -24.96
C VAL D 197 -26.78 40.43 -25.81
N ASP D 198 -27.30 39.84 -26.91
CA ASP D 198 -28.30 40.49 -27.77
C ASP D 198 -29.33 39.47 -28.20
N LYS D 199 -30.58 39.69 -27.84
CA LYS D 199 -31.64 38.73 -28.09
C LYS D 199 -32.50 39.18 -29.26
N ASP D 200 -32.81 38.24 -30.14
CA ASP D 200 -33.79 38.42 -31.22
C ASP D 200 -33.53 39.71 -31.99
N VAL D 201 -32.29 39.88 -32.46
CA VAL D 201 -31.87 41.14 -33.04
C VAL D 201 -32.50 41.32 -34.43
N LYS D 202 -32.81 42.58 -34.77
CA LYS D 202 -33.34 42.93 -36.08
C LYS D 202 -32.50 44.04 -36.67
N ILE D 203 -32.28 43.96 -37.97
CA ILE D 203 -31.51 44.96 -38.71
C ILE D 203 -32.40 46.17 -38.94
N LYS D 204 -31.81 47.36 -39.01
CA LYS D 204 -32.58 48.57 -39.33
C LYS D 204 -33.29 48.41 -40.66
N LYS D 205 -34.43 49.11 -40.77
CA LYS D 205 -35.17 49.14 -42.02
C LYS D 205 -34.32 49.75 -43.14
N LYS D 206 -33.51 50.75 -42.81
CA LYS D 206 -32.69 51.46 -43.81
C LYS D 206 -31.39 51.91 -43.16
N GLY D 207 -30.28 51.75 -43.87
CA GLY D 207 -28.97 52.07 -43.33
C GLY D 207 -28.35 53.32 -43.94
N LYS D 208 -27.09 53.55 -43.57
CA LYS D 208 -26.33 54.72 -44.03
C LYS D 208 -24.90 54.38 -44.44
N ILE D 209 -24.61 53.11 -44.68
CA ILE D 209 -23.29 52.61 -45.05
C ILE D 209 -23.46 51.66 -46.22
N TYR D 210 -22.60 51.79 -47.22
CA TYR D 210 -22.48 50.79 -48.26
C TYR D 210 -21.07 50.19 -48.20
N SER D 211 -20.96 48.93 -48.61
CA SER D 211 -19.75 48.16 -48.43
C SER D 211 -19.53 47.28 -49.67
N LEU D 212 -18.47 47.57 -50.41
CA LEU D 212 -18.04 46.76 -51.54
C LEU D 212 -16.63 47.21 -51.91
N ASN D 213 -15.95 46.40 -52.71
CA ASN D 213 -14.59 46.74 -53.16
C ASN D 213 -14.69 47.71 -54.34
N GLU D 214 -14.65 49.00 -54.04
CA GLU D 214 -14.72 50.00 -55.11
C GLU D 214 -13.45 50.08 -55.94
N GLY D 215 -12.36 49.43 -55.52
CA GLY D 215 -11.17 49.48 -56.34
C GLY D 215 -11.34 48.86 -57.70
N TYR D 216 -12.29 47.94 -57.84
CA TYR D 216 -12.58 47.27 -59.10
C TYR D 216 -13.72 47.96 -59.88
N ALA D 217 -13.85 49.28 -59.76
CA ALA D 217 -14.94 50.01 -60.40
C ALA D 217 -14.94 49.87 -61.92
N LYS D 218 -13.76 49.78 -62.54
CA LYS D 218 -13.70 49.64 -63.99
C LYS D 218 -14.43 48.38 -64.50
N ASP D 219 -14.64 47.39 -63.64
CA ASP D 219 -15.31 46.16 -64.04
C ASP D 219 -16.77 46.11 -63.61
N PHE D 220 -17.28 47.13 -62.93
CA PHE D 220 -18.63 47.10 -62.39
C PHE D 220 -19.67 46.87 -63.47
N ASP D 221 -20.73 46.18 -63.10
CA ASP D 221 -21.95 46.22 -63.87
C ASP D 221 -22.49 47.65 -63.89
N PRO D 222 -23.10 48.10 -64.98
CA PRO D 222 -23.67 49.47 -64.99
C PRO D 222 -24.63 49.75 -63.83
N ALA D 223 -25.44 48.76 -63.42
CA ALA D 223 -26.37 48.94 -62.32
C ALA D 223 -25.64 49.18 -61.00
N VAL D 224 -24.57 48.41 -60.73
CA VAL D 224 -23.79 48.65 -59.53
C VAL D 224 -23.16 50.04 -59.58
N THR D 225 -22.62 50.43 -60.74
CA THR D 225 -22.05 51.78 -60.87
C THR D 225 -23.08 52.85 -60.54
N GLU D 226 -24.31 52.71 -61.06
CA GLU D 226 -25.30 53.76 -60.82
C GLU D 226 -25.73 53.80 -59.36
N TYR D 227 -25.98 52.63 -58.76
CA TYR D 227 -26.41 52.61 -57.36
C TYR D 227 -25.37 53.24 -56.44
N ILE D 228 -24.09 52.90 -56.64
CA ILE D 228 -23.04 53.50 -55.80
C ILE D 228 -22.97 55.00 -56.01
N GLN D 229 -23.06 55.46 -57.26
CA GLN D 229 -23.06 56.90 -57.55
C GLN D 229 -24.16 57.65 -56.81
N ARG D 230 -25.35 57.04 -56.67
CA ARG D 230 -26.44 57.63 -55.91
C ARG D 230 -26.21 57.63 -54.40
N LYS D 231 -25.43 56.67 -53.89
CA LYS D 231 -25.14 56.69 -52.45
C LYS D 231 -24.21 57.85 -52.11
N LYS D 232 -23.28 58.18 -53.02
CA LYS D 232 -22.32 59.27 -52.84
C LYS D 232 -22.88 60.62 -53.28
N PHE D 233 -23.74 60.64 -54.30
CA PHE D 233 -24.31 61.86 -54.86
C PHE D 233 -25.83 61.74 -54.87
N PRO D 234 -26.46 61.86 -53.70
CA PRO D 234 -27.90 61.62 -53.61
C PRO D 234 -28.64 62.63 -54.45
N PRO D 235 -29.73 62.22 -55.11
CA PRO D 235 -30.46 63.17 -55.97
C PRO D 235 -31.11 64.29 -55.18
N ASP D 236 -31.45 64.05 -53.92
CA ASP D 236 -32.17 65.01 -53.11
C ASP D 236 -31.22 65.77 -52.19
N ASN D 237 -31.65 66.05 -50.96
CA ASN D 237 -30.83 66.72 -49.98
C ASN D 237 -30.22 65.79 -48.93
N SER D 238 -30.63 64.52 -48.88
CA SER D 238 -30.17 63.65 -47.80
C SER D 238 -28.65 63.47 -47.80
N ALA D 239 -28.16 63.00 -46.66
CA ALA D 239 -26.72 62.85 -46.47
C ALA D 239 -26.18 61.71 -47.33
N PRO D 240 -25.04 61.89 -47.98
CA PRO D 240 -24.39 60.78 -48.65
C PRO D 240 -24.04 59.69 -47.65
N TYR D 241 -24.07 58.45 -48.10
CA TYR D 241 -23.69 57.33 -47.24
C TYR D 241 -22.19 57.35 -46.94
N GLY D 242 -21.82 56.87 -45.75
CA GLY D 242 -20.43 56.54 -45.51
C GLY D 242 -20.04 55.19 -46.12
N ALA D 243 -18.74 55.00 -46.33
CA ALA D 243 -18.22 53.78 -46.93
C ALA D 243 -17.32 53.05 -45.94
N ARG D 244 -17.49 51.72 -45.88
CA ARG D 244 -16.66 50.83 -45.11
C ARG D 244 -16.46 49.55 -45.89
N TYR D 245 -15.23 49.03 -45.94
CA TYR D 245 -15.00 47.72 -46.55
C TYR D 245 -13.77 47.11 -45.90
N VAL D 246 -13.99 46.15 -45.00
CA VAL D 246 -12.91 45.48 -44.30
C VAL D 246 -12.19 44.52 -45.25
N GLY D 247 -12.93 43.91 -46.17
CA GLY D 247 -12.40 42.86 -47.02
C GLY D 247 -12.53 41.47 -46.43
N SER D 248 -13.17 41.36 -45.27
CA SER D 248 -13.43 40.09 -44.59
C SER D 248 -14.94 39.96 -44.40
N MET D 249 -15.52 38.90 -44.97
CA MET D 249 -16.97 38.89 -45.13
C MET D 249 -17.71 38.93 -43.79
N VAL D 250 -17.24 38.16 -42.82
CA VAL D 250 -17.94 38.08 -41.55
C VAL D 250 -17.97 39.44 -40.86
N ALA D 251 -16.88 40.20 -40.97
CA ALA D 251 -16.84 41.51 -40.34
C ALA D 251 -17.76 42.50 -41.03
N ASP D 252 -17.74 42.54 -42.37
CA ASP D 252 -18.59 43.46 -43.10
C ASP D 252 -20.07 43.10 -42.90
N VAL D 253 -20.41 41.81 -42.99
CA VAL D 253 -21.80 41.42 -42.80
C VAL D 253 -22.24 41.71 -41.37
N HIS D 254 -21.36 41.46 -40.39
CA HIS D 254 -21.76 41.71 -39.02
C HIS D 254 -21.98 43.19 -38.76
N ARG D 255 -21.10 44.06 -39.28
CA ARG D 255 -21.32 45.50 -39.17
C ARG D 255 -22.62 45.89 -39.83
N THR D 256 -22.90 45.29 -41.00
CA THR D 256 -24.18 45.52 -41.66
C THR D 256 -25.35 45.11 -40.76
N LEU D 257 -25.19 44.01 -40.03
CA LEU D 257 -26.25 43.59 -39.13
C LEU D 257 -26.48 44.60 -38.01
N VAL D 258 -25.40 45.10 -37.42
CA VAL D 258 -25.49 45.91 -36.20
C VAL D 258 -25.92 47.34 -36.52
N TYR D 259 -25.36 47.91 -37.59
CA TYR D 259 -25.59 49.31 -37.96
C TYR D 259 -26.58 49.48 -39.11
N GLY D 260 -26.91 48.42 -39.84
CA GLY D 260 -27.73 48.54 -41.04
C GLY D 260 -26.90 48.94 -42.22
N GLY D 261 -27.57 49.06 -43.37
CA GLY D 261 -26.86 49.40 -44.60
C GLY D 261 -26.88 48.28 -45.62
N ILE D 262 -25.89 48.25 -46.50
CA ILE D 262 -25.88 47.31 -47.61
C ILE D 262 -24.45 46.81 -47.82
N PHE D 263 -24.32 45.52 -48.10
CA PHE D 263 -23.06 44.86 -48.44
C PHE D 263 -23.21 44.25 -49.82
N LEU D 264 -22.24 44.48 -50.70
CA LEU D 264 -22.33 44.01 -52.07
C LEU D 264 -21.03 43.30 -52.48
N TYR D 265 -21.18 42.08 -53.00
CA TYR D 265 -20.14 41.41 -53.78
C TYR D 265 -20.86 40.92 -55.02
N PRO D 266 -21.15 41.82 -55.95
CA PRO D 266 -22.10 41.52 -57.03
C PRO D 266 -21.44 40.91 -58.25
N ALA D 267 -22.30 40.43 -59.16
CA ALA D 267 -21.85 39.95 -60.46
C ALA D 267 -21.47 41.11 -61.39
N ASN D 268 -20.48 40.85 -62.25
CA ASN D 268 -20.14 41.72 -63.37
C ASN D 268 -19.81 40.84 -64.56
N LYS D 269 -19.25 41.43 -65.62
CA LYS D 269 -19.01 40.70 -66.87
C LYS D 269 -17.88 39.69 -66.71
N LYS D 270 -16.83 40.06 -65.97
CA LYS D 270 -15.73 39.13 -65.76
C LYS D 270 -16.10 37.97 -64.83
N SER D 271 -17.06 38.17 -63.92
CA SER D 271 -17.48 37.14 -62.96
C SER D 271 -19.01 37.09 -62.91
N PRO D 272 -19.63 36.47 -63.91
CA PRO D 272 -21.10 36.52 -63.98
C PRO D 272 -21.81 35.81 -62.85
N ASN D 273 -21.12 34.96 -62.10
CA ASN D 273 -21.74 34.32 -60.95
C ASN D 273 -21.18 34.83 -59.61
N GLY D 274 -20.58 36.01 -59.60
CA GLY D 274 -20.04 36.53 -58.36
C GLY D 274 -18.71 35.90 -57.98
N LYS D 275 -18.26 36.25 -56.79
CA LYS D 275 -17.02 35.67 -56.27
C LYS D 275 -17.22 34.85 -55.01
N LEU D 276 -18.15 35.22 -54.14
CA LEU D 276 -18.38 34.45 -52.92
C LEU D 276 -19.08 33.12 -53.21
N ARG D 277 -18.80 32.13 -52.35
CA ARG D 277 -19.31 30.77 -52.52
C ARG D 277 -20.69 30.63 -51.89
N LEU D 278 -21.58 29.93 -52.59
CA LEU D 278 -22.99 29.88 -52.18
C LEU D 278 -23.18 29.10 -50.88
N LEU D 279 -22.55 27.93 -50.75
CA LEU D 279 -22.98 27.03 -49.69
C LEU D 279 -22.55 27.51 -48.31
N TYR D 280 -21.34 28.01 -48.17
CA TYR D 280 -20.80 28.26 -46.84
C TYR D 280 -20.42 29.73 -46.62
N GLU D 281 -20.81 30.62 -47.54
CA GLU D 281 -20.68 32.06 -47.32
C GLU D 281 -21.99 32.79 -47.59
N CYS D 282 -22.55 32.62 -48.79
CA CYS D 282 -23.73 33.41 -49.17
C CYS D 282 -24.98 32.95 -48.42
N ASN D 283 -25.29 31.64 -48.49
CA ASN D 283 -26.51 31.12 -47.86
C ASN D 283 -26.57 31.32 -46.36
N PRO D 284 -25.53 31.01 -45.56
CA PRO D 284 -25.65 31.27 -44.12
C PRO D 284 -25.84 32.73 -43.82
N MET D 285 -25.09 33.61 -44.49
CA MET D 285 -25.28 35.04 -44.27
C MET D 285 -26.66 35.49 -44.76
N ALA D 286 -27.11 34.97 -45.91
CA ALA D 286 -28.46 35.32 -46.38
C ALA D 286 -29.51 34.92 -45.37
N TYR D 287 -29.32 33.76 -44.75
CA TYR D 287 -30.27 33.26 -43.76
C TYR D 287 -30.29 34.12 -42.51
N VAL D 288 -29.11 34.47 -42.00
CA VAL D 288 -29.01 35.39 -40.87
C VAL D 288 -29.75 36.67 -41.18
N MET D 289 -29.53 37.22 -42.39
CA MET D 289 -30.13 38.50 -42.73
C MET D 289 -31.65 38.41 -42.73
N GLU D 290 -32.19 37.36 -43.35
CA GLU D 290 -33.64 37.25 -43.44
C GLU D 290 -34.28 36.99 -42.07
N LYS D 291 -33.62 36.23 -41.19
CA LYS D 291 -34.17 36.05 -39.85
C LYS D 291 -34.09 37.33 -39.01
N ALA D 292 -33.21 38.27 -39.37
CA ALA D 292 -33.10 39.57 -38.72
C ALA D 292 -33.94 40.65 -39.39
N GLY D 293 -34.82 40.27 -40.33
CA GLY D 293 -35.63 41.22 -41.05
C GLY D 293 -34.96 41.90 -42.22
N GLY D 294 -33.82 41.39 -42.67
CA GLY D 294 -33.15 41.93 -43.83
C GLY D 294 -33.42 41.11 -45.08
N MET D 295 -32.65 41.40 -46.12
CA MET D 295 -32.83 40.79 -47.43
C MET D 295 -31.48 40.36 -47.99
N ALA D 296 -31.51 39.41 -48.91
CA ALA D 296 -30.29 38.98 -49.59
C ALA D 296 -30.65 38.50 -50.98
N THR D 297 -30.10 39.17 -52.01
CA THR D 297 -30.42 38.88 -53.40
C THR D 297 -29.16 38.64 -54.24
N THR D 298 -29.32 37.85 -55.30
CA THR D 298 -28.31 37.78 -56.35
C THR D 298 -28.50 38.89 -57.36
N GLY D 299 -29.53 39.71 -57.22
CA GLY D 299 -29.88 40.59 -58.32
C GLY D 299 -31.08 40.07 -59.06
N LYS D 300 -31.07 38.77 -59.35
CA LYS D 300 -32.16 38.09 -60.03
C LYS D 300 -33.16 37.43 -59.08
N GLU D 301 -32.71 36.93 -57.92
CA GLU D 301 -33.58 36.16 -57.04
C GLU D 301 -32.99 36.19 -55.63
N ALA D 302 -33.81 35.80 -54.66
CA ALA D 302 -33.29 35.66 -53.30
C ALA D 302 -32.18 34.61 -53.26
N VAL D 303 -31.11 34.93 -52.52
CA VAL D 303 -29.98 34.02 -52.36
C VAL D 303 -30.46 32.68 -51.82
N LEU D 304 -31.38 32.71 -50.86
CA LEU D 304 -31.84 31.48 -50.26
C LEU D 304 -32.64 30.59 -51.22
N ASP D 305 -33.06 31.09 -52.41
CA ASP D 305 -33.81 30.26 -53.36
C ASP D 305 -32.93 29.63 -54.43
N VAL D 306 -31.67 30.05 -54.56
CA VAL D 306 -30.80 29.41 -55.54
C VAL D 306 -30.59 27.94 -55.18
N ILE D 307 -30.88 27.06 -56.13
CA ILE D 307 -30.68 25.63 -55.96
C ILE D 307 -29.29 25.29 -56.51
N PRO D 308 -28.36 24.86 -55.69
CA PRO D 308 -27.00 24.60 -56.16
C PRO D 308 -26.87 23.31 -56.95
N THR D 309 -25.89 23.33 -57.86
CA THR D 309 -25.49 22.14 -58.60
C THR D 309 -24.04 21.74 -58.34
N ASP D 310 -23.25 22.57 -57.63
CA ASP D 310 -21.86 22.26 -57.28
C ASP D 310 -21.59 22.80 -55.88
N ILE D 311 -20.88 22.03 -55.04
CA ILE D 311 -20.72 22.44 -53.66
C ILE D 311 -19.85 23.70 -53.52
N HIS D 312 -19.06 24.04 -54.53
CA HIS D 312 -18.19 25.22 -54.50
C HIS D 312 -18.63 26.29 -55.48
N GLN D 313 -19.88 26.27 -55.93
CA GLN D 313 -20.30 27.23 -56.94
C GLN D 313 -20.41 28.63 -56.34
N ARG D 314 -20.20 29.64 -57.17
CA ARG D 314 -20.27 31.00 -56.65
C ARG D 314 -21.68 31.56 -56.82
N ALA D 315 -21.95 32.64 -56.09
CA ALA D 315 -23.19 33.34 -56.19
C ALA D 315 -22.87 34.81 -55.96
N PRO D 316 -23.47 35.72 -56.72
CA PRO D 316 -23.40 37.15 -56.34
C PRO D 316 -24.29 37.37 -55.13
N VAL D 317 -23.92 38.34 -54.30
CA VAL D 317 -24.70 38.60 -53.09
C VAL D 317 -24.76 40.10 -52.83
N ILE D 318 -25.98 40.58 -52.59
CA ILE D 318 -26.26 41.93 -52.11
C ILE D 318 -27.21 41.77 -50.93
N LEU D 319 -26.83 42.30 -49.77
CA LEU D 319 -27.60 42.03 -48.56
C LEU D 319 -27.58 43.22 -47.60
N GLY D 320 -28.50 43.19 -46.63
CA GLY D 320 -28.56 44.21 -45.61
C GLY D 320 -29.97 44.73 -45.36
N SER D 321 -30.09 46.01 -45.02
CA SER D 321 -31.37 46.61 -44.72
C SER D 321 -32.33 46.46 -45.90
N PRO D 322 -33.61 46.13 -45.66
CA PRO D 322 -34.52 45.86 -46.80
C PRO D 322 -34.75 47.07 -47.69
N ASP D 323 -34.90 48.27 -47.12
CA ASP D 323 -35.08 49.42 -47.99
C ASP D 323 -33.87 49.63 -48.90
N ASP D 324 -32.66 49.31 -48.42
CA ASP D 324 -31.48 49.54 -49.26
C ASP D 324 -31.35 48.47 -50.34
N VAL D 325 -31.64 47.21 -50.00
CA VAL D 325 -31.61 46.15 -51.02
C VAL D 325 -32.72 46.38 -52.05
N LEU D 326 -33.90 46.81 -51.60
CA LEU D 326 -34.99 47.13 -52.53
C LEU D 326 -34.57 48.26 -53.46
N GLU D 327 -33.85 49.26 -52.92
CA GLU D 327 -33.39 50.36 -53.75
C GLU D 327 -32.37 49.89 -54.78
N PHE D 328 -31.49 48.97 -54.37
CA PHE D 328 -30.55 48.39 -55.31
C PHE D 328 -31.28 47.58 -56.39
N LEU D 329 -32.28 46.79 -56.01
CA LEU D 329 -32.99 46.01 -57.02
C LEU D 329 -33.68 46.91 -58.03
N LYS D 330 -34.20 48.06 -57.58
CA LYS D 330 -34.81 49.02 -58.51
C LYS D 330 -33.81 49.47 -59.58
N VAL D 331 -32.59 49.82 -59.18
CA VAL D 331 -31.57 50.22 -60.14
C VAL D 331 -31.14 49.03 -61.00
N TYR D 332 -31.04 47.85 -60.39
CA TYR D 332 -30.62 46.66 -61.14
C TYR D 332 -31.62 46.34 -62.23
N GLU D 333 -32.91 46.47 -61.95
CA GLU D 333 -33.95 46.21 -62.94
C GLU D 333 -33.98 47.29 -64.02
N LYS D 334 -33.58 48.52 -63.67
CA LYS D 334 -33.48 49.58 -64.68
C LYS D 334 -32.52 49.22 -65.81
N HIS D 335 -31.46 48.46 -65.50
CA HIS D 335 -30.47 48.02 -66.48
C HIS D 335 -30.72 46.62 -67.00
N SER D 336 -31.96 46.13 -67.02
CA SER D 336 -32.20 44.77 -67.51
C SER D 336 -33.19 44.72 -68.69
N ASP E 10 -9.74 -53.36 24.28
CA ASP E 10 -8.78 -53.11 23.22
C ASP E 10 -8.62 -51.62 22.92
N VAL E 11 -7.38 -51.16 22.74
CA VAL E 11 -7.20 -49.78 22.34
C VAL E 11 -7.82 -49.56 20.96
N ASN E 12 -8.31 -48.35 20.75
CA ASN E 12 -8.91 -47.96 19.49
C ASN E 12 -8.44 -46.55 19.16
N THR E 13 -8.24 -46.29 17.87
CA THR E 13 -7.90 -44.98 17.34
C THR E 13 -9.01 -44.48 16.43
N LEU E 14 -8.93 -43.19 16.09
CA LEU E 14 -9.90 -42.59 15.20
C LEU E 14 -9.89 -43.28 13.83
N THR E 15 -8.70 -43.40 13.25
CA THR E 15 -8.57 -44.01 11.92
C THR E 15 -9.06 -45.45 11.94
N ARG E 16 -8.73 -46.19 13.01
CA ARG E 16 -9.23 -47.56 13.12
C ARG E 16 -10.74 -47.60 13.35
N PHE E 17 -11.26 -46.69 14.16
CA PHE E 17 -12.69 -46.63 14.38
C PHE E 17 -13.45 -46.38 13.08
N VAL E 18 -12.98 -45.42 12.28
CA VAL E 18 -13.69 -45.05 11.05
C VAL E 18 -13.65 -46.20 10.04
N MET E 19 -12.51 -46.88 9.92
CA MET E 19 -12.38 -47.99 8.97
C MET E 19 -13.35 -49.13 9.30
N GLU E 20 -13.42 -49.52 10.58
CA GLU E 20 -14.30 -50.62 10.97
C GLU E 20 -15.76 -50.25 10.75
N GLU E 21 -16.12 -48.99 11.04
CA GLU E 21 -17.49 -48.55 10.76
C GLU E 21 -17.75 -48.53 9.25
N GLY E 22 -16.76 -48.14 8.46
CA GLY E 22 -16.91 -48.19 7.01
C GLY E 22 -17.08 -49.61 6.50
N ARG E 23 -16.28 -50.55 7.02
CA ARG E 23 -16.37 -51.93 6.58
C ARG E 23 -17.71 -52.55 6.95
N LYS E 24 -18.22 -52.27 8.15
CA LYS E 24 -19.56 -52.72 8.53
C LYS E 24 -20.59 -52.22 7.51
N ALA E 25 -20.49 -50.95 7.15
CA ALA E 25 -21.42 -50.34 6.20
C ALA E 25 -21.15 -50.74 4.76
N ARG E 26 -20.02 -51.38 4.48
CA ARG E 26 -19.70 -51.81 3.12
C ARG E 26 -19.69 -50.64 2.14
N GLY E 27 -19.16 -49.49 2.58
CA GLY E 27 -19.04 -48.35 1.70
C GLY E 27 -17.81 -48.44 0.82
N THR E 28 -17.69 -47.47 -0.10
CA THR E 28 -16.57 -47.44 -1.05
C THR E 28 -15.25 -47.03 -0.38
N GLY E 29 -15.30 -46.34 0.76
CA GLY E 29 -14.11 -45.79 1.39
C GLY E 29 -13.98 -44.29 1.30
N GLU E 30 -14.81 -43.62 0.50
CA GLU E 30 -14.63 -42.19 0.28
C GLU E 30 -14.81 -41.38 1.57
N LEU E 31 -15.81 -41.69 2.38
CA LEU E 31 -16.01 -40.93 3.62
C LEU E 31 -14.86 -41.16 4.59
N THR E 32 -14.34 -42.39 4.61
CA THR E 32 -13.18 -42.70 5.45
C THR E 32 -12.00 -41.88 5.00
N GLN E 33 -11.78 -41.80 3.68
CA GLN E 33 -10.71 -40.97 3.15
C GLN E 33 -10.91 -39.51 3.52
N LEU E 34 -12.14 -39.01 3.48
CA LEU E 34 -12.43 -37.63 3.88
C LEU E 34 -12.08 -37.41 5.34
N LEU E 35 -12.54 -38.30 6.21
CA LEU E 35 -12.32 -38.12 7.64
C LEU E 35 -10.85 -38.27 8.02
N ASN E 36 -10.12 -39.18 7.37
CA ASN E 36 -8.69 -39.31 7.65
C ASN E 36 -7.96 -38.04 7.24
N SER E 37 -8.36 -37.44 6.12
CA SER E 37 -7.76 -36.17 5.71
C SER E 37 -8.13 -35.05 6.69
N LEU E 38 -9.37 -35.03 7.17
CA LEU E 38 -9.74 -34.01 8.14
C LEU E 38 -8.95 -34.17 9.44
N CYS E 39 -8.80 -35.42 9.89
CA CYS E 39 -8.03 -35.70 11.10
C CYS E 39 -6.58 -35.18 10.97
N THR E 40 -5.96 -35.31 9.79
CA THR E 40 -4.62 -34.80 9.58
C THR E 40 -4.57 -33.27 9.68
N ALA E 41 -5.53 -32.59 9.06
CA ALA E 41 -5.56 -31.12 9.16
C ALA E 41 -5.76 -30.69 10.60
N VAL E 42 -6.62 -31.42 11.33
CA VAL E 42 -6.86 -31.10 12.73
C VAL E 42 -5.57 -31.26 13.55
N LYS E 43 -4.76 -32.29 13.26
CA LYS E 43 -3.51 -32.42 13.97
C LYS E 43 -2.53 -31.30 13.65
N ALA E 44 -2.53 -30.82 12.40
CA ALA E 44 -1.65 -29.72 12.01
C ALA E 44 -2.12 -28.41 12.62
N ILE E 45 -3.43 -28.19 12.68
CA ILE E 45 -3.97 -27.01 13.35
C ILE E 45 -3.59 -27.04 14.82
N SER E 46 -3.73 -28.21 15.46
CA SER E 46 -3.39 -28.34 16.87
C SER E 46 -1.94 -27.94 17.13
N SER E 47 -1.03 -28.40 16.29
CA SER E 47 0.38 -28.06 16.46
C SER E 47 0.61 -26.56 16.32
N ALA E 48 0.00 -25.93 15.32
CA ALA E 48 0.17 -24.48 15.18
C ALA E 48 -0.51 -23.74 16.32
N VAL E 49 -1.70 -24.16 16.74
CA VAL E 49 -2.38 -23.48 17.85
C VAL E 49 -1.54 -23.52 19.14
N ARG E 50 -0.88 -24.68 19.43
CA ARG E 50 0.03 -24.75 20.59
C ARG E 50 1.36 -24.05 20.36
N LYS E 51 1.56 -23.40 19.20
CA LYS E 51 2.73 -22.54 18.91
C LYS E 51 4.00 -23.36 18.71
N ALA E 52 3.89 -24.56 18.15
CA ALA E 52 5.10 -25.25 17.73
C ALA E 52 5.80 -24.41 16.67
N GLY E 53 7.09 -24.14 16.86
CA GLY E 53 7.87 -23.36 15.91
C GLY E 53 7.81 -21.84 16.09
N ILE E 54 7.15 -21.34 17.12
CA ILE E 54 7.07 -19.89 17.29
C ILE E 54 8.45 -19.28 17.54
N ALA E 55 9.40 -20.07 18.08
CA ALA E 55 10.76 -19.54 18.31
C ALA E 55 11.38 -19.02 17.02
N HIS E 56 11.05 -19.63 15.88
CA HIS E 56 11.57 -19.16 14.60
C HIS E 56 10.89 -17.86 14.17
N LEU E 57 9.65 -17.65 14.57
CA LEU E 57 9.00 -16.36 14.31
C LEU E 57 9.65 -15.23 15.11
N TYR E 58 10.35 -15.54 16.20
CA TYR E 58 10.97 -14.54 17.07
C TYR E 58 12.50 -14.46 16.93
N GLY E 59 13.06 -14.96 15.83
CA GLY E 59 14.46 -14.69 15.52
C GLY E 59 15.47 -15.63 16.14
N ILE E 60 15.07 -16.88 16.45
CA ILE E 60 16.02 -17.82 17.06
C ILE E 60 17.18 -18.13 16.13
N ALA E 61 16.95 -18.06 14.82
CA ALA E 61 17.99 -18.29 13.82
C ALA E 61 18.47 -17.00 13.16
N GLY E 62 18.13 -15.85 13.73
CA GLY E 62 18.52 -14.56 13.16
C GLY E 62 17.37 -13.95 12.38
N VAL E 71 4.59 -15.80 8.29
CA VAL E 71 3.91 -14.51 8.34
C VAL E 71 2.42 -14.71 8.09
N LYS E 72 1.97 -15.96 8.17
CA LYS E 72 0.57 -16.31 7.92
C LYS E 72 -0.20 -16.37 9.23
N LYS E 73 -1.38 -15.74 9.26
CA LYS E 73 -2.19 -15.74 10.46
C LYS E 73 -2.81 -17.12 10.69
N LEU E 74 -3.06 -17.44 11.96
CA LEU E 74 -3.43 -18.79 12.33
C LEU E 74 -4.78 -19.20 11.73
N ASP E 75 -5.74 -18.26 11.70
CA ASP E 75 -7.05 -18.62 11.15
C ASP E 75 -7.00 -18.81 9.64
N VAL E 76 -6.05 -18.16 8.95
CA VAL E 76 -5.85 -18.38 7.53
C VAL E 76 -5.19 -19.74 7.26
N LEU E 77 -4.16 -20.08 8.05
CA LEU E 77 -3.49 -21.38 7.93
C LEU E 77 -4.44 -22.53 8.20
N SER E 78 -5.26 -22.42 9.25
CA SER E 78 -6.24 -23.45 9.55
C SER E 78 -7.17 -23.66 8.37
N ASN E 79 -7.60 -22.57 7.74
CA ASN E 79 -8.43 -22.66 6.54
C ASN E 79 -7.69 -23.34 5.40
N ASP E 80 -6.41 -22.99 5.22
CA ASP E 80 -5.60 -23.60 4.15
C ASP E 80 -5.37 -25.09 4.42
N LEU E 81 -5.18 -25.47 5.69
CA LEU E 81 -4.97 -26.87 6.03
C LEU E 81 -6.21 -27.69 5.71
N VAL E 82 -7.38 -27.24 6.20
CA VAL E 82 -8.62 -27.96 5.95
C VAL E 82 -8.95 -27.96 4.46
N MET E 83 -8.84 -26.79 3.79
CA MET E 83 -9.12 -26.74 2.36
C MET E 83 -8.21 -27.68 1.55
N ASN E 84 -6.90 -27.60 1.75
CA ASN E 84 -6.01 -28.43 0.93
C ASN E 84 -6.18 -29.91 1.25
N MET E 85 -6.40 -30.27 2.52
CA MET E 85 -6.56 -31.67 2.88
C MET E 85 -7.88 -32.24 2.38
N LEU E 86 -8.96 -31.45 2.40
CA LEU E 86 -10.24 -31.93 1.89
C LEU E 86 -10.23 -32.05 0.36
N LYS E 87 -9.71 -31.04 -0.34
CA LYS E 87 -9.57 -31.14 -1.79
C LYS E 87 -8.77 -32.38 -2.18
N SER E 88 -7.55 -32.50 -1.65
CA SER E 88 -6.68 -33.61 -2.06
C SER E 88 -7.22 -34.99 -1.61
N SER E 89 -8.33 -35.03 -0.87
CA SER E 89 -8.86 -36.33 -0.45
C SER E 89 -9.61 -37.05 -1.58
N PHE E 90 -10.01 -36.34 -2.63
CA PHE E 90 -10.84 -36.85 -3.72
C PHE E 90 -12.23 -37.27 -3.26
N ALA E 91 -12.66 -36.76 -2.10
CA ALA E 91 -13.96 -37.11 -1.55
C ALA E 91 -14.96 -35.96 -1.53
N THR E 92 -14.54 -34.75 -1.87
CA THR E 92 -15.41 -33.59 -1.73
C THR E 92 -15.66 -32.96 -3.09
N CYS E 93 -16.75 -32.19 -3.17
CA CYS E 93 -17.04 -31.45 -4.39
C CYS E 93 -17.41 -29.98 -4.11
N VAL E 94 -17.97 -29.67 -2.93
CA VAL E 94 -18.28 -28.30 -2.54
C VAL E 94 -17.81 -28.08 -1.11
N LEU E 95 -17.07 -26.99 -0.88
CA LEU E 95 -16.53 -26.66 0.45
C LEU E 95 -16.98 -25.27 0.85
N VAL E 96 -17.65 -25.18 1.99
CA VAL E 96 -18.11 -23.93 2.57
C VAL E 96 -17.34 -23.68 3.86
N SER E 97 -16.75 -22.50 3.97
CA SER E 97 -15.94 -22.13 5.12
C SER E 97 -16.36 -20.77 5.64
N GLU E 98 -16.28 -20.63 6.97
CA GLU E 98 -16.44 -19.33 7.61
C GLU E 98 -15.54 -18.27 6.99
N GLU E 99 -14.40 -18.69 6.45
CA GLU E 99 -13.37 -17.79 5.92
C GLU E 99 -13.56 -17.38 4.46
N ASP E 100 -14.42 -18.04 3.70
CA ASP E 100 -14.48 -17.81 2.26
C ASP E 100 -15.85 -17.24 1.93
N LYS E 101 -15.86 -16.11 1.20
CA LYS E 101 -17.13 -15.45 0.91
C LYS E 101 -18.06 -16.37 0.12
N HIS E 102 -17.53 -17.02 -0.91
CA HIS E 102 -18.33 -17.93 -1.70
C HIS E 102 -17.87 -19.37 -1.49
N ALA E 103 -18.78 -20.28 -1.77
CA ALA E 103 -18.43 -21.69 -1.74
C ALA E 103 -17.31 -21.95 -2.72
N ILE E 104 -16.43 -22.85 -2.35
CA ILE E 104 -15.36 -23.32 -3.22
C ILE E 104 -15.83 -24.57 -3.95
N ILE E 105 -15.66 -24.58 -5.26
CA ILE E 105 -16.01 -25.73 -6.07
C ILE E 105 -14.72 -26.46 -6.39
N VAL E 106 -14.66 -27.74 -5.97
CA VAL E 106 -13.47 -28.55 -6.20
C VAL E 106 -13.26 -28.71 -7.69
N GLU E 107 -12.00 -28.59 -8.13
CA GLU E 107 -11.70 -28.71 -9.56
C GLU E 107 -12.11 -30.09 -10.03
N PRO E 108 -12.48 -30.23 -11.31
CA PRO E 108 -13.10 -31.49 -11.78
C PRO E 108 -12.30 -32.73 -11.45
N GLU E 109 -10.97 -32.67 -11.55
CA GLU E 109 -10.11 -33.84 -11.38
C GLU E 109 -10.04 -34.36 -9.94
N LYS E 110 -10.52 -33.62 -8.95
CA LYS E 110 -10.44 -34.03 -7.54
C LYS E 110 -11.80 -34.26 -6.87
N ARG E 111 -12.89 -34.21 -7.61
CA ARG E 111 -14.22 -34.21 -7.00
C ARG E 111 -14.60 -35.58 -6.47
N GLY E 112 -15.20 -35.57 -5.28
CA GLY E 112 -15.83 -36.75 -4.72
C GLY E 112 -17.29 -36.44 -4.48
N LYS E 113 -17.98 -37.24 -3.68
CA LYS E 113 -19.43 -37.14 -3.56
C LYS E 113 -19.91 -36.37 -2.34
N TYR E 114 -19.01 -35.76 -1.55
CA TYR E 114 -19.39 -35.12 -0.30
C TYR E 114 -19.24 -33.60 -0.36
N VAL E 115 -20.08 -32.93 0.43
CA VAL E 115 -20.08 -31.48 0.64
C VAL E 115 -19.73 -31.24 2.10
N VAL E 116 -18.79 -30.32 2.36
CA VAL E 116 -18.34 -30.11 3.74
C VAL E 116 -18.49 -28.65 4.11
N CYS E 117 -19.17 -28.39 5.22
CA CYS E 117 -19.21 -27.07 5.83
C CYS E 117 -18.39 -27.10 7.12
N PHE E 118 -17.51 -26.11 7.31
CA PHE E 118 -16.63 -26.13 8.46
C PHE E 118 -16.28 -24.71 8.89
N ASP E 119 -15.91 -24.57 10.16
CA ASP E 119 -15.26 -23.37 10.69
C ASP E 119 -13.85 -23.75 11.15
N PRO E 120 -12.80 -23.36 10.40
CA PRO E 120 -11.46 -23.92 10.65
C PRO E 120 -10.85 -23.55 12.00
N LEU E 121 -11.12 -22.37 12.53
CA LEU E 121 -10.58 -22.02 13.83
C LEU E 121 -11.60 -21.11 14.52
N ASP E 122 -12.61 -21.74 15.12
CA ASP E 122 -13.66 -20.97 15.77
C ASP E 122 -13.15 -20.44 17.10
N GLY E 123 -13.43 -19.17 17.36
CA GLY E 123 -12.97 -18.49 18.56
C GLY E 123 -11.64 -17.78 18.43
N SER E 124 -11.01 -17.81 17.25
CA SER E 124 -9.67 -17.27 17.13
C SER E 124 -9.61 -15.77 17.27
N SER E 125 -10.77 -15.08 17.30
CA SER E 125 -10.76 -13.66 17.62
C SER E 125 -10.12 -13.42 18.98
N ASN E 126 -10.35 -14.32 19.92
CA ASN E 126 -9.84 -14.19 21.27
C ASN E 126 -8.62 -15.05 21.55
N ILE E 127 -7.96 -15.55 20.50
CA ILE E 127 -6.77 -16.36 20.71
C ILE E 127 -5.62 -15.57 21.30
N ASP E 128 -5.74 -14.23 21.31
CA ASP E 128 -4.75 -13.35 21.95
C ASP E 128 -4.63 -13.63 23.44
N CYS E 129 -5.69 -14.11 24.07
CA CYS E 129 -5.67 -14.47 25.48
C CYS E 129 -5.62 -15.98 25.72
N LEU E 130 -5.30 -16.77 24.69
CA LEU E 130 -5.09 -18.23 24.80
C LEU E 130 -6.34 -18.95 25.29
N VAL E 131 -7.51 -18.39 24.99
CA VAL E 131 -8.75 -19.10 25.21
C VAL E 131 -8.79 -20.35 24.31
N SER E 132 -9.48 -21.39 24.80
CA SER E 132 -9.79 -22.55 23.99
C SER E 132 -10.38 -22.13 22.64
N VAL E 133 -9.90 -22.77 21.57
CA VAL E 133 -10.41 -22.58 20.22
C VAL E 133 -10.74 -23.95 19.62
N GLY E 134 -11.30 -23.95 18.41
CA GLY E 134 -11.75 -25.21 17.88
C GLY E 134 -12.05 -25.17 16.39
N THR E 135 -12.24 -26.36 15.85
CA THR E 135 -12.66 -26.58 14.48
C THR E 135 -14.02 -27.27 14.49
N ILE E 136 -14.97 -26.80 13.67
CA ILE E 136 -16.29 -27.42 13.58
C ILE E 136 -16.50 -27.90 12.15
N PHE E 137 -17.16 -29.05 11.98
CA PHE E 137 -17.39 -29.57 10.65
C PHE E 137 -18.75 -30.27 10.54
N GLY E 138 -19.34 -30.19 9.36
CA GLY E 138 -20.55 -30.91 9.00
C GLY E 138 -20.42 -31.46 7.59
N ILE E 139 -20.84 -32.69 7.38
CA ILE E 139 -20.56 -33.43 6.14
C ILE E 139 -21.89 -33.86 5.53
N TYR E 140 -22.14 -33.43 4.28
CA TYR E 140 -23.32 -33.78 3.51
C TYR E 140 -22.90 -34.51 2.24
N ARG E 141 -23.74 -35.45 1.79
CA ARG E 141 -23.58 -36.03 0.46
C ARG E 141 -24.33 -35.18 -0.56
N LYS E 142 -23.69 -34.94 -1.71
CA LYS E 142 -24.35 -34.24 -2.81
C LYS E 142 -25.58 -35.02 -3.27
N LYS E 143 -26.69 -34.33 -3.45
CA LYS E 143 -27.99 -34.97 -3.66
C LYS E 143 -28.40 -35.12 -5.12
N SER E 144 -27.95 -34.25 -6.01
CA SER E 144 -28.25 -34.31 -7.45
C SER E 144 -27.04 -34.81 -8.22
N THR E 145 -27.26 -35.13 -9.49
CA THR E 145 -26.17 -35.36 -10.43
C THR E 145 -25.82 -34.13 -11.24
N ASP E 146 -26.42 -32.98 -10.92
CA ASP E 146 -26.11 -31.71 -11.59
C ASP E 146 -24.67 -31.26 -11.29
N GLU E 147 -24.27 -30.16 -11.94
CA GLU E 147 -23.00 -29.53 -11.63
C GLU E 147 -22.93 -29.08 -10.18
N PRO E 148 -21.78 -29.26 -9.52
CA PRO E 148 -21.64 -28.77 -8.15
C PRO E 148 -21.70 -27.24 -8.08
N SER E 149 -22.41 -26.74 -7.08
CA SER E 149 -22.59 -25.32 -6.90
C SER E 149 -22.83 -25.02 -5.43
N GLU E 150 -22.89 -23.73 -5.10
CA GLU E 150 -23.18 -23.32 -3.74
C GLU E 150 -24.49 -23.91 -3.21
N LYS E 151 -25.46 -24.15 -4.09
CA LYS E 151 -26.76 -24.64 -3.65
C LYS E 151 -26.65 -26.00 -2.94
N ASP E 152 -25.65 -26.81 -3.28
CA ASP E 152 -25.52 -28.13 -2.67
C ASP E 152 -25.21 -28.08 -1.19
N ALA E 153 -24.80 -26.93 -0.66
CA ALA E 153 -24.55 -26.80 0.78
C ALA E 153 -25.77 -26.37 1.57
N LEU E 154 -26.87 -26.05 0.89
CA LEU E 154 -28.09 -25.54 1.55
C LEU E 154 -29.02 -26.66 1.97
N GLN E 155 -28.48 -27.70 2.53
CA GLN E 155 -29.30 -28.79 3.03
C GLN E 155 -29.58 -28.59 4.53
N PRO E 156 -30.74 -29.01 4.99
CA PRO E 156 -31.01 -28.97 6.43
C PRO E 156 -30.11 -29.92 7.19
N GLY E 157 -29.92 -29.61 8.48
CA GLY E 157 -29.05 -30.41 9.31
C GLY E 157 -29.47 -31.85 9.41
N ARG E 158 -30.75 -32.15 9.16
CA ARG E 158 -31.22 -33.52 9.09
C ARG E 158 -30.45 -34.35 8.08
N ASN E 159 -29.95 -33.73 7.01
CA ASN E 159 -29.26 -34.49 5.96
C ASN E 159 -27.81 -34.79 6.30
N LEU E 160 -27.34 -34.41 7.50
CA LEU E 160 -25.95 -34.62 7.85
C LEU E 160 -25.59 -36.09 7.87
N VAL E 161 -24.47 -36.41 7.26
CA VAL E 161 -23.95 -37.77 7.34
C VAL E 161 -23.04 -37.93 8.54
N ALA E 162 -22.22 -36.92 8.82
CA ALA E 162 -21.35 -36.92 9.98
C ALA E 162 -21.03 -35.48 10.33
N ALA E 163 -20.75 -35.24 11.60
CA ALA E 163 -20.38 -33.92 12.07
C ALA E 163 -19.67 -34.07 13.41
N GLY E 164 -19.06 -32.98 13.83
CA GLY E 164 -18.41 -32.94 15.12
C GLY E 164 -17.50 -31.74 15.18
N TYR E 165 -16.51 -31.84 16.05
CA TYR E 165 -15.61 -30.73 16.25
C TYR E 165 -14.33 -31.22 16.89
N ALA E 166 -13.26 -30.46 16.68
CA ALA E 166 -12.02 -30.60 17.43
C ALA E 166 -11.92 -29.42 18.40
N LEU E 167 -11.65 -29.72 19.66
CA LEU E 167 -11.44 -28.70 20.68
C LEU E 167 -9.96 -28.65 21.03
N TYR E 168 -9.34 -27.49 20.84
CA TYR E 168 -7.95 -27.27 21.25
C TYR E 168 -7.99 -26.63 22.63
N GLY E 169 -8.17 -27.46 23.64
CA GLY E 169 -8.28 -26.98 25.00
C GLY E 169 -7.04 -27.31 25.79
N SER E 170 -7.19 -27.65 27.08
CA SER E 170 -6.03 -28.07 27.87
C SER E 170 -5.36 -29.28 27.24
N ALA E 171 -6.14 -30.08 26.53
CA ALA E 171 -5.64 -31.03 25.56
C ALA E 171 -6.49 -30.86 24.31
N THR E 172 -6.12 -31.55 23.25
CA THR E 172 -6.84 -31.52 22.00
C THR E 172 -7.73 -32.76 21.91
N MET E 173 -9.00 -32.57 21.62
CA MET E 173 -9.95 -33.68 21.55
C MET E 173 -10.79 -33.55 20.30
N LEU E 174 -11.03 -34.67 19.63
CA LEU E 174 -11.92 -34.71 18.48
C LEU E 174 -13.20 -35.47 18.85
N VAL E 175 -14.34 -34.84 18.62
CA VAL E 175 -15.64 -35.43 18.89
C VAL E 175 -16.31 -35.70 17.56
N LEU E 176 -16.65 -36.97 17.30
CA LEU E 176 -17.19 -37.41 16.01
C LEU E 176 -18.58 -38.01 16.22
N ALA E 177 -19.57 -37.45 15.52
CA ALA E 177 -20.96 -37.85 15.63
C ALA E 177 -21.41 -38.46 14.32
N MET E 178 -21.99 -39.65 14.39
CA MET E 178 -22.57 -40.32 13.23
C MET E 178 -23.84 -41.01 13.70
N ASP E 179 -24.41 -41.82 12.81
CA ASP E 179 -25.62 -42.56 13.16
C ASP E 179 -25.37 -43.46 14.36
N CYS E 180 -24.15 -44.03 14.45
CA CYS E 180 -23.79 -44.92 15.54
C CYS E 180 -23.60 -44.21 16.87
N GLY E 181 -23.71 -42.89 16.92
CA GLY E 181 -23.58 -42.13 18.14
C GLY E 181 -22.37 -41.21 18.11
N VAL E 182 -22.04 -40.70 19.30
CA VAL E 182 -20.97 -39.73 19.48
C VAL E 182 -19.81 -40.42 20.19
N ASN E 183 -18.62 -40.23 19.66
CA ASN E 183 -17.43 -40.83 20.24
C ASN E 183 -16.36 -39.75 20.36
N CYS E 184 -15.60 -39.81 21.44
CA CYS E 184 -14.60 -38.80 21.78
C CYS E 184 -13.21 -39.41 21.73
N PHE E 185 -12.30 -38.75 21.02
CA PHE E 185 -10.95 -39.22 20.76
C PHE E 185 -9.97 -38.17 21.26
N MET E 186 -9.04 -38.58 22.12
CA MET E 186 -8.03 -37.67 22.63
C MET E 186 -6.78 -37.79 21.78
N LEU E 187 -6.28 -36.65 21.33
CA LEU E 187 -5.02 -36.61 20.59
C LEU E 187 -3.84 -36.82 21.54
N ASP E 188 -3.08 -37.90 21.36
CA ASP E 188 -1.85 -38.09 22.10
C ASP E 188 -0.72 -37.44 21.31
N PRO E 189 -0.24 -36.29 21.74
CA PRO E 189 0.76 -35.57 20.92
C PRO E 189 2.10 -36.28 20.85
N ALA E 190 2.42 -37.16 21.80
CA ALA E 190 3.67 -37.90 21.74
C ALA E 190 3.73 -38.84 20.53
N ILE E 191 2.59 -39.27 20.00
CA ILE E 191 2.59 -40.15 18.84
C ILE E 191 1.71 -39.65 17.71
N GLY E 192 1.00 -38.55 17.92
CA GLY E 192 0.12 -38.05 16.88
C GLY E 192 -0.99 -38.99 16.47
N GLU E 193 -1.72 -39.55 17.44
CA GLU E 193 -2.89 -40.39 17.19
C GLU E 193 -4.03 -39.97 18.11
N PHE E 194 -5.25 -39.97 17.57
CA PHE E 194 -6.47 -39.77 18.35
C PHE E 194 -6.90 -41.11 18.97
N ILE E 195 -6.91 -41.17 20.30
CA ILE E 195 -7.23 -42.40 21.03
C ILE E 195 -8.66 -42.34 21.53
N LEU E 196 -9.43 -43.39 21.26
CA LEU E 196 -10.84 -43.44 21.67
C LEU E 196 -10.91 -43.54 23.18
N VAL E 197 -11.40 -42.49 23.85
CA VAL E 197 -11.45 -42.48 25.31
C VAL E 197 -12.87 -42.38 25.85
N ASP E 198 -13.85 -41.96 25.06
CA ASP E 198 -15.25 -41.90 25.52
C ASP E 198 -16.12 -42.41 24.37
N LYS E 199 -16.80 -43.53 24.59
CA LYS E 199 -17.52 -44.24 23.54
C LYS E 199 -19.03 -44.07 23.68
N ASP E 200 -19.70 -43.81 22.55
CA ASP E 200 -21.17 -43.79 22.52
C ASP E 200 -21.72 -42.87 23.60
N VAL E 201 -21.24 -41.63 23.60
CA VAL E 201 -21.50 -40.71 24.69
C VAL E 201 -22.95 -40.23 24.68
N LYS E 202 -23.54 -40.05 25.87
CA LYS E 202 -24.88 -39.52 26.07
C LYS E 202 -24.83 -38.36 27.06
N ILE E 203 -25.60 -37.32 26.78
CA ILE E 203 -25.68 -36.15 27.66
C ILE E 203 -26.62 -36.44 28.81
N LYS E 204 -26.36 -35.84 29.97
CA LYS E 204 -27.23 -35.97 31.13
C LYS E 204 -28.65 -35.50 30.82
N LYS E 205 -29.62 -36.14 31.48
CA LYS E 205 -31.02 -35.76 31.27
C LYS E 205 -31.26 -34.32 31.72
N LYS E 206 -30.61 -33.90 32.80
CA LYS E 206 -30.78 -32.55 33.29
C LYS E 206 -29.49 -32.13 33.96
N GLY E 207 -29.05 -30.91 33.66
CA GLY E 207 -27.80 -30.39 34.15
C GLY E 207 -28.01 -29.26 35.16
N LYS E 208 -26.88 -28.63 35.52
CA LYS E 208 -26.89 -27.57 36.51
C LYS E 208 -26.07 -26.35 36.09
N ILE E 209 -25.78 -26.18 34.80
CA ILE E 209 -25.00 -25.05 34.32
C ILE E 209 -25.73 -24.42 33.13
N TYR E 210 -25.86 -23.10 33.13
CA TYR E 210 -26.35 -22.36 31.98
C TYR E 210 -25.23 -21.48 31.44
N SER E 211 -25.26 -21.29 30.12
CA SER E 211 -24.13 -20.67 29.43
C SER E 211 -24.66 -19.67 28.41
N LEU E 212 -24.44 -18.38 28.67
CA LEU E 212 -24.72 -17.32 27.70
C LEU E 212 -24.03 -16.05 28.16
N ASN E 213 -23.92 -15.10 27.22
CA ASN E 213 -23.31 -13.79 27.47
C ASN E 213 -24.33 -12.88 28.11
N GLU E 214 -24.36 -12.86 29.45
CA GLU E 214 -25.35 -12.02 30.11
C GLU E 214 -25.06 -10.53 30.00
N GLY E 215 -23.91 -10.13 29.47
CA GLY E 215 -23.68 -8.72 29.27
C GLY E 215 -24.68 -8.07 28.33
N TYR E 216 -25.29 -8.85 27.45
CA TYR E 216 -26.29 -8.35 26.50
C TYR E 216 -27.71 -8.53 27.03
N ALA E 217 -27.88 -8.52 28.35
CA ALA E 217 -29.21 -8.72 28.94
C ALA E 217 -30.20 -7.63 28.54
N LYS E 218 -29.73 -6.38 28.34
CA LYS E 218 -30.61 -5.27 28.00
C LYS E 218 -31.40 -5.51 26.72
N ASP E 219 -30.92 -6.40 25.84
CA ASP E 219 -31.59 -6.70 24.58
C ASP E 219 -32.36 -8.01 24.60
N PHE E 220 -32.32 -8.77 25.69
CA PHE E 220 -32.96 -10.08 25.72
C PHE E 220 -34.47 -9.97 25.51
N ASP E 221 -35.03 -10.93 24.77
CA ASP E 221 -36.45 -11.14 24.82
C ASP E 221 -36.84 -11.59 26.23
N PRO E 222 -38.04 -11.21 26.68
CA PRO E 222 -38.47 -11.58 28.04
C PRO E 222 -38.35 -13.06 28.35
N ALA E 223 -38.55 -13.94 27.36
CA ALA E 223 -38.49 -15.37 27.62
C ALA E 223 -37.12 -15.78 28.12
N VAL E 224 -36.06 -15.27 27.49
CA VAL E 224 -34.72 -15.54 28.00
C VAL E 224 -34.56 -14.95 29.41
N THR E 225 -35.04 -13.72 29.60
CA THR E 225 -34.98 -13.09 30.92
C THR E 225 -35.67 -13.95 31.97
N GLU E 226 -36.84 -14.48 31.65
CA GLU E 226 -37.56 -15.32 32.61
C GLU E 226 -36.80 -16.62 32.87
N TYR E 227 -36.28 -17.25 31.81
CA TYR E 227 -35.55 -18.49 32.02
C TYR E 227 -34.31 -18.25 32.87
N ILE E 228 -33.58 -17.18 32.59
CA ILE E 228 -32.39 -16.89 33.36
C ILE E 228 -32.73 -16.68 34.82
N GLN E 229 -33.80 -15.91 35.08
CA GLN E 229 -34.25 -15.68 36.44
C GLN E 229 -34.56 -16.99 37.18
N ARG E 230 -35.19 -17.94 36.48
CA ARG E 230 -35.53 -19.22 37.10
C ARG E 230 -34.30 -20.06 37.38
N LYS E 231 -33.19 -19.85 36.65
CA LYS E 231 -31.95 -20.53 36.94
C LYS E 231 -31.25 -19.94 38.16
N LYS E 232 -31.30 -18.60 38.32
CA LYS E 232 -30.63 -17.95 39.44
C LYS E 232 -31.49 -17.97 40.69
N PHE E 233 -32.81 -17.83 40.53
CA PHE E 233 -33.76 -17.71 41.63
C PHE E 233 -34.80 -18.79 41.44
N PRO E 234 -34.47 -20.04 41.77
CA PRO E 234 -35.39 -21.13 41.49
C PRO E 234 -36.66 -20.95 42.30
N PRO E 235 -37.83 -21.10 41.66
CA PRO E 235 -39.09 -20.98 42.38
C PRO E 235 -39.38 -22.15 43.29
N ASP E 236 -38.81 -23.31 43.00
CA ASP E 236 -39.25 -24.59 43.53
C ASP E 236 -38.53 -25.11 44.76
N ASN E 237 -37.34 -24.55 45.08
CA ASN E 237 -36.47 -24.89 46.22
C ASN E 237 -35.18 -25.52 45.71
N SER E 238 -35.16 -25.83 44.42
CA SER E 238 -34.01 -26.48 43.81
C SER E 238 -32.77 -25.61 43.90
N ALA E 239 -31.62 -26.21 43.61
CA ALA E 239 -30.36 -25.48 43.69
C ALA E 239 -30.24 -24.48 42.54
N PRO E 240 -29.76 -23.26 42.81
CA PRO E 240 -29.48 -22.33 41.70
C PRO E 240 -28.39 -22.91 40.81
N TYR E 241 -28.57 -22.73 39.51
CA TYR E 241 -27.57 -23.21 38.56
C TYR E 241 -26.30 -22.37 38.66
N GLY E 242 -25.17 -23.00 38.33
CA GLY E 242 -23.96 -22.25 38.08
C GLY E 242 -23.93 -21.71 36.65
N ALA E 243 -23.12 -20.69 36.45
CA ALA E 243 -22.99 -20.04 35.14
C ALA E 243 -21.58 -20.21 34.62
N ARG E 244 -21.48 -20.53 33.32
CA ARG E 244 -20.19 -20.58 32.64
C ARG E 244 -20.34 -20.00 31.24
N TYR E 245 -19.40 -19.15 30.81
CA TYR E 245 -19.42 -18.68 29.43
C TYR E 245 -17.99 -18.36 29.01
N VAL E 246 -17.39 -19.27 28.24
CA VAL E 246 -16.04 -19.07 27.74
C VAL E 246 -16.05 -18.03 26.63
N GLY E 247 -17.12 -17.98 25.83
CA GLY E 247 -17.12 -17.12 24.66
C GLY E 247 -16.53 -17.76 23.44
N SER E 248 -16.16 -19.03 23.50
CA SER E 248 -15.71 -19.80 22.35
C SER E 248 -16.65 -20.99 22.25
N MET E 249 -17.39 -21.08 21.14
CA MET E 249 -18.55 -21.99 21.10
C MET E 249 -18.15 -23.44 21.33
N VAL E 250 -17.04 -23.88 20.73
CA VAL E 250 -16.68 -25.29 20.87
C VAL E 250 -16.45 -25.63 22.34
N ALA E 251 -15.82 -24.72 23.09
CA ALA E 251 -15.56 -25.00 24.49
C ALA E 251 -16.85 -25.04 25.33
N ASP E 252 -17.76 -24.09 25.11
CA ASP E 252 -19.00 -24.10 25.88
C ASP E 252 -19.87 -25.30 25.51
N VAL E 253 -19.95 -25.63 24.23
CA VAL E 253 -20.75 -26.78 23.83
C VAL E 253 -20.16 -28.07 24.41
N HIS E 254 -18.83 -28.20 24.40
CA HIS E 254 -18.20 -29.43 24.91
C HIS E 254 -18.46 -29.64 26.41
N ARG E 255 -18.34 -28.57 27.21
CA ARG E 255 -18.69 -28.67 28.63
C ARG E 255 -20.15 -29.06 28.82
N THR E 256 -21.05 -28.49 27.99
CA THR E 256 -22.46 -28.86 28.05
C THR E 256 -22.64 -30.36 27.78
N LEU E 257 -21.91 -30.87 26.81
CA LEU E 257 -21.94 -32.30 26.52
C LEU E 257 -21.38 -33.12 27.68
N VAL E 258 -20.31 -32.63 28.31
CA VAL E 258 -19.62 -33.42 29.33
C VAL E 258 -20.34 -33.34 30.66
N TYR E 259 -20.77 -32.14 31.07
CA TYR E 259 -21.39 -31.99 32.37
C TYR E 259 -22.90 -31.87 32.30
N GLY E 260 -23.46 -31.69 31.10
CA GLY E 260 -24.87 -31.39 30.99
C GLY E 260 -25.11 -29.92 31.23
N GLY E 261 -26.36 -29.53 31.10
CA GLY E 261 -26.74 -28.14 31.22
C GLY E 261 -27.22 -27.59 29.91
N ILE E 262 -27.11 -26.27 29.78
CA ILE E 262 -27.73 -25.57 28.66
C ILE E 262 -26.81 -24.48 28.14
N PHE E 263 -26.80 -24.33 26.83
CA PHE E 263 -26.06 -23.27 26.15
C PHE E 263 -27.07 -22.49 25.33
N LEU E 264 -27.04 -21.15 25.45
CA LEU E 264 -27.95 -20.26 24.73
C LEU E 264 -27.16 -19.16 24.03
N TYR E 265 -27.42 -18.98 22.74
CA TYR E 265 -27.08 -17.75 22.03
C TYR E 265 -28.36 -17.38 21.30
N PRO E 266 -29.32 -16.82 22.02
CA PRO E 266 -30.69 -16.72 21.52
C PRO E 266 -30.92 -15.47 20.68
N ALA E 267 -32.09 -15.45 20.05
CA ALA E 267 -32.48 -14.28 19.29
C ALA E 267 -32.75 -13.13 20.25
N ASN E 268 -32.48 -11.92 19.79
CA ASN E 268 -32.82 -10.74 20.55
C ASN E 268 -33.40 -9.71 19.59
N LYS E 269 -33.57 -8.50 20.08
CA LYS E 269 -34.20 -7.44 19.30
C LYS E 269 -33.26 -6.95 18.20
N LYS E 270 -31.96 -6.87 18.50
CA LYS E 270 -30.96 -6.44 17.51
C LYS E 270 -30.65 -7.50 16.46
N SER E 271 -30.76 -8.78 16.80
CA SER E 271 -30.38 -9.88 15.90
C SER E 271 -31.47 -10.94 15.90
N PRO E 272 -32.55 -10.74 15.13
CA PRO E 272 -33.68 -11.69 15.17
C PRO E 272 -33.34 -13.07 14.64
N ASN E 273 -32.24 -13.22 13.89
CA ASN E 273 -31.80 -14.51 13.41
C ASN E 273 -30.56 -15.03 14.14
N GLY E 274 -30.27 -14.50 15.33
CA GLY E 274 -29.09 -14.94 16.05
C GLY E 274 -27.82 -14.33 15.49
N LYS E 275 -26.69 -14.77 16.06
CA LYS E 275 -25.35 -14.39 15.60
C LYS E 275 -24.56 -15.56 15.04
N LEU E 276 -24.70 -16.74 15.63
CA LEU E 276 -23.93 -17.89 15.21
C LEU E 276 -24.39 -18.37 13.84
N ARG E 277 -23.47 -18.93 13.07
CA ARG E 277 -23.76 -19.34 11.71
C ARG E 277 -24.39 -20.73 11.67
N LEU E 278 -25.43 -20.89 10.83
CA LEU E 278 -26.22 -22.12 10.83
C LEU E 278 -25.45 -23.31 10.27
N LEU E 279 -24.74 -23.12 9.15
CA LEU E 279 -24.20 -24.26 8.41
C LEU E 279 -22.99 -24.87 9.10
N TYR E 280 -22.10 -24.05 9.66
CA TYR E 280 -20.82 -24.56 10.17
C TYR E 280 -20.61 -24.31 11.65
N GLU E 281 -21.64 -23.86 12.37
CA GLU E 281 -21.60 -23.79 13.83
C GLU E 281 -22.86 -24.44 14.41
N CYS E 282 -24.04 -23.97 13.98
CA CYS E 282 -25.27 -24.45 14.59
C CYS E 282 -25.58 -25.89 14.21
N ASN E 283 -25.60 -26.18 12.91
CA ASN E 283 -25.96 -27.52 12.45
C ASN E 283 -25.02 -28.59 12.99
N PRO E 284 -23.69 -28.47 12.89
CA PRO E 284 -22.84 -29.52 13.47
C PRO E 284 -23.04 -29.70 14.96
N MET E 285 -23.10 -28.61 15.73
CA MET E 285 -23.30 -28.77 17.17
C MET E 285 -24.66 -29.38 17.50
N ALA E 286 -25.72 -28.99 16.77
CA ALA E 286 -27.04 -29.57 16.97
C ALA E 286 -27.05 -31.07 16.66
N TYR E 287 -26.31 -31.46 15.63
CA TYR E 287 -26.19 -32.86 15.26
C TYR E 287 -25.47 -33.66 16.35
N VAL E 288 -24.35 -33.15 16.86
CA VAL E 288 -23.69 -33.80 18.00
C VAL E 288 -24.64 -33.92 19.18
N MET E 289 -25.35 -32.85 19.52
CA MET E 289 -26.25 -32.87 20.68
C MET E 289 -27.35 -33.90 20.49
N GLU E 290 -27.97 -33.92 19.32
CA GLU E 290 -29.07 -34.83 19.10
C GLU E 290 -28.61 -36.29 19.11
N LYS E 291 -27.45 -36.59 18.52
CA LYS E 291 -26.97 -37.97 18.59
C LYS E 291 -26.58 -38.39 19.99
N ALA E 292 -26.25 -37.44 20.86
CA ALA E 292 -25.92 -37.74 22.24
C ALA E 292 -27.14 -37.74 23.16
N GLY E 293 -28.35 -37.69 22.59
CA GLY E 293 -29.55 -37.62 23.39
C GLY E 293 -29.90 -36.24 23.90
N GLY E 294 -29.30 -35.19 23.33
CA GLY E 294 -29.64 -33.83 23.72
C GLY E 294 -30.63 -33.20 22.75
N MET E 295 -30.78 -31.89 22.88
CA MET E 295 -31.72 -31.16 22.07
C MET E 295 -31.07 -29.89 21.58
N ALA E 296 -31.57 -29.38 20.45
CA ALA E 296 -31.05 -28.14 19.88
C ALA E 296 -32.16 -27.45 19.11
N THR E 297 -32.59 -26.28 19.59
CA THR E 297 -33.72 -25.57 19.00
C THR E 297 -33.37 -24.11 18.74
N THR E 298 -34.08 -23.52 17.78
CA THR E 298 -34.07 -22.08 17.55
C THR E 298 -35.05 -21.35 18.45
N GLY E 299 -35.83 -22.07 19.24
CA GLY E 299 -36.96 -21.48 19.91
C GLY E 299 -38.22 -21.83 19.15
N LYS E 300 -38.21 -21.63 17.82
CA LYS E 300 -39.37 -21.99 17.03
C LYS E 300 -39.33 -23.42 16.51
N GLU E 301 -38.14 -23.96 16.23
CA GLU E 301 -38.05 -25.28 15.62
C GLU E 301 -36.69 -25.89 15.90
N ALA E 302 -36.59 -27.18 15.61
CA ALA E 302 -35.32 -27.89 15.69
C ALA E 302 -34.32 -27.26 14.73
N VAL E 303 -33.10 -27.04 15.22
CA VAL E 303 -32.05 -26.41 14.42
C VAL E 303 -31.85 -27.18 13.12
N LEU E 304 -31.82 -28.50 13.20
CA LEU E 304 -31.55 -29.36 12.07
C LEU E 304 -32.67 -29.34 11.02
N ASP E 305 -33.83 -28.76 11.33
CA ASP E 305 -34.93 -28.66 10.37
C ASP E 305 -34.97 -27.33 9.62
N VAL E 306 -34.17 -26.34 10.04
CA VAL E 306 -34.10 -25.07 9.31
C VAL E 306 -33.60 -25.34 7.89
N ILE E 307 -34.35 -24.85 6.91
CA ILE E 307 -33.97 -24.97 5.50
C ILE E 307 -33.20 -23.71 5.12
N PRO E 308 -31.88 -23.77 4.92
CA PRO E 308 -31.11 -22.55 4.65
C PRO E 308 -31.30 -22.05 3.22
N THR E 309 -31.20 -20.74 3.08
CA THR E 309 -31.22 -20.12 1.76
C THR E 309 -29.93 -19.39 1.43
N ASP E 310 -29.05 -19.19 2.41
CA ASP E 310 -27.76 -18.54 2.24
C ASP E 310 -26.74 -19.30 3.08
N ILE E 311 -25.54 -19.53 2.54
CA ILE E 311 -24.57 -20.37 3.21
C ILE E 311 -24.03 -19.76 4.50
N HIS E 312 -24.15 -18.44 4.67
CA HIS E 312 -23.62 -17.74 5.84
C HIS E 312 -24.72 -17.21 6.77
N GLN E 313 -25.96 -17.71 6.66
CA GLN E 313 -27.05 -17.18 7.47
C GLN E 313 -26.91 -17.61 8.93
N ARG E 314 -27.46 -16.78 9.80
CA ARG E 314 -27.38 -17.03 11.23
C ARG E 314 -28.65 -17.73 11.72
N ALA E 315 -28.56 -18.30 12.92
CA ALA E 315 -29.68 -18.94 13.57
C ALA E 315 -29.52 -18.80 15.07
N PRO E 316 -30.60 -18.53 15.82
CA PRO E 316 -30.52 -18.63 17.27
C PRO E 316 -30.38 -20.08 17.68
N VAL E 317 -29.71 -20.32 18.80
CA VAL E 317 -29.45 -21.69 19.22
C VAL E 317 -29.62 -21.81 20.72
N ILE E 318 -30.38 -22.81 21.14
CA ILE E 318 -30.49 -23.21 22.52
C ILE E 318 -30.26 -24.71 22.56
N LEU E 319 -29.30 -25.16 23.35
CA LEU E 319 -29.01 -26.58 23.28
C LEU E 319 -28.53 -27.11 24.62
N GLY E 320 -28.57 -28.43 24.73
CA GLY E 320 -28.09 -29.12 25.91
C GLY E 320 -28.98 -30.23 26.39
N SER E 321 -28.98 -30.43 27.70
CA SER E 321 -29.78 -31.50 28.30
C SER E 321 -31.24 -31.30 27.96
N PRO E 322 -31.97 -32.38 27.65
CA PRO E 322 -33.36 -32.21 27.18
C PRO E 322 -34.25 -31.57 28.23
N ASP E 323 -34.10 -31.94 29.50
CA ASP E 323 -34.91 -31.30 30.54
C ASP E 323 -34.62 -29.81 30.65
N ASP E 324 -33.39 -29.39 30.37
CA ASP E 324 -33.11 -27.95 30.42
C ASP E 324 -33.67 -27.23 29.20
N VAL E 325 -33.59 -27.86 28.01
CA VAL E 325 -34.18 -27.27 26.81
C VAL E 325 -35.71 -27.31 26.86
N LEU E 326 -36.28 -28.41 27.35
CA LEU E 326 -37.75 -28.46 27.47
C LEU E 326 -38.26 -27.39 28.42
N GLU E 327 -37.52 -27.11 29.49
CA GLU E 327 -37.92 -26.03 30.40
C GLU E 327 -37.83 -24.68 29.71
N PHE E 328 -36.83 -24.49 28.84
CA PHE E 328 -36.74 -23.23 28.10
C PHE E 328 -37.87 -23.08 27.11
N LEU E 329 -38.19 -24.15 26.35
CA LEU E 329 -39.26 -24.09 25.36
C LEU E 329 -40.64 -23.86 25.98
N LYS E 330 -40.89 -24.41 27.17
CA LYS E 330 -42.15 -24.14 27.87
C LYS E 330 -42.30 -22.64 28.15
N VAL E 331 -41.24 -22.01 28.64
CA VAL E 331 -41.24 -20.57 28.86
C VAL E 331 -41.36 -19.84 27.53
N TYR E 332 -40.78 -20.39 26.47
CA TYR E 332 -40.89 -19.75 25.17
C TYR E 332 -42.34 -19.72 24.71
N GLU E 333 -43.07 -20.82 24.93
CA GLU E 333 -44.46 -20.91 24.51
C GLU E 333 -45.35 -20.01 25.36
N LYS E 334 -45.02 -19.82 26.64
CA LYS E 334 -45.78 -18.90 27.48
C LYS E 334 -45.78 -17.49 26.91
N HIS E 335 -44.66 -17.07 26.30
CA HIS E 335 -44.54 -15.74 25.70
C HIS E 335 -44.89 -15.73 24.22
N SER E 336 -45.78 -16.63 23.79
CA SER E 336 -46.22 -16.71 22.41
C SER E 336 -45.05 -16.93 21.47
N ASP F 10 16.52 -9.38 18.65
CA ASP F 10 17.17 -10.55 19.24
C ASP F 10 16.19 -11.35 20.08
N VAL F 11 16.18 -12.67 19.87
CA VAL F 11 15.33 -13.56 20.65
C VAL F 11 15.76 -13.60 22.11
N ASN F 12 14.78 -13.84 23.00
CA ASN F 12 15.04 -14.00 24.42
C ASN F 12 14.19 -15.14 24.96
N THR F 13 14.74 -15.87 25.93
CA THR F 13 14.03 -16.96 26.57
C THR F 13 13.84 -16.62 28.05
N LEU F 14 13.01 -17.42 28.72
CA LEU F 14 12.81 -17.21 30.15
C LEU F 14 14.13 -17.31 30.92
N THR F 15 14.87 -18.40 30.71
CA THR F 15 16.10 -18.63 31.46
C THR F 15 17.12 -17.54 31.17
N ARG F 16 17.28 -17.19 29.89
CA ARG F 16 18.21 -16.14 29.52
C ARG F 16 17.76 -14.80 30.08
N PHE F 17 16.47 -14.53 30.05
CA PHE F 17 15.92 -13.30 30.65
C PHE F 17 16.23 -13.23 32.14
N VAL F 18 15.97 -14.31 32.85
CA VAL F 18 16.14 -14.29 34.30
C VAL F 18 17.62 -14.15 34.67
N MET F 19 18.50 -14.85 33.93
CA MET F 19 19.94 -14.74 34.17
C MET F 19 20.42 -13.31 33.96
N GLU F 20 19.92 -12.66 32.90
CA GLU F 20 20.35 -11.29 32.62
C GLU F 20 19.93 -10.36 33.74
N GLU F 21 18.70 -10.53 34.24
CA GLU F 21 18.25 -9.70 35.35
C GLU F 21 19.03 -10.01 36.63
N GLY F 22 19.40 -11.28 36.84
CA GLY F 22 20.20 -11.64 38.00
C GLY F 22 21.57 -11.00 38.00
N ARG F 23 22.23 -10.98 36.84
CA ARG F 23 23.53 -10.33 36.73
C ARG F 23 23.42 -8.82 36.94
N LYS F 24 22.37 -8.19 36.40
CA LYS F 24 22.17 -6.76 36.65
C LYS F 24 22.12 -6.48 38.14
N ALA F 25 21.27 -7.20 38.86
CA ALA F 25 21.06 -7.00 40.28
C ALA F 25 22.18 -7.56 41.14
N ARG F 26 23.09 -8.35 40.57
CA ARG F 26 24.21 -8.94 41.30
C ARG F 26 23.76 -9.82 42.46
N GLY F 27 22.69 -10.59 42.26
CA GLY F 27 22.23 -11.52 43.26
C GLY F 27 23.09 -12.77 43.26
N THR F 28 22.84 -13.66 44.23
CA THR F 28 23.70 -14.82 44.42
C THR F 28 23.50 -15.88 43.34
N GLY F 29 22.34 -15.90 42.69
CA GLY F 29 21.96 -16.93 41.75
C GLY F 29 20.88 -17.87 42.26
N GLU F 30 20.57 -17.79 43.56
CA GLU F 30 19.61 -18.70 44.17
C GLU F 30 18.22 -18.53 43.57
N LEU F 31 17.78 -17.28 43.36
CA LEU F 31 16.47 -17.03 42.78
C LEU F 31 16.37 -17.54 41.33
N THR F 32 17.46 -17.41 40.57
CA THR F 32 17.47 -17.92 39.19
C THR F 32 17.36 -19.44 39.17
N GLN F 33 18.08 -20.12 40.06
CA GLN F 33 17.93 -21.57 40.17
C GLN F 33 16.50 -21.94 40.54
N LEU F 34 15.87 -21.13 41.39
CA LEU F 34 14.47 -21.34 41.75
C LEU F 34 13.58 -21.28 40.51
N LEU F 35 13.72 -20.21 39.72
CA LEU F 35 12.82 -20.00 38.60
C LEU F 35 13.07 -21.02 37.48
N ASN F 36 14.34 -21.36 37.22
CA ASN F 36 14.63 -22.38 36.22
C ASN F 36 14.06 -23.74 36.65
N SER F 37 14.07 -24.03 37.96
CA SER F 37 13.48 -25.28 38.42
C SER F 37 11.98 -25.27 38.21
N LEU F 38 11.33 -24.14 38.51
CA LEU F 38 9.88 -24.05 38.32
C LEU F 38 9.53 -24.16 36.85
N CYS F 39 10.33 -23.54 35.99
CA CYS F 39 10.11 -23.63 34.55
C CYS F 39 10.17 -25.08 34.07
N THR F 40 11.11 -25.85 34.60
CA THR F 40 11.22 -27.27 34.21
C THR F 40 9.96 -28.03 34.62
N ALA F 41 9.50 -27.80 35.84
CA ALA F 41 8.28 -28.43 36.33
C ALA F 41 7.06 -28.01 35.53
N VAL F 42 7.01 -26.73 35.13
CA VAL F 42 5.87 -26.22 34.35
C VAL F 42 5.80 -26.91 33.00
N LYS F 43 6.96 -27.14 32.37
CA LYS F 43 6.97 -27.82 31.08
C LYS F 43 6.52 -29.27 31.22
N ALA F 44 6.83 -29.89 32.37
CA ALA F 44 6.38 -31.26 32.60
C ALA F 44 4.89 -31.31 32.89
N ILE F 45 4.38 -30.32 33.59
CA ILE F 45 2.93 -30.23 33.87
C ILE F 45 2.17 -30.06 32.56
N SER F 46 2.65 -29.13 31.72
CA SER F 46 2.03 -28.88 30.43
C SER F 46 1.98 -30.15 29.60
N SER F 47 3.07 -30.91 29.57
CA SER F 47 3.11 -32.14 28.77
C SER F 47 2.05 -33.12 29.23
N ALA F 48 1.92 -33.31 30.54
CA ALA F 48 0.87 -34.21 31.03
C ALA F 48 -0.52 -33.61 30.79
N VAL F 49 -0.68 -32.29 30.94
CA VAL F 49 -1.99 -31.66 30.72
C VAL F 49 -2.46 -31.85 29.28
N ARG F 50 -1.55 -31.75 28.32
CA ARG F 50 -1.83 -32.01 26.92
C ARG F 50 -1.97 -33.50 26.61
N LYS F 51 -1.86 -34.37 27.62
CA LYS F 51 -2.15 -35.81 27.50
C LYS F 51 -1.09 -36.58 26.70
N ALA F 52 0.17 -36.19 26.87
CA ALA F 52 1.27 -37.03 26.41
C ALA F 52 1.22 -38.39 27.10
N GLY F 53 1.34 -39.46 26.32
CA GLY F 53 1.37 -40.80 26.87
C GLY F 53 0.02 -41.39 27.21
N ILE F 54 -1.08 -40.69 26.94
CA ILE F 54 -2.39 -41.21 27.27
C ILE F 54 -2.67 -42.51 26.52
N ALA F 55 -2.03 -42.69 25.36
CA ALA F 55 -2.22 -43.92 24.61
C ALA F 55 -1.83 -45.14 25.44
N HIS F 56 -0.81 -45.00 26.29
CA HIS F 56 -0.42 -46.12 27.15
C HIS F 56 -1.43 -46.38 28.26
N LEU F 57 -2.11 -45.33 28.73
CA LEU F 57 -3.19 -45.54 29.69
C LEU F 57 -4.34 -46.30 29.06
N TYR F 58 -4.45 -46.27 27.74
CA TYR F 58 -5.56 -46.90 27.05
C TYR F 58 -5.11 -48.16 26.32
N GLY F 59 -3.99 -48.75 26.74
CA GLY F 59 -3.66 -50.10 26.36
C GLY F 59 -2.96 -50.27 25.03
N ILE F 60 -2.27 -49.25 24.53
CA ILE F 60 -1.63 -49.38 23.23
C ILE F 60 -0.57 -50.47 23.24
N ALA F 61 0.04 -50.74 24.39
CA ALA F 61 1.02 -51.81 24.51
C ALA F 61 0.47 -53.03 25.25
N GLY F 62 -0.84 -53.13 25.40
CA GLY F 62 -1.46 -54.27 26.05
C GLY F 62 -1.86 -54.04 27.50
N LYS F 73 -5.58 -37.87 39.42
CA LYS F 73 -4.13 -38.08 39.56
C LYS F 73 -3.33 -36.90 39.02
N LEU F 74 -3.94 -36.13 38.11
CA LEU F 74 -3.21 -35.08 37.42
C LEU F 74 -2.74 -34.01 38.39
N ASP F 75 -3.61 -33.61 39.33
CA ASP F 75 -3.23 -32.58 40.29
C ASP F 75 -2.22 -33.12 41.31
N VAL F 76 -2.24 -34.43 41.57
CA VAL F 76 -1.23 -35.00 42.45
C VAL F 76 0.14 -34.98 41.77
N LEU F 77 0.19 -35.40 40.50
CA LEU F 77 1.43 -35.32 39.74
C LEU F 77 1.95 -33.89 39.64
N SER F 78 1.06 -32.92 39.33
CA SER F 78 1.50 -31.52 39.23
C SER F 78 2.15 -31.04 40.52
N ASN F 79 1.55 -31.38 41.65
CA ASN F 79 2.11 -31.03 42.94
C ASN F 79 3.46 -31.70 43.16
N ASP F 80 3.60 -32.96 42.72
CA ASP F 80 4.86 -33.67 42.90
C ASP F 80 5.99 -33.08 42.05
N LEU F 81 5.68 -32.64 40.83
CA LEU F 81 6.72 -31.98 40.03
C LEU F 81 7.19 -30.68 40.68
N VAL F 82 6.25 -29.82 41.09
CA VAL F 82 6.65 -28.55 41.67
C VAL F 82 7.40 -28.79 42.97
N MET F 83 6.85 -29.65 43.83
CA MET F 83 7.50 -29.97 45.10
C MET F 83 8.91 -30.49 44.89
N ASN F 84 9.08 -31.42 43.95
CA ASN F 84 10.39 -32.02 43.81
C ASN F 84 11.40 -31.06 43.20
N MET F 85 11.00 -30.28 42.19
CA MET F 85 11.97 -29.41 41.54
C MET F 85 12.39 -28.28 42.47
N LEU F 86 11.45 -27.77 43.28
CA LEU F 86 11.80 -26.68 44.17
C LEU F 86 12.71 -27.15 45.31
N LYS F 87 12.40 -28.31 45.91
CA LYS F 87 13.26 -28.90 46.92
C LYS F 87 14.67 -29.12 46.38
N SER F 88 14.78 -29.85 45.26
CA SER F 88 16.10 -30.14 44.73
C SER F 88 16.80 -28.92 44.15
N SER F 89 16.12 -27.77 44.11
CA SER F 89 16.75 -26.56 43.60
C SER F 89 17.72 -25.95 44.60
N PHE F 90 17.66 -26.35 45.87
CA PHE F 90 18.49 -25.77 46.93
C PHE F 90 18.22 -24.27 47.14
N ALA F 91 17.06 -23.79 46.70
CA ALA F 91 16.72 -22.38 46.80
C ALA F 91 15.57 -22.12 47.77
N THR F 92 14.95 -23.18 48.32
CA THR F 92 13.75 -23.07 49.14
C THR F 92 13.97 -23.63 50.54
N CYS F 93 13.13 -23.13 51.47
CA CYS F 93 13.11 -23.64 52.84
C CYS F 93 11.67 -23.93 53.28
N VAL F 94 10.70 -23.18 52.77
CA VAL F 94 9.30 -23.40 53.12
C VAL F 94 8.46 -23.43 51.85
N LEU F 95 7.63 -24.48 51.72
CA LEU F 95 6.78 -24.67 50.55
C LEU F 95 5.33 -24.81 50.99
N VAL F 96 4.46 -23.95 50.48
CA VAL F 96 3.03 -24.01 50.73
C VAL F 96 2.34 -24.37 49.43
N SER F 97 1.48 -25.39 49.47
CA SER F 97 0.78 -25.83 48.29
C SER F 97 -0.70 -26.00 48.61
N GLU F 98 -1.56 -25.64 47.65
CA GLU F 98 -2.98 -25.92 47.76
C GLU F 98 -3.23 -27.39 48.09
N GLU F 99 -2.32 -28.27 47.67
CA GLU F 99 -2.54 -29.71 47.79
C GLU F 99 -2.17 -30.26 49.16
N ASP F 100 -1.45 -29.50 49.98
CA ASP F 100 -0.84 -30.00 51.21
C ASP F 100 -1.37 -29.25 52.44
N LYS F 101 -1.84 -30.02 53.43
CA LYS F 101 -2.49 -29.46 54.60
C LYS F 101 -1.56 -28.57 55.42
N HIS F 102 -0.32 -28.98 55.62
CA HIS F 102 0.63 -28.20 56.40
C HIS F 102 1.72 -27.63 55.51
N ALA F 103 2.36 -26.58 56.02
CA ALA F 103 3.53 -26.04 55.34
C ALA F 103 4.62 -27.10 55.27
N ILE F 104 5.34 -27.12 54.16
CA ILE F 104 6.44 -28.07 53.99
C ILE F 104 7.75 -27.39 54.40
N ILE F 105 8.52 -28.07 55.24
CA ILE F 105 9.84 -27.60 55.64
C ILE F 105 10.88 -28.39 54.85
N VAL F 106 11.65 -27.68 54.02
CA VAL F 106 12.70 -28.32 53.24
C VAL F 106 13.78 -28.86 54.17
N GLU F 107 14.27 -30.05 53.85
CA GLU F 107 15.31 -30.66 54.67
C GLU F 107 16.58 -29.82 54.65
N PRO F 108 17.32 -29.80 55.76
CA PRO F 108 18.44 -28.84 55.89
C PRO F 108 19.49 -28.93 54.79
N GLU F 109 19.83 -30.12 54.30
CA GLU F 109 20.92 -30.17 53.32
C GLU F 109 20.52 -29.58 51.97
N LYS F 110 19.24 -29.29 51.75
CA LYS F 110 18.76 -28.69 50.51
C LYS F 110 18.18 -27.28 50.70
N ARG F 111 18.30 -26.70 51.88
CA ARG F 111 17.60 -25.46 52.19
C ARG F 111 18.21 -24.23 51.53
N GLY F 112 17.33 -23.37 51.02
CA GLY F 112 17.69 -22.06 50.55
C GLY F 112 16.88 -21.00 51.28
N LYS F 113 16.90 -19.77 50.78
CA LYS F 113 16.36 -18.64 51.52
C LYS F 113 14.94 -18.22 51.10
N TYR F 114 14.27 -18.97 50.22
CA TYR F 114 12.99 -18.52 49.69
C TYR F 114 11.82 -19.39 50.17
N VAL F 115 10.65 -18.76 50.23
CA VAL F 115 9.38 -19.43 50.52
C VAL F 115 8.51 -19.35 49.28
N VAL F 116 7.92 -20.47 48.89
CA VAL F 116 7.11 -20.50 47.67
C VAL F 116 5.70 -20.96 48.02
N CYS F 117 4.72 -20.16 47.68
CA CYS F 117 3.31 -20.52 47.77
C CYS F 117 2.81 -20.77 46.36
N PHE F 118 2.14 -21.89 46.14
CA PHE F 118 1.75 -22.23 44.78
C PHE F 118 0.50 -23.09 44.77
N ASP F 119 -0.22 -22.99 43.65
CA ASP F 119 -1.31 -23.91 43.31
C ASP F 119 -0.85 -24.68 42.08
N PRO F 120 -0.50 -25.96 42.21
CA PRO F 120 0.16 -26.66 41.09
C PRO F 120 -0.71 -26.83 39.87
N LEU F 121 -2.03 -27.03 40.06
CA LEU F 121 -2.93 -27.17 38.91
C LEU F 121 -4.31 -26.61 39.28
N ASP F 122 -4.44 -25.29 39.14
CA ASP F 122 -5.71 -24.63 39.43
C ASP F 122 -6.69 -24.86 38.28
N GLY F 123 -7.95 -25.09 38.63
CA GLY F 123 -8.98 -25.36 37.64
C GLY F 123 -9.17 -26.83 37.32
N SER F 124 -8.41 -27.71 37.97
CA SER F 124 -8.43 -29.13 37.65
C SER F 124 -9.76 -29.78 38.00
N SER F 125 -10.63 -29.07 38.72
CA SER F 125 -11.96 -29.60 39.05
C SER F 125 -12.77 -29.92 37.80
N ASN F 126 -12.68 -29.06 36.78
CA ASN F 126 -13.42 -29.21 35.54
C ASN F 126 -12.56 -29.72 34.39
N ILE F 127 -11.42 -30.35 34.67
CA ILE F 127 -10.56 -30.82 33.59
C ILE F 127 -11.22 -31.93 32.77
N ASP F 128 -12.34 -32.48 33.24
CA ASP F 128 -13.11 -33.45 32.45
C ASP F 128 -13.59 -32.83 31.15
N CYS F 129 -13.85 -31.52 31.14
CA CYS F 129 -14.31 -30.80 29.95
C CYS F 129 -13.19 -30.06 29.25
N LEU F 130 -11.93 -30.34 29.60
CA LEU F 130 -10.76 -29.78 28.93
C LEU F 130 -10.72 -28.25 29.03
N VAL F 131 -11.27 -27.72 30.13
CA VAL F 131 -11.15 -26.31 30.43
C VAL F 131 -9.68 -25.94 30.60
N SER F 132 -9.36 -24.68 30.26
CA SER F 132 -8.06 -24.10 30.61
C SER F 132 -7.76 -24.37 32.06
N VAL F 133 -6.51 -24.74 32.34
CA VAL F 133 -5.98 -24.89 33.69
C VAL F 133 -4.67 -24.13 33.78
N GLY F 134 -4.14 -24.02 35.00
CA GLY F 134 -2.92 -23.26 35.20
C GLY F 134 -2.26 -23.56 36.53
N THR F 135 -1.01 -23.12 36.62
CA THR F 135 -0.20 -23.17 37.83
C THR F 135 0.05 -21.74 38.29
N ILE F 136 -0.10 -21.48 39.59
CA ILE F 136 0.08 -20.15 40.17
C ILE F 136 1.18 -20.21 41.22
N PHE F 137 2.02 -19.17 41.28
CA PHE F 137 3.10 -19.17 42.26
C PHE F 137 3.41 -17.74 42.73
N GLY F 138 3.85 -17.64 43.97
CA GLY F 138 4.37 -16.42 44.56
C GLY F 138 5.59 -16.76 45.41
N ILE F 139 6.63 -15.92 45.35
CA ILE F 139 7.92 -16.25 45.92
C ILE F 139 8.29 -15.18 46.93
N TYR F 140 8.56 -15.57 48.17
CA TYR F 140 8.99 -14.67 49.22
C TYR F 140 10.42 -14.97 49.65
N ARG F 141 11.08 -13.94 50.14
CA ARG F 141 12.32 -14.11 50.87
C ARG F 141 11.98 -14.44 52.32
N LYS F 142 12.79 -15.29 52.94
CA LYS F 142 12.62 -15.54 54.37
C LYS F 142 13.02 -14.30 55.16
N LYS F 143 12.18 -13.93 56.12
CA LYS F 143 12.36 -12.67 56.84
C LYS F 143 13.03 -12.84 58.19
N SER F 144 12.86 -13.99 58.84
CA SER F 144 13.41 -14.22 60.17
C SER F 144 14.72 -14.99 60.09
N THR F 145 15.47 -14.95 61.19
CA THR F 145 16.70 -15.72 61.34
C THR F 145 16.48 -17.06 62.04
N ASP F 146 15.25 -17.40 62.42
CA ASP F 146 14.98 -18.68 63.06
C ASP F 146 15.22 -19.83 62.09
N GLU F 147 15.08 -21.04 62.63
CA GLU F 147 14.94 -22.21 61.77
C GLU F 147 13.65 -22.04 60.98
N PRO F 148 13.62 -22.44 59.70
CA PRO F 148 12.42 -22.19 58.90
C PRO F 148 11.17 -22.79 59.52
N SER F 149 10.06 -22.07 59.38
CA SER F 149 8.80 -22.44 59.98
C SER F 149 7.64 -21.96 59.12
N GLU F 150 6.43 -22.41 59.49
CA GLU F 150 5.22 -22.02 58.77
C GLU F 150 5.02 -20.52 58.74
N LYS F 151 5.45 -19.82 59.80
CA LYS F 151 5.22 -18.39 59.89
C LYS F 151 5.86 -17.63 58.73
N ASP F 152 6.93 -18.20 58.13
CA ASP F 152 7.62 -17.55 57.02
C ASP F 152 6.76 -17.44 55.76
N ALA F 153 5.68 -18.20 55.67
CA ALA F 153 4.77 -18.11 54.54
C ALA F 153 3.62 -17.15 54.78
N LEU F 154 3.49 -16.64 56.01
CA LEU F 154 2.39 -15.75 56.39
C LEU F 154 2.74 -14.27 56.21
N GLN F 155 3.42 -13.93 55.12
CA GLN F 155 3.68 -12.51 54.86
C GLN F 155 2.60 -11.95 53.94
N PRO F 156 2.31 -10.66 54.07
CA PRO F 156 1.39 -10.03 53.11
C PRO F 156 2.01 -10.03 51.73
N GLY F 157 1.15 -9.98 50.71
CA GLY F 157 1.61 -9.99 49.34
C GLY F 157 2.54 -8.83 49.00
N ARG F 158 2.50 -7.74 49.78
CA ARG F 158 3.44 -6.64 49.57
C ARG F 158 4.89 -7.10 49.57
N ASN F 159 5.20 -8.14 50.30
CA ASN F 159 6.57 -8.65 50.45
C ASN F 159 7.00 -9.57 49.30
N LEU F 160 6.17 -9.77 48.28
CA LEU F 160 6.51 -10.72 47.22
C LEU F 160 7.74 -10.26 46.44
N VAL F 161 8.70 -11.17 46.25
CA VAL F 161 9.87 -10.87 45.42
C VAL F 161 9.55 -11.15 43.97
N ALA F 162 8.79 -12.20 43.71
CA ALA F 162 8.36 -12.50 42.36
C ALA F 162 7.10 -13.35 42.44
N ALA F 163 6.29 -13.27 41.39
CA ALA F 163 5.09 -14.08 41.32
C ALA F 163 4.69 -14.18 39.86
N GLY F 164 3.76 -15.10 39.59
CA GLY F 164 3.22 -15.24 38.26
C GLY F 164 2.43 -16.52 38.13
N TYR F 165 2.26 -16.94 36.89
CA TYR F 165 1.46 -18.11 36.58
C TYR F 165 1.86 -18.68 35.24
N ALA F 166 1.58 -19.96 35.09
CA ALA F 166 1.60 -20.64 33.82
C ALA F 166 0.16 -20.91 33.40
N LEU F 167 -0.18 -20.53 32.17
CA LEU F 167 -1.49 -20.83 31.59
C LEU F 167 -1.33 -21.93 30.55
N TYR F 168 -1.99 -23.06 30.78
CA TYR F 168 -2.04 -24.17 29.82
C TYR F 168 -3.38 -24.06 29.08
N GLY F 169 -3.41 -23.18 28.09
CA GLY F 169 -4.63 -22.93 27.36
C GLY F 169 -4.53 -23.53 25.97
N SER F 170 -5.03 -22.80 24.97
CA SER F 170 -4.82 -23.23 23.59
C SER F 170 -3.34 -23.33 23.26
N ALA F 171 -2.53 -22.48 23.87
CA ALA F 171 -1.10 -22.67 23.95
C ALA F 171 -0.71 -22.50 25.41
N THR F 172 0.53 -22.84 25.74
CA THR F 172 1.06 -22.73 27.09
C THR F 172 1.91 -21.47 27.20
N MET F 173 1.61 -20.64 28.19
CA MET F 173 2.31 -19.38 28.41
C MET F 173 2.60 -19.25 29.90
N LEU F 174 3.79 -18.76 30.21
CA LEU F 174 4.20 -18.41 31.57
C LEU F 174 4.27 -16.89 31.64
N VAL F 175 3.63 -16.31 32.65
CA VAL F 175 3.64 -14.88 32.93
C VAL F 175 4.40 -14.64 34.22
N LEU F 176 5.48 -13.85 34.16
CA LEU F 176 6.38 -13.64 35.30
C LEU F 176 6.38 -12.17 35.69
N ALA F 177 6.01 -11.90 36.95
CA ALA F 177 5.98 -10.54 37.47
C ALA F 177 7.07 -10.40 38.52
N MET F 178 7.91 -9.38 38.36
CA MET F 178 8.96 -9.03 39.29
C MET F 178 8.97 -7.52 39.40
N ASP F 179 9.99 -6.98 40.05
CA ASP F 179 10.09 -5.53 40.21
C ASP F 179 10.14 -4.81 38.86
N CYS F 180 10.85 -5.38 37.89
CA CYS F 180 11.04 -4.78 36.57
C CYS F 180 9.78 -4.79 35.73
N GLY F 181 8.69 -5.37 36.22
CA GLY F 181 7.45 -5.44 35.48
C GLY F 181 6.95 -6.85 35.20
N VAL F 182 6.01 -6.97 34.28
CA VAL F 182 5.38 -8.24 33.91
C VAL F 182 5.84 -8.60 32.51
N ASN F 183 6.26 -9.86 32.34
CA ASN F 183 6.71 -10.37 31.06
C ASN F 183 6.06 -11.72 30.78
N CYS F 184 5.73 -11.97 29.51
CA CYS F 184 4.98 -13.14 29.07
C CYS F 184 5.83 -13.97 28.12
N PHE F 185 5.95 -15.26 28.42
CA PHE F 185 6.82 -16.16 27.67
C PHE F 185 5.94 -17.28 27.13
N MET F 186 6.03 -17.54 25.82
CA MET F 186 5.26 -18.62 25.20
C MET F 186 6.11 -19.88 25.09
N LEU F 187 5.60 -21.00 25.61
CA LEU F 187 6.30 -22.27 25.50
C LEU F 187 6.19 -22.79 24.08
N ASP F 188 7.33 -22.98 23.42
CA ASP F 188 7.39 -23.63 22.12
C ASP F 188 7.57 -25.12 22.38
N PRO F 189 6.53 -25.94 22.21
CA PRO F 189 6.67 -27.37 22.52
C PRO F 189 7.63 -28.12 21.61
N ALA F 190 7.97 -27.58 20.45
CA ALA F 190 8.93 -28.24 19.58
C ALA F 190 10.35 -28.23 20.16
N ILE F 191 10.67 -27.30 21.05
CA ILE F 191 12.03 -27.25 21.61
C ILE F 191 11.99 -27.16 23.13
N GLY F 192 10.80 -27.03 23.70
CA GLY F 192 10.72 -26.95 25.14
C GLY F 192 11.45 -25.76 25.71
N GLU F 193 11.20 -24.57 25.15
CA GLU F 193 11.74 -23.32 25.66
C GLU F 193 10.64 -22.28 25.72
N PHE F 194 10.62 -21.50 26.81
CA PHE F 194 9.68 -20.38 26.94
C PHE F 194 10.24 -19.14 26.24
N ILE F 195 9.55 -18.69 25.20
CA ILE F 195 9.99 -17.60 24.33
C ILE F 195 9.30 -16.33 24.79
N LEU F 196 10.09 -15.27 24.98
CA LEU F 196 9.57 -13.97 25.42
C LEU F 196 8.77 -13.33 24.28
N VAL F 197 7.46 -13.17 24.45
CA VAL F 197 6.62 -12.62 23.39
C VAL F 197 5.97 -11.29 23.75
N ASP F 198 5.85 -10.92 25.03
CA ASP F 198 5.28 -9.63 25.41
C ASP F 198 6.08 -9.05 26.56
N LYS F 199 6.69 -7.88 26.33
CA LYS F 199 7.64 -7.30 27.28
C LYS F 199 6.98 -6.18 28.06
N ASP F 200 7.18 -6.18 29.38
CA ASP F 200 6.78 -5.09 30.28
C ASP F 200 5.29 -4.75 30.08
N VAL F 201 4.44 -5.76 30.23
CA VAL F 201 3.05 -5.59 29.86
C VAL F 201 2.30 -4.73 30.85
N LYS F 202 1.34 -3.96 30.33
CA LYS F 202 0.47 -3.09 31.10
C LYS F 202 -0.98 -3.39 30.76
N ILE F 203 -1.83 -3.38 31.77
CA ILE F 203 -3.26 -3.55 31.56
C ILE F 203 -3.87 -2.22 31.14
N LYS F 204 -4.93 -2.29 30.34
CA LYS F 204 -5.69 -1.09 30.00
C LYS F 204 -6.24 -0.42 31.25
N LYS F 205 -6.34 0.91 31.20
CA LYS F 205 -6.90 1.70 32.30
C LYS F 205 -8.37 1.34 32.56
N LYS F 206 -9.11 1.02 31.51
CA LYS F 206 -10.52 0.65 31.59
C LYS F 206 -10.84 -0.36 30.50
N GLY F 207 -11.61 -1.40 30.86
CA GLY F 207 -11.99 -2.46 29.96
C GLY F 207 -13.47 -2.47 29.64
N LYS F 208 -13.90 -3.54 28.97
CA LYS F 208 -15.29 -3.73 28.55
C LYS F 208 -15.81 -5.12 28.87
N ILE F 209 -15.15 -5.87 29.77
CA ILE F 209 -15.54 -7.24 30.11
C ILE F 209 -15.62 -7.34 31.63
N TYR F 210 -16.70 -7.93 32.13
CA TYR F 210 -16.78 -8.26 33.56
C TYR F 210 -16.89 -9.78 33.69
N SER F 211 -16.35 -10.31 34.78
CA SER F 211 -16.20 -11.76 34.93
C SER F 211 -16.52 -12.20 36.35
N LEU F 212 -17.64 -12.92 36.51
CA LEU F 212 -18.00 -13.55 37.76
C LEU F 212 -19.11 -14.57 37.49
N ASN F 213 -19.34 -15.46 38.46
CA ASN F 213 -20.37 -16.49 38.36
C ASN F 213 -21.70 -15.86 38.76
N GLU F 214 -22.48 -15.43 37.78
CA GLU F 214 -23.77 -14.82 38.09
C GLU F 214 -24.79 -15.82 38.59
N GLY F 215 -24.47 -17.11 38.56
CA GLY F 215 -25.31 -18.11 39.20
C GLY F 215 -25.46 -17.89 40.68
N TYR F 216 -24.56 -17.12 41.29
CA TYR F 216 -24.66 -16.78 42.70
C TYR F 216 -25.41 -15.47 42.95
N ALA F 217 -26.32 -15.09 42.04
CA ALA F 217 -27.03 -13.82 42.17
C ALA F 217 -27.89 -13.78 43.44
N LYS F 218 -28.51 -14.92 43.80
CA LYS F 218 -29.35 -14.95 44.99
C LYS F 218 -28.56 -14.58 46.24
N ASP F 219 -27.26 -14.86 46.23
CA ASP F 219 -26.41 -14.66 47.40
C ASP F 219 -25.55 -13.42 47.31
N PHE F 220 -25.63 -12.67 46.20
CA PHE F 220 -24.76 -11.51 46.02
C PHE F 220 -24.96 -10.49 47.11
N ASP F 221 -23.88 -9.84 47.49
CA ASP F 221 -23.99 -8.60 48.23
C ASP F 221 -24.72 -7.59 47.36
N PRO F 222 -25.59 -6.75 47.93
CA PRO F 222 -26.28 -5.76 47.09
C PRO F 222 -25.33 -4.90 46.27
N ALA F 223 -24.14 -4.60 46.79
CA ALA F 223 -23.19 -3.79 46.02
C ALA F 223 -22.80 -4.50 44.71
N VAL F 224 -22.54 -5.81 44.77
CA VAL F 224 -22.27 -6.56 43.54
C VAL F 224 -23.48 -6.56 42.62
N THR F 225 -24.68 -6.76 43.17
CA THR F 225 -25.90 -6.70 42.36
C THR F 225 -25.98 -5.36 41.63
N GLU F 226 -25.72 -4.27 42.35
CA GLU F 226 -25.78 -2.96 41.72
C GLU F 226 -24.66 -2.78 40.69
N TYR F 227 -23.44 -3.19 41.04
CA TYR F 227 -22.32 -3.03 40.11
C TYR F 227 -22.56 -3.82 38.82
N ILE F 228 -22.98 -5.09 38.95
CA ILE F 228 -23.27 -5.91 37.78
C ILE F 228 -24.39 -5.30 36.96
N GLN F 229 -25.43 -4.80 37.64
CA GLN F 229 -26.54 -4.12 36.95
C GLN F 229 -26.05 -2.98 36.07
N ARG F 230 -25.06 -2.21 36.52
CA ARG F 230 -24.54 -1.10 35.73
C ARG F 230 -23.79 -1.57 34.49
N LYS F 231 -23.23 -2.78 34.53
CA LYS F 231 -22.55 -3.30 33.35
C LYS F 231 -23.56 -3.70 32.29
N LYS F 232 -24.73 -4.21 32.71
CA LYS F 232 -25.75 -4.63 31.75
C LYS F 232 -26.61 -3.45 31.28
N PHE F 233 -26.89 -2.50 32.18
CA PHE F 233 -27.75 -1.35 31.92
C PHE F 233 -26.97 -0.10 32.25
N PRO F 234 -26.07 0.33 31.38
CA PRO F 234 -25.15 1.44 31.69
C PRO F 234 -25.92 2.73 31.93
N PRO F 235 -25.52 3.53 32.93
CA PRO F 235 -26.23 4.78 33.19
C PRO F 235 -26.02 5.82 32.10
N ASP F 236 -24.84 5.85 31.47
CA ASP F 236 -24.47 6.92 30.56
C ASP F 236 -24.68 6.54 29.09
N ASN F 237 -25.52 5.52 28.83
CA ASN F 237 -25.94 5.11 27.50
C ASN F 237 -24.83 4.43 26.71
N SER F 238 -23.61 4.43 27.22
CA SER F 238 -22.47 3.79 26.54
C SER F 238 -22.75 2.30 26.36
N ALA F 239 -21.86 1.64 25.65
CA ALA F 239 -22.11 0.23 25.35
C ALA F 239 -22.10 -0.60 26.63
N PRO F 240 -23.07 -1.50 26.82
CA PRO F 240 -22.99 -2.45 27.93
C PRO F 240 -21.76 -3.34 27.76
N TYR F 241 -21.20 -3.74 28.89
CA TYR F 241 -20.05 -4.64 28.90
C TYR F 241 -20.45 -6.03 28.43
N GLY F 242 -19.50 -6.73 27.80
CA GLY F 242 -19.66 -8.14 27.59
C GLY F 242 -19.27 -8.93 28.82
N ALA F 243 -19.78 -10.15 28.92
CA ALA F 243 -19.52 -11.04 30.04
C ALA F 243 -18.77 -12.30 29.59
N ARG F 244 -17.75 -12.67 30.36
CA ARG F 244 -17.05 -13.94 30.18
C ARG F 244 -16.73 -14.54 31.54
N TYR F 245 -16.94 -15.85 31.68
CA TYR F 245 -16.58 -16.53 32.93
C TYR F 245 -16.26 -17.99 32.61
N VAL F 246 -14.96 -18.29 32.56
CA VAL F 246 -14.49 -19.63 32.27
C VAL F 246 -14.68 -20.57 33.45
N GLY F 247 -14.61 -20.06 34.67
CA GLY F 247 -14.63 -20.92 35.83
C GLY F 247 -13.27 -21.45 36.24
N SER F 248 -12.21 -21.04 35.54
CA SER F 248 -10.83 -21.35 35.93
C SER F 248 -10.11 -20.02 36.11
N MET F 249 -9.59 -19.80 37.31
CA MET F 249 -9.12 -18.46 37.68
C MET F 249 -8.01 -17.97 36.76
N VAL F 250 -7.09 -18.86 36.41
CA VAL F 250 -5.95 -18.41 35.62
C VAL F 250 -6.39 -17.91 34.24
N ALA F 251 -7.32 -18.61 33.61
CA ALA F 251 -7.75 -18.15 32.29
C ALA F 251 -8.53 -16.84 32.39
N ASP F 252 -9.36 -16.69 33.42
CA ASP F 252 -10.10 -15.44 33.59
C ASP F 252 -9.19 -14.28 33.94
N VAL F 253 -8.22 -14.49 34.83
CA VAL F 253 -7.29 -13.42 35.16
C VAL F 253 -6.42 -13.08 33.96
N HIS F 254 -5.96 -14.08 33.18
CA HIS F 254 -5.10 -13.77 32.03
C HIS F 254 -5.86 -12.97 30.99
N ARG F 255 -7.11 -13.34 30.71
CA ARG F 255 -7.91 -12.54 29.79
C ARG F 255 -8.06 -11.11 30.31
N THR F 256 -8.29 -10.96 31.62
CA THR F 256 -8.36 -9.64 32.21
C THR F 256 -7.08 -8.85 32.00
N LEU F 257 -5.92 -9.49 32.13
CA LEU F 257 -4.66 -8.80 31.89
C LEU F 257 -4.51 -8.36 30.42
N VAL F 258 -4.89 -9.23 29.49
CA VAL F 258 -4.62 -9.00 28.06
C VAL F 258 -5.68 -8.09 27.43
N TYR F 259 -6.96 -8.29 27.77
CA TYR F 259 -8.07 -7.56 27.17
C TYR F 259 -8.61 -6.46 28.07
N GLY F 260 -8.20 -6.43 29.33
CA GLY F 260 -8.74 -5.46 30.26
C GLY F 260 -10.06 -5.93 30.81
N GLY F 261 -10.59 -5.14 31.74
CA GLY F 261 -11.85 -5.47 32.35
C GLY F 261 -11.72 -5.81 33.82
N ILE F 262 -12.65 -6.61 34.33
CA ILE F 262 -12.70 -6.86 35.77
C ILE F 262 -13.07 -8.31 36.00
N PHE F 263 -12.46 -8.89 37.03
CA PHE F 263 -12.74 -10.25 37.50
C PHE F 263 -13.21 -10.17 38.94
N LEU F 264 -14.30 -10.85 39.26
CA LEU F 264 -14.85 -10.79 40.61
C LEU F 264 -15.09 -12.20 41.15
N TYR F 265 -14.54 -12.45 42.34
CA TYR F 265 -14.96 -13.55 43.20
C TYR F 265 -15.14 -12.90 44.57
N PRO F 266 -16.25 -12.19 44.76
CA PRO F 266 -16.38 -11.30 45.90
C PRO F 266 -16.93 -12.00 47.13
N ALA F 267 -16.80 -11.31 48.27
CA ALA F 267 -17.41 -11.76 49.50
C ALA F 267 -18.92 -11.58 49.44
N ASN F 268 -19.63 -12.48 50.09
CA ASN F 268 -21.07 -12.37 50.25
C ASN F 268 -21.42 -12.78 51.67
N LYS F 269 -22.71 -13.02 51.93
CA LYS F 269 -23.15 -13.32 53.28
C LYS F 269 -22.74 -14.72 53.73
N LYS F 270 -22.83 -15.71 52.83
CA LYS F 270 -22.44 -17.07 53.19
C LYS F 270 -20.92 -17.26 53.27
N SER F 271 -20.16 -16.46 52.54
CA SER F 271 -18.70 -16.57 52.49
C SER F 271 -18.10 -15.18 52.69
N PRO F 272 -18.03 -14.72 53.94
CA PRO F 272 -17.54 -13.36 54.19
C PRO F 272 -16.08 -13.20 53.85
N ASN F 273 -15.32 -14.30 53.71
CA ASN F 273 -13.93 -14.24 53.31
C ASN F 273 -13.69 -14.72 51.89
N GLY F 274 -14.73 -14.79 51.05
CA GLY F 274 -14.50 -15.25 49.70
C GLY F 274 -14.32 -16.76 49.64
N LYS F 275 -13.94 -17.22 48.45
CA LYS F 275 -13.63 -18.63 48.20
C LYS F 275 -12.17 -18.86 47.82
N LEU F 276 -11.58 -17.96 47.06
CA LEU F 276 -10.20 -18.13 46.60
C LEU F 276 -9.23 -17.97 47.75
N ARG F 277 -8.13 -18.73 47.67
CA ARG F 277 -7.16 -18.78 48.76
C ARG F 277 -6.19 -17.62 48.65
N LEU F 278 -5.84 -17.04 49.80
CA LEU F 278 -5.08 -15.80 49.75
C LEU F 278 -3.66 -16.05 49.21
N LEU F 279 -2.98 -17.08 49.72
CA LEU F 279 -1.54 -17.20 49.53
C LEU F 279 -1.16 -17.62 48.11
N TYR F 280 -1.90 -18.55 47.52
CA TYR F 280 -1.47 -19.12 46.24
C TYR F 280 -2.48 -18.89 45.13
N GLU F 281 -3.48 -18.05 45.36
CA GLU F 281 -4.34 -17.62 44.27
C GLU F 281 -4.47 -16.11 44.25
N CYS F 282 -4.90 -15.51 45.36
CA CYS F 282 -5.19 -14.07 45.37
C CYS F 282 -3.92 -13.24 45.32
N ASN F 283 -2.95 -13.53 46.20
CA ASN F 283 -1.74 -12.71 46.25
C ASN F 283 -0.94 -12.76 44.96
N PRO F 284 -0.63 -13.92 44.37
CA PRO F 284 0.11 -13.87 43.09
C PRO F 284 -0.63 -13.09 42.01
N MET F 285 -1.92 -13.33 41.83
CA MET F 285 -2.65 -12.61 40.79
C MET F 285 -2.71 -11.13 41.10
N ALA F 286 -2.92 -10.77 42.37
CA ALA F 286 -2.88 -9.38 42.77
C ALA F 286 -1.53 -8.76 42.49
N TYR F 287 -0.46 -9.54 42.68
CA TYR F 287 0.90 -9.03 42.44
C TYR F 287 1.14 -8.74 40.96
N VAL F 288 0.76 -9.67 40.09
CA VAL F 288 0.83 -9.44 38.64
C VAL F 288 0.02 -8.22 38.25
N MET F 289 -1.22 -8.13 38.77
CA MET F 289 -2.11 -7.04 38.38
C MET F 289 -1.49 -5.69 38.72
N GLU F 290 -0.95 -5.54 39.94
CA GLU F 290 -0.38 -4.26 40.34
C GLU F 290 0.87 -3.92 39.53
N LYS F 291 1.71 -4.92 39.25
CA LYS F 291 2.87 -4.71 38.41
C LYS F 291 2.50 -4.35 36.98
N ALA F 292 1.28 -4.68 36.54
CA ALA F 292 0.83 -4.28 35.21
C ALA F 292 0.08 -2.94 35.21
N GLY F 293 0.07 -2.22 36.33
CA GLY F 293 -0.71 -1.00 36.46
C GLY F 293 -2.18 -1.24 36.76
N GLY F 294 -2.56 -2.46 37.15
CA GLY F 294 -3.92 -2.75 37.52
C GLY F 294 -4.12 -2.73 39.02
N MET F 295 -5.28 -3.22 39.43
CA MET F 295 -5.67 -3.20 40.84
C MET F 295 -6.28 -4.54 41.23
N ALA F 296 -6.25 -4.79 42.54
CA ALA F 296 -6.83 -6.00 43.11
C ALA F 296 -7.22 -5.71 44.55
N THR F 297 -8.51 -5.78 44.87
CA THR F 297 -8.99 -5.42 46.20
C THR F 297 -9.87 -6.52 46.79
N THR F 298 -9.91 -6.55 48.12
CA THR F 298 -10.89 -7.33 48.84
C THR F 298 -12.22 -6.60 48.98
N GLY F 299 -12.29 -5.35 48.53
CA GLY F 299 -13.41 -4.49 48.82
C GLY F 299 -13.09 -3.52 49.94
N LYS F 300 -12.54 -4.05 51.04
CA LYS F 300 -12.18 -3.19 52.16
C LYS F 300 -10.77 -2.67 52.02
N GLU F 301 -9.88 -3.45 51.41
CA GLU F 301 -8.46 -3.14 51.38
C GLU F 301 -7.81 -3.83 50.19
N ALA F 302 -6.60 -3.37 49.86
CA ALA F 302 -5.80 -4.01 48.82
C ALA F 302 -5.50 -5.45 49.19
N VAL F 303 -5.60 -6.33 48.19
CA VAL F 303 -5.34 -7.75 48.44
C VAL F 303 -3.95 -7.93 49.04
N LEU F 304 -2.95 -7.25 48.50
CA LEU F 304 -1.57 -7.43 48.91
C LEU F 304 -1.30 -6.96 50.33
N ASP F 305 -2.22 -6.25 50.95
CA ASP F 305 -2.04 -5.79 52.33
C ASP F 305 -2.68 -6.72 53.36
N VAL F 306 -3.49 -7.69 52.94
CA VAL F 306 -4.07 -8.61 53.91
C VAL F 306 -2.96 -9.40 54.57
N ILE F 307 -2.90 -9.35 55.90
CA ILE F 307 -1.90 -10.10 56.67
C ILE F 307 -2.49 -11.45 57.00
N PRO F 308 -1.95 -12.54 56.48
CA PRO F 308 -2.53 -13.86 56.74
C PRO F 308 -2.21 -14.39 58.14
N THR F 309 -3.16 -15.17 58.65
CA THR F 309 -2.98 -15.93 59.87
C THR F 309 -3.07 -17.43 59.63
N ASP F 310 -3.49 -17.85 58.44
CA ASP F 310 -3.59 -19.26 58.08
C ASP F 310 -3.15 -19.41 56.63
N ILE F 311 -2.37 -20.47 56.35
CA ILE F 311 -1.79 -20.64 55.02
C ILE F 311 -2.85 -20.94 53.97
N HIS F 312 -4.01 -21.45 54.39
CA HIS F 312 -5.11 -21.79 53.50
C HIS F 312 -6.29 -20.83 53.64
N GLN F 313 -6.07 -19.64 54.17
CA GLN F 313 -7.18 -18.73 54.38
C GLN F 313 -7.72 -18.20 53.07
N ARG F 314 -8.99 -17.84 53.08
CA ARG F 314 -9.62 -17.33 51.88
C ARG F 314 -9.63 -15.80 51.92
N ALA F 315 -9.86 -15.20 50.75
CA ALA F 315 -10.00 -13.75 50.64
C ALA F 315 -10.94 -13.48 49.48
N PRO F 316 -11.81 -12.47 49.60
CA PRO F 316 -12.53 -12.01 48.42
C PRO F 316 -11.56 -11.27 47.54
N VAL F 317 -11.81 -11.32 46.24
CA VAL F 317 -10.92 -10.67 45.29
C VAL F 317 -11.74 -10.06 44.16
N ILE F 318 -11.47 -8.79 43.87
CA ILE F 318 -11.99 -8.10 42.70
C ILE F 318 -10.79 -7.46 42.06
N LEU F 319 -10.53 -7.74 40.78
CA LEU F 319 -9.29 -7.25 40.19
C LEU F 319 -9.50 -6.92 38.72
N GLY F 320 -8.51 -6.20 38.18
CA GLY F 320 -8.50 -5.85 36.78
C GLY F 320 -8.10 -4.42 36.48
N SER F 321 -8.67 -3.89 35.42
CA SER F 321 -8.37 -2.53 35.01
C SER F 321 -8.69 -1.56 36.16
N PRO F 322 -7.83 -0.58 36.42
CA PRO F 322 -8.02 0.27 37.60
C PRO F 322 -9.31 1.07 37.59
N ASP F 323 -9.72 1.62 36.44
CA ASP F 323 -10.99 2.35 36.42
C ASP F 323 -12.17 1.44 36.70
N ASP F 324 -12.08 0.17 36.31
CA ASP F 324 -13.20 -0.71 36.57
C ASP F 324 -13.24 -1.09 38.05
N VAL F 325 -12.09 -1.32 38.67
CA VAL F 325 -12.08 -1.68 40.09
C VAL F 325 -12.44 -0.47 40.96
N LEU F 326 -11.92 0.72 40.65
CA LEU F 326 -12.30 1.91 41.40
C LEU F 326 -13.80 2.13 41.32
N GLU F 327 -14.39 1.85 40.16
CA GLU F 327 -15.83 1.98 40.00
C GLU F 327 -16.56 1.02 40.92
N PHE F 328 -16.05 -0.21 41.06
CA PHE F 328 -16.66 -1.15 41.98
C PHE F 328 -16.53 -0.67 43.42
N LEU F 329 -15.35 -0.16 43.79
CA LEU F 329 -15.13 0.28 45.17
C LEU F 329 -16.04 1.45 45.55
N LYS F 330 -16.31 2.36 44.59
CA LYS F 330 -17.26 3.43 44.84
C LYS F 330 -18.62 2.88 45.20
N VAL F 331 -19.09 1.88 44.44
CA VAL F 331 -20.36 1.23 44.76
C VAL F 331 -20.24 0.51 46.09
N TYR F 332 -19.08 -0.10 46.37
CA TYR F 332 -18.91 -0.80 47.63
C TYR F 332 -19.03 0.13 48.84
N GLU F 333 -18.42 1.31 48.78
CA GLU F 333 -18.63 2.22 49.90
C GLU F 333 -20.00 2.88 49.89
N LYS F 334 -20.63 3.04 48.71
CA LYS F 334 -22.00 3.57 48.69
C LYS F 334 -22.94 2.75 49.57
N HIS F 335 -22.70 1.44 49.67
CA HIS F 335 -23.45 0.54 50.53
C HIS F 335 -22.82 0.40 51.90
N SER F 336 -22.12 1.46 52.34
CA SER F 336 -21.36 1.54 53.59
C SER F 336 -20.24 0.51 53.64
N ASP G 10 0.60 -32.67 -4.90
CA ASP G 10 -0.31 -32.93 -3.78
C ASP G 10 0.40 -33.73 -2.69
N VAL G 11 0.24 -33.29 -1.44
CA VAL G 11 0.83 -34.03 -0.35
C VAL G 11 0.13 -35.37 -0.21
N ASN G 12 0.88 -36.37 0.25
CA ASN G 12 0.35 -37.71 0.49
C ASN G 12 0.91 -38.18 1.84
N THR G 13 0.10 -38.95 2.56
CA THR G 13 0.48 -39.54 3.83
C THR G 13 0.48 -41.06 3.67
N LEU G 14 1.01 -41.74 4.69
CA LEU G 14 1.06 -43.20 4.64
C LEU G 14 -0.35 -43.81 4.54
N THR G 15 -1.25 -43.44 5.46
CA THR G 15 -2.60 -44.00 5.50
C THR G 15 -3.38 -43.65 4.24
N ARG G 16 -3.18 -42.44 3.72
CA ARG G 16 -3.86 -42.06 2.49
C ARG G 16 -3.33 -42.84 1.29
N PHE G 17 -1.99 -43.03 1.23
CA PHE G 17 -1.38 -43.84 0.17
C PHE G 17 -1.91 -45.27 0.20
N VAL G 18 -1.98 -45.85 1.40
CA VAL G 18 -2.40 -47.25 1.54
C VAL G 18 -3.86 -47.41 1.12
N MET G 19 -4.72 -46.48 1.53
CA MET G 19 -6.13 -46.54 1.13
C MET G 19 -6.30 -46.44 -0.38
N GLU G 20 -5.53 -45.57 -1.04
CA GLU G 20 -5.69 -45.43 -2.47
C GLU G 20 -5.26 -46.69 -3.21
N GLU G 21 -4.16 -47.32 -2.79
CA GLU G 21 -3.78 -48.59 -3.40
C GLU G 21 -4.78 -49.69 -3.05
N GLY G 22 -5.32 -49.66 -1.83
CA GLY G 22 -6.32 -50.65 -1.45
C GLY G 22 -7.61 -50.49 -2.23
N ARG G 23 -8.09 -49.24 -2.40
CA ARG G 23 -9.29 -49.03 -3.19
C ARG G 23 -9.09 -49.42 -4.64
N LYS G 24 -7.94 -49.08 -5.21
CA LYS G 24 -7.62 -49.54 -6.56
C LYS G 24 -7.71 -51.06 -6.65
N ALA G 25 -7.12 -51.76 -5.69
CA ALA G 25 -7.11 -53.21 -5.73
C ALA G 25 -8.47 -53.82 -5.40
N ARG G 26 -9.43 -53.01 -4.95
CA ARG G 26 -10.78 -53.48 -4.65
C ARG G 26 -10.80 -54.62 -3.63
N GLY G 27 -9.87 -54.59 -2.67
CA GLY G 27 -9.82 -55.55 -1.59
C GLY G 27 -10.75 -55.18 -0.44
N THR G 28 -10.81 -56.09 0.54
CA THR G 28 -11.74 -55.95 1.66
C THR G 28 -11.33 -54.85 2.65
N GLY G 29 -10.05 -54.47 2.71
CA GLY G 29 -9.57 -53.52 3.70
C GLY G 29 -8.70 -54.10 4.80
N GLU G 30 -8.58 -55.43 4.89
CA GLU G 30 -7.87 -56.08 5.97
C GLU G 30 -6.40 -55.72 5.97
N LEU G 31 -5.78 -55.68 4.78
CA LEU G 31 -4.37 -55.30 4.70
C LEU G 31 -4.18 -53.83 5.10
N THR G 32 -5.12 -52.97 4.72
CA THR G 32 -5.05 -51.58 5.12
C THR G 32 -5.21 -51.42 6.63
N GLN G 33 -6.14 -52.13 7.24
CA GLN G 33 -6.23 -52.07 8.70
C GLN G 33 -4.92 -52.53 9.36
N LEU G 34 -4.27 -53.56 8.78
CA LEU G 34 -3.00 -54.05 9.33
C LEU G 34 -1.92 -52.97 9.29
N LEU G 35 -1.75 -52.37 8.10
CA LEU G 35 -0.68 -51.41 7.92
C LEU G 35 -0.92 -50.17 8.75
N ASN G 36 -2.17 -49.74 8.85
CA ASN G 36 -2.48 -48.62 9.72
C ASN G 36 -2.14 -48.94 11.17
N SER G 37 -2.43 -50.17 11.61
CA SER G 37 -2.09 -50.59 12.98
C SER G 37 -0.59 -50.63 13.21
N LEU G 38 0.17 -51.14 12.24
CA LEU G 38 1.62 -51.18 12.38
C LEU G 38 2.22 -49.78 12.43
N CYS G 39 1.71 -48.87 11.58
CA CYS G 39 2.17 -47.48 11.57
C CYS G 39 1.96 -46.81 12.93
N THR G 40 0.83 -47.10 13.56
CA THR G 40 0.60 -46.56 14.89
C THR G 40 1.67 -47.06 15.86
N ALA G 41 1.96 -48.35 15.82
CA ALA G 41 2.99 -48.91 16.69
C ALA G 41 4.35 -48.32 16.40
N VAL G 42 4.68 -48.10 15.12
CA VAL G 42 5.96 -47.51 14.74
C VAL G 42 6.07 -46.08 15.28
N LYS G 43 4.97 -45.34 15.27
CA LYS G 43 5.03 -44.01 15.86
C LYS G 43 5.26 -44.10 17.36
N ALA G 44 4.70 -45.12 18.03
CA ALA G 44 4.90 -45.29 19.46
C ALA G 44 6.31 -45.76 19.77
N ILE G 45 6.88 -46.61 18.92
CA ILE G 45 8.26 -47.02 19.13
C ILE G 45 9.20 -45.83 18.99
N SER G 46 9.00 -45.03 17.94
CA SER G 46 9.83 -43.86 17.68
C SER G 46 9.85 -42.93 18.90
N SER G 47 8.68 -42.66 19.47
CA SER G 47 8.61 -41.80 20.64
C SER G 47 9.45 -42.35 21.79
N ALA G 48 9.40 -43.67 22.02
CA ALA G 48 10.20 -44.27 23.09
C ALA G 48 11.70 -44.22 22.79
N VAL G 49 12.09 -44.48 21.54
CA VAL G 49 13.51 -44.50 21.16
C VAL G 49 14.14 -43.12 21.37
N ARG G 50 13.42 -42.04 21.02
CA ARG G 50 13.90 -40.68 21.25
C ARG G 50 13.82 -40.27 22.71
N LYS G 51 13.33 -41.17 23.57
CA LYS G 51 13.36 -41.00 25.02
C LYS G 51 12.36 -39.96 25.52
N ALA G 52 11.20 -39.85 24.87
CA ALA G 52 10.15 -39.01 25.41
C ALA G 52 9.78 -39.49 26.82
N GLY G 53 9.78 -38.57 27.78
CA GLY G 53 9.42 -38.94 29.13
C GLY G 53 10.52 -39.54 29.97
N ILE G 54 11.76 -39.63 29.46
CA ILE G 54 12.86 -40.15 30.25
C ILE G 54 13.09 -39.33 31.52
N ALA G 55 12.66 -38.06 31.53
CA ALA G 55 12.78 -37.27 32.74
C ALA G 55 12.05 -37.94 33.91
N HIS G 56 10.93 -38.64 33.63
CA HIS G 56 10.20 -39.31 34.70
C HIS G 56 10.97 -40.52 35.22
N LEU G 57 11.75 -41.19 34.38
CA LEU G 57 12.58 -42.28 34.89
C LEU G 57 13.68 -41.77 35.82
N TYR G 58 14.08 -40.50 35.74
CA TYR G 58 15.19 -40.00 36.53
C TYR G 58 14.75 -39.13 37.70
N GLY G 59 13.49 -39.24 38.09
CA GLY G 59 13.03 -38.65 39.33
C GLY G 59 12.61 -37.20 39.30
N ILE G 60 12.15 -36.70 38.16
CA ILE G 60 11.66 -35.31 38.11
C ILE G 60 10.40 -35.14 38.98
N ALA G 61 9.64 -36.21 39.20
CA ALA G 61 8.44 -36.15 40.01
C ALA G 61 8.60 -36.82 41.38
N GLY G 62 9.83 -37.14 41.78
CA GLY G 62 10.07 -37.78 43.05
C GLY G 62 10.28 -39.27 42.87
N LYS G 73 11.71 -52.16 29.54
CA LYS G 73 12.87 -52.15 28.64
C LYS G 73 12.37 -51.92 27.22
N LEU G 74 13.19 -51.22 26.41
CA LEU G 74 12.73 -50.70 25.12
C LEU G 74 12.38 -51.83 24.16
N ASP G 75 13.20 -52.88 24.11
CA ASP G 75 12.96 -53.94 23.15
C ASP G 75 11.73 -54.77 23.52
N VAL G 76 11.43 -54.89 24.81
CA VAL G 76 10.20 -55.55 25.23
C VAL G 76 8.99 -54.68 24.95
N LEU G 77 9.08 -53.38 25.27
CA LEU G 77 8.01 -52.44 24.95
C LEU G 77 7.72 -52.39 23.45
N SER G 78 8.77 -52.31 22.63
CA SER G 78 8.58 -52.29 21.19
C SER G 78 7.81 -53.52 20.73
N ASN G 79 8.17 -54.69 21.27
CA ASN G 79 7.46 -55.92 20.96
C ASN G 79 6.00 -55.85 21.41
N ASP G 80 5.73 -55.35 22.63
CA ASP G 80 4.36 -55.28 23.13
C ASP G 80 3.50 -54.37 22.25
N LEU G 81 4.09 -53.27 21.76
CA LEU G 81 3.39 -52.36 20.86
C LEU G 81 3.03 -53.04 19.55
N VAL G 82 4.02 -53.66 18.88
CA VAL G 82 3.72 -54.29 17.61
C VAL G 82 2.74 -55.46 17.80
N MET G 83 3.01 -56.31 18.79
CA MET G 83 2.11 -57.45 19.07
C MET G 83 0.69 -56.99 19.37
N ASN G 84 0.54 -55.99 20.24
CA ASN G 84 -0.80 -55.58 20.65
C ASN G 84 -1.56 -54.88 19.52
N MET G 85 -0.88 -54.05 18.73
CA MET G 85 -1.58 -53.39 17.62
C MET G 85 -1.93 -54.39 16.53
N LEU G 86 -1.05 -55.35 16.23
CA LEU G 86 -1.34 -56.32 15.17
C LEU G 86 -2.47 -57.26 15.58
N LYS G 87 -2.45 -57.78 16.81
CA LYS G 87 -3.55 -58.59 17.30
C LYS G 87 -4.89 -57.85 17.24
N SER G 88 -4.94 -56.65 17.84
CA SER G 88 -6.19 -55.89 17.91
C SER G 88 -6.68 -55.37 16.57
N SER G 89 -5.89 -55.54 15.50
CA SER G 89 -6.26 -55.09 14.18
C SER G 89 -7.29 -56.00 13.50
N PHE G 90 -7.46 -57.23 13.99
CA PHE G 90 -8.33 -58.27 13.41
C PHE G 90 -7.89 -58.72 12.02
N ALA G 91 -6.65 -58.42 11.64
CA ALA G 91 -6.11 -58.75 10.32
C ALA G 91 -5.06 -59.86 10.34
N THR G 92 -4.67 -60.37 11.51
CA THR G 92 -3.61 -61.37 11.59
C THR G 92 -4.05 -62.67 12.26
N CYS G 93 -3.30 -63.74 12.00
CA CYS G 93 -3.57 -65.03 12.63
C CYS G 93 -2.32 -65.65 13.26
N VAL G 94 -1.16 -65.39 12.66
CA VAL G 94 0.10 -65.87 13.18
C VAL G 94 1.09 -64.73 13.18
N LEU G 95 1.78 -64.54 14.31
CA LEU G 95 2.76 -63.48 14.49
C LEU G 95 4.08 -64.10 14.93
N VAL G 96 5.15 -63.86 14.18
CA VAL G 96 6.48 -64.30 14.57
C VAL G 96 7.35 -63.08 14.87
N SER G 97 8.02 -63.11 16.02
CA SER G 97 8.83 -61.99 16.47
C SER G 97 10.20 -62.44 16.95
N GLU G 98 11.23 -61.64 16.67
CA GLU G 98 12.56 -61.89 17.19
C GLU G 98 12.54 -62.06 18.71
N GLU G 99 11.56 -61.46 19.39
CA GLU G 99 11.51 -61.47 20.85
C GLU G 99 10.88 -62.74 21.45
N ASP G 100 10.21 -63.59 20.64
CA ASP G 100 9.41 -64.69 21.14
C ASP G 100 9.93 -66.03 20.63
N LYS G 101 10.19 -66.97 21.55
CA LYS G 101 10.75 -68.24 21.11
C LYS G 101 9.83 -68.95 20.13
N HIS G 102 8.53 -68.96 20.40
CA HIS G 102 7.56 -69.62 19.53
C HIS G 102 6.65 -68.60 18.84
N ALA G 103 6.05 -69.04 17.72
CA ALA G 103 5.06 -68.22 17.05
C ALA G 103 3.89 -67.95 17.98
N ILE G 104 3.34 -66.75 17.87
CA ILE G 104 2.15 -66.38 18.62
C ILE G 104 0.95 -66.64 17.72
N ILE G 105 -0.02 -67.39 18.24
CA ILE G 105 -1.25 -67.68 17.51
C ILE G 105 -2.34 -66.77 18.06
N VAL G 106 -2.90 -65.93 17.18
CA VAL G 106 -3.92 -65.00 17.62
C VAL G 106 -5.17 -65.77 18.06
N GLU G 107 -5.75 -65.34 19.18
CA GLU G 107 -6.94 -65.97 19.71
C GLU G 107 -8.08 -65.89 18.68
N PRO G 108 -8.98 -66.86 18.67
CA PRO G 108 -9.93 -67.00 17.54
C PRO G 108 -10.75 -65.75 17.22
N GLU G 109 -11.19 -65.00 18.22
CA GLU G 109 -12.10 -63.90 17.91
C GLU G 109 -11.42 -62.73 17.20
N LYS G 110 -10.09 -62.72 17.11
CA LYS G 110 -9.37 -61.63 16.47
C LYS G 110 -8.66 -62.04 15.19
N ARG G 111 -8.85 -63.28 14.74
CA ARG G 111 -8.05 -63.82 13.65
C ARG G 111 -8.44 -63.21 12.31
N GLY G 112 -7.43 -62.85 11.54
CA GLY G 112 -7.59 -62.45 10.16
C GLY G 112 -6.76 -63.33 9.25
N LYS G 113 -6.55 -62.91 8.01
CA LYS G 113 -5.96 -63.77 7.00
C LYS G 113 -4.45 -63.57 6.80
N TYR G 114 -3.79 -62.75 7.61
CA TYR G 114 -2.40 -62.45 7.37
C TYR G 114 -1.48 -63.04 8.45
N VAL G 115 -0.24 -63.33 8.04
CA VAL G 115 0.85 -63.75 8.91
C VAL G 115 1.91 -62.66 8.86
N VAL G 116 2.41 -62.22 10.01
CA VAL G 116 3.39 -61.15 10.07
C VAL G 116 4.61 -61.61 10.86
N CYS G 117 5.79 -61.46 10.24
CA CYS G 117 7.09 -61.67 10.87
C CYS G 117 7.78 -60.33 11.07
N PHE G 118 8.29 -60.09 12.28
CA PHE G 118 8.87 -58.78 12.53
C PHE G 118 9.97 -58.86 13.57
N ASP G 119 10.85 -57.86 13.50
CA ASP G 119 11.87 -57.57 14.49
C ASP G 119 11.48 -56.24 15.12
N PRO G 120 10.98 -56.21 16.36
CA PRO G 120 10.42 -54.96 16.89
C PRO G 120 11.44 -53.85 17.06
N LEU G 121 12.70 -54.15 17.41
CA LEU G 121 13.75 -53.12 17.52
C LEU G 121 15.11 -53.76 17.21
N ASP G 122 15.44 -53.86 15.93
CA ASP G 122 16.70 -54.44 15.50
C ASP G 122 17.84 -53.44 15.69
N GLY G 123 18.96 -53.94 16.20
CA GLY G 123 20.12 -53.14 16.51
C GLY G 123 20.17 -52.64 17.94
N SER G 124 19.18 -52.99 18.76
CA SER G 124 19.05 -52.50 20.12
C SER G 124 20.15 -52.98 21.06
N SER G 125 20.96 -53.97 20.67
CA SER G 125 22.08 -54.36 21.53
C SER G 125 23.02 -53.19 21.77
N ASN G 126 23.25 -52.36 20.75
CA ASN G 126 24.19 -51.24 20.84
C ASN G 126 23.49 -49.90 21.03
N ILE G 127 22.22 -49.89 21.45
CA ILE G 127 21.50 -48.65 21.64
C ILE G 127 22.06 -47.81 22.79
N ASP G 128 22.97 -48.39 23.60
CA ASP G 128 23.66 -47.63 24.64
C ASP G 128 24.45 -46.48 24.04
N CYS G 129 24.88 -46.62 22.79
CA CYS G 129 25.61 -45.58 22.09
C CYS G 129 24.74 -44.80 21.12
N LEU G 130 23.42 -44.99 21.20
CA LEU G 130 22.45 -44.24 20.40
C LEU G 130 22.67 -44.47 18.91
N VAL G 131 23.16 -45.66 18.56
CA VAL G 131 23.20 -46.09 17.16
C VAL G 131 21.78 -46.09 16.61
N SER G 132 21.66 -45.83 15.30
CA SER G 132 20.39 -46.02 14.63
C SER G 132 19.85 -47.41 14.96
N VAL G 133 18.54 -47.51 15.20
CA VAL G 133 17.84 -48.77 15.37
C VAL G 133 16.60 -48.78 14.46
N GLY G 134 15.91 -49.92 14.42
CA GLY G 134 14.81 -49.99 13.46
C GLY G 134 13.86 -51.15 13.72
N THR G 135 12.71 -51.07 13.03
CA THR G 135 11.70 -52.11 13.03
C THR G 135 11.66 -52.69 11.62
N ILE G 136 11.67 -54.01 11.52
CA ILE G 136 11.59 -54.71 10.25
C ILE G 136 10.34 -55.58 10.28
N PHE G 137 9.62 -55.66 9.17
CA PHE G 137 8.40 -56.49 9.13
C PHE G 137 8.22 -57.08 7.74
N GLY G 138 7.60 -58.27 7.71
CA GLY G 138 7.18 -58.93 6.48
C GLY G 138 5.79 -59.52 6.61
N ILE G 139 4.94 -59.39 5.59
CA ILE G 139 3.51 -59.73 5.67
C ILE G 139 3.17 -60.74 4.59
N TYR G 140 2.62 -61.89 4.98
CA TYR G 140 2.17 -62.96 4.11
C TYR G 140 0.68 -63.19 4.27
N ARG G 141 0.00 -63.48 3.17
CA ARG G 141 -1.32 -64.10 3.27
C ARG G 141 -1.14 -65.54 3.74
N LYS G 142 -1.86 -65.91 4.79
CA LYS G 142 -1.84 -67.31 5.23
C LYS G 142 -2.24 -68.21 4.08
N LYS G 143 -1.44 -69.26 3.85
CA LYS G 143 -1.60 -70.07 2.64
C LYS G 143 -2.40 -71.35 2.86
N SER G 144 -2.36 -71.93 4.06
CA SER G 144 -2.99 -73.22 4.32
C SER G 144 -4.39 -73.04 4.90
N THR G 145 -5.21 -74.08 4.74
CA THR G 145 -6.54 -74.11 5.34
C THR G 145 -6.52 -74.75 6.71
N ASP G 146 -5.36 -75.21 7.16
CA ASP G 146 -5.28 -75.82 8.48
C ASP G 146 -5.56 -74.78 9.57
N GLU G 147 -5.68 -75.26 10.79
CA GLU G 147 -5.74 -74.37 11.93
C GLU G 147 -4.41 -73.60 12.00
N PRO G 148 -4.43 -72.30 12.34
CA PRO G 148 -3.18 -71.53 12.29
C PRO G 148 -2.14 -72.13 13.23
N SER G 149 -0.91 -72.16 12.76
CA SER G 149 0.20 -72.74 13.53
C SER G 149 1.49 -72.08 13.07
N GLU G 150 2.59 -72.45 13.73
CA GLU G 150 3.91 -71.94 13.39
C GLU G 150 4.25 -72.23 11.93
N LYS G 151 3.65 -73.28 11.35
CA LYS G 151 3.93 -73.66 9.97
C LYS G 151 3.53 -72.57 8.98
N ASP G 152 2.53 -71.75 9.32
CA ASP G 152 2.07 -70.72 8.40
C ASP G 152 3.10 -69.62 8.17
N ALA G 153 4.10 -69.51 9.03
CA ALA G 153 5.13 -68.50 8.86
C ALA G 153 6.33 -69.00 8.05
N LEU G 154 6.37 -70.28 7.68
CA LEU G 154 7.53 -70.83 6.99
C LEU G 154 7.41 -70.73 5.47
N GLN G 155 6.90 -69.61 4.95
CA GLN G 155 6.84 -69.46 3.50
C GLN G 155 8.08 -68.76 2.97
N PRO G 156 8.51 -69.05 1.74
CA PRO G 156 9.64 -68.32 1.16
C PRO G 156 9.30 -66.85 0.96
N GLY G 157 10.35 -66.01 0.95
CA GLY G 157 10.17 -64.58 0.78
C GLY G 157 9.49 -64.18 -0.52
N ARG G 158 9.54 -65.05 -1.54
CA ARG G 158 8.80 -64.80 -2.77
C ARG G 158 7.32 -64.55 -2.52
N ASN G 159 6.75 -65.16 -1.48
CA ASN G 159 5.32 -65.06 -1.21
C ASN G 159 4.94 -63.79 -0.47
N LEU G 160 5.88 -62.86 -0.20
CA LEU G 160 5.54 -61.66 0.55
C LEU G 160 4.50 -60.82 -0.18
N VAL G 161 3.49 -60.37 0.55
CA VAL G 161 2.51 -59.41 0.03
C VAL G 161 2.97 -57.98 0.27
N ALA G 162 3.61 -57.71 1.41
CA ALA G 162 4.19 -56.41 1.68
C ALA G 162 5.29 -56.59 2.72
N ALA G 163 6.25 -55.67 2.73
CA ALA G 163 7.32 -55.66 3.73
C ALA G 163 8.00 -54.30 3.73
N GLY G 164 8.77 -54.07 4.79
CA GLY G 164 9.60 -52.88 4.84
C GLY G 164 10.14 -52.66 6.22
N TYR G 165 10.49 -51.41 6.50
CA TYR G 165 11.12 -51.11 7.75
C TYR G 165 10.90 -49.66 8.13
N ALA G 166 10.93 -49.40 9.43
CA ALA G 166 11.07 -48.07 9.97
C ALA G 166 12.49 -47.93 10.47
N LEU G 167 13.17 -46.84 10.07
CA LEU G 167 14.51 -46.51 10.53
C LEU G 167 14.40 -45.36 11.51
N TYR G 168 14.81 -45.59 12.76
CA TYR G 168 14.81 -44.53 13.77
C TYR G 168 16.23 -43.97 13.82
N GLY G 169 16.53 -43.10 12.86
CA GLY G 169 17.86 -42.52 12.75
C GLY G 169 17.82 -41.07 13.19
N SER G 170 18.54 -40.20 12.48
CA SER G 170 18.48 -38.78 12.79
C SER G 170 17.07 -38.25 12.59
N ALA G 171 16.33 -38.86 11.68
CA ALA G 171 14.90 -38.72 11.53
C ALA G 171 14.30 -40.12 11.42
N THR G 172 12.99 -40.22 11.56
CA THR G 172 12.31 -41.51 11.49
C THR G 172 11.68 -41.67 10.11
N MET G 173 12.00 -42.77 9.44
CA MET G 173 11.50 -42.97 8.09
C MET G 173 10.93 -44.36 7.97
N LEU G 174 9.79 -44.47 7.31
CA LEU G 174 9.15 -45.74 7.04
C LEU G 174 9.33 -46.05 5.55
N VAL G 175 9.91 -47.20 5.25
CA VAL G 175 10.10 -47.63 3.88
C VAL G 175 9.15 -48.81 3.62
N LEU G 176 8.25 -48.65 2.66
CA LEU G 176 7.20 -49.63 2.40
C LEU G 176 7.33 -50.14 0.97
N ALA G 177 7.49 -51.46 0.83
CA ALA G 177 7.61 -52.14 -0.46
C ALA G 177 6.40 -53.05 -0.68
N MET G 178 5.77 -52.95 -1.85
CA MET G 178 4.68 -53.82 -2.30
C MET G 178 4.90 -54.06 -3.79
N ASP G 179 3.90 -54.63 -4.47
CA ASP G 179 4.02 -54.85 -5.91
C ASP G 179 4.20 -53.56 -6.70
N CYS G 180 3.60 -52.47 -6.25
CA CYS G 180 3.71 -51.19 -6.94
C CYS G 180 5.07 -50.51 -6.79
N GLY G 181 6.00 -51.09 -6.03
CA GLY G 181 7.32 -50.51 -5.85
C GLY G 181 7.56 -50.12 -4.42
N VAL G 182 8.63 -49.34 -4.23
CA VAL G 182 9.11 -48.96 -2.91
C VAL G 182 8.83 -47.48 -2.70
N ASN G 183 8.24 -47.14 -1.54
CA ASN G 183 7.93 -45.76 -1.22
C ASN G 183 8.40 -45.43 0.19
N CYS G 184 8.93 -44.22 0.36
CA CYS G 184 9.60 -43.77 1.59
C CYS G 184 8.84 -42.61 2.18
N PHE G 185 8.48 -42.75 3.45
CA PHE G 185 7.65 -41.79 4.16
C PHE G 185 8.42 -41.31 5.38
N MET G 186 8.52 -39.99 5.54
CA MET G 186 9.20 -39.37 6.67
C MET G 186 8.20 -39.06 7.78
N LEU G 187 8.48 -39.52 9.00
CA LEU G 187 7.60 -39.20 10.12
C LEU G 187 7.81 -37.74 10.52
N ASP G 188 6.75 -36.93 10.46
CA ASP G 188 6.77 -35.57 10.98
C ASP G 188 6.37 -35.62 12.45
N PRO G 189 7.29 -35.44 13.40
CA PRO G 189 6.91 -35.60 14.81
C PRO G 189 5.95 -34.53 15.31
N ALA G 190 5.89 -33.36 14.68
CA ALA G 190 5.00 -32.30 15.15
C ALA G 190 3.53 -32.65 14.97
N ILE G 191 3.20 -33.49 14.00
CA ILE G 191 1.80 -33.87 13.76
C ILE G 191 1.59 -35.37 13.81
N GLY G 192 2.64 -36.15 13.92
CA GLY G 192 2.51 -37.59 13.95
C GLY G 192 1.95 -38.16 12.66
N GLU G 193 2.50 -37.75 11.53
CA GLU G 193 2.06 -38.28 10.24
C GLU G 193 3.25 -38.64 9.37
N PHE G 194 3.15 -39.76 8.67
CA PHE G 194 4.18 -40.17 7.70
C PHE G 194 3.92 -39.51 6.35
N ILE G 195 4.87 -38.68 5.92
CA ILE G 195 4.74 -37.89 4.71
C ILE G 195 5.48 -38.56 3.58
N LEU G 196 4.82 -38.74 2.43
CA LEU G 196 5.49 -39.34 1.29
C LEU G 196 6.54 -38.37 0.76
N VAL G 197 7.83 -38.73 0.87
CA VAL G 197 8.88 -37.85 0.37
C VAL G 197 9.68 -38.48 -0.76
N ASP G 198 9.61 -39.80 -0.96
CA ASP G 198 10.36 -40.48 -2.02
C ASP G 198 9.46 -41.53 -2.65
N LYS G 199 9.12 -41.34 -3.92
CA LYS G 199 8.14 -42.18 -4.59
C LYS G 199 8.87 -43.14 -5.53
N ASP G 200 8.45 -44.40 -5.50
CA ASP G 200 8.91 -45.41 -6.46
C ASP G 200 10.43 -45.42 -6.58
N VAL G 201 11.08 -45.59 -5.43
CA VAL G 201 12.52 -45.43 -5.36
C VAL G 201 13.22 -46.57 -6.10
N LYS G 202 14.35 -46.25 -6.73
CA LYS G 202 15.18 -47.24 -7.40
C LYS G 202 16.62 -47.09 -6.93
N ILE G 203 17.28 -48.23 -6.74
CA ILE G 203 18.67 -48.24 -6.32
C ILE G 203 19.57 -48.04 -7.53
N LYS G 204 20.71 -47.39 -7.32
CA LYS G 204 21.69 -47.17 -8.38
C LYS G 204 22.16 -48.50 -8.94
N LYS G 205 22.46 -48.50 -10.24
CA LYS G 205 22.90 -49.72 -10.90
C LYS G 205 24.21 -50.22 -10.32
N LYS G 206 25.10 -49.29 -9.94
CA LYS G 206 26.38 -49.65 -9.36
C LYS G 206 26.77 -48.58 -8.35
N GLY G 207 27.25 -49.01 -7.18
CA GLY G 207 27.60 -48.11 -6.11
C GLY G 207 29.08 -48.00 -5.84
N LYS G 208 29.41 -47.23 -4.79
CA LYS G 208 30.78 -46.89 -4.44
C LYS G 208 31.07 -47.13 -2.97
N ILE G 209 30.21 -47.90 -2.30
CA ILE G 209 30.34 -48.19 -0.88
C ILE G 209 30.14 -49.68 -0.69
N TYR G 210 31.01 -50.31 0.10
CA TYR G 210 30.77 -51.66 0.57
C TYR G 210 30.63 -51.63 2.08
N SER G 211 29.84 -52.55 2.61
CA SER G 211 29.49 -52.52 4.03
C SER G 211 29.53 -53.93 4.60
N LEU G 212 30.49 -54.18 5.49
CA LEU G 212 30.49 -55.43 6.26
C LEU G 212 31.50 -55.27 7.39
N ASN G 213 31.40 -56.16 8.37
CA ASN G 213 32.28 -56.18 9.55
C ASN G 213 33.57 -56.89 9.17
N GLU G 214 34.61 -56.12 8.82
CA GLU G 214 35.89 -56.72 8.46
C GLU G 214 36.62 -57.32 9.66
N GLY G 215 36.14 -57.10 10.89
CA GLY G 215 36.73 -57.73 12.05
C GLY G 215 36.75 -59.25 11.97
N TYR G 216 35.90 -59.83 11.14
CA TYR G 216 35.89 -61.26 10.90
C TYR G 216 36.76 -61.64 9.71
N ALA G 217 37.76 -60.83 9.38
CA ALA G 217 38.55 -61.16 8.20
C ALA G 217 39.23 -62.52 8.36
N LYS G 218 39.65 -62.87 9.59
CA LYS G 218 40.31 -64.16 9.82
C LYS G 218 39.40 -65.34 9.44
N ASP G 219 38.07 -65.15 9.43
CA ASP G 219 37.12 -66.23 9.15
C ASP G 219 36.53 -66.19 7.75
N PHE G 220 36.87 -65.19 6.94
CA PHE G 220 36.20 -65.02 5.65
C PHE G 220 36.45 -66.20 4.70
N ASP G 221 35.42 -66.52 3.92
CA ASP G 221 35.58 -67.37 2.74
C ASP G 221 36.54 -66.72 1.74
N PRO G 222 37.28 -67.53 0.97
CA PRO G 222 38.13 -66.97 -0.09
C PRO G 222 37.38 -66.05 -1.05
N ALA G 223 36.10 -66.31 -1.32
CA ALA G 223 35.34 -65.44 -2.23
C ALA G 223 35.15 -64.05 -1.64
N VAL G 224 34.74 -63.99 -0.37
CA VAL G 224 34.58 -62.72 0.32
C VAL G 224 35.94 -61.99 0.40
N THR G 225 37.01 -62.73 0.72
CA THR G 225 38.35 -62.14 0.74
C THR G 225 38.69 -61.52 -0.60
N GLU G 226 38.43 -62.26 -1.69
CA GLU G 226 38.77 -61.76 -3.02
C GLU G 226 37.94 -60.55 -3.38
N TYR G 227 36.64 -60.59 -3.09
CA TYR G 227 35.78 -59.48 -3.47
C TYR G 227 36.19 -58.20 -2.74
N ILE G 228 36.42 -58.27 -1.43
CA ILE G 228 36.81 -57.08 -0.67
C ILE G 228 38.18 -56.57 -1.15
N GLN G 229 39.10 -57.49 -1.42
CA GLN G 229 40.38 -57.10 -1.98
C GLN G 229 40.19 -56.28 -3.25
N ARG G 230 39.23 -56.68 -4.08
CA ARG G 230 38.95 -55.96 -5.32
C ARG G 230 38.37 -54.58 -5.05
N LYS G 231 37.65 -54.41 -3.94
CA LYS G 231 37.10 -53.09 -3.63
C LYS G 231 38.20 -52.13 -3.20
N LYS G 232 39.21 -52.61 -2.48
CA LYS G 232 40.29 -51.75 -1.99
C LYS G 232 41.40 -51.55 -3.00
N PHE G 233 41.72 -52.56 -3.80
CA PHE G 233 42.81 -52.49 -4.76
C PHE G 233 42.21 -52.86 -6.12
N PRO G 234 41.49 -51.94 -6.74
CA PRO G 234 40.85 -52.24 -8.02
C PRO G 234 41.90 -52.48 -9.09
N PRO G 235 41.76 -53.56 -9.87
CA PRO G 235 42.75 -53.79 -10.95
C PRO G 235 42.61 -52.82 -12.11
N ASP G 236 41.39 -52.35 -12.37
CA ASP G 236 41.08 -51.58 -13.57
C ASP G 236 40.87 -50.09 -13.27
N ASN G 237 41.97 -49.35 -13.09
CA ASN G 237 41.89 -47.89 -13.22
C ASN G 237 41.08 -47.17 -12.13
N SER G 238 39.91 -47.70 -11.83
CA SER G 238 38.87 -47.05 -11.03
C SER G 238 39.30 -46.75 -9.58
N ALA G 239 38.45 -45.95 -8.93
CA ALA G 239 38.61 -45.52 -7.55
C ALA G 239 38.29 -46.67 -6.59
N PRO G 240 39.03 -46.80 -5.50
CA PRO G 240 38.62 -47.75 -4.44
C PRO G 240 37.28 -47.33 -3.84
N TYR G 241 36.47 -48.33 -3.48
CA TYR G 241 35.19 -48.05 -2.81
C TYR G 241 35.44 -47.54 -1.41
N GLY G 242 34.52 -46.70 -0.94
CA GLY G 242 34.50 -46.37 0.46
C GLY G 242 33.84 -47.44 1.29
N ALA G 243 34.17 -47.44 2.58
CA ALA G 243 33.66 -48.42 3.51
C ALA G 243 32.77 -47.73 4.52
N ARG G 244 31.64 -48.36 4.82
CA ARG G 244 30.75 -47.93 5.88
C ARG G 244 30.19 -49.16 6.54
N TYR G 245 30.14 -49.16 7.87
CA TYR G 245 29.49 -50.27 8.55
C TYR G 245 29.00 -49.74 9.89
N VAL G 246 27.69 -49.44 9.95
CA VAL G 246 27.09 -48.97 11.19
C VAL G 246 26.98 -50.10 12.21
N GLY G 247 26.77 -51.33 11.74
CA GLY G 247 26.46 -52.41 12.66
C GLY G 247 25.00 -52.55 13.00
N SER G 248 24.12 -51.79 12.35
CA SER G 248 22.69 -51.91 12.54
C SER G 248 22.06 -52.15 11.17
N MET G 249 21.40 -53.30 10.99
CA MET G 249 21.05 -53.74 9.64
C MET G 249 20.13 -52.73 8.94
N VAL G 250 19.16 -52.16 9.65
CA VAL G 250 18.26 -51.21 9.00
C VAL G 250 19.04 -49.98 8.54
N ALA G 251 19.97 -49.51 9.36
CA ALA G 251 20.74 -48.32 9.00
C ALA G 251 21.69 -48.59 7.84
N ASP G 252 22.36 -49.75 7.83
CA ASP G 252 23.26 -50.07 6.70
C ASP G 252 22.48 -50.35 5.42
N VAL G 253 21.38 -51.11 5.53
CA VAL G 253 20.63 -51.40 4.31
C VAL G 253 19.97 -50.14 3.77
N HIS G 254 19.41 -49.30 4.65
CA HIS G 254 18.79 -48.08 4.15
C HIS G 254 19.80 -47.17 3.44
N ARG G 255 21.02 -47.05 3.98
CA ARG G 255 22.04 -46.30 3.24
C ARG G 255 22.32 -46.94 1.88
N THR G 256 22.39 -48.27 1.84
CA THR G 256 22.65 -48.96 0.58
C THR G 256 21.55 -48.67 -0.44
N LEU G 257 20.30 -48.58 0.01
CA LEU G 257 19.22 -48.22 -0.90
C LEU G 257 19.40 -46.79 -1.43
N VAL G 258 19.80 -45.86 -0.55
CA VAL G 258 19.80 -44.44 -0.92
C VAL G 258 21.01 -44.10 -1.78
N TYR G 259 22.18 -44.66 -1.44
CA TYR G 259 23.43 -44.32 -2.11
C TYR G 259 23.89 -45.39 -3.08
N GLY G 260 23.34 -46.59 -3.03
CA GLY G 260 23.89 -47.68 -3.79
C GLY G 260 25.08 -48.28 -3.05
N GLY G 261 25.62 -49.32 -3.64
CA GLY G 261 26.70 -50.07 -3.04
C GLY G 261 26.23 -51.47 -2.70
N ILE G 262 26.93 -52.08 -1.74
CA ILE G 262 26.73 -53.48 -1.39
C ILE G 262 26.90 -53.65 0.11
N PHE G 263 26.04 -54.47 0.70
CA PHE G 263 26.05 -54.82 2.12
C PHE G 263 26.18 -56.33 2.21
N LEU G 264 27.10 -56.81 3.06
CA LEU G 264 27.36 -58.24 3.21
C LEU G 264 27.32 -58.63 4.68
N TYR G 265 26.63 -59.71 4.97
CA TYR G 265 26.83 -60.40 6.25
C TYR G 265 26.97 -61.89 5.96
N PRO G 266 28.19 -62.34 5.66
CA PRO G 266 28.40 -63.74 5.27
C PRO G 266 28.52 -64.61 6.53
N ALA G 267 28.55 -65.92 6.31
CA ALA G 267 28.77 -66.83 7.43
C ALA G 267 30.22 -66.75 7.93
N ASN G 268 30.40 -66.99 9.23
CA ASN G 268 31.74 -67.12 9.82
C ASN G 268 31.71 -68.31 10.79
N LYS G 269 32.77 -68.45 11.60
CA LYS G 269 32.89 -69.62 12.47
C LYS G 269 31.87 -69.60 13.60
N LYS G 270 31.62 -68.42 14.17
CA LYS G 270 30.56 -68.31 15.18
C LYS G 270 29.17 -68.41 14.56
N SER G 271 29.05 -68.17 13.25
CA SER G 271 27.75 -68.20 12.57
C SER G 271 27.85 -68.97 11.26
N PRO G 272 27.97 -70.30 11.32
CA PRO G 272 28.18 -71.07 10.08
C PRO G 272 26.96 -71.12 9.16
N ASN G 273 25.76 -70.83 9.68
CA ASN G 273 24.57 -70.67 8.86
C ASN G 273 24.23 -69.20 8.67
N GLY G 274 25.23 -68.32 8.88
CA GLY G 274 25.05 -66.88 8.84
C GLY G 274 24.57 -66.34 10.18
N LYS G 275 24.42 -65.01 10.25
CA LYS G 275 24.00 -64.43 11.52
C LYS G 275 22.64 -63.77 11.45
N LEU G 276 22.32 -63.10 10.35
CA LEU G 276 21.04 -62.44 10.26
C LEU G 276 19.91 -63.46 10.10
N ARG G 277 18.75 -63.12 10.66
CA ARG G 277 17.62 -64.03 10.69
C ARG G 277 16.83 -63.95 9.40
N LEU G 278 16.46 -65.12 8.88
CA LEU G 278 15.84 -65.18 7.55
C LEU G 278 14.44 -64.59 7.55
N LEU G 279 13.62 -64.93 8.57
CA LEU G 279 12.20 -64.61 8.48
C LEU G 279 11.94 -63.13 8.65
N TYR G 280 12.63 -62.48 9.58
CA TYR G 280 12.28 -61.10 9.93
C TYR G 280 13.44 -60.13 9.79
N GLU G 281 14.54 -60.54 9.15
CA GLU G 281 15.61 -59.61 8.78
C GLU G 281 15.95 -59.74 7.30
N CYS G 282 16.31 -60.95 6.85
CA CYS G 282 16.77 -61.08 5.47
C CYS G 282 15.63 -60.95 4.47
N ASN G 283 14.53 -61.69 4.68
CA ASN G 283 13.45 -61.65 3.69
C ASN G 283 12.84 -60.26 3.48
N PRO G 284 12.45 -59.51 4.52
CA PRO G 284 11.91 -58.17 4.23
C PRO G 284 12.91 -57.29 3.50
N MET G 285 14.18 -57.34 3.90
CA MET G 285 15.21 -56.51 3.27
C MET G 285 15.46 -56.91 1.82
N ALA G 286 15.46 -58.23 1.53
CA ALA G 286 15.57 -58.70 0.15
C ALA G 286 14.37 -58.25 -0.68
N TYR G 287 13.18 -58.29 -0.11
CA TYR G 287 11.98 -57.89 -0.84
C TYR G 287 12.01 -56.41 -1.20
N VAL G 288 12.35 -55.54 -0.25
CA VAL G 288 12.52 -54.11 -0.57
C VAL G 288 13.54 -53.96 -1.69
N MET G 289 14.69 -54.65 -1.57
CA MET G 289 15.78 -54.51 -2.52
C MET G 289 15.36 -54.91 -3.93
N GLU G 290 14.65 -56.05 -4.06
CA GLU G 290 14.22 -56.52 -5.38
C GLU G 290 13.17 -55.59 -5.96
N LYS G 291 12.26 -55.09 -5.13
CA LYS G 291 11.30 -54.12 -5.67
C LYS G 291 12.01 -52.82 -6.07
N ALA G 292 13.19 -52.53 -5.53
CA ALA G 292 13.94 -51.34 -5.92
C ALA G 292 14.90 -51.58 -7.06
N GLY G 293 14.85 -52.75 -7.69
CA GLY G 293 15.78 -53.06 -8.76
C GLY G 293 17.16 -53.50 -8.30
N GLY G 294 17.30 -53.88 -7.03
CA GLY G 294 18.55 -54.39 -6.51
C GLY G 294 18.55 -55.90 -6.42
N MET G 295 19.52 -56.44 -5.68
CA MET G 295 19.65 -57.89 -5.59
C MET G 295 19.93 -58.29 -4.14
N ALA G 296 19.63 -59.54 -3.82
CA ALA G 296 19.94 -60.09 -2.51
C ALA G 296 20.11 -61.60 -2.61
N THR G 297 21.31 -62.08 -2.32
CA THR G 297 21.65 -63.49 -2.42
C THR G 297 22.28 -63.99 -1.11
N THR G 298 22.17 -65.29 -0.89
CA THR G 298 22.94 -65.98 0.13
C THR G 298 24.30 -66.40 -0.37
N GLY G 299 24.57 -66.21 -1.66
CA GLY G 299 25.68 -66.86 -2.31
C GLY G 299 25.21 -68.03 -3.16
N LYS G 300 24.37 -68.91 -2.60
CA LYS G 300 23.87 -70.05 -3.37
C LYS G 300 22.57 -69.74 -4.10
N GLU G 301 21.71 -68.89 -3.55
CA GLU G 301 20.42 -68.61 -4.18
C GLU G 301 19.93 -67.25 -3.69
N ALA G 302 18.96 -66.73 -4.41
CA ALA G 302 18.30 -65.51 -3.98
C ALA G 302 17.67 -65.76 -2.62
N VAL G 303 17.80 -64.77 -1.74
CA VAL G 303 17.27 -64.89 -0.38
C VAL G 303 15.79 -65.27 -0.43
N LEU G 304 15.04 -64.65 -1.33
CA LEU G 304 13.60 -64.81 -1.39
C LEU G 304 13.17 -66.22 -1.80
N ASP G 305 14.09 -67.05 -2.31
CA ASP G 305 13.80 -68.43 -2.68
C ASP G 305 14.15 -69.44 -1.60
N VAL G 306 14.87 -69.03 -0.55
CA VAL G 306 15.15 -69.95 0.55
C VAL G 306 13.83 -70.36 1.20
N ILE G 307 13.61 -71.66 1.31
CA ILE G 307 12.42 -72.21 1.96
C ILE G 307 12.78 -72.47 3.42
N PRO G 308 12.23 -71.73 4.37
CA PRO G 308 12.62 -71.93 5.77
C PRO G 308 12.01 -73.19 6.36
N THR G 309 12.73 -73.74 7.33
CA THR G 309 12.23 -74.84 8.14
C THR G 309 12.07 -74.45 9.61
N ASP G 310 12.63 -73.32 10.03
CA ASP G 310 12.53 -72.87 11.43
C ASP G 310 12.35 -71.36 11.45
N ILE G 311 11.48 -70.88 12.35
CA ILE G 311 11.12 -69.46 12.30
C ILE G 311 12.28 -68.56 12.72
N HIS G 312 13.27 -69.07 13.46
CA HIS G 312 14.38 -68.24 13.87
C HIS G 312 15.66 -68.64 13.17
N GLN G 313 15.57 -69.33 12.04
CA GLN G 313 16.78 -69.78 11.36
C GLN G 313 17.53 -68.61 10.72
N ARG G 314 18.84 -68.76 10.56
CA ARG G 314 19.73 -67.74 10.01
C ARG G 314 20.09 -67.99 8.55
N ALA G 315 20.63 -66.95 7.90
CA ALA G 315 21.11 -67.04 6.53
C ALA G 315 22.22 -66.03 6.25
N PRO G 316 23.24 -66.40 5.48
CA PRO G 316 24.18 -65.38 4.97
C PRO G 316 23.46 -64.49 3.98
N VAL G 317 23.91 -63.24 3.87
CA VAL G 317 23.20 -62.29 3.01
C VAL G 317 24.21 -61.38 2.32
N ILE G 318 24.04 -61.20 1.01
CA ILE G 318 24.75 -60.21 0.20
C ILE G 318 23.69 -59.47 -0.61
N LEU G 319 23.64 -58.14 -0.49
CA LEU G 319 22.55 -57.41 -1.14
C LEU G 319 22.98 -56.00 -1.54
N GLY G 320 22.17 -55.38 -2.43
CA GLY G 320 22.40 -54.00 -2.87
C GLY G 320 22.30 -53.78 -4.36
N SER G 321 23.10 -52.85 -4.89
CA SER G 321 23.09 -52.53 -6.32
C SER G 321 23.35 -53.78 -7.16
N PRO G 322 22.60 -53.98 -8.26
CA PRO G 322 22.74 -55.23 -9.01
C PRO G 322 24.14 -55.46 -9.58
N ASP G 323 24.78 -54.42 -10.11
CA ASP G 323 26.13 -54.59 -10.65
C ASP G 323 27.14 -55.00 -9.59
N ASP G 324 26.96 -54.52 -8.35
CA ASP G 324 27.91 -54.89 -7.30
C ASP G 324 27.67 -56.32 -6.82
N VAL G 325 26.39 -56.72 -6.72
CA VAL G 325 26.11 -58.09 -6.30
C VAL G 325 26.50 -59.07 -7.40
N LEU G 326 26.25 -58.74 -8.67
CA LEU G 326 26.66 -59.61 -9.76
C LEU G 326 28.19 -59.79 -9.78
N GLU G 327 28.94 -58.73 -9.49
CA GLU G 327 30.39 -58.87 -9.42
C GLU G 327 30.81 -59.76 -8.26
N PHE G 328 30.13 -59.67 -7.12
CA PHE G 328 30.43 -60.59 -6.04
C PHE G 328 30.11 -62.03 -6.42
N LEU G 329 28.96 -62.26 -7.04
CA LEU G 329 28.55 -63.62 -7.41
C LEU G 329 29.51 -64.21 -8.44
N LYS G 330 30.01 -63.37 -9.37
CA LYS G 330 31.05 -63.83 -10.27
C LYS G 330 32.25 -64.35 -9.48
N VAL G 331 32.69 -63.62 -8.45
CA VAL G 331 33.78 -64.10 -7.63
C VAL G 331 33.40 -65.37 -6.90
N TYR G 332 32.13 -65.46 -6.47
CA TYR G 332 31.68 -66.62 -5.71
C TYR G 332 31.76 -67.91 -6.52
N GLU G 333 31.27 -67.88 -7.76
CA GLU G 333 31.33 -69.08 -8.59
C GLU G 333 32.76 -69.38 -9.06
N LYS G 334 33.59 -68.35 -9.19
CA LYS G 334 35.00 -68.59 -9.50
C LYS G 334 35.63 -69.51 -8.47
N HIS G 335 35.16 -69.46 -7.23
CA HIS G 335 35.60 -70.37 -6.18
C HIS G 335 34.68 -71.58 -6.03
N SER G 336 34.04 -72.00 -7.11
CA SER G 336 33.11 -73.15 -7.16
C SER G 336 31.94 -73.01 -6.20
N ASP H 10 18.86 -37.21 43.28
CA ASP H 10 18.19 -35.99 42.84
C ASP H 10 18.24 -35.89 41.30
N VAL H 11 17.12 -35.55 40.67
CA VAL H 11 17.15 -35.32 39.23
C VAL H 11 17.95 -34.06 38.95
N ASN H 12 18.64 -34.04 37.81
CA ASN H 12 19.47 -32.89 37.45
C ASN H 12 19.32 -32.61 35.96
N THR H 13 19.38 -31.33 35.60
CA THR H 13 19.33 -30.90 34.21
C THR H 13 20.66 -30.22 33.83
N LEU H 14 20.84 -30.01 32.53
CA LEU H 14 22.05 -29.38 32.04
C LEU H 14 22.21 -27.97 32.62
N THR H 15 21.17 -27.16 32.52
CA THR H 15 21.21 -25.78 33.00
C THR H 15 21.40 -25.74 34.51
N ARG H 16 20.70 -26.61 35.25
CA ARG H 16 20.88 -26.64 36.70
C ARG H 16 22.28 -27.13 37.04
N PHE H 17 22.78 -28.13 36.30
CA PHE H 17 24.15 -28.58 36.48
C PHE H 17 25.13 -27.43 36.21
N VAL H 18 24.93 -26.68 35.13
CA VAL H 18 25.87 -25.61 34.81
C VAL H 18 25.83 -24.52 35.88
N MET H 19 24.64 -24.11 36.31
CA MET H 19 24.52 -23.12 37.38
C MET H 19 25.20 -23.62 38.66
N GLU H 20 25.06 -24.90 38.97
CA GLU H 20 25.65 -25.47 40.18
C GLU H 20 27.18 -25.41 40.14
N GLU H 21 27.76 -25.73 38.98
CA GLU H 21 29.21 -25.63 38.81
C GLU H 21 29.68 -24.18 38.78
N GLY H 22 28.87 -23.29 38.19
CA GLY H 22 29.28 -21.90 38.11
C GLY H 22 29.37 -21.23 39.47
N ARG H 23 28.35 -21.45 40.31
CA ARG H 23 28.31 -20.82 41.62
C ARG H 23 29.49 -21.29 42.47
N LYS H 24 29.82 -22.59 42.42
CA LYS H 24 31.00 -23.09 43.12
C LYS H 24 32.26 -22.35 42.69
N ALA H 25 32.44 -22.18 41.38
CA ALA H 25 33.64 -21.56 40.85
C ALA H 25 33.69 -20.05 41.09
N ARG H 26 32.59 -19.46 41.53
CA ARG H 26 32.48 -18.01 41.76
C ARG H 26 32.67 -17.24 40.45
N GLY H 27 32.18 -17.81 39.34
CA GLY H 27 32.29 -17.12 38.07
C GLY H 27 31.21 -16.07 37.94
N THR H 28 31.36 -15.24 36.91
CA THR H 28 30.44 -14.12 36.69
C THR H 28 29.12 -14.54 36.10
N GLY H 29 29.04 -15.73 35.50
CA GLY H 29 27.86 -16.20 34.81
C GLY H 29 27.99 -16.24 33.31
N GLU H 30 29.05 -15.67 32.75
CA GLU H 30 29.18 -15.59 31.29
C GLU H 30 29.25 -16.96 30.64
N LEU H 31 30.02 -17.89 31.22
CA LEU H 31 30.09 -19.21 30.61
C LEU H 31 28.76 -19.94 30.68
N THR H 32 28.03 -19.76 31.79
CA THR H 32 26.72 -20.37 31.97
C THR H 32 25.72 -19.84 30.96
N GLN H 33 25.72 -18.52 30.73
CA GLN H 33 24.91 -17.95 29.65
C GLN H 33 25.33 -18.49 28.29
N LEU H 34 26.64 -18.67 28.07
CA LEU H 34 27.11 -19.26 26.82
C LEU H 34 26.53 -20.66 26.65
N LEU H 35 26.64 -21.49 27.69
CA LEU H 35 26.20 -22.87 27.59
C LEU H 35 24.68 -22.95 27.49
N ASN H 36 23.96 -22.09 28.21
CA ASN H 36 22.50 -22.12 28.12
C ASN H 36 22.03 -21.76 26.72
N SER H 37 22.70 -20.81 26.08
CA SER H 37 22.35 -20.45 24.72
C SER H 37 22.65 -21.58 23.75
N LEU H 38 23.81 -22.23 23.91
CA LEU H 38 24.19 -23.33 23.05
C LEU H 38 23.20 -24.49 23.17
N CYS H 39 22.78 -24.80 24.40
CA CYS H 39 21.80 -25.85 24.65
C CYS H 39 20.45 -25.53 23.98
N THR H 40 20.07 -24.25 23.96
CA THR H 40 18.86 -23.85 23.24
C THR H 40 19.02 -24.09 21.74
N ALA H 41 20.18 -23.74 21.18
CA ALA H 41 20.42 -23.98 19.76
C ALA H 41 20.43 -25.48 19.45
N VAL H 42 20.98 -26.29 20.35
CA VAL H 42 21.05 -27.73 20.11
C VAL H 42 19.65 -28.34 20.05
N LYS H 43 18.76 -27.90 20.95
CA LYS H 43 17.38 -28.39 20.91
C LYS H 43 16.65 -27.97 19.64
N ALA H 44 16.94 -26.79 19.12
CA ALA H 44 16.34 -26.33 17.88
C ALA H 44 16.89 -27.09 16.68
N ILE H 45 18.18 -27.41 16.72
CA ILE H 45 18.79 -28.25 15.69
C ILE H 45 18.15 -29.62 15.71
N SER H 46 17.99 -30.18 16.91
CA SER H 46 17.43 -31.51 17.07
C SER H 46 16.03 -31.60 16.44
N SER H 47 15.19 -30.61 16.72
CA SER H 47 13.83 -30.61 16.16
C SER H 47 13.86 -30.61 14.63
N ALA H 48 14.75 -29.81 14.03
CA ALA H 48 14.87 -29.75 12.57
C ALA H 48 15.47 -31.04 12.01
N VAL H 49 16.47 -31.62 12.68
CA VAL H 49 17.06 -32.87 12.19
C VAL H 49 16.01 -33.99 12.19
N ARG H 50 15.17 -34.05 13.23
CA ARG H 50 14.08 -35.03 13.31
C ARG H 50 12.92 -34.67 12.38
N LYS H 51 13.04 -33.59 11.61
CA LYS H 51 12.13 -33.23 10.53
C LYS H 51 10.76 -32.77 11.01
N ALA H 52 10.69 -32.12 12.17
CA ALA H 52 9.47 -31.46 12.59
C ALA H 52 9.08 -30.40 11.57
N GLY H 53 7.81 -30.43 11.14
CA GLY H 53 7.32 -29.47 10.18
C GLY H 53 7.60 -29.80 8.72
N ILE H 54 8.25 -30.94 8.41
CA ILE H 54 8.53 -31.29 7.02
C ILE H 54 7.24 -31.42 6.22
N ALA H 55 6.10 -31.72 6.89
CA ALA H 55 4.83 -31.78 6.17
C ALA H 55 4.51 -30.45 5.49
N HIS H 56 4.93 -29.32 6.08
CA HIS H 56 4.70 -28.01 5.44
C HIS H 56 5.59 -27.81 4.21
N LEU H 57 6.79 -28.40 4.20
CA LEU H 57 7.63 -28.37 3.01
C LEU H 57 7.03 -29.18 1.86
N TYR H 58 6.13 -30.12 2.15
CA TYR H 58 5.54 -30.97 1.13
C TYR H 58 4.08 -30.62 0.84
N GLY H 59 3.67 -29.39 1.16
CA GLY H 59 2.41 -28.89 0.66
C GLY H 59 1.18 -29.26 1.46
N ILE H 60 1.31 -29.54 2.76
CA ILE H 60 0.13 -29.90 3.52
C ILE H 60 -0.87 -28.74 3.57
N ALA H 61 -0.40 -27.49 3.44
CA ALA H 61 -1.29 -26.33 3.36
C ALA H 61 -1.40 -25.74 1.95
N GLY H 62 -0.93 -26.44 0.93
CA GLY H 62 -1.09 -25.95 -0.44
C GLY H 62 0.10 -25.24 -1.05
N LYS H 73 20.06 -27.39 3.33
CA LYS H 73 19.78 -26.15 4.07
C LYS H 73 19.95 -26.42 5.56
N LEU H 74 19.93 -27.70 5.92
CA LEU H 74 19.96 -28.10 7.32
C LEU H 74 21.26 -27.67 8.01
N ASP H 75 22.40 -27.81 7.32
CA ASP H 75 23.65 -27.38 7.96
C ASP H 75 23.74 -25.85 8.00
N VAL H 76 23.14 -25.17 7.02
CA VAL H 76 23.10 -23.71 7.07
C VAL H 76 22.15 -23.23 8.16
N LEU H 77 21.00 -23.88 8.31
CA LEU H 77 20.11 -23.54 9.42
C LEU H 77 20.82 -23.75 10.76
N SER H 78 21.53 -24.88 10.89
CA SER H 78 22.25 -25.19 12.12
C SER H 78 23.29 -24.13 12.44
N ASN H 79 24.02 -23.69 11.42
CA ASN H 79 25.00 -22.63 11.59
C ASN H 79 24.30 -21.34 12.04
N ASP H 80 23.14 -21.02 11.45
CA ASP H 80 22.43 -19.79 11.82
C ASP H 80 21.92 -19.84 13.24
N LEU H 81 21.44 -21.00 13.69
CA LEU H 81 20.97 -21.15 15.06
C LEU H 81 22.11 -20.97 16.06
N VAL H 82 23.24 -21.64 15.83
CA VAL H 82 24.36 -21.54 16.76
C VAL H 82 24.95 -20.14 16.75
N MET H 83 25.21 -19.58 15.56
CA MET H 83 25.74 -18.23 15.48
C MET H 83 24.83 -17.25 16.21
N ASN H 84 23.54 -17.32 15.93
CA ASN H 84 22.64 -16.32 16.49
C ASN H 84 22.48 -16.49 18.00
N MET H 85 22.40 -17.72 18.51
CA MET H 85 22.26 -17.87 19.95
C MET H 85 23.57 -17.49 20.66
N LEU H 86 24.70 -17.77 20.02
CA LEU H 86 25.98 -17.43 20.64
C LEU H 86 26.21 -15.91 20.64
N LYS H 87 25.97 -15.24 19.50
CA LYS H 87 26.08 -13.79 19.45
C LYS H 87 25.18 -13.13 20.49
N SER H 88 23.89 -13.47 20.46
CA SER H 88 22.94 -12.84 21.36
C SER H 88 23.14 -13.26 22.81
N SER H 89 24.07 -14.17 23.12
CA SER H 89 24.28 -14.53 24.51
C SER H 89 25.08 -13.47 25.26
N PHE H 90 25.78 -12.59 24.53
CA PHE H 90 26.69 -11.58 25.10
C PHE H 90 27.86 -12.21 25.84
N ALA H 91 28.22 -13.45 25.51
CA ALA H 91 29.32 -14.15 26.15
C ALA H 91 30.50 -14.42 25.22
N THR H 92 30.39 -14.09 23.93
CA THR H 92 31.39 -14.48 22.93
C THR H 92 31.97 -13.24 22.22
N CYS H 93 33.15 -13.41 21.62
CA CYS H 93 33.73 -12.32 20.84
C CYS H 93 34.25 -12.80 19.49
N VAL H 94 34.64 -14.07 19.42
CA VAL H 94 35.13 -14.69 18.20
C VAL H 94 34.43 -16.02 18.01
N LEU H 95 33.89 -16.23 16.82
CA LEU H 95 33.17 -17.46 16.48
C LEU H 95 33.75 -18.04 15.20
N VAL H 96 34.24 -19.26 15.27
CA VAL H 96 34.77 -19.99 14.13
C VAL H 96 33.84 -21.17 13.88
N SER H 97 33.41 -21.32 12.63
CA SER H 97 32.48 -22.37 12.24
C SER H 97 33.03 -23.08 11.01
N GLU H 98 32.76 -24.39 10.94
CA GLU H 98 33.06 -25.15 9.72
C GLU H 98 32.46 -24.50 8.47
N GLU H 99 31.33 -23.80 8.61
CA GLU H 99 30.64 -23.25 7.45
C GLU H 99 31.20 -21.94 6.95
N ASP H 100 32.00 -21.23 7.75
CA ASP H 100 32.44 -19.89 7.38
C ASP H 100 33.95 -19.90 7.26
N LYS H 101 34.46 -19.49 6.10
CA LYS H 101 35.91 -19.54 5.86
C LYS H 101 36.68 -18.69 6.86
N HIS H 102 36.14 -17.53 7.22
CA HIS H 102 36.81 -16.62 8.15
C HIS H 102 36.10 -16.60 9.50
N ALA H 103 36.85 -16.24 10.54
CA ALA H 103 36.27 -16.10 11.87
C ALA H 103 35.24 -14.99 11.89
N ILE H 104 34.18 -15.19 12.65
CA ILE H 104 33.17 -14.17 12.83
C ILE H 104 33.49 -13.37 14.07
N ILE H 105 33.53 -12.04 13.92
CA ILE H 105 33.76 -11.13 15.03
C ILE H 105 32.42 -10.59 15.49
N VAL H 106 32.08 -10.82 16.76
CA VAL H 106 30.86 -10.28 17.32
C VAL H 106 30.97 -8.77 17.40
N GLU H 107 29.89 -8.08 17.01
CA GLU H 107 29.91 -6.63 17.06
C GLU H 107 30.07 -6.16 18.51
N PRO H 108 30.71 -4.99 18.71
CA PRO H 108 31.19 -4.64 20.06
C PRO H 108 30.16 -4.69 21.20
N GLU H 109 28.92 -4.27 20.98
CA GLU H 109 28.00 -4.22 22.13
C GLU H 109 27.59 -5.59 22.63
N LYS H 110 27.90 -6.66 21.90
CA LYS H 110 27.53 -8.01 22.28
C LYS H 110 28.73 -8.86 22.66
N ARG H 111 29.91 -8.25 22.73
CA ARG H 111 31.14 -9.00 22.93
C ARG H 111 31.25 -9.48 24.36
N GLY H 112 31.68 -10.73 24.50
CA GLY H 112 32.04 -11.30 25.79
C GLY H 112 33.45 -11.82 25.72
N LYS H 113 33.86 -12.61 26.70
CA LYS H 113 35.26 -12.97 26.85
C LYS H 113 35.63 -14.32 26.23
N TYR H 114 34.70 -15.00 25.57
CA TYR H 114 34.99 -16.35 25.11
C TYR H 114 35.04 -16.48 23.59
N VAL H 115 35.83 -17.46 23.15
CA VAL H 115 35.98 -17.85 21.76
C VAL H 115 35.37 -19.24 21.59
N VAL H 116 34.54 -19.43 20.57
CA VAL H 116 33.84 -20.69 20.34
C VAL H 116 34.15 -21.18 18.93
N CYS H 117 34.69 -22.39 18.83
CA CYS H 117 34.85 -23.09 17.56
C CYS H 117 33.84 -24.23 17.53
N PHE H 118 33.11 -24.36 16.43
CA PHE H 118 32.06 -25.37 16.41
C PHE H 118 31.86 -25.90 15.01
N ASP H 119 31.33 -27.12 14.93
CA ASP H 119 30.86 -27.70 13.68
C ASP H 119 29.36 -27.85 13.83
N PRO H 120 28.55 -27.02 13.18
CA PRO H 120 27.13 -26.99 13.56
C PRO H 120 26.39 -28.29 13.23
N LEU H 121 26.74 -29.00 12.13
CA LEU H 121 26.08 -30.27 11.84
C LEU H 121 27.08 -31.20 11.11
N ASP H 122 27.93 -31.84 11.89
CA ASP H 122 28.92 -32.73 11.30
C ASP H 122 28.25 -34.00 10.82
N GLY H 123 28.66 -34.45 9.62
CA GLY H 123 28.09 -35.62 9.03
C GLY H 123 26.90 -35.34 8.13
N SER H 124 26.51 -34.06 7.97
CA SER H 124 25.33 -33.68 7.21
C SER H 124 25.51 -33.94 5.72
N SER H 125 26.73 -34.22 5.28
CA SER H 125 26.94 -34.60 3.88
C SER H 125 26.12 -35.84 3.55
N ASN H 126 26.04 -36.80 4.47
CA ASN H 126 25.37 -38.07 4.26
C ASN H 126 24.01 -38.13 4.94
N ILE H 127 23.43 -36.99 5.34
CA ILE H 127 22.15 -37.01 6.02
C ILE H 127 21.03 -37.49 5.12
N ASP H 128 21.28 -37.60 3.81
CA ASP H 128 20.30 -38.17 2.89
C ASP H 128 19.90 -39.58 3.31
N CYS H 129 20.80 -40.30 4.00
CA CYS H 129 20.48 -41.65 4.48
C CYS H 129 20.12 -41.67 5.95
N LEU H 130 19.89 -40.52 6.58
CA LEU H 130 19.46 -40.45 7.99
C LEU H 130 20.49 -41.06 8.92
N VAL H 131 21.77 -41.01 8.51
CA VAL H 131 22.87 -41.34 9.40
C VAL H 131 22.81 -40.39 10.60
N SER H 132 23.20 -40.88 11.77
CA SER H 132 23.41 -40.00 12.91
C SER H 132 24.29 -38.83 12.51
N VAL H 133 23.92 -37.64 12.97
CA VAL H 133 24.71 -36.45 12.78
C VAL H 133 24.90 -35.79 14.14
N GLY H 134 25.71 -34.74 14.17
CA GLY H 134 26.00 -34.12 15.45
C GLY H 134 26.59 -32.73 15.32
N THR H 135 26.59 -32.04 16.45
CA THR H 135 27.18 -30.73 16.61
C THR H 135 28.36 -30.84 17.56
N ILE H 136 29.48 -30.21 17.20
CA ILE H 136 30.71 -30.20 17.98
C ILE H 136 31.07 -28.76 18.32
N PHE H 137 31.56 -28.53 19.54
CA PHE H 137 31.94 -27.19 19.96
C PHE H 137 33.11 -27.25 20.91
N GLY H 138 33.95 -26.22 20.86
CA GLY H 138 35.03 -26.01 21.80
C GLY H 138 35.13 -24.55 22.18
N ILE H 139 35.34 -24.29 23.46
CA ILE H 139 35.21 -22.96 24.05
C ILE H 139 36.54 -22.60 24.70
N TYR H 140 37.12 -21.49 24.26
CA TYR H 140 38.38 -20.96 24.78
C TYR H 140 38.13 -19.60 25.41
N ARG H 141 39.06 -19.16 26.25
CA ARG H 141 38.99 -17.82 26.80
C ARG H 141 39.88 -16.91 25.96
N LYS H 142 39.37 -15.73 25.64
CA LYS H 142 40.18 -14.79 24.89
C LYS H 142 41.37 -14.42 25.77
N LYS H 143 42.56 -14.44 25.19
CA LYS H 143 43.75 -14.36 26.02
C LYS H 143 44.33 -12.97 26.16
N SER H 144 44.17 -12.11 25.16
CA SER H 144 44.65 -10.75 25.16
C SER H 144 43.49 -9.76 25.22
N THR H 145 43.84 -8.51 25.54
CA THR H 145 42.94 -7.36 25.49
C THR H 145 42.94 -6.66 24.13
N ASP H 146 43.64 -7.20 23.14
CA ASP H 146 43.68 -6.64 21.80
C ASP H 146 42.29 -6.67 21.17
N GLU H 147 42.17 -6.06 19.99
CA GLU H 147 40.93 -6.19 19.24
C GLU H 147 40.69 -7.66 18.89
N PRO H 148 39.47 -8.17 19.05
CA PRO H 148 39.23 -9.60 18.72
C PRO H 148 39.40 -9.85 17.23
N SER H 149 40.10 -10.94 16.90
CA SER H 149 40.45 -11.28 15.53
C SER H 149 40.62 -12.80 15.42
N GLU H 150 40.90 -13.27 14.20
CA GLU H 150 41.07 -14.70 13.95
C GLU H 150 42.14 -15.30 14.85
N LYS H 151 43.17 -14.53 15.21
CA LYS H 151 44.27 -15.08 15.98
C LYS H 151 43.80 -15.62 17.33
N ASP H 152 42.71 -15.08 17.86
CA ASP H 152 42.21 -15.48 19.16
C ASP H 152 41.69 -16.91 19.19
N ALA H 153 41.45 -17.49 18.02
CA ALA H 153 40.98 -18.86 17.89
C ALA H 153 42.11 -19.86 17.68
N LEU H 154 43.35 -19.39 17.52
CA LEU H 154 44.49 -20.26 17.24
C LEU H 154 45.17 -20.73 18.51
N GLN H 155 44.39 -21.12 19.54
CA GLN H 155 44.98 -21.65 20.76
C GLN H 155 45.09 -23.17 20.70
N PRO H 156 46.13 -23.75 21.31
CA PRO H 156 46.17 -25.21 21.43
C PRO H 156 45.00 -25.68 22.27
N GLY H 157 44.57 -26.92 22.00
CA GLY H 157 43.44 -27.49 22.69
C GLY H 157 43.62 -27.58 24.19
N ARG H 158 44.88 -27.59 24.66
CA ARG H 158 45.14 -27.55 26.10
C ARG H 158 44.41 -26.42 26.78
N ASN H 159 44.17 -25.31 26.06
CA ASN H 159 43.56 -24.10 26.59
C ASN H 159 42.04 -24.14 26.65
N LEU H 160 41.41 -25.26 26.26
CA LEU H 160 39.95 -25.34 26.22
C LEU H 160 39.39 -25.13 27.62
N VAL H 161 38.31 -24.35 27.71
CA VAL H 161 37.56 -24.16 28.96
C VAL H 161 36.47 -25.22 29.14
N ALA H 162 35.82 -25.59 28.04
CA ALA H 162 34.80 -26.62 27.99
C ALA H 162 34.71 -27.09 26.55
N ALA H 163 34.28 -28.32 26.35
CA ALA H 163 34.09 -28.80 24.99
C ALA H 163 33.11 -29.96 25.03
N GLY H 164 32.60 -30.31 23.86
CA GLY H 164 31.73 -31.46 23.80
C GLY H 164 30.96 -31.52 22.51
N TYR H 165 29.84 -32.24 22.56
CA TYR H 165 29.09 -32.45 21.37
C TYR H 165 27.67 -32.86 21.71
N ALA H 166 26.78 -32.61 20.75
CA ALA H 166 25.43 -33.13 20.75
C ALA H 166 25.33 -34.22 19.67
N LEU H 167 24.77 -35.36 20.04
CA LEU H 167 24.57 -36.43 19.08
C LEU H 167 23.08 -36.53 18.78
N TYR H 168 22.73 -36.36 17.50
CA TYR H 168 21.35 -36.52 17.04
C TYR H 168 21.27 -37.93 16.50
N GLY H 169 21.13 -38.88 17.42
CA GLY H 169 21.16 -40.28 17.05
C GLY H 169 19.79 -40.92 17.13
N SER H 170 19.72 -42.17 17.60
CA SER H 170 18.40 -42.74 17.86
C SER H 170 17.70 -41.94 18.93
N ALA H 171 18.47 -41.32 19.82
CA ALA H 171 18.00 -40.24 20.68
C ALA H 171 19.04 -39.14 20.61
N THR H 172 18.70 -37.96 21.16
CA THR H 172 19.59 -36.80 21.17
C THR H 172 20.26 -36.70 22.54
N MET H 173 21.59 -36.60 22.54
CA MET H 173 22.36 -36.58 23.77
C MET H 173 23.40 -35.48 23.70
N LEU H 174 23.57 -34.76 24.80
CA LEU H 174 24.62 -33.73 24.89
C LEU H 174 25.72 -34.21 25.82
N VAL H 175 26.95 -34.21 25.32
CA VAL H 175 28.11 -34.63 26.10
C VAL H 175 28.94 -33.38 26.39
N LEU H 176 29.12 -33.07 27.67
CA LEU H 176 29.79 -31.85 28.12
C LEU H 176 31.02 -32.21 28.94
N ALA H 177 32.18 -31.73 28.50
CA ALA H 177 33.44 -31.94 29.21
C ALA H 177 33.94 -30.60 29.73
N MET H 178 34.31 -30.57 31.00
CA MET H 178 34.97 -29.44 31.63
C MET H 178 36.03 -29.99 32.57
N ASP H 179 36.62 -29.14 33.39
CA ASP H 179 37.62 -29.62 34.33
C ASP H 179 37.04 -30.62 35.32
N CYS H 180 35.77 -30.48 35.68
CA CYS H 180 35.11 -31.44 36.56
C CYS H 180 34.86 -32.79 35.89
N GLY H 181 35.20 -32.96 34.61
CA GLY H 181 35.00 -34.25 33.95
C GLY H 181 33.95 -34.17 32.85
N VAL H 182 33.50 -35.36 32.43
CA VAL H 182 32.59 -35.49 31.31
C VAL H 182 31.21 -35.92 31.84
N ASN H 183 30.17 -35.23 31.42
CA ASN H 183 28.80 -35.56 31.80
C ASN H 183 27.89 -35.63 30.58
N CYS H 184 26.98 -36.60 30.60
CA CYS H 184 26.14 -36.92 29.44
C CYS H 184 24.68 -36.65 29.78
N PHE H 185 24.03 -35.86 28.94
CA PHE H 185 22.68 -35.38 29.17
C PHE H 185 21.80 -35.81 28.02
N MET H 186 20.68 -36.46 28.36
CA MET H 186 19.71 -36.93 27.36
C MET H 186 18.61 -35.91 27.15
N LEU H 187 18.34 -35.55 25.89
CA LEU H 187 17.24 -34.64 25.60
C LEU H 187 15.92 -35.40 25.69
N ASP H 188 15.06 -35.00 26.62
CA ASP H 188 13.68 -35.49 26.71
C ASP H 188 12.81 -34.57 25.86
N PRO H 189 12.42 -35.01 24.66
CA PRO H 189 11.65 -34.12 23.76
C PRO H 189 10.24 -33.81 24.23
N ALA H 190 9.68 -34.58 25.16
CA ALA H 190 8.34 -34.25 25.67
C ALA H 190 8.33 -32.96 26.49
N ILE H 191 9.47 -32.55 27.05
CA ILE H 191 9.56 -31.32 27.81
C ILE H 191 10.74 -30.44 27.40
N GLY H 192 11.58 -30.90 26.48
CA GLY H 192 12.71 -30.09 26.05
C GLY H 192 13.71 -29.77 27.13
N GLU H 193 14.12 -30.78 27.87
CA GLU H 193 15.14 -30.64 28.90
C GLU H 193 16.17 -31.74 28.72
N PHE H 194 17.43 -31.36 28.88
CA PHE H 194 18.56 -32.27 28.90
C PHE H 194 18.71 -32.82 30.30
N ILE H 195 18.54 -34.13 30.44
CA ILE H 195 18.53 -34.80 31.72
C ILE H 195 19.88 -35.46 31.93
N LEU H 196 20.49 -35.21 33.08
CA LEU H 196 21.77 -35.84 33.39
C LEU H 196 21.56 -37.33 33.57
N VAL H 197 22.10 -38.14 32.66
CA VAL H 197 21.93 -39.59 32.77
C VAL H 197 23.23 -40.33 33.02
N ASP H 198 24.40 -39.74 32.72
CA ASP H 198 25.69 -40.41 32.94
C ASP H 198 26.64 -39.42 33.56
N LYS H 199 27.08 -39.68 34.79
CA LYS H 199 27.89 -38.73 35.54
C LYS H 199 29.36 -39.14 35.51
N ASP H 200 30.24 -38.17 35.25
CA ASP H 200 31.70 -38.31 35.37
C ASP H 200 32.23 -39.56 34.66
N VAL H 201 31.92 -39.65 33.37
CA VAL H 201 32.18 -40.88 32.63
C VAL H 201 33.67 -41.04 32.35
N LYS H 202 34.11 -42.29 32.32
CA LYS H 202 35.47 -42.67 31.98
C LYS H 202 35.39 -43.74 30.91
N ILE H 203 36.29 -43.69 29.95
CA ILE H 203 36.34 -44.68 28.89
C ILE H 203 37.04 -45.94 29.42
N LYS H 204 36.70 -47.09 28.85
CA LYS H 204 37.40 -48.31 29.22
C LYS H 204 38.89 -48.19 28.93
N LYS H 205 39.69 -48.85 29.77
CA LYS H 205 41.15 -48.83 29.59
C LYS H 205 41.56 -49.45 28.26
N LYS H 206 40.82 -50.44 27.78
CA LYS H 206 41.09 -51.11 26.52
C LYS H 206 39.76 -51.61 25.95
N GLY H 207 39.56 -51.43 24.64
CA GLY H 207 38.33 -51.80 24.00
C GLY H 207 38.50 -52.99 23.05
N LYS H 208 37.41 -53.26 22.32
CA LYS H 208 37.33 -54.40 21.40
C LYS H 208 36.84 -54.00 20.01
N ILE H 209 36.88 -52.71 19.68
CA ILE H 209 36.36 -52.18 18.42
C ILE H 209 37.38 -51.23 17.81
N TYR H 210 37.63 -51.37 16.51
CA TYR H 210 38.39 -50.38 15.78
C TYR H 210 37.50 -49.73 14.73
N SER H 211 37.78 -48.45 14.43
CA SER H 211 36.89 -47.64 13.59
C SER H 211 37.71 -46.78 12.66
N LEU H 212 37.67 -47.08 11.37
CA LEU H 212 38.29 -46.23 10.35
C LEU H 212 37.75 -46.65 8.99
N ASN H 213 37.96 -45.79 8.00
CA ASN H 213 37.52 -46.09 6.64
C ASN H 213 38.56 -46.98 5.96
N GLU H 214 38.37 -48.31 6.03
CA GLU H 214 39.31 -49.23 5.41
C GLU H 214 39.21 -49.28 3.88
N GLY H 215 38.21 -48.65 3.28
CA GLY H 215 38.18 -48.62 1.84
C GLY H 215 39.39 -47.93 1.23
N TYR H 216 40.03 -47.07 2.01
CA TYR H 216 41.21 -46.35 1.53
C TYR H 216 42.50 -47.07 1.91
N ALA H 217 42.46 -48.40 2.04
CA ALA H 217 43.65 -49.18 2.44
C ALA H 217 44.80 -49.01 1.47
N LYS H 218 44.52 -48.78 0.18
CA LYS H 218 45.58 -48.56 -0.79
C LYS H 218 46.46 -47.37 -0.44
N ASP H 219 45.93 -46.41 0.33
CA ASP H 219 46.67 -45.21 0.69
C ASP H 219 47.23 -45.22 2.11
N PHE H 220 46.97 -46.27 2.88
CA PHE H 220 47.40 -46.29 4.29
C PHE H 220 48.91 -46.14 4.39
N ASP H 221 49.36 -45.39 5.40
CA ASP H 221 50.76 -45.50 5.82
C ASP H 221 51.05 -46.89 6.38
N PRO H 222 52.28 -47.37 6.20
CA PRO H 222 52.62 -48.73 6.68
C PRO H 222 52.23 -48.99 8.13
N ALA H 223 52.36 -47.98 9.00
CA ALA H 223 51.99 -48.15 10.40
C ALA H 223 50.50 -48.43 10.55
N VAL H 224 49.66 -47.67 9.82
CA VAL H 224 48.22 -47.91 9.90
C VAL H 224 47.90 -49.31 9.39
N THR H 225 48.49 -49.69 8.27
CA THR H 225 48.24 -51.02 7.72
C THR H 225 48.61 -52.10 8.72
N GLU H 226 49.76 -51.96 9.39
CA GLU H 226 50.18 -53.01 10.30
C GLU H 226 49.29 -53.09 11.53
N TYR H 227 48.93 -51.94 12.11
CA TYR H 227 48.08 -51.94 13.29
C TYR H 227 46.72 -52.58 13.01
N ILE H 228 46.13 -52.27 11.86
CA ILE H 228 44.84 -52.86 11.51
C ILE H 228 44.99 -54.37 11.37
N GLN H 229 46.10 -54.83 10.81
CA GLN H 229 46.38 -56.26 10.72
C GLN H 229 46.32 -56.97 12.06
N ARG H 230 46.90 -56.34 13.10
CA ARG H 230 46.94 -56.94 14.43
C ARG H 230 45.58 -56.97 15.09
N LYS H 231 44.70 -56.05 14.71
CA LYS H 231 43.33 -56.10 15.23
C LYS H 231 42.56 -57.26 14.61
N LYS H 232 42.79 -57.54 13.32
CA LYS H 232 42.08 -58.62 12.62
C LYS H 232 42.74 -59.99 12.79
N PHE H 233 44.08 -60.03 12.86
CA PHE H 233 44.86 -61.27 12.98
C PHE H 233 45.83 -61.12 14.13
N PRO H 234 45.36 -61.21 15.37
CA PRO H 234 46.22 -60.99 16.52
C PRO H 234 47.32 -62.03 16.59
N PRO H 235 48.53 -61.63 16.99
CA PRO H 235 49.63 -62.60 17.07
C PRO H 235 49.42 -63.67 18.12
N ASP H 236 48.63 -63.41 19.16
CA ASP H 236 48.49 -64.39 20.24
C ASP H 236 47.24 -65.24 20.05
N ASN H 237 46.45 -65.44 21.10
CA ASN H 237 45.21 -66.18 20.95
C ASN H 237 43.96 -65.32 21.05
N SER H 238 44.07 -64.06 21.45
CA SER H 238 42.90 -63.25 21.76
C SER H 238 41.97 -63.10 20.56
N ALA H 239 40.74 -62.69 20.87
CA ALA H 239 39.73 -62.53 19.85
C ALA H 239 40.05 -61.32 18.96
N PRO H 240 39.89 -61.44 17.65
CA PRO H 240 40.02 -60.26 16.78
C PRO H 240 39.00 -59.21 17.15
N TYR H 241 39.38 -57.94 16.97
CA TYR H 241 38.46 -56.86 17.24
C TYR H 241 37.30 -56.84 16.24
N GLY H 242 36.15 -56.35 16.71
CA GLY H 242 35.08 -56.03 15.79
C GLY H 242 35.33 -54.70 15.13
N ALA H 243 34.68 -54.49 13.99
CA ALA H 243 34.84 -53.26 13.23
C ALA H 243 33.51 -52.52 13.18
N ARG H 244 33.57 -51.20 13.35
CA ARG H 244 32.43 -50.31 13.18
C ARG H 244 32.91 -48.99 12.58
N TYR H 245 32.16 -48.47 11.59
CA TYR H 245 32.52 -47.18 11.01
C TYR H 245 31.26 -46.54 10.44
N VAL H 246 30.71 -45.57 11.17
CA VAL H 246 29.49 -44.88 10.75
C VAL H 246 29.77 -43.89 9.63
N GLY H 247 30.94 -43.23 9.66
CA GLY H 247 31.21 -42.15 8.73
C GLY H 247 30.74 -40.80 9.21
N SER H 248 30.22 -40.72 10.43
CA SER H 248 29.89 -39.48 11.09
C SER H 248 30.69 -39.44 12.37
N MET H 249 31.57 -38.45 12.49
CA MET H 249 32.58 -38.49 13.55
C MET H 249 31.93 -38.51 14.93
N VAL H 250 30.87 -37.74 15.13
CA VAL H 250 30.27 -37.66 16.46
C VAL H 250 29.74 -39.03 16.90
N ALA H 251 29.14 -39.79 15.97
CA ALA H 251 28.63 -41.12 16.33
C ALA H 251 29.76 -42.09 16.61
N ASP H 252 30.78 -42.11 15.74
CA ASP H 252 31.89 -43.02 15.98
C ASP H 252 32.64 -42.68 17.26
N VAL H 253 32.86 -41.39 17.53
CA VAL H 253 33.54 -41.00 18.76
C VAL H 253 32.68 -41.31 19.99
N HIS H 254 31.36 -41.03 19.92
CA HIS H 254 30.54 -41.33 21.09
C HIS H 254 30.51 -42.83 21.40
N ARG H 255 30.41 -43.68 20.36
CA ARG H 255 30.47 -45.13 20.59
C ARG H 255 31.80 -45.51 21.24
N THR H 256 32.89 -44.92 20.76
CA THR H 256 34.20 -45.20 21.33
C THR H 256 34.21 -44.85 22.82
N LEU H 257 33.56 -43.75 23.17
CA LEU H 257 33.48 -43.36 24.58
C LEU H 257 32.69 -44.37 25.39
N VAL H 258 31.58 -44.87 24.82
CA VAL H 258 30.64 -45.71 25.58
C VAL H 258 31.16 -47.13 25.72
N TYR H 259 31.70 -47.70 24.62
CA TYR H 259 32.13 -49.08 24.54
C TYR H 259 33.64 -49.26 24.64
N GLY H 260 34.41 -48.18 24.52
CA GLY H 260 35.85 -48.31 24.43
C GLY H 260 36.26 -48.67 23.02
N GLY H 261 37.57 -48.77 22.82
CA GLY H 261 38.11 -49.03 21.51
C GLY H 261 38.91 -47.85 21.01
N ILE H 262 39.03 -47.76 19.68
CA ILE H 262 39.92 -46.81 19.05
C ILE H 262 39.29 -46.30 17.77
N PHE H 263 39.46 -45.02 17.51
CA PHE H 263 38.96 -44.36 16.31
C PHE H 263 40.14 -43.76 15.56
N LEU H 264 40.22 -44.01 14.26
CA LEU H 264 41.33 -43.50 13.47
C LEU H 264 40.82 -42.76 12.24
N TYR H 265 41.31 -41.53 12.05
CA TYR H 265 41.29 -40.83 10.77
C TYR H 265 42.71 -40.31 10.64
N PRO H 266 43.64 -41.17 10.24
CA PRO H 266 45.07 -40.85 10.32
C PRO H 266 45.63 -40.14 9.09
N ALA H 267 46.86 -39.67 9.25
CA ALA H 267 47.62 -39.11 8.13
C ALA H 267 48.11 -40.21 7.20
N ASN H 268 48.21 -39.88 5.91
CA ASN H 268 48.88 -40.75 4.95
C ASN H 268 49.70 -39.89 4.00
N LYS H 269 50.22 -40.49 2.94
CA LYS H 269 51.07 -39.74 2.02
C LYS H 269 50.24 -38.76 1.18
N LYS H 270 49.00 -39.14 0.84
CA LYS H 270 48.12 -38.25 0.08
C LYS H 270 47.62 -37.07 0.91
N SER H 271 47.47 -37.26 2.22
CA SER H 271 46.96 -36.21 3.11
C SER H 271 47.83 -36.25 4.37
N PRO H 272 49.02 -35.65 4.32
CA PRO H 272 49.96 -35.79 5.44
C PRO H 272 49.47 -35.16 6.72
N ASN H 273 48.46 -34.30 6.67
CA ASN H 273 47.86 -33.74 7.87
C ASN H 273 46.43 -34.24 8.10
N GLY H 274 46.04 -35.38 7.56
CA GLY H 274 44.70 -35.85 7.83
C GLY H 274 43.61 -35.17 7.03
N LYS H 275 42.38 -35.45 7.42
CA LYS H 275 41.23 -34.80 6.79
C LYS H 275 40.43 -33.98 7.77
N LEU H 276 40.29 -34.44 9.01
CA LEU H 276 39.46 -33.74 9.97
C LEU H 276 40.09 -32.43 10.41
N ARG H 277 39.24 -31.46 10.72
CA ARG H 277 39.68 -30.10 11.03
C ARG H 277 40.04 -30.00 12.51
N LEU H 278 41.16 -29.31 12.79
CA LEU H 278 41.69 -29.31 14.15
C LEU H 278 40.78 -28.57 15.13
N LEU H 279 40.26 -27.40 14.74
CA LEU H 279 39.64 -26.53 15.75
C LEU H 279 38.27 -27.05 16.19
N TYR H 280 37.45 -27.53 15.27
CA TYR H 280 36.07 -27.84 15.66
C TYR H 280 35.74 -29.32 15.47
N GLU H 281 36.73 -30.18 15.24
CA GLU H 281 36.48 -31.62 15.24
C GLU H 281 37.47 -32.35 16.14
N CYS H 282 38.77 -32.19 15.90
CA CYS H 282 39.77 -32.97 16.64
C CYS H 282 39.90 -32.49 18.08
N ASN H 283 40.12 -31.19 18.28
CA ASN H 283 40.35 -30.67 19.63
C ASN H 283 39.20 -30.92 20.60
N PRO H 284 37.93 -30.64 20.26
CA PRO H 284 36.86 -30.97 21.22
C PRO H 284 36.77 -32.46 21.52
N MET H 285 36.90 -33.31 20.51
CA MET H 285 36.84 -34.75 20.77
C MET H 285 38.05 -35.22 21.58
N ALA H 286 39.25 -34.70 21.27
CA ALA H 286 40.41 -35.02 22.10
C ALA H 286 40.20 -34.58 23.54
N TYR H 287 39.57 -33.42 23.73
CA TYR H 287 39.32 -32.91 25.08
C TYR H 287 38.31 -33.80 25.83
N VAL H 288 37.20 -34.15 25.19
CA VAL H 288 36.29 -35.11 25.82
C VAL H 288 37.05 -36.38 26.17
N MET H 289 37.81 -36.91 25.21
CA MET H 289 38.51 -38.18 25.42
C MET H 289 39.49 -38.07 26.59
N GLU H 290 40.31 -37.01 26.62
CA GLU H 290 41.28 -36.92 27.70
C GLU H 290 40.60 -36.72 29.04
N LYS H 291 39.52 -35.91 29.08
CA LYS H 291 38.80 -35.76 30.34
C LYS H 291 38.13 -37.06 30.80
N ALA H 292 37.91 -38.01 29.90
CA ALA H 292 37.35 -39.30 30.26
C ALA H 292 38.43 -40.34 30.55
N GLY H 293 39.70 -39.94 30.60
CA GLY H 293 40.79 -40.87 30.77
C GLY H 293 41.26 -41.55 29.51
N GLY H 294 40.85 -41.03 28.34
CA GLY H 294 41.30 -41.57 27.08
C GLY H 294 42.47 -40.77 26.54
N MET H 295 42.79 -41.03 25.27
CA MET H 295 43.94 -40.42 24.64
C MET H 295 43.58 -40.04 23.22
N ALA H 296 44.29 -39.05 22.69
CA ALA H 296 44.11 -38.61 21.32
C ALA H 296 45.43 -38.04 20.80
N THR H 297 45.98 -38.68 19.78
CA THR H 297 47.28 -38.34 19.23
C THR H 297 47.15 -38.15 17.72
N THR H 298 48.04 -37.34 17.16
CA THR H 298 48.21 -37.32 15.71
C THR H 298 49.18 -38.38 15.23
N GLY H 299 49.76 -39.15 16.15
CA GLY H 299 50.87 -40.01 15.82
C GLY H 299 52.18 -39.41 16.27
N LYS H 300 52.38 -38.12 16.00
CA LYS H 300 53.60 -37.43 16.40
C LYS H 300 53.47 -36.77 17.77
N GLU H 301 52.27 -36.34 18.15
CA GLU H 301 52.10 -35.62 19.41
C GLU H 301 50.64 -35.71 19.83
N ALA H 302 50.38 -35.32 21.07
CA ALA H 302 49.01 -35.17 21.52
C ALA H 302 48.29 -34.10 20.70
N VAL H 303 47.05 -34.43 20.28
CA VAL H 303 46.23 -33.51 19.50
C VAL H 303 46.09 -32.17 20.22
N LEU H 304 45.90 -32.22 21.54
CA LEU H 304 45.70 -31.01 22.31
C LEU H 304 46.94 -30.11 22.38
N ASP H 305 48.12 -30.57 21.95
CA ASP H 305 49.34 -29.75 21.98
C ASP H 305 49.67 -29.09 20.65
N VAL H 306 48.98 -29.45 19.57
CA VAL H 306 49.23 -28.83 18.28
C VAL H 306 48.90 -27.35 18.35
N ILE H 307 49.85 -26.50 17.94
CA ILE H 307 49.64 -25.07 17.86
C ILE H 307 49.10 -24.77 16.45
N PRO H 308 47.83 -24.40 16.31
CA PRO H 308 47.31 -24.13 14.97
C PRO H 308 47.78 -22.79 14.45
N THR H 309 47.92 -22.73 13.13
CA THR H 309 48.25 -21.50 12.43
C THR H 309 47.16 -21.06 11.46
N ASP H 310 46.17 -21.90 11.23
CA ASP H 310 45.05 -21.63 10.34
C ASP H 310 43.79 -22.17 10.98
N ILE H 311 42.71 -21.40 10.91
CA ILE H 311 41.50 -21.80 11.62
C ILE H 311 40.87 -23.04 11.00
N HIS H 312 41.22 -23.38 9.76
CA HIS H 312 40.69 -24.56 9.09
C HIS H 312 41.75 -25.62 8.84
N GLN H 313 42.86 -25.59 9.56
CA GLN H 313 43.89 -26.57 9.28
C GLN H 313 43.45 -27.96 9.76
N ARG H 314 43.94 -28.98 9.08
CA ARG H 314 43.57 -30.36 9.34
C ARG H 314 44.63 -31.01 10.22
N ALA H 315 44.25 -32.14 10.84
CA ALA H 315 45.17 -32.91 11.64
C ALA H 315 44.76 -34.37 11.59
N PRO H 316 45.71 -35.30 11.55
CA PRO H 316 45.36 -36.70 11.79
C PRO H 316 44.95 -36.87 13.24
N VAL H 317 44.08 -37.85 13.48
CA VAL H 317 43.57 -38.10 14.83
C VAL H 317 43.44 -39.60 15.03
N ILE H 318 43.99 -40.08 16.15
CA ILE H 318 43.79 -41.43 16.67
C ILE H 318 43.37 -41.26 18.11
N LEU H 319 42.22 -41.82 18.48
CA LEU H 319 41.72 -41.55 19.82
C LEU H 319 40.95 -42.75 20.34
N GLY H 320 40.75 -42.76 21.66
CA GLY H 320 40.01 -43.82 22.29
C GLY H 320 40.65 -44.35 23.56
N SER H 321 40.49 -45.65 23.78
CA SER H 321 41.02 -46.30 24.99
C SER H 321 42.54 -46.09 25.08
N PRO H 322 43.07 -45.79 26.27
CA PRO H 322 44.52 -45.50 26.35
C PRO H 322 45.39 -46.67 25.95
N ASP H 323 45.02 -47.89 26.35
CA ASP H 323 45.79 -49.06 25.96
C ASP H 323 45.79 -49.25 24.45
N ASP H 324 44.66 -48.94 23.80
CA ASP H 324 44.61 -49.09 22.35
C ASP H 324 45.38 -47.98 21.65
N VAL H 325 45.29 -46.74 22.13
CA VAL H 325 46.05 -45.66 21.51
C VAL H 325 47.54 -45.84 21.76
N LEU H 326 47.94 -46.24 22.97
CA LEU H 326 49.36 -46.54 23.23
C LEU H 326 49.87 -47.67 22.35
N GLU H 327 49.02 -48.67 22.09
CA GLU H 327 49.41 -49.76 21.22
C GLU H 327 49.62 -49.29 19.78
N PHE H 328 48.75 -48.39 19.29
CA PHE H 328 48.95 -47.83 17.96
C PHE H 328 50.25 -47.04 17.89
N LEU H 329 50.56 -46.29 18.95
CA LEU H 329 51.79 -45.50 18.99
C LEU H 329 53.03 -46.40 18.96
N LYS H 330 52.95 -47.56 19.62
CA LYS H 330 54.05 -48.52 19.53
C LYS H 330 54.29 -48.94 18.08
N VAL H 331 53.22 -49.25 17.34
CA VAL H 331 53.39 -49.62 15.94
C VAL H 331 53.82 -48.41 15.10
N TYR H 332 53.28 -47.23 15.43
CA TYR H 332 53.66 -46.02 14.70
C TYR H 332 55.14 -45.73 14.84
N GLU H 333 55.69 -45.93 16.03
CA GLU H 333 57.10 -45.70 16.28
C GLU H 333 57.97 -46.71 15.55
N LYS H 334 57.46 -47.93 15.35
CA LYS H 334 58.19 -48.94 14.60
C LYS H 334 58.47 -48.50 13.17
N HIS H 335 57.55 -47.76 12.53
CA HIS H 335 57.75 -47.32 11.15
C HIS H 335 58.28 -45.88 11.04
N SER H 336 58.88 -45.33 12.07
CA SER H 336 59.32 -43.95 11.97
C SER H 336 60.77 -43.79 12.36
C7 95S I . 19.94 47.79 -12.62
C8 95S I . 18.85 44.94 -9.93
C10 95S I . 19.28 45.25 -7.65
C3 95S I . 18.98 49.73 -13.78
C2 95S I . 20.14 45.46 -9.94
C14 95S I . 18.04 51.26 -15.05
C13 95S I . 17.05 50.37 -15.01
C12 95S I . 18.35 44.82 -8.60
C18 95S I . 19.09 45.27 -6.18
C20 95S I . 17.01 44.31 -8.23
C22 95S I . 20.22 44.63 -5.43
C23 95S I . 20.12 42.75 -4.07
N11 95S I . 19.17 50.90 -14.34
N4 95S I . 21.02 47.31 -11.87
N9 95S I . 19.98 49.13 -13.01
O15 95S I . 22.46 45.51 -10.98
O16 95S I . 20.55 44.96 -12.40
O17 95S I . 19.02 47.04 -12.93
O21 95S I . 20.01 43.26 -5.40
S1 95S I . 21.11 45.75 -11.35
S5 95S I . 17.44 49.00 -14.08
S6 95S I . 20.74 45.79 -8.39
BR19 95S I . 15.36 50.47 -15.82
C7 95S J . -31.08 14.04 -20.66
C8 95S J . -28.56 13.23 -17.61
C10 95S J . -28.27 11.02 -16.95
C3 95S J . -31.04 14.29 -23.10
C2 95S J . -29.87 12.76 -17.62
C14 95S J . -31.03 14.86 -25.23
C13 95S J . -29.93 15.54 -24.82
C12 95S J . -27.64 12.24 -17.22
C18 95S J . -27.63 9.74 -16.51
C20 95S J . -26.16 12.45 -17.11
C22 95S J . -28.12 9.25 -15.15
C23 95S J . -26.91 8.63 -13.16
N11 95S J . -31.67 14.14 -24.24
N4 95S J . -31.67 13.36 -19.61
N9 95S J . -31.51 13.69 -21.96
O15 95S J . -32.36 13.10 -17.31
O16 95S J . -30.96 15.03 -17.87
O17 95S J . -30.23 14.90 -20.45
O21 95S J . -27.19 9.65 -14.15
S1 95S J . -31.27 13.66 -18.05
S5 95S J . -29.64 15.33 -23.16
S6 95S J . -29.99 11.14 -17.18
BR19 95S J . -28.80 16.62 -25.85
C7 95S K . 17.76 52.71 -19.89
C8 95S K . 15.49 53.29 -23.21
C10 95S K . 16.61 53.80 -25.21
C3 95S K . 18.91 50.88 -18.69
C2 95S K . 16.45 54.22 -22.79
C14 95S K . 19.65 49.24 -17.41
C13 95S K . 18.58 48.63 -17.94
C12 95S K . 15.59 53.05 -24.61
C18 95S K . 16.97 53.78 -26.67
C20 95S K . 14.70 52.11 -25.35
C22 95S K . 17.13 55.14 -27.26
C23 95S K . 15.89 57.13 -27.42
N11 95S K . 19.85 50.53 -17.84
N4 95S K . 17.89 53.99 -20.42
N9 95S K . 18.88 52.16 -19.27
O15 95S K . 17.08 56.14 -21.28
O16 95S K . 15.48 54.46 -20.44
O17 95S K . 16.70 52.09 -19.99
O21 95S K . 15.84 55.72 -27.34
S1 95S K . 16.66 54.78 -21.17
S5 95S K . 17.73 49.65 -19.03
S6 95S K . 17.44 54.79 -24.06
BR19 95S K . 17.97 46.88 -17.62
C7 95S L . -32.98 18.69 -28.21
C8 95S L . -32.26 21.86 -30.69
C10 95S L . -34.10 23.05 -31.49
C3 95S L . -33.19 18.20 -25.85
C2 95S L . -33.16 20.84 -31.00
C14 95S L . -33.06 17.62 -23.72
C13 95S L . -32.03 18.47 -23.78
C12 95S L . -32.79 23.15 -30.97
C18 95S L . -34.97 24.20 -31.90
C20 95S L . -32.06 24.44 -30.75
C22 95S L . -34.69 24.71 -33.29
C23 95S L . -34.63 23.95 -35.48
N11 95S L . -33.73 17.45 -24.92
N4 95S L . -33.59 18.55 -29.44
N9 95S L . -33.67 18.17 -27.12
O15 95S L . -33.57 18.44 -31.86
O16 95S L . -31.48 18.91 -30.65
O17 95S L . -31.90 19.25 -28.13
O21 95S L . -34.43 23.61 -34.11
S1 95S L . -32.89 19.11 -30.80
S5 95S L . -31.81 19.14 -25.34
S6 95S L . -34.63 21.40 -31.62
BR19 95S L . -30.88 18.96 -22.38
C7 95S M . -15.60 -47.36 3.86
C8 95S M . -17.16 -44.66 6.50
C10 95S M . -19.27 -45.07 7.43
C3 95S M . -14.12 -49.30 3.84
C2 95S M . -17.89 -45.14 5.41
C14 95S M . -12.62 -50.90 3.85
C13 95S M . -11.98 -50.00 4.63
C12 95S M . -17.97 -44.61 7.68
C18 95S M . -20.41 -45.16 8.41
C20 95S M . -17.51 -44.15 9.04
C22 95S M . -21.50 -44.00 8.19
C23 95S M . -23.78 -43.46 8.68
N11 95S M . -13.85 -50.50 3.41
N4 95S M . -16.84 -46.88 3.46
N9 95S M . -15.31 -48.68 3.52
O15 95S M . -18.46 -45.17 2.94
O16 95S M . -16.18 -44.51 3.62
O17 95S M . -14.82 -46.64 4.48
O21 95S M . -22.76 -44.47 8.64
S1 95S M . -17.33 -45.36 3.78
S5 95S M . -12.89 -48.58 4.84
S6 95S M . -19.49 -45.52 5.79
BR19 95S M . -10.31 -50.17 5.44
C7 95S N . 21.47 -14.22 40.08
C8 95S N . 17.76 -13.28 39.75
C10 95S N . 16.89 -11.15 40.09
C3 95S N . 23.38 -14.52 38.55
C2 95S N . 18.39 -12.89 40.92
C14 95S N . 24.99 -14.97 37.14
C13 95S N . 24.00 -15.68 36.58
C12 95S N . 16.88 -12.27 39.27
C18 95S N . 16.10 -9.89 39.88
C20 95S N . 16.04 -12.38 38.04
C22 95S N . 15.57 -9.38 41.11
C23 95S N . 13.35 -9.87 40.89
N11 95S N . 24.64 -14.30 38.28
N4 95S N . 21.04 -13.60 41.25
N9 95S N . 22.79 -13.96 39.68
O15 95S N . 19.63 -13.16 43.12
O16 95S N . 19.15 -15.17 41.78
O17 95S N . 20.68 -14.95 39.48
O21 95S N . 14.57 -10.20 41.51
S1 95S N . 19.54 -13.80 41.84
S5 95S N . 22.54 -15.56 37.47
S6 95S N . 17.96 -11.33 41.44
BR19 95S N . 24.05 -16.73 35.03
C7 95S O . -8.58 -52.24 0.84
C8 95S O . -4.62 -52.70 0.81
C10 95S O . -3.51 -53.24 -1.16
C3 95S O . -10.23 -50.40 0.70
C2 95S O . -5.44 -53.67 0.27
C14 95S O . -11.73 -48.83 1.03
C13 95S O . -10.67 -48.23 1.60
C12 95S O . -3.49 -52.45 -0.02
C18 95S O . -2.49 -53.28 -2.26
C20 95S O . -2.41 -51.45 0.29
C22 95S O . -1.65 -54.58 -2.23
C23 95S O . -0.97 -56.17 -3.83
N11 95S O . -11.49 -50.08 0.52
N4 95S O . -8.22 -53.50 0.34
N9 95S O . -9.75 -51.65 0.30
O15 95S O . -7.00 -55.61 0.36
O16 95S O . -6.86 -54.12 2.31
O17 95S O . -7.90 -51.69 1.69
O21 95S O . -1.07 -54.78 -3.50
S1 95S O . -6.90 -54.30 0.89
S5 95S O . -9.27 -49.23 1.53
S6 95S O . -4.89 -54.28 -1.20
BR19 95S O . -10.57 -46.54 2.40
C7 95S P . 28.76 -18.72 36.76
C8 95S P . 30.11 -21.75 34.68
C10 95S P . 31.85 -23.03 35.52
C3 95S P . 26.96 -18.28 38.41
C2 95S P . 30.99 -20.76 35.16
C14 95S P . 25.23 -17.77 39.66
C13 95S P . 24.64 -18.62 38.81
C12 95S P . 30.61 -23.06 34.88
C18 95S P . 32.68 -24.23 35.89
C20 95S P . 29.90 -24.33 34.48
C22 95S P . 34.15 -24.00 35.69
C23 95S P . 34.85 -23.77 33.51
N11 95S P . 26.57 -17.56 39.43
N4 95S P . 30.09 -18.52 36.51
N9 95S P . 28.28 -18.22 37.98
O15 95S P . 32.10 -18.49 35.08
O16 95S P . 29.86 -18.74 34.10
O17 95S P . 28.06 -19.32 35.95
O21 95S P . 34.53 -24.65 34.55
S1 95S P . 30.80 -19.05 35.13
S5 95S P . 25.73 -19.24 37.65
S6 95S P . 32.40 -21.40 35.85
BR19 95S P . 22.83 -19.15 38.80
#